data_8OZG
#
_entry.id   8OZG
#
_cell.length_a   1.00
_cell.length_b   1.00
_cell.length_c   1.00
_cell.angle_alpha   90.00
_cell.angle_beta   90.00
_cell.angle_gamma   90.00
#
_symmetry.space_group_name_H-M   'P 1'
#
loop_
_entity.id
_entity.type
_entity.pdbx_description
1 polymer 'TIR domain-containing protein'
2 polymer 'Piwi domain-containing protein'
3 polymer "RNA (5'-R(P*UP*UP*UP*UP*UP*UP*UP*UP*UP*UP*UP*UP*UP*UP*UP*UP*UP*U)-3')"
4 polymer "DNA (5'-D(*AP*AP*AP*AP*AP*AP*AP*AP*AP*AP*AP*AP*AP*AP*AP*A)-3')"
5 non-polymer '[(2R,3S,4R,5R)-5-(6-AMINOPURIN-9-YL)-3,4-DIHYDROXY-OXOLAN-2-YL]METHYL [HYDROXY-[[(2R,3S,4R,5S)-3,4,5-TRIHYDROXYOXOLAN-2-YL]METHOXY]PHOSPHORYL] HYDROGEN PHOSPHATE'
6 non-polymer 'MAGNESIUM ION'
#
loop_
_entity_poly.entity_id
_entity_poly.type
_entity_poly.pdbx_seq_one_letter_code
_entity_poly.pdbx_strand_id
1 'polypeptide(L)'
;MRNKIFISHATPDDNDFTRWLALKLIGLGYEVWCDILFLDKGVDFWSNIEKVIREDTCKFLLVSSSYSNQREGVLKELAV
AAKVKKQLKDDKFIIPLAIDEQLSYDDINIDIVRLNAIDFKMSWARGLKDILEAFEKQKVPKEVADASKSNLLYQQIFLH
DKSVIEKEEIYDSNWLSILSFPEELRFHEYNWMLPKRFDVRELTFPAVRYKNYLCTFAWAYDFTYHLPKTETYHKSKTIR
IPTEEILSGSYDSNFIRNAECKRLIVQLLNKAFELRMKDKEVQEYEMSNKTAYWLEKGKLEKDKFEKTMLVGKQKDKNWH
FAISGASKLYPFPVLMISSHIFFTADGKKLIDSSSVQHSSRRRQGKNWWNNTWRTKLLAFIKYLSDDDTSFYLEMGSEEK
VFVSNEPVKFKGNVSYNIPEKNTLEEEAELSGFNQGEDIEELEELIENLEAE
;
A,C,F,H
2 'polypeptide(L)'
;MKELIYIEEPKILFAHGQKCTDARDGLALFGPLNNLYGIKSGVIGTKQGLKIFRDYLDHIQKPIYNSNSITRPMFPGFEA
VFDCKWESTGITFKEVTNEDIGKFLYNSSTHKRTYDLVSLFIDKIISANKNEDENVDVWFVIVPDEIYKYCRPNSVLPKE
MVQTKALMSKSKAKSFRYEPSLFPDINIELKEQEKEAETYNYDAQFHDQFKARLLKHTIPTQIFRESTLAWRDFKNAFGL
PIRDFSKIEGHLAWTISTAAFYKAGGKPWKLSDVRNGVCYLGLVYKKVEKSKNPRNACCAAQMFLDNGDGTVFKGEVGPW
YNPKNGQYHLEPKEAKALLSQSLQSYKEQIGEYPKEVFIHAKTRFNHQEWDAFLEVTPKETNLVGVTISKTKPLKLYKTE
GDYTILRGNAYVVNERSAFLWTVGYVPKIQTALSMEVPNPLFIEINKGEADIKQVLKDILSLTKLNYNACIFADGEPVTL
RFADKIGEILTASTDIKTPPLAFKYYI
;
B,E,G,M
3 'polyribonucleotide' UUUUUUUUUUUUUUUUUU I,K,N,O
4 'polydeoxyribonucleotide' (DA)(DA)(DA)(DA)(DA)(DA)(DA)(DA)(DA)(DA)(DA)(DA)(DA)(DA)(DA)(DA) J,L,P,Q
#
loop_
_chem_comp.id
_chem_comp.type
_chem_comp.name
_chem_comp.formula
AR6 non-polymer '[(2R,3S,4R,5R)-5-(6-AMINOPURIN-9-YL)-3,4-DIHYDROXY-OXOLAN-2-YL]METHYL [HYDROXY-[[(2R,3S,4R,5S)-3,4,5-TRIHYDROXYOXOLAN-2-YL]METHOXY]PHOSPHORYL] HYDROGEN PHOSPHATE' 'C15 H23 N5 O14 P2'
DA DNA linking 2'-DEOXYADENOSINE-5'-MONOPHOSPHATE 'C10 H14 N5 O6 P'
MG non-polymer 'MAGNESIUM ION' 'Mg 2'
U RNA linking URIDINE-5'-MONOPHOSPHATE 'C9 H13 N2 O9 P'
#
# COMPACT_ATOMS: atom_id res chain seq x y z
N MET A 1 -0.98 3.02 -26.94
CA MET A 1 -1.50 3.82 -25.83
C MET A 1 -2.47 3.02 -24.98
N ARG A 2 -2.34 3.13 -23.66
CA ARG A 2 -3.22 2.42 -22.74
C ARG A 2 -4.57 3.12 -22.69
N ASN A 3 -5.61 2.42 -23.11
CA ASN A 3 -6.97 2.98 -23.09
C ASN A 3 -8.01 1.95 -22.68
N LYS A 4 -7.61 0.80 -22.16
CA LYS A 4 -8.55 -0.22 -21.72
C LYS A 4 -8.70 -0.18 -20.20
N ILE A 5 -9.90 -0.48 -19.73
CA ILE A 5 -10.18 -0.55 -18.30
C ILE A 5 -10.37 -2.01 -17.92
N PHE A 6 -9.56 -2.50 -17.01
CA PHE A 6 -9.58 -3.90 -16.60
C PHE A 6 -10.45 -4.05 -15.36
N ILE A 7 -11.35 -5.02 -15.39
CA ILE A 7 -12.24 -5.30 -14.27
C ILE A 7 -11.97 -6.72 -13.80
N SER A 8 -11.18 -6.87 -12.75
CA SER A 8 -10.93 -8.16 -12.16
C SER A 8 -12.02 -8.51 -11.16
N HIS A 9 -12.33 -9.80 -11.08
CA HIS A 9 -13.42 -10.26 -10.22
C HIS A 9 -13.31 -11.76 -10.04
N ALA A 10 -14.11 -12.28 -9.13
CA ALA A 10 -14.25 -13.72 -8.94
C ALA A 10 -15.25 -14.22 -9.99
N THR A 11 -14.75 -15.01 -10.95
CA THR A 11 -15.54 -15.30 -12.14
C THR A 11 -16.85 -16.03 -11.87
N PRO A 12 -16.92 -17.12 -11.10
CA PRO A 12 -18.19 -17.85 -11.01
C PRO A 12 -19.14 -17.34 -9.94
N ASP A 13 -18.79 -16.25 -9.26
CA ASP A 13 -19.63 -15.75 -8.18
C ASP A 13 -20.10 -14.33 -8.41
N ASP A 14 -19.25 -13.50 -9.02
CA ASP A 14 -19.55 -12.09 -9.26
C ASP A 14 -19.97 -11.81 -10.69
N ASN A 15 -20.77 -12.69 -11.29
CA ASN A 15 -21.21 -12.48 -12.66
C ASN A 15 -22.11 -11.25 -12.77
N ASP A 16 -23.00 -11.06 -11.80
CA ASP A 16 -24.03 -10.03 -11.93
C ASP A 16 -23.44 -8.63 -11.87
N PHE A 17 -22.66 -8.34 -10.83
CA PHE A 17 -22.06 -7.02 -10.71
C PHE A 17 -21.11 -6.72 -11.86
N THR A 18 -20.24 -7.67 -12.20
CA THR A 18 -19.30 -7.43 -13.29
C THR A 18 -20.02 -7.20 -14.60
N ARG A 19 -21.06 -8.01 -14.87
CA ARG A 19 -21.86 -7.84 -16.07
C ARG A 19 -22.50 -6.46 -16.11
N TRP A 20 -23.17 -6.07 -15.03
CA TRP A 20 -23.87 -4.79 -15.03
C TRP A 20 -22.90 -3.63 -15.20
N LEU A 21 -21.79 -3.65 -14.45
CA LEU A 21 -20.83 -2.55 -14.52
C LEU A 21 -20.20 -2.48 -15.90
N ALA A 22 -19.85 -3.62 -16.49
CA ALA A 22 -19.23 -3.62 -17.80
C ALA A 22 -20.19 -3.12 -18.87
N LEU A 23 -21.43 -3.61 -18.86
CA LEU A 23 -22.41 -3.14 -19.83
C LEU A 23 -22.75 -1.67 -19.66
N LYS A 24 -22.67 -1.15 -18.44
CA LYS A 24 -22.82 0.29 -18.23
C LYS A 24 -21.63 1.08 -18.77
N LEU A 25 -20.41 0.65 -18.45
CA LEU A 25 -19.22 1.39 -18.83
C LEU A 25 -19.03 1.42 -20.34
N ILE A 26 -19.27 0.28 -21.01
CA ILE A 26 -19.13 0.25 -22.46
C ILE A 26 -20.11 1.20 -23.11
N GLY A 27 -21.36 1.21 -22.63
CA GLY A 27 -22.33 2.16 -23.13
C GLY A 27 -21.92 3.60 -22.88
N LEU A 28 -21.26 3.85 -21.75
CA LEU A 28 -20.77 5.18 -21.43
C LEU A 28 -19.62 5.63 -22.32
N GLY A 29 -19.05 4.72 -23.11
CA GLY A 29 -17.93 5.05 -23.96
C GLY A 29 -16.57 4.66 -23.44
N TYR A 30 -16.51 3.83 -22.41
CA TYR A 30 -15.25 3.41 -21.80
C TYR A 30 -14.90 2.01 -22.29
N GLU A 31 -13.67 1.83 -22.77
CA GLU A 31 -13.20 0.51 -23.18
C GLU A 31 -13.10 -0.39 -21.96
N VAL A 32 -13.65 -1.60 -22.05
CA VAL A 32 -13.69 -2.53 -20.94
C VAL A 32 -13.18 -3.88 -21.39
N TRP A 33 -12.30 -4.46 -20.57
CA TRP A 33 -11.78 -5.80 -20.80
C TRP A 33 -12.12 -6.66 -19.60
N CYS A 34 -12.76 -7.79 -19.83
CA CYS A 34 -13.08 -8.72 -18.76
C CYS A 34 -13.21 -10.12 -19.33
N ASP A 35 -13.09 -11.12 -18.44
CA ASP A 35 -13.10 -12.50 -18.89
C ASP A 35 -14.50 -12.97 -19.27
N ILE A 36 -15.52 -12.51 -18.57
CA ILE A 36 -16.89 -12.89 -18.91
C ILE A 36 -17.35 -12.23 -20.19
N LEU A 37 -16.73 -11.11 -20.58
CA LEU A 37 -17.13 -10.39 -21.79
C LEU A 37 -16.78 -11.19 -23.04
N PHE A 38 -15.55 -11.71 -23.11
CA PHE A 38 -15.12 -12.44 -24.28
C PHE A 38 -15.74 -13.83 -24.31
N LEU A 39 -16.32 -14.18 -25.45
CA LEU A 39 -16.97 -15.48 -25.61
C LEU A 39 -16.01 -16.47 -26.27
N ASP A 40 -15.88 -17.65 -25.65
CA ASP A 40 -14.97 -18.78 -25.89
C ASP A 40 -13.68 -18.58 -25.10
N LYS A 41 -12.99 -19.68 -24.80
CA LYS A 41 -11.76 -19.64 -24.04
C LYS A 41 -10.75 -20.58 -24.66
N GLY A 42 -9.48 -20.31 -24.38
CA GLY A 42 -8.39 -21.16 -24.82
C GLY A 42 -7.27 -21.09 -23.81
N VAL A 43 -6.21 -21.87 -24.06
CA VAL A 43 -5.06 -21.86 -23.18
C VAL A 43 -4.38 -20.50 -23.15
N ASP A 44 -4.55 -19.70 -24.21
CA ASP A 44 -3.81 -18.44 -24.33
C ASP A 44 -4.27 -17.38 -23.33
N PHE A 45 -5.50 -17.52 -22.80
CA PHE A 45 -6.08 -16.42 -22.03
C PHE A 45 -5.24 -16.10 -20.81
N TRP A 46 -4.72 -17.12 -20.13
CA TRP A 46 -3.86 -16.90 -18.97
C TRP A 46 -2.67 -16.02 -19.32
N SER A 47 -2.10 -16.21 -20.52
CA SER A 47 -1.05 -15.29 -20.97
C SER A 47 -1.67 -13.95 -21.36
N ASN A 48 -2.78 -13.98 -22.10
CA ASN A 48 -3.35 -12.76 -22.66
C ASN A 48 -3.58 -11.71 -21.57
N ILE A 49 -4.27 -12.09 -20.50
CA ILE A 49 -4.57 -11.13 -19.44
C ILE A 49 -3.31 -10.42 -18.99
N GLU A 50 -2.23 -11.19 -18.79
CA GLU A 50 -0.99 -10.59 -18.31
C GLU A 50 -0.56 -9.44 -19.20
N LYS A 51 -0.45 -9.69 -20.50
CA LYS A 51 0.05 -8.64 -21.38
C LYS A 51 -0.88 -7.45 -21.37
N VAL A 52 -2.19 -7.69 -21.27
CA VAL A 52 -3.13 -6.58 -21.19
C VAL A 52 -2.80 -5.72 -19.98
N ILE A 53 -2.68 -6.37 -18.81
CA ILE A 53 -2.43 -5.62 -17.58
C ILE A 53 -1.08 -4.90 -17.66
N ARG A 54 -0.22 -5.32 -18.59
CA ARG A 54 1.09 -4.70 -18.72
C ARG A 54 1.20 -3.79 -19.94
N GLU A 55 0.24 -3.83 -20.87
CA GLU A 55 0.44 -3.14 -22.13
C GLU A 55 -0.73 -2.27 -22.57
N ASP A 56 -1.96 -2.57 -22.17
CA ASP A 56 -3.10 -1.79 -22.63
C ASP A 56 -3.94 -1.19 -21.51
N THR A 57 -3.82 -1.68 -20.28
CA THR A 57 -4.66 -1.22 -19.19
C THR A 57 -4.21 0.14 -18.68
N CYS A 58 -5.14 1.10 -18.67
CA CYS A 58 -4.90 2.41 -18.10
C CYS A 58 -5.48 2.57 -16.70
N LYS A 59 -6.55 1.86 -16.37
CA LYS A 59 -7.09 1.81 -15.01
C LYS A 59 -7.48 0.39 -14.69
N PHE A 60 -7.29 0.01 -13.42
CA PHE A 60 -7.56 -1.34 -12.96
C PHE A 60 -8.62 -1.27 -11.87
N LEU A 61 -9.76 -1.91 -12.11
CA LEU A 61 -10.87 -1.91 -11.16
C LEU A 61 -11.01 -3.30 -10.55
N LEU A 62 -10.96 -3.36 -9.22
CA LEU A 62 -10.99 -4.63 -8.50
C LEU A 62 -12.33 -4.74 -7.76
N VAL A 63 -13.15 -5.70 -8.19
CA VAL A 63 -14.39 -5.99 -7.49
C VAL A 63 -14.06 -6.65 -6.16
N SER A 64 -14.45 -6.01 -5.07
CA SER A 64 -14.14 -6.48 -3.72
C SER A 64 -15.37 -7.14 -3.13
N SER A 65 -15.25 -8.43 -2.83
CA SER A 65 -16.33 -9.20 -2.22
C SER A 65 -15.72 -10.30 -1.37
N SER A 66 -16.56 -10.96 -0.57
CA SER A 66 -16.09 -12.05 0.27
C SER A 66 -15.55 -13.20 -0.57
N TYR A 67 -15.97 -13.29 -1.83
CA TYR A 67 -15.45 -14.31 -2.73
C TYR A 67 -14.14 -13.87 -3.36
N SER A 68 -14.14 -12.69 -3.99
CA SER A 68 -12.98 -12.23 -4.76
C SER A 68 -11.84 -11.77 -3.86
N ASN A 69 -12.05 -11.68 -2.54
CA ASN A 69 -11.01 -11.17 -1.67
C ASN A 69 -9.80 -12.10 -1.64
N GLN A 70 -10.04 -13.41 -1.62
CA GLN A 70 -8.97 -14.40 -1.50
C GLN A 70 -9.08 -15.41 -2.64
N ARG A 71 -9.22 -14.91 -3.87
CA ARG A 71 -9.28 -15.75 -5.06
C ARG A 71 -7.94 -15.71 -5.76
N GLU A 72 -7.40 -16.90 -6.08
CA GLU A 72 -6.02 -16.99 -6.53
C GLU A 72 -5.79 -16.24 -7.82
N GLY A 73 -6.68 -16.40 -8.81
CA GLY A 73 -6.53 -15.64 -10.03
C GLY A 73 -6.67 -14.15 -9.82
N VAL A 74 -7.63 -13.76 -8.97
CA VAL A 74 -7.78 -12.37 -8.59
C VAL A 74 -6.52 -11.86 -7.90
N LEU A 75 -5.92 -12.71 -7.05
CA LEU A 75 -4.69 -12.31 -6.36
C LEU A 75 -3.55 -12.09 -7.33
N LYS A 76 -3.40 -12.99 -8.32
CA LYS A 76 -2.33 -12.82 -9.30
C LYS A 76 -2.54 -11.57 -10.14
N GLU A 77 -3.78 -11.32 -10.55
CA GLU A 77 -4.09 -10.10 -11.28
C GLU A 77 -3.82 -8.87 -10.44
N LEU A 78 -4.14 -8.93 -9.15
CA LEU A 78 -3.86 -7.82 -8.24
C LEU A 78 -2.35 -7.58 -8.13
N ALA A 79 -1.57 -8.66 -8.05
CA ALA A 79 -0.12 -8.51 -7.94
C ALA A 79 0.45 -7.86 -9.20
N VAL A 80 0.08 -8.34 -10.38
CA VAL A 80 0.62 -7.74 -11.60
C VAL A 80 0.12 -6.31 -11.76
N ALA A 81 -1.12 -6.03 -11.33
CA ALA A 81 -1.63 -4.67 -11.37
C ALA A 81 -0.83 -3.75 -10.45
N ALA A 82 -0.52 -4.22 -9.24
CA ALA A 82 0.27 -3.41 -8.32
C ALA A 82 1.66 -3.14 -8.87
N LYS A 83 2.25 -4.13 -9.53
CA LYS A 83 3.61 -3.92 -10.03
C LYS A 83 3.63 -3.03 -11.27
N VAL A 84 2.62 -3.13 -12.14
CA VAL A 84 2.55 -2.17 -13.24
C VAL A 84 2.20 -0.79 -12.72
N LYS A 85 1.46 -0.72 -11.60
CA LYS A 85 1.27 0.55 -10.91
C LYS A 85 2.59 1.15 -10.47
N LYS A 86 3.46 0.32 -9.89
CA LYS A 86 4.79 0.80 -9.50
C LYS A 86 5.58 1.28 -10.70
N GLN A 87 5.52 0.53 -11.81
CA GLN A 87 6.33 0.87 -12.97
C GLN A 87 5.82 2.15 -13.65
N LEU A 88 4.50 2.39 -13.62
CA LEU A 88 3.97 3.61 -14.22
C LEU A 88 4.15 4.83 -13.34
N LYS A 89 4.55 4.66 -12.08
CA LYS A 89 4.71 5.76 -11.13
C LYS A 89 3.40 6.53 -10.96
N ASP A 90 2.28 5.85 -11.11
CA ASP A 90 0.95 6.43 -11.00
C ASP A 90 0.21 5.75 -9.87
N ASP A 91 0.04 6.46 -8.76
CA ASP A 91 -0.54 5.86 -7.56
C ASP A 91 -2.04 5.61 -7.69
N LYS A 92 -2.75 6.45 -8.44
CA LYS A 92 -4.20 6.31 -8.61
C LYS A 92 -4.49 5.42 -9.82
N PHE A 93 -4.07 4.16 -9.69
CA PHE A 93 -4.21 3.20 -10.77
C PHE A 93 -5.23 2.12 -10.42
N ILE A 94 -5.01 1.43 -9.30
CA ILE A 94 -5.96 0.42 -8.86
C ILE A 94 -7.10 1.10 -8.11
N ILE A 95 -8.33 0.87 -8.56
CA ILE A 95 -9.50 1.49 -7.96
C ILE A 95 -10.41 0.40 -7.43
N PRO A 96 -10.27 0.01 -6.16
CA PRO A 96 -11.10 -1.08 -5.63
C PRO A 96 -12.57 -0.69 -5.58
N LEU A 97 -13.43 -1.70 -5.68
CA LEU A 97 -14.87 -1.52 -5.63
C LEU A 97 -15.45 -2.55 -4.66
N ALA A 98 -15.86 -2.08 -3.49
CA ALA A 98 -16.42 -2.95 -2.45
C ALA A 98 -17.93 -3.04 -2.63
N ILE A 99 -18.44 -4.26 -2.74
CA ILE A 99 -19.85 -4.49 -3.03
C ILE A 99 -20.51 -5.39 -2.00
N ASP A 100 -19.77 -5.86 -1.01
CA ASP A 100 -20.30 -6.77 -0.01
C ASP A 100 -20.52 -6.05 1.31
N GLU A 101 -21.71 -6.25 1.88
CA GLU A 101 -22.03 -5.69 3.19
C GLU A 101 -21.36 -6.45 4.32
N GLN A 102 -21.07 -7.73 4.12
CA GLN A 102 -20.47 -8.58 5.15
C GLN A 102 -18.96 -8.52 5.16
N LEU A 103 -18.35 -7.85 4.19
CA LEU A 103 -16.90 -7.71 4.11
C LEU A 103 -16.54 -6.29 4.54
N SER A 104 -16.24 -6.12 5.82
CA SER A 104 -15.90 -4.81 6.32
C SER A 104 -14.55 -4.35 5.80
N TYR A 105 -14.28 -3.05 5.94
CA TYR A 105 -13.03 -2.47 5.47
C TYR A 105 -11.83 -2.93 6.28
N ASP A 106 -12.05 -3.61 7.41
CA ASP A 106 -10.97 -4.13 8.24
C ASP A 106 -10.59 -5.56 7.88
N ASP A 107 -11.19 -6.13 6.84
CA ASP A 107 -10.89 -7.51 6.42
C ASP A 107 -10.53 -7.58 4.95
N ILE A 108 -10.05 -6.48 4.36
CA ILE A 108 -9.73 -6.46 2.94
C ILE A 108 -8.34 -7.08 2.76
N ASN A 109 -8.00 -7.42 1.51
CA ASN A 109 -6.70 -7.96 1.19
C ASN A 109 -5.61 -6.93 1.43
N ILE A 110 -4.39 -7.44 1.67
CA ILE A 110 -3.28 -6.57 2.07
C ILE A 110 -2.94 -5.57 0.96
N ASP A 111 -3.08 -5.99 -0.30
CA ASP A 111 -2.78 -5.08 -1.40
C ASP A 111 -3.81 -3.96 -1.51
N ILE A 112 -4.95 -4.11 -0.82
CA ILE A 112 -6.04 -3.16 -0.98
C ILE A 112 -6.34 -2.37 0.30
N VAL A 113 -5.82 -2.82 1.44
CA VAL A 113 -6.19 -2.22 2.72
C VAL A 113 -5.90 -0.72 2.73
N ARG A 114 -4.76 -0.32 2.18
CA ARG A 114 -4.35 1.07 2.18
C ARG A 114 -4.96 1.88 1.05
N LEU A 115 -5.74 1.25 0.17
CA LEU A 115 -6.31 1.92 -0.99
C LEU A 115 -7.77 2.25 -0.71
N ASN A 116 -8.14 3.50 -0.99
CA ASN A 116 -9.54 3.89 -0.85
C ASN A 116 -10.39 3.16 -1.88
N ALA A 117 -11.56 2.72 -1.42
CA ALA A 117 -12.45 1.91 -2.24
C ALA A 117 -13.77 2.64 -2.44
N ILE A 118 -14.29 2.61 -3.67
CA ILE A 118 -15.58 3.22 -3.96
C ILE A 118 -16.67 2.33 -3.38
N ASP A 119 -17.56 2.93 -2.59
CA ASP A 119 -18.56 2.17 -1.83
C ASP A 119 -19.74 1.84 -2.72
N PHE A 120 -19.93 0.56 -3.00
CA PHE A 120 -21.10 0.07 -3.72
C PHE A 120 -22.06 -0.66 -2.80
N LYS A 121 -21.81 -0.66 -1.49
CA LYS A 121 -22.61 -1.46 -0.57
C LYS A 121 -24.04 -0.95 -0.48
N MET A 122 -24.22 0.36 -0.54
CA MET A 122 -25.54 0.97 -0.35
C MET A 122 -26.28 1.19 -1.67
N SER A 123 -25.70 1.96 -2.59
CA SER A 123 -26.35 2.28 -3.85
C SER A 123 -25.37 2.04 -4.99
N TRP A 124 -25.76 1.21 -5.95
CA TRP A 124 -24.93 0.98 -7.12
C TRP A 124 -24.88 2.24 -7.99
N ALA A 125 -25.97 3.00 -8.03
CA ALA A 125 -25.97 4.24 -8.81
C ALA A 125 -24.99 5.25 -8.24
N ARG A 126 -24.92 5.38 -6.92
CA ARG A 126 -23.97 6.28 -6.30
C ARG A 126 -22.54 5.84 -6.59
N GLY A 127 -22.28 4.54 -6.52
CA GLY A 127 -20.94 4.04 -6.83
C GLY A 127 -20.56 4.29 -8.27
N LEU A 128 -21.52 4.11 -9.19
CA LEU A 128 -21.24 4.38 -10.61
C LEU A 128 -21.00 5.86 -10.85
N LYS A 129 -21.74 6.72 -10.16
CA LYS A 129 -21.50 8.16 -10.27
C LYS A 129 -20.10 8.51 -9.76
N ASP A 130 -19.69 7.90 -8.64
CA ASP A 130 -18.34 8.13 -8.13
C ASP A 130 -17.29 7.65 -9.12
N ILE A 131 -17.54 6.49 -9.74
CA ILE A 131 -16.61 5.97 -10.73
C ILE A 131 -16.48 6.94 -11.91
N LEU A 132 -17.62 7.43 -12.40
CA LEU A 132 -17.58 8.37 -13.53
C LEU A 132 -16.85 9.64 -13.16
N GLU A 133 -17.11 10.18 -11.97
CA GLU A 133 -16.44 11.41 -11.55
C GLU A 133 -14.93 11.20 -11.41
N ALA A 134 -14.53 10.08 -10.81
CA ALA A 134 -13.10 9.81 -10.65
C ALA A 134 -12.43 9.62 -11.99
N PHE A 135 -13.08 8.92 -12.92
CA PHE A 135 -12.48 8.70 -14.24
C PHE A 135 -12.39 10.00 -15.02
N GLU A 136 -13.38 10.88 -14.88
CA GLU A 136 -13.32 12.18 -15.52
C GLU A 136 -12.21 13.04 -14.92
N LYS A 137 -12.05 13.00 -13.60
CA LYS A 137 -11.02 13.80 -12.94
C LYS A 137 -9.62 13.36 -13.37
N GLN A 138 -9.39 12.06 -13.49
CA GLN A 138 -8.07 11.54 -13.79
C GLN A 138 -7.79 11.53 -15.29
N LYS A 139 -8.69 12.12 -16.07
CA LYS A 139 -8.53 12.27 -17.51
C LYS A 139 -8.26 10.93 -18.19
N VAL A 140 -8.98 9.90 -17.77
CA VAL A 140 -8.87 8.56 -18.36
C VAL A 140 -9.34 8.64 -19.80
N PRO A 141 -8.69 7.94 -20.74
CA PRO A 141 -9.15 7.97 -22.14
C PRO A 141 -10.60 7.53 -22.25
N LYS A 142 -11.34 8.21 -23.11
CA LYS A 142 -12.78 8.00 -23.23
C LYS A 142 -13.22 8.33 -24.65
N GLU A 143 -14.22 7.61 -25.13
CA GLU A 143 -14.86 7.87 -26.40
C GLU A 143 -16.24 8.46 -26.15
N VAL A 144 -16.90 8.90 -27.21
CA VAL A 144 -18.24 9.44 -27.09
C VAL A 144 -19.18 8.33 -26.60
N ALA A 145 -20.05 8.69 -25.66
CA ALA A 145 -20.98 7.72 -25.09
C ALA A 145 -21.93 7.20 -26.16
N ASP A 146 -22.13 5.89 -26.20
CA ASP A 146 -22.97 5.26 -27.20
C ASP A 146 -23.49 3.95 -26.64
N ALA A 147 -24.76 3.94 -26.23
CA ALA A 147 -25.36 2.74 -25.65
C ALA A 147 -25.49 1.62 -26.67
N SER A 148 -25.42 1.95 -27.96
CA SER A 148 -25.53 0.90 -28.98
C SER A 148 -24.37 -0.08 -28.88
N LYS A 149 -23.19 0.38 -28.47
CA LYS A 149 -22.09 -0.55 -28.23
C LYS A 149 -22.44 -1.54 -27.14
N SER A 150 -23.04 -1.07 -26.05
CA SER A 150 -23.47 -1.97 -24.99
C SER A 150 -24.52 -2.94 -25.48
N ASN A 151 -25.47 -2.46 -26.29
CA ASN A 151 -26.50 -3.34 -26.83
C ASN A 151 -25.89 -4.43 -27.71
N LEU A 152 -24.98 -4.05 -28.61
CA LEU A 152 -24.36 -5.04 -29.48
C LEU A 152 -23.54 -6.05 -28.69
N LEU A 153 -22.76 -5.60 -27.70
CA LEU A 153 -22.02 -6.54 -26.88
C LEU A 153 -22.96 -7.48 -26.13
N TYR A 154 -24.09 -6.96 -25.65
CA TYR A 154 -25.09 -7.81 -25.02
C TYR A 154 -25.61 -8.85 -26.00
N GLN A 155 -25.79 -8.46 -27.26
CA GLN A 155 -26.35 -9.40 -28.23
C GLN A 155 -25.34 -10.47 -28.64
N GLN A 156 -24.07 -10.10 -28.79
CA GLN A 156 -23.09 -11.11 -29.20
C GLN A 156 -22.68 -11.99 -28.02
N ILE A 157 -22.81 -11.49 -26.79
CA ILE A 157 -22.30 -12.23 -25.64
C ILE A 157 -23.39 -12.80 -24.75
N PHE A 158 -24.25 -11.96 -24.17
CA PHE A 158 -25.29 -12.44 -23.29
C PHE A 158 -26.63 -12.49 -24.00
N LEU A 159 -29.25 -14.19 -23.89
CA LEU A 159 -30.02 -13.78 -25.05
C LEU A 159 -29.23 -14.10 -26.32
N HIS A 160 -27.96 -14.47 -26.13
CA HIS A 160 -27.13 -14.93 -27.24
C HIS A 160 -27.05 -16.45 -27.24
N ASP A 161 -26.88 -17.05 -26.06
CA ASP A 161 -26.87 -18.50 -25.93
C ASP A 161 -28.27 -19.08 -26.03
N LYS A 162 -29.29 -18.21 -25.99
CA LYS A 162 -30.70 -18.62 -26.03
C LYS A 162 -31.37 -17.78 -27.11
N SER A 163 -31.31 -18.25 -28.35
CA SER A 163 -31.79 -17.49 -29.50
C SER A 163 -32.61 -18.39 -30.40
N VAL A 164 -33.34 -17.75 -31.32
CA VAL A 164 -34.17 -18.49 -32.27
C VAL A 164 -33.28 -19.24 -33.25
N ILE A 165 -33.56 -20.53 -33.43
CA ILE A 165 -32.83 -21.39 -34.36
C ILE A 165 -33.83 -22.10 -35.25
N GLU A 166 -33.49 -22.26 -36.52
CA GLU A 166 -34.38 -22.87 -37.49
C GLU A 166 -34.09 -24.35 -37.68
N LYS A 167 -35.02 -25.21 -37.26
CA LYS A 167 -34.93 -26.64 -37.53
C LYS A 167 -36.32 -27.24 -37.33
N GLU A 168 -36.69 -28.19 -38.18
CA GLU A 168 -38.04 -28.73 -38.18
C GLU A 168 -38.33 -29.47 -36.87
N GLU A 169 -39.55 -29.29 -36.37
CA GLU A 169 -40.03 -30.05 -35.22
C GLU A 169 -41.47 -30.47 -35.48
N ILE A 170 -41.83 -31.67 -35.04
CA ILE A 170 -43.18 -32.18 -35.19
C ILE A 170 -43.84 -32.26 -33.82
N TYR A 171 -45.11 -31.83 -33.76
CA TYR A 171 -45.83 -31.74 -32.50
C TYR A 171 -47.04 -32.67 -32.52
N ASP A 172 -47.43 -33.13 -31.33
CA ASP A 172 -48.58 -33.99 -31.16
C ASP A 172 -49.68 -33.21 -30.44
N SER A 173 -50.86 -33.12 -31.06
CA SER A 173 -51.95 -32.32 -30.54
C SER A 173 -52.80 -33.16 -29.59
N ASN A 174 -53.98 -32.63 -29.25
CA ASN A 174 -55.00 -33.38 -28.51
C ASN A 174 -56.24 -33.61 -29.35
N TRP A 175 -56.13 -33.56 -30.68
CA TRP A 175 -57.25 -33.71 -31.59
C TRP A 175 -57.16 -35.09 -32.23
N LEU A 176 -58.25 -35.86 -32.14
CA LEU A 176 -58.34 -37.14 -32.83
C LEU A 176 -59.12 -36.92 -34.12
N SER A 177 -58.46 -37.19 -35.25
CA SER A 177 -59.09 -36.98 -36.55
C SER A 177 -60.17 -38.03 -36.80
N ILE A 178 -61.25 -37.61 -37.44
CA ILE A 178 -62.32 -38.53 -37.80
C ILE A 178 -62.11 -38.97 -39.24
N LEU A 179 -61.84 -40.25 -39.42
CA LEU A 179 -61.54 -40.80 -40.74
C LEU A 179 -62.74 -40.81 -41.67
N SER A 180 -63.88 -41.32 -41.21
CA SER A 180 -65.05 -41.43 -42.07
C SER A 180 -66.32 -41.35 -41.22
N PHE A 181 -67.41 -41.01 -41.88
CA PHE A 181 -68.74 -40.95 -41.31
C PHE A 181 -69.66 -41.93 -42.02
N PRO A 182 -70.80 -42.28 -41.42
CA PRO A 182 -71.82 -43.01 -42.17
C PRO A 182 -72.30 -42.19 -43.36
N GLU A 183 -72.70 -42.91 -44.41
CA GLU A 183 -72.99 -42.27 -45.68
C GLU A 183 -74.16 -41.28 -45.60
N GLU A 184 -75.24 -41.65 -44.92
CA GLU A 184 -76.45 -40.85 -44.95
C GLU A 184 -76.98 -40.61 -43.55
N LEU A 185 -77.31 -39.35 -43.27
CA LEU A 185 -77.99 -38.98 -42.03
C LEU A 185 -79.49 -39.17 -42.21
N ARG A 186 -80.10 -39.91 -41.30
CA ARG A 186 -81.49 -40.35 -41.43
C ARG A 186 -82.39 -39.54 -40.53
N PHE A 187 -83.49 -39.05 -41.12
CA PHE A 187 -84.53 -38.27 -40.44
C PHE A 187 -85.82 -39.08 -40.53
N HIS A 188 -86.15 -39.79 -39.46
CA HIS A 188 -87.33 -40.66 -39.48
C HIS A 188 -88.51 -39.97 -38.82
N GLU A 189 -89.66 -39.98 -39.49
CA GLU A 189 -90.88 -39.39 -38.94
C GLU A 189 -91.61 -40.39 -38.05
N TYR A 190 -91.07 -40.56 -36.83
CA TYR A 190 -91.77 -41.38 -35.85
C TYR A 190 -93.11 -40.75 -35.47
N ASN A 191 -93.11 -39.46 -35.18
CA ASN A 191 -94.32 -38.72 -34.81
C ASN A 191 -95.00 -39.38 -33.61
N TRP A 192 -96.26 -39.80 -33.78
CA TRP A 192 -96.98 -40.49 -32.73
C TRP A 192 -96.35 -41.84 -32.37
N MET A 193 -95.52 -42.40 -33.25
CA MET A 193 -94.92 -43.70 -32.99
C MET A 193 -93.98 -43.63 -31.79
N LEU A 194 -93.23 -42.53 -31.65
CA LEU A 194 -92.39 -42.31 -30.49
C LEU A 194 -93.12 -41.42 -29.50
N PRO A 195 -93.34 -41.87 -28.26
CA PRO A 195 -94.03 -41.03 -27.27
C PRO A 195 -93.28 -39.72 -27.04
N LYS A 196 -94.05 -38.62 -26.99
CA LYS A 196 -93.43 -37.30 -26.87
C LYS A 196 -92.72 -37.14 -25.53
N ARG A 197 -93.35 -37.61 -24.45
CA ARG A 197 -92.76 -37.49 -23.11
C ARG A 197 -91.85 -38.70 -22.87
N PHE A 198 -90.84 -38.80 -23.73
CA PHE A 198 -89.83 -39.85 -23.68
C PHE A 198 -88.46 -39.21 -23.89
N ASP A 199 -87.42 -39.86 -23.37
CA ASP A 199 -86.07 -39.32 -23.43
C ASP A 199 -85.21 -40.16 -24.36
N VAL A 200 -84.52 -39.49 -25.29
CA VAL A 200 -83.70 -40.18 -26.28
C VAL A 200 -82.31 -40.54 -25.78
N ARG A 201 -81.94 -40.11 -24.57
CA ARG A 201 -80.63 -40.44 -24.03
C ARG A 201 -80.50 -41.91 -23.65
N GLU A 202 -81.61 -42.60 -23.40
CA GLU A 202 -81.58 -44.02 -23.09
C GLU A 202 -81.68 -44.90 -24.31
N LEU A 203 -81.81 -44.31 -25.51
CA LEU A 203 -81.91 -45.09 -26.73
C LEU A 203 -80.62 -45.84 -26.99
N THR A 204 -80.74 -47.03 -27.58
CA THR A 204 -79.59 -47.90 -27.82
C THR A 204 -78.53 -47.21 -28.68
N PHE A 205 -78.95 -46.54 -29.76
CA PHE A 205 -78.02 -45.76 -30.55
C PHE A 205 -78.35 -44.27 -30.44
N PRO A 206 -77.34 -43.40 -30.60
CA PRO A 206 -77.60 -41.97 -30.45
C PRO A 206 -78.60 -41.48 -31.49
N ALA A 207 -79.49 -40.60 -31.03
CA ALA A 207 -80.56 -40.05 -31.86
C ALA A 207 -81.17 -38.84 -31.18
N VAL A 208 -81.41 -37.76 -31.92
CA VAL A 208 -81.91 -36.51 -31.35
C VAL A 208 -83.21 -36.13 -32.05
N ARG A 209 -84.19 -35.66 -31.28
CA ARG A 209 -85.45 -35.25 -31.86
C ARG A 209 -85.36 -33.82 -32.39
N TYR A 210 -85.98 -33.58 -33.54
CA TYR A 210 -86.03 -32.28 -34.18
C TYR A 210 -87.32 -32.19 -34.98
N LYS A 211 -88.21 -31.29 -34.56
CA LYS A 211 -89.59 -31.29 -35.03
C LYS A 211 -90.24 -32.62 -34.70
N ASN A 212 -90.72 -33.33 -35.71
CA ASN A 212 -91.19 -34.71 -35.56
C ASN A 212 -90.25 -35.71 -36.21
N TYR A 213 -89.00 -35.30 -36.46
CA TYR A 213 -88.00 -36.13 -37.11
C TYR A 213 -86.97 -36.57 -36.08
N LEU A 214 -86.82 -37.88 -35.92
CA LEU A 214 -85.67 -38.40 -35.17
C LEU A 214 -84.47 -38.44 -36.09
N CYS A 215 -83.40 -37.74 -35.70
CA CYS A 215 -82.20 -37.60 -36.50
C CYS A 215 -81.14 -38.54 -35.93
N THR A 216 -80.63 -39.43 -36.78
CA THR A 216 -79.57 -40.34 -36.38
C THR A 216 -78.96 -40.99 -37.61
N PHE A 217 -77.75 -41.52 -37.45
CA PHE A 217 -77.09 -42.32 -38.47
C PHE A 217 -77.55 -43.78 -38.42
N ALA A 218 -78.34 -44.14 -37.42
CA ALA A 218 -78.75 -45.53 -37.21
C ALA A 218 -79.85 -45.92 -38.19
N TRP A 219 -80.01 -47.23 -38.39
CA TRP A 219 -81.01 -47.76 -39.30
C TRP A 219 -82.41 -47.56 -38.70
N ALA A 220 -83.42 -47.69 -39.57
CA ALA A 220 -84.78 -47.27 -39.20
C ALA A 220 -85.30 -48.02 -37.98
N TYR A 221 -85.07 -49.33 -37.91
CA TYR A 221 -85.68 -50.16 -36.89
C TYR A 221 -84.71 -50.56 -35.78
N ASP A 222 -83.61 -49.82 -35.63
CA ASP A 222 -82.68 -50.11 -34.54
C ASP A 222 -83.26 -49.82 -33.17
N PHE A 223 -84.27 -48.96 -33.08
CA PHE A 223 -84.85 -48.54 -31.81
C PHE A 223 -86.11 -49.33 -31.49
N THR A 224 -86.20 -50.57 -31.99
CA THR A 224 -87.40 -51.38 -31.77
C THR A 224 -87.55 -51.78 -30.30
N TYR A 225 -86.44 -52.14 -29.65
CA TYR A 225 -86.53 -52.61 -28.27
C TYR A 225 -87.06 -51.54 -27.34
N HIS A 226 -86.45 -50.35 -27.36
CA HIS A 226 -86.88 -49.29 -26.45
C HIS A 226 -88.22 -48.71 -26.89
N LEU A 227 -88.54 -48.82 -28.18
CA LEU A 227 -89.78 -48.29 -28.75
C LEU A 227 -90.48 -49.42 -29.50
N PRO A 228 -91.31 -50.21 -28.82
CA PRO A 228 -91.94 -51.35 -29.50
C PRO A 228 -92.87 -50.95 -30.64
N LYS A 229 -93.33 -49.71 -30.66
CA LYS A 229 -94.29 -49.28 -31.67
C LYS A 229 -93.63 -49.10 -33.04
N THR A 230 -92.30 -49.10 -33.08
CA THR A 230 -91.56 -48.74 -34.29
C THR A 230 -91.44 -49.89 -35.29
N GLU A 231 -92.05 -51.05 -35.01
CA GLU A 231 -91.97 -52.16 -35.95
C GLU A 231 -92.73 -51.88 -37.24
N THR A 232 -93.75 -51.02 -37.19
CA THR A 232 -94.62 -50.75 -38.34
C THR A 232 -94.27 -49.43 -39.00
N TYR A 233 -92.98 -49.09 -39.04
CA TYR A 233 -92.54 -47.87 -39.69
C TYR A 233 -92.21 -48.15 -41.16
N HIS A 234 -92.28 -47.11 -41.98
CA HIS A 234 -91.99 -47.19 -43.40
C HIS A 234 -90.70 -46.46 -43.71
N LYS A 235 -89.78 -47.14 -44.38
CA LYS A 235 -88.45 -46.59 -44.62
C LYS A 235 -88.40 -45.57 -45.74
N SER A 236 -89.48 -45.39 -46.50
CA SER A 236 -89.55 -44.36 -47.52
C SER A 236 -89.79 -42.98 -46.95
N LYS A 237 -90.15 -42.89 -45.67
CA LYS A 237 -90.41 -41.62 -45.00
C LYS A 237 -89.14 -40.92 -44.53
N THR A 238 -87.98 -41.57 -44.67
CA THR A 238 -86.74 -40.98 -44.20
C THR A 238 -86.31 -39.85 -45.13
N ILE A 239 -85.50 -38.94 -44.58
CA ILE A 239 -85.04 -37.76 -45.32
C ILE A 239 -83.52 -37.88 -45.47
N ARG A 240 -83.05 -39.11 -45.70
CA ARG A 240 -81.63 -39.39 -45.84
C ARG A 240 -80.93 -38.35 -46.70
N ILE A 241 -79.76 -37.91 -46.24
CA ILE A 241 -79.01 -36.85 -46.90
C ILE A 241 -77.55 -37.28 -47.00
N PRO A 242 -76.84 -36.92 -48.08
CA PRO A 242 -75.42 -37.28 -48.18
C PRO A 242 -74.53 -36.45 -47.27
N THR A 243 -74.38 -36.89 -46.02
CA THR A 243 -73.65 -36.19 -44.96
C THR A 243 -72.37 -35.51 -45.46
N GLU A 244 -71.67 -36.14 -46.40
CA GLU A 244 -70.50 -35.49 -46.99
C GLU A 244 -70.85 -34.14 -47.60
N GLU A 245 -72.08 -34.00 -48.13
CA GLU A 245 -72.53 -32.69 -48.58
C GLU A 245 -72.63 -31.70 -47.43
N ILE A 246 -73.11 -32.17 -46.27
CA ILE A 246 -73.17 -31.31 -45.09
C ILE A 246 -71.78 -30.87 -44.68
N LEU A 247 -70.82 -31.79 -44.67
CA LEU A 247 -69.46 -31.44 -44.30
C LEU A 247 -68.85 -30.46 -45.29
N SER A 248 -69.12 -30.64 -46.58
CA SER A 248 -68.69 -29.65 -47.56
C SER A 248 -69.41 -28.33 -47.36
N GLY A 249 -70.69 -28.39 -46.98
CA GLY A 249 -71.49 -27.20 -46.77
C GLY A 249 -72.47 -26.97 -47.91
N SER A 250 -72.52 -27.92 -48.84
CA SER A 250 -73.38 -27.77 -50.01
C SER A 250 -74.85 -27.79 -49.64
N TYR A 251 -75.24 -28.66 -48.72
CA TYR A 251 -76.65 -28.88 -48.43
C TYR A 251 -77.20 -27.80 -47.51
N ASP A 252 -78.33 -27.21 -47.90
CA ASP A 252 -79.09 -26.31 -47.06
C ASP A 252 -80.48 -26.15 -47.66
N SER A 253 -81.50 -26.07 -46.80
CA SER A 253 -82.88 -25.98 -47.27
C SER A 253 -83.79 -25.44 -46.17
N ASN A 254 -85.09 -25.34 -46.47
CA ASN A 254 -86.05 -24.94 -45.43
C ASN A 254 -86.20 -26.04 -44.38
N PHE A 255 -86.04 -27.31 -44.78
CA PHE A 255 -86.13 -28.39 -43.82
C PHE A 255 -85.05 -28.28 -42.74
N ILE A 256 -83.81 -27.97 -43.14
CA ILE A 256 -82.72 -27.79 -42.20
C ILE A 256 -81.69 -26.85 -42.80
N ARG A 257 -81.07 -26.07 -41.94
CA ARG A 257 -79.99 -25.17 -42.29
C ARG A 257 -78.68 -25.78 -41.80
N ASN A 258 -77.62 -25.62 -42.60
CA ASN A 258 -76.43 -26.43 -42.40
C ASN A 258 -75.78 -26.18 -41.03
N ALA A 259 -75.83 -24.93 -40.54
CA ALA A 259 -75.26 -24.63 -39.23
C ALA A 259 -75.98 -25.40 -38.13
N GLU A 260 -77.31 -25.43 -38.19
CA GLU A 260 -78.07 -26.26 -37.26
C GLU A 260 -78.16 -27.71 -37.71
N CYS A 261 -77.58 -28.04 -38.86
CA CYS A 261 -77.42 -29.43 -39.27
C CYS A 261 -76.07 -29.97 -38.84
N LYS A 262 -75.06 -29.10 -38.66
CA LYS A 262 -73.79 -29.49 -38.07
C LYS A 262 -73.89 -29.79 -36.58
N ARG A 263 -74.77 -29.09 -35.85
CA ARG A 263 -74.96 -29.36 -34.44
C ARG A 263 -75.59 -30.72 -34.18
N LEU A 264 -76.46 -31.19 -35.06
CA LEU A 264 -77.04 -32.52 -34.94
C LEU A 264 -76.03 -33.62 -35.21
N ILE A 265 -74.84 -33.28 -35.70
CA ILE A 265 -73.74 -34.22 -35.81
C ILE A 265 -72.78 -34.10 -34.64
N VAL A 266 -72.82 -32.98 -33.90
CA VAL A 266 -71.94 -32.79 -32.76
C VAL A 266 -72.50 -33.39 -31.48
N GLN A 267 -73.77 -33.11 -31.14
CA GLN A 267 -74.42 -33.85 -30.07
C GLN A 267 -74.42 -35.34 -30.34
N LEU A 268 -74.63 -35.74 -31.60
CA LEU A 268 -74.69 -37.14 -31.96
C LEU A 268 -73.37 -37.85 -31.66
N LEU A 269 -72.26 -37.28 -32.10
CA LEU A 269 -70.96 -37.89 -31.85
C LEU A 269 -70.57 -37.80 -30.38
N ASN A 270 -71.02 -36.76 -29.68
CA ASN A 270 -70.77 -36.69 -28.25
C ASN A 270 -71.48 -37.80 -27.49
N LYS A 271 -72.75 -38.05 -27.83
CA LYS A 271 -73.47 -39.16 -27.22
C LYS A 271 -72.84 -40.49 -27.62
N ALA A 272 -72.35 -40.58 -28.85
CA ALA A 272 -71.63 -41.79 -29.26
C ALA A 272 -70.38 -42.00 -28.43
N PHE A 273 -69.64 -40.92 -28.15
CA PHE A 273 -68.44 -41.01 -27.34
C PHE A 273 -68.76 -41.46 -25.92
N GLU A 274 -69.77 -40.85 -25.30
CA GLU A 274 -70.10 -41.24 -23.92
C GLU A 274 -70.63 -42.67 -23.87
N LEU A 275 -71.40 -43.08 -24.89
CA LEU A 275 -71.84 -44.46 -24.99
C LEU A 275 -70.66 -45.42 -25.10
N ARG A 276 -69.67 -45.06 -25.92
CA ARG A 276 -68.49 -45.89 -26.06
C ARG A 276 -67.73 -45.99 -24.75
N MET A 277 -67.61 -44.86 -24.03
CA MET A 277 -66.95 -44.89 -22.73
C MET A 277 -67.69 -45.78 -21.74
N LYS A 278 -69.03 -45.78 -21.82
CA LYS A 278 -69.81 -46.74 -21.04
C LYS A 278 -69.50 -48.17 -21.46
N ASP A 279 -69.30 -48.39 -22.77
CA ASP A 279 -68.97 -49.71 -23.26
C ASP A 279 -67.62 -50.18 -22.74
N LYS A 280 -66.64 -49.28 -22.69
CA LYS A 280 -65.32 -49.63 -22.18
C LYS A 280 -65.31 -49.75 -20.67
N GLU A 281 -66.43 -49.50 -20.00
CA GLU A 281 -66.57 -49.71 -18.57
C GLU A 281 -65.57 -48.87 -17.78
N VAL A 282 -65.40 -47.62 -18.19
CA VAL A 282 -64.64 -46.65 -17.41
C VAL A 282 -65.62 -45.72 -16.72
N GLN A 283 -65.39 -45.49 -15.42
CA GLN A 283 -66.35 -44.76 -14.61
C GLN A 283 -66.14 -43.25 -14.79
N GLU A 284 -67.09 -42.47 -14.29
CA GLU A 284 -67.18 -41.07 -14.64
C GLU A 284 -67.32 -40.18 -13.41
N TYR A 285 -66.79 -38.97 -13.53
CA TYR A 285 -66.99 -37.87 -12.58
C TYR A 285 -67.78 -36.78 -13.28
N GLU A 286 -68.79 -36.24 -12.59
CA GLU A 286 -69.56 -35.14 -13.15
C GLU A 286 -68.83 -33.82 -12.93
N MET A 287 -68.51 -33.14 -14.03
CA MET A 287 -67.95 -31.80 -13.97
C MET A 287 -69.09 -30.79 -13.90
N SER A 288 -68.74 -29.50 -13.79
CA SER A 288 -69.76 -28.46 -13.76
C SER A 288 -70.57 -28.42 -15.05
N ASN A 289 -69.89 -28.59 -16.18
CA ASN A 289 -70.53 -28.60 -17.49
C ASN A 289 -70.37 -29.93 -18.21
N LYS A 290 -69.17 -30.51 -18.20
CA LYS A 290 -68.90 -31.74 -18.92
C LYS A 290 -68.86 -32.93 -17.96
N THR A 291 -68.40 -34.07 -18.48
CA THR A 291 -68.20 -35.28 -17.70
C THR A 291 -66.83 -35.85 -18.02
N ALA A 292 -66.10 -36.26 -16.98
CA ALA A 292 -64.76 -36.83 -17.13
C ALA A 292 -64.82 -38.33 -16.95
N TYR A 293 -63.97 -39.04 -17.69
CA TYR A 293 -63.95 -40.50 -17.67
C TYR A 293 -62.60 -40.98 -17.14
N TRP A 294 -62.62 -41.64 -15.98
CA TRP A 294 -61.41 -42.17 -15.37
C TRP A 294 -61.61 -43.66 -15.10
N LEU A 295 -60.52 -44.34 -14.75
CA LEU A 295 -60.46 -45.79 -14.61
C LEU A 295 -60.11 -46.20 -13.19
N GLU A 296 -60.58 -47.38 -12.79
CA GLU A 296 -60.43 -47.89 -11.43
C GLU A 296 -58.97 -48.19 -11.09
N LYS A 297 -58.78 -48.68 -9.87
CA LYS A 297 -57.48 -49.17 -9.42
C LYS A 297 -57.47 -50.69 -9.48
N GLY A 298 -56.87 -51.25 -10.53
CA GLY A 298 -56.76 -52.67 -10.70
C GLY A 298 -57.26 -53.20 -12.03
N LYS A 299 -58.06 -52.42 -12.76
CA LYS A 299 -58.54 -52.87 -14.05
C LYS A 299 -57.40 -53.05 -15.05
N LEU A 300 -56.44 -52.13 -15.04
CA LEU A 300 -55.24 -52.25 -15.85
C LEU A 300 -54.20 -53.10 -15.11
N GLU A 301 -53.39 -53.82 -15.88
CA GLU A 301 -52.35 -54.66 -15.29
C GLU A 301 -51.34 -53.80 -14.55
N LYS A 302 -51.27 -53.98 -13.24
CA LYS A 302 -50.47 -53.14 -12.35
C LYS A 302 -50.83 -51.66 -12.44
N ASP A 303 -52.09 -51.35 -12.79
CA ASP A 303 -52.58 -49.98 -12.90
C ASP A 303 -51.78 -49.15 -13.89
N LYS A 304 -51.45 -49.72 -15.05
CA LYS A 304 -50.74 -48.97 -16.08
C LYS A 304 -51.01 -49.62 -17.43
N PHE A 305 -51.38 -48.80 -18.41
CA PHE A 305 -51.47 -49.27 -19.78
C PHE A 305 -50.17 -48.99 -20.51
N GLU A 306 -49.79 -49.90 -21.40
CA GLU A 306 -48.47 -49.92 -22.04
C GLU A 306 -47.44 -49.96 -20.91
N LYS A 307 -46.45 -49.08 -20.89
CA LYS A 307 -45.45 -49.03 -19.82
C LYS A 307 -45.64 -47.83 -18.91
N THR A 308 -46.64 -46.98 -19.20
CA THR A 308 -46.80 -45.69 -18.55
C THR A 308 -47.94 -45.77 -17.54
N MET A 309 -47.68 -45.31 -16.32
CA MET A 309 -48.67 -45.37 -15.25
C MET A 309 -49.81 -44.40 -15.52
N LEU A 310 -51.03 -44.84 -15.21
CA LEU A 310 -52.21 -44.00 -15.33
C LEU A 310 -52.94 -43.79 -14.00
N VAL A 311 -52.83 -44.74 -13.07
CA VAL A 311 -53.39 -44.61 -11.73
C VAL A 311 -52.26 -44.79 -10.73
N GLY A 312 -52.11 -43.83 -9.82
CA GLY A 312 -51.00 -43.86 -8.89
C GLY A 312 -51.43 -43.48 -7.49
N LYS A 313 -50.45 -43.40 -6.61
CA LYS A 313 -50.66 -43.15 -5.19
C LYS A 313 -50.01 -41.84 -4.78
N GLN A 314 -50.61 -41.17 -3.80
CA GLN A 314 -50.05 -39.95 -3.22
C GLN A 314 -50.57 -39.85 -1.79
N LYS A 315 -49.75 -40.29 -0.84
CA LYS A 315 -50.11 -40.35 0.59
C LYS A 315 -51.34 -41.25 0.65
N ASP A 316 -52.50 -40.78 1.09
CA ASP A 316 -53.67 -41.63 1.16
C ASP A 316 -54.58 -41.53 -0.07
N LYS A 317 -54.19 -40.77 -1.09
CA LYS A 317 -55.07 -40.45 -2.20
C LYS A 317 -54.65 -41.23 -3.44
N ASN A 318 -55.60 -41.97 -4.02
CA ASN A 318 -55.36 -42.61 -5.30
C ASN A 318 -55.71 -41.63 -6.43
N TRP A 319 -54.72 -41.26 -7.22
CA TRP A 319 -54.95 -40.33 -8.32
C TRP A 319 -55.13 -41.08 -9.63
N HIS A 320 -56.06 -40.59 -10.44
CA HIS A 320 -56.45 -41.23 -11.69
C HIS A 320 -56.45 -40.19 -12.79
N PHE A 321 -55.81 -40.53 -13.91
CA PHE A 321 -55.88 -39.70 -15.11
C PHE A 321 -57.23 -39.90 -15.80
N ALA A 322 -57.81 -38.80 -16.27
CA ALA A 322 -59.11 -38.83 -16.92
C ALA A 322 -59.10 -37.90 -18.12
N ILE A 323 -60.02 -38.15 -19.06
CA ILE A 323 -60.13 -37.35 -20.26
C ILE A 323 -61.57 -36.86 -20.41
N SER A 324 -61.72 -35.74 -21.11
CA SER A 324 -63.01 -35.22 -21.51
C SER A 324 -62.98 -34.96 -23.01
N GLY A 325 -64.00 -35.47 -23.71
CA GLY A 325 -64.02 -35.41 -25.16
C GLY A 325 -65.19 -34.60 -25.67
N ALA A 326 -64.97 -33.96 -26.81
CA ALA A 326 -66.01 -33.17 -27.46
C ALA A 326 -65.76 -33.09 -28.96
N SER A 327 -66.75 -33.43 -29.77
CA SER A 327 -66.63 -33.42 -31.22
C SER A 327 -66.74 -32.00 -31.75
N LYS A 328 -65.77 -31.61 -32.56
CA LYS A 328 -65.77 -30.31 -33.21
C LYS A 328 -65.60 -30.51 -34.70
N LEU A 329 -66.34 -29.74 -35.50
CA LEU A 329 -66.36 -29.92 -36.94
C LEU A 329 -65.99 -28.66 -37.71
N TYR A 330 -65.65 -27.57 -37.02
CA TYR A 330 -65.32 -26.34 -37.75
C TYR A 330 -63.95 -26.44 -38.42
N PRO A 331 -62.86 -26.72 -37.68
CA PRO A 331 -61.56 -26.78 -38.36
C PRO A 331 -61.44 -27.99 -39.27
N PHE A 332 -61.86 -29.14 -38.77
CA PHE A 332 -61.87 -30.42 -39.46
C PHE A 332 -62.81 -31.31 -38.66
N PRO A 333 -63.28 -32.43 -39.20
CA PRO A 333 -64.04 -33.36 -38.35
C PRO A 333 -63.11 -34.01 -37.35
N VAL A 334 -63.15 -33.55 -36.10
CA VAL A 334 -62.19 -33.95 -35.07
C VAL A 334 -62.90 -34.13 -33.75
N LEU A 335 -62.21 -34.76 -32.81
CA LEU A 335 -62.67 -34.87 -31.42
C LEU A 335 -61.57 -34.31 -30.55
N MET A 336 -61.88 -33.25 -29.80
CA MET A 336 -60.92 -32.64 -28.90
C MET A 336 -60.98 -33.32 -27.55
N ILE A 337 -59.81 -33.57 -26.95
CA ILE A 337 -59.70 -34.26 -25.67
C ILE A 337 -58.89 -33.39 -24.72
N SER A 338 -59.38 -33.24 -23.50
CA SER A 338 -58.69 -32.53 -22.44
C SER A 338 -58.38 -33.47 -21.28
N SER A 339 -57.29 -33.21 -20.59
CA SER A 339 -56.78 -34.08 -19.54
C SER A 339 -57.13 -33.52 -18.16
N HIS A 340 -57.36 -34.43 -17.21
CA HIS A 340 -57.63 -34.07 -15.82
C HIS A 340 -57.06 -35.15 -14.91
N ILE A 341 -56.91 -34.79 -13.64
CA ILE A 341 -56.52 -35.73 -12.60
C ILE A 341 -57.53 -35.66 -11.48
N PHE A 342 -58.06 -36.81 -11.07
CA PHE A 342 -59.04 -36.87 -10.01
C PHE A 342 -58.59 -37.83 -8.92
N PHE A 343 -58.90 -37.49 -7.68
CA PHE A 343 -58.39 -38.22 -6.53
C PHE A 343 -59.52 -38.93 -5.80
N THR A 344 -59.21 -40.11 -5.27
CA THR A 344 -60.15 -40.93 -4.53
C THR A 344 -59.50 -41.36 -3.22
N ALA A 345 -60.33 -41.70 -2.24
CA ALA A 345 -59.84 -42.13 -0.94
C ALA A 345 -59.46 -43.61 -0.91
N ASP A 346 -60.15 -44.45 -1.67
CA ASP A 346 -59.89 -45.88 -1.67
C ASP A 346 -59.65 -46.46 -3.06
N GLY A 347 -59.56 -45.61 -4.09
CA GLY A 347 -59.39 -46.08 -5.45
C GLY A 347 -60.66 -46.37 -6.19
N LYS A 348 -61.81 -46.28 -5.54
CA LYS A 348 -63.09 -46.55 -6.18
C LYS A 348 -64.11 -45.44 -5.97
N LYS A 349 -64.11 -44.80 -4.80
CA LYS A 349 -65.11 -43.80 -4.47
C LYS A 349 -64.48 -42.41 -4.47
N LEU A 350 -65.04 -41.51 -5.27
CA LEU A 350 -64.50 -40.17 -5.42
C LEU A 350 -64.69 -39.34 -4.15
N ILE A 351 -63.66 -38.55 -3.82
CA ILE A 351 -63.75 -37.66 -2.67
C ILE A 351 -64.70 -36.52 -2.99
N ASP A 352 -65.68 -36.29 -2.12
CA ASP A 352 -66.80 -35.41 -2.41
C ASP A 352 -66.48 -33.93 -2.28
N SER A 353 -65.36 -33.58 -1.64
CA SER A 353 -65.02 -32.17 -1.42
C SER A 353 -64.31 -31.63 -2.65
N SER A 354 -64.96 -30.70 -3.36
CA SER A 354 -64.40 -30.17 -4.60
C SER A 354 -63.11 -29.39 -4.33
N SER A 355 -63.07 -28.64 -3.22
CA SER A 355 -61.89 -27.86 -2.91
C SER A 355 -60.67 -28.75 -2.68
N VAL A 356 -60.86 -29.85 -1.96
CA VAL A 356 -59.75 -30.78 -1.71
C VAL A 356 -59.29 -31.40 -3.03
N GLN A 357 -60.24 -31.77 -3.90
CA GLN A 357 -59.88 -32.33 -5.19
C GLN A 357 -59.07 -31.33 -6.02
N HIS A 358 -59.49 -30.07 -6.03
CA HIS A 358 -58.75 -29.04 -6.78
C HIS A 358 -57.34 -28.86 -6.22
N SER A 359 -57.23 -28.75 -4.90
CA SER A 359 -55.92 -28.54 -4.28
C SER A 359 -54.99 -29.72 -4.54
N SER A 360 -55.51 -30.94 -4.42
CA SER A 360 -54.68 -32.12 -4.64
C SER A 360 -54.31 -32.26 -6.11
N ARG A 361 -55.21 -31.85 -7.01
CA ARG A 361 -54.89 -31.85 -8.44
C ARG A 361 -53.76 -30.87 -8.72
N ARG A 362 -53.80 -29.70 -8.10
CA ARG A 362 -52.70 -28.74 -8.26
C ARG A 362 -51.40 -29.32 -7.72
N ARG A 363 -51.47 -29.97 -6.55
CA ARG A 363 -50.27 -30.57 -5.97
C ARG A 363 -49.67 -31.63 -6.89
N GLN A 364 -50.52 -32.45 -7.51
CA GLN A 364 -50.02 -33.49 -8.41
C GLN A 364 -49.49 -32.89 -9.72
N GLY A 365 -50.20 -31.92 -10.28
CA GLY A 365 -49.79 -31.31 -11.54
C GLY A 365 -48.62 -30.36 -11.39
N LYS A 366 -48.21 -30.08 -10.16
CA LYS A 366 -47.01 -29.29 -9.91
C LYS A 366 -45.81 -29.81 -10.68
N ASN A 367 -45.67 -31.14 -10.78
CA ASN A 367 -44.49 -31.75 -11.39
C ASN A 367 -44.79 -32.48 -12.70
N TRP A 368 -45.93 -32.22 -13.33
CA TRP A 368 -46.29 -32.88 -14.58
C TRP A 368 -45.97 -31.97 -15.75
N TRP A 369 -44.82 -32.20 -16.39
CA TRP A 369 -44.42 -31.45 -17.57
C TRP A 369 -44.87 -32.14 -18.86
N ASN A 370 -44.31 -31.73 -19.99
CA ASN A 370 -44.84 -32.13 -21.30
C ASN A 370 -44.87 -33.65 -21.47
N ASN A 371 -43.79 -34.34 -21.09
CA ASN A 371 -43.73 -35.79 -21.25
C ASN A 371 -44.57 -36.54 -20.22
N THR A 372 -45.16 -35.82 -19.28
CA THR A 372 -46.12 -36.42 -18.37
C THR A 372 -47.56 -36.23 -18.82
N TRP A 373 -47.84 -35.19 -19.61
CA TRP A 373 -49.16 -34.95 -20.19
C TRP A 373 -49.36 -35.68 -21.51
N ARG A 374 -48.45 -35.46 -22.47
CA ARG A 374 -48.59 -36.08 -23.78
C ARG A 374 -48.57 -37.60 -23.67
N THR A 375 -47.65 -38.13 -22.88
CA THR A 375 -47.49 -39.58 -22.78
C THR A 375 -48.73 -40.23 -22.19
N LYS A 376 -49.27 -39.67 -21.09
CA LYS A 376 -50.47 -40.23 -20.49
C LYS A 376 -51.68 -40.08 -21.41
N LEU A 377 -51.79 -38.94 -22.10
CA LEU A 377 -52.91 -38.75 -23.03
C LEU A 377 -52.86 -39.77 -24.15
N LEU A 378 -51.68 -39.95 -24.76
CA LEU A 378 -51.54 -40.93 -25.84
C LEU A 378 -51.76 -42.35 -25.34
N ALA A 379 -51.30 -42.68 -24.14
CA ALA A 379 -51.53 -44.01 -23.58
C ALA A 379 -53.01 -44.26 -23.38
N PHE A 380 -53.73 -43.28 -22.84
CA PHE A 380 -55.16 -43.44 -22.60
C PHE A 380 -55.91 -43.61 -23.91
N ILE A 381 -55.59 -42.80 -24.93
CA ILE A 381 -56.33 -42.89 -26.18
C ILE A 381 -55.98 -44.20 -26.90
N LYS A 382 -54.75 -44.69 -26.75
CA LYS A 382 -54.42 -46.00 -27.31
C LYS A 382 -55.17 -47.12 -26.59
N TYR A 383 -55.30 -47.02 -25.27
CA TYR A 383 -56.11 -47.97 -24.53
C TYR A 383 -57.57 -47.91 -24.99
N LEU A 384 -58.02 -46.72 -25.41
CA LEU A 384 -59.35 -46.53 -25.94
C LEU A 384 -59.55 -47.19 -27.30
N SER A 385 -58.47 -47.56 -27.99
CA SER A 385 -58.55 -47.99 -29.38
C SER A 385 -59.17 -49.38 -29.48
N ASP A 386 -59.62 -49.73 -30.69
CA ASP A 386 -60.08 -51.07 -31.01
C ASP A 386 -59.07 -51.85 -31.85
N ASP A 387 -58.20 -51.15 -32.57
CA ASP A 387 -57.17 -51.79 -33.36
C ASP A 387 -55.88 -50.98 -33.20
N ASP A 388 -54.90 -51.23 -34.06
CA ASP A 388 -53.62 -50.55 -33.95
C ASP A 388 -53.62 -49.15 -34.56
N THR A 389 -54.64 -48.79 -35.33
CA THR A 389 -54.64 -47.51 -36.03
C THR A 389 -55.83 -46.63 -35.76
N SER A 390 -56.98 -47.17 -35.34
CA SER A 390 -58.17 -46.37 -35.20
C SER A 390 -59.17 -47.09 -34.31
N PHE A 391 -60.21 -46.37 -33.90
CA PHE A 391 -61.34 -46.93 -33.19
C PHE A 391 -62.62 -46.45 -33.87
N TYR A 392 -63.74 -46.97 -33.40
CA TYR A 392 -65.04 -46.65 -33.97
C TYR A 392 -66.03 -46.31 -32.88
N LEU A 393 -66.87 -45.32 -33.16
CA LEU A 393 -68.01 -44.97 -32.33
C LEU A 393 -69.23 -45.67 -32.89
N GLU A 394 -69.98 -46.35 -32.01
CA GLU A 394 -71.12 -47.15 -32.43
C GLU A 394 -72.27 -46.24 -32.83
N MET A 395 -72.57 -46.23 -34.12
CA MET A 395 -73.59 -45.34 -34.65
C MET A 395 -74.84 -46.10 -35.09
N GLY A 396 -74.86 -47.41 -34.96
CA GLY A 396 -76.01 -48.20 -35.37
C GLY A 396 -75.64 -49.67 -35.38
N SER A 397 -76.58 -50.47 -35.90
CA SER A 397 -76.31 -51.89 -36.06
C SER A 397 -75.23 -52.14 -37.11
N GLU A 398 -75.05 -51.21 -38.04
CA GLU A 398 -74.05 -51.34 -39.08
C GLU A 398 -73.26 -50.06 -39.35
N GLU A 399 -73.70 -48.93 -38.81
CA GLU A 399 -73.02 -47.65 -39.01
C GLU A 399 -72.03 -47.41 -37.89
N LYS A 400 -70.82 -46.98 -38.25
CA LYS A 400 -69.77 -46.67 -37.30
C LYS A 400 -69.08 -45.38 -37.73
N VAL A 401 -68.51 -44.67 -36.76
CA VAL A 401 -67.67 -43.51 -37.03
C VAL A 401 -66.22 -43.89 -36.76
N PHE A 402 -65.37 -43.78 -37.77
CA PHE A 402 -63.98 -44.20 -37.68
C PHE A 402 -63.12 -43.00 -37.31
N VAL A 403 -62.51 -43.05 -36.13
CA VAL A 403 -61.66 -41.98 -35.62
C VAL A 403 -60.27 -42.53 -35.36
N SER A 404 -59.25 -41.83 -35.84
CA SER A 404 -57.87 -42.26 -35.69
C SER A 404 -57.47 -42.27 -34.22
N ASN A 405 -56.53 -43.16 -33.89
CA ASN A 405 -56.03 -43.30 -32.53
C ASN A 405 -54.82 -42.44 -32.24
N GLU A 406 -54.31 -41.71 -33.24
CA GLU A 406 -53.16 -40.85 -33.04
C GLU A 406 -53.56 -39.39 -33.23
N PRO A 407 -53.07 -38.49 -32.40
CA PRO A 407 -53.48 -37.09 -32.50
C PRO A 407 -52.94 -36.41 -33.75
N VAL A 408 -53.64 -35.36 -34.16
CA VAL A 408 -53.28 -34.62 -35.36
C VAL A 408 -51.87 -34.06 -35.18
N LYS A 409 -51.08 -34.15 -36.26
CA LYS A 409 -49.71 -33.67 -36.25
C LYS A 409 -49.57 -32.45 -37.15
N PHE A 410 -48.79 -31.49 -36.67
CA PHE A 410 -48.52 -30.26 -37.41
C PHE A 410 -47.01 -30.20 -37.67
N LYS A 411 -46.50 -29.19 -38.39
CA LYS A 411 -45.08 -29.13 -38.70
C LYS A 411 -44.53 -27.74 -38.42
N GLY A 412 -43.61 -27.65 -37.45
CA GLY A 412 -42.99 -26.40 -37.10
C GLY A 412 -41.60 -26.28 -37.71
N ASN A 413 -41.31 -25.09 -38.23
CA ASN A 413 -40.02 -24.82 -38.85
C ASN A 413 -39.00 -24.27 -37.87
N VAL A 414 -39.40 -23.97 -36.64
CA VAL A 414 -38.51 -23.37 -35.65
C VAL A 414 -38.68 -24.09 -34.32
N SER A 415 -37.56 -24.38 -33.67
CA SER A 415 -37.56 -25.08 -32.39
C SER A 415 -36.36 -24.59 -31.58
N TYR A 416 -36.01 -25.35 -30.54
CA TYR A 416 -34.96 -24.96 -29.62
C TYR A 416 -34.41 -26.20 -28.93
N ASN A 417 -33.49 -25.98 -28.00
CA ASN A 417 -32.88 -27.05 -27.22
C ASN A 417 -32.80 -26.63 -25.76
N ILE A 418 -32.62 -27.62 -24.89
CA ILE A 418 -32.53 -27.37 -23.45
C ILE A 418 -31.37 -26.44 -23.14
N MET B 1 -49.74 -33.40 -40.63
CA MET B 1 -48.60 -32.64 -41.12
C MET B 1 -49.04 -31.30 -41.71
N LYS B 2 -49.51 -30.41 -40.84
CA LYS B 2 -49.99 -29.10 -41.25
C LYS B 2 -48.93 -28.04 -40.96
N GLU B 3 -48.80 -27.09 -41.88
CA GLU B 3 -47.82 -26.01 -41.74
C GLU B 3 -48.14 -25.16 -40.52
N LEU B 4 -47.08 -24.68 -39.86
CA LEU B 4 -47.19 -23.86 -38.67
C LEU B 4 -46.17 -22.75 -38.75
N ILE B 5 -46.63 -21.51 -38.86
CA ILE B 5 -45.76 -20.36 -39.09
C ILE B 5 -45.26 -19.84 -37.75
N TYR B 6 -44.10 -19.18 -37.79
CA TYR B 6 -43.48 -18.59 -36.61
C TYR B 6 -43.30 -17.09 -36.84
N ILE B 7 -43.79 -16.29 -35.91
CA ILE B 7 -43.68 -14.83 -36.00
C ILE B 7 -42.54 -14.36 -35.13
N GLU B 8 -41.73 -13.44 -35.67
CA GLU B 8 -40.59 -12.92 -34.94
C GLU B 8 -41.04 -12.28 -33.62
N GLU B 9 -40.26 -12.51 -32.57
CA GLU B 9 -40.56 -11.98 -31.25
C GLU B 9 -40.52 -10.45 -31.28
N PRO B 10 -41.53 -9.77 -30.74
CA PRO B 10 -41.53 -8.30 -30.78
C PRO B 10 -40.43 -7.70 -29.94
N LYS B 11 -39.96 -6.54 -30.38
CA LYS B 11 -38.95 -5.78 -29.65
C LYS B 11 -39.53 -4.47 -29.15
N ILE B 12 -39.25 -4.16 -27.90
CA ILE B 12 -39.77 -2.96 -27.26
C ILE B 12 -38.64 -1.95 -27.12
N LEU B 13 -38.99 -0.67 -27.24
CA LEU B 13 -38.03 0.41 -27.29
C LEU B 13 -37.72 0.92 -25.89
N PHE B 14 -36.46 1.31 -25.68
CA PHE B 14 -36.03 1.88 -24.40
C PHE B 14 -35.35 3.22 -24.62
N ALA B 15 -34.70 3.74 -23.58
CA ALA B 15 -34.06 5.04 -23.68
C ALA B 15 -32.94 5.03 -24.72
N HIS B 16 -32.65 6.20 -25.28
CA HIS B 16 -31.67 6.41 -26.33
C HIS B 16 -31.97 5.63 -27.60
N GLY B 17 -33.24 5.39 -27.90
CA GLY B 17 -33.61 4.74 -29.15
C GLY B 17 -33.14 3.31 -29.28
N GLN B 18 -32.79 2.65 -28.19
CA GLN B 18 -32.29 1.29 -28.22
C GLN B 18 -33.42 0.29 -28.03
N LYS B 19 -33.37 -0.79 -28.80
CA LYS B 19 -34.39 -1.82 -28.78
C LYS B 19 -33.87 -3.06 -28.08
N CYS B 20 -34.74 -3.71 -27.31
CA CYS B 20 -34.38 -4.93 -26.62
C CYS B 20 -35.62 -5.82 -26.55
N THR B 21 -35.42 -7.12 -26.79
CA THR B 21 -36.54 -8.06 -26.74
C THR B 21 -37.13 -8.15 -25.34
N ASP B 22 -36.27 -8.31 -24.34
CA ASP B 22 -36.73 -8.41 -22.97
C ASP B 22 -37.04 -7.02 -22.42
N ALA B 23 -37.98 -6.98 -21.48
CA ALA B 23 -38.26 -5.76 -20.73
C ALA B 23 -37.35 -5.60 -19.52
N ARG B 24 -37.16 -6.67 -18.75
CA ARG B 24 -36.32 -6.59 -17.56
C ARG B 24 -34.88 -6.26 -17.92
N ASP B 25 -34.29 -7.01 -18.84
CA ASP B 25 -32.90 -6.78 -19.20
C ASP B 25 -32.69 -5.43 -19.87
N GLY B 26 -33.59 -5.07 -20.79
CA GLY B 26 -33.46 -3.77 -21.43
C GLY B 26 -33.59 -2.62 -20.46
N LEU B 27 -34.53 -2.74 -19.51
CA LEU B 27 -34.71 -1.68 -18.52
C LEU B 27 -33.51 -1.59 -17.58
N ALA B 28 -32.94 -2.74 -17.20
CA ALA B 28 -31.86 -2.73 -16.21
C ALA B 28 -30.58 -2.14 -16.77
N LEU B 29 -30.46 -2.07 -18.10
CA LEU B 29 -29.24 -1.58 -18.74
C LEU B 29 -29.46 -0.20 -19.36
N PHE B 30 -30.64 0.06 -19.92
CA PHE B 30 -30.85 1.33 -20.61
C PHE B 30 -31.71 2.31 -19.84
N GLY B 31 -32.54 1.82 -18.92
CA GLY B 31 -33.38 2.69 -18.12
C GLY B 31 -34.61 3.16 -18.86
N PRO B 32 -35.50 3.84 -18.15
CA PRO B 32 -36.73 4.34 -18.77
C PRO B 32 -36.48 5.54 -19.67
N LEU B 33 -37.52 5.89 -20.45
CA LEU B 33 -37.37 6.93 -21.45
C LEU B 33 -37.37 8.33 -20.83
N ASN B 34 -38.24 8.59 -19.87
CA ASN B 34 -38.45 9.94 -19.36
C ASN B 34 -37.72 10.11 -18.04
N ASN B 35 -37.32 11.35 -17.77
CA ASN B 35 -36.59 11.71 -16.56
C ASN B 35 -37.58 12.17 -15.50
N LEU B 36 -37.97 11.24 -14.64
CA LEU B 36 -38.83 11.56 -13.50
C LEU B 36 -37.95 11.77 -12.27
N TYR B 37 -37.71 13.04 -11.96
CA TYR B 37 -36.70 13.44 -11.00
C TYR B 37 -36.79 12.70 -9.68
N GLY B 38 -38.00 12.51 -9.16
CA GLY B 38 -38.16 11.79 -7.91
C GLY B 38 -39.60 11.40 -7.63
N ILE B 39 -39.78 10.37 -6.81
CA ILE B 39 -41.10 9.87 -6.45
C ILE B 39 -41.39 10.31 -5.03
N LYS B 40 -42.19 11.37 -4.88
CA LYS B 40 -42.67 11.82 -3.59
C LYS B 40 -43.77 10.86 -3.16
N SER B 41 -43.48 10.03 -2.16
CA SER B 41 -44.36 8.94 -1.80
C SER B 41 -45.10 9.24 -0.49
N GLY B 42 -46.40 8.98 -0.49
CA GLY B 42 -47.22 9.05 0.70
C GLY B 42 -47.69 7.65 1.06
N VAL B 43 -47.74 7.37 2.35
CA VAL B 43 -48.13 6.05 2.85
C VAL B 43 -49.23 6.23 3.90
N ILE B 44 -50.19 5.30 3.89
CA ILE B 44 -51.26 5.21 4.88
C ILE B 44 -51.08 3.90 5.63
N GLY B 45 -51.28 3.94 6.95
CA GLY B 45 -51.36 2.68 7.67
C GLY B 45 -50.89 2.82 9.11
N THR B 46 -50.89 1.68 9.79
CA THR B 46 -50.49 1.56 11.18
C THR B 46 -48.98 1.65 11.31
N LYS B 47 -48.51 1.88 12.55
CA LYS B 47 -47.09 1.95 12.85
C LYS B 47 -46.37 0.63 12.63
N GLN B 48 -47.05 -0.49 12.92
CA GLN B 48 -46.44 -1.79 12.68
C GLN B 48 -46.21 -2.04 11.20
N GLY B 49 -47.11 -1.54 10.35
CA GLY B 49 -46.98 -1.67 8.92
C GLY B 49 -46.06 -0.68 8.25
N LEU B 50 -45.87 0.50 8.83
CA LEU B 50 -44.94 1.48 8.28
C LEU B 50 -43.49 1.04 8.34
N LYS B 51 -43.08 0.40 9.44
CA LYS B 51 -41.72 -0.12 9.54
C LYS B 51 -41.42 -1.10 8.41
N ILE B 52 -42.41 -1.93 8.06
CA ILE B 52 -42.19 -2.92 7.00
C ILE B 52 -42.01 -2.23 5.65
N PHE B 53 -42.81 -1.19 5.38
CA PHE B 53 -42.63 -0.44 4.15
C PHE B 53 -41.26 0.22 4.10
N ARG B 54 -40.82 0.81 5.22
CA ARG B 54 -39.49 1.41 5.26
C ARG B 54 -38.41 0.37 4.99
N ASP B 55 -38.55 -0.80 5.60
CA ASP B 55 -37.56 -1.86 5.42
C ASP B 55 -37.52 -2.32 3.97
N TYR B 56 -38.68 -2.49 3.33
CA TYR B 56 -38.69 -2.94 1.95
C TYR B 56 -38.13 -1.87 1.01
N LEU B 57 -38.42 -0.61 1.29
CA LEU B 57 -37.85 0.46 0.46
C LEU B 57 -36.34 0.48 0.58
N ASP B 58 -35.83 0.28 1.80
CA ASP B 58 -34.39 0.17 2.00
C ASP B 58 -33.83 -1.04 1.27
N HIS B 59 -34.56 -2.16 1.28
CA HIS B 59 -34.13 -3.35 0.55
C HIS B 59 -33.99 -3.07 -0.94
N ILE B 60 -35.03 -2.51 -1.55
CA ILE B 60 -34.99 -2.27 -2.99
C ILE B 60 -34.08 -1.11 -3.34
N GLN B 61 -33.63 -0.33 -2.36
CA GLN B 61 -32.54 0.60 -2.62
C GLN B 61 -31.27 -0.15 -2.99
N LYS B 62 -31.00 -1.25 -2.30
CA LYS B 62 -29.86 -2.11 -2.58
C LYS B 62 -30.23 -3.17 -3.60
N PRO B 63 -29.24 -3.67 -4.35
CA PRO B 63 -29.54 -4.73 -5.32
C PRO B 63 -29.97 -6.01 -4.65
N ILE B 64 -30.82 -6.77 -5.36
CA ILE B 64 -31.31 -8.05 -4.89
C ILE B 64 -31.16 -9.06 -6.03
N TYR B 65 -31.06 -10.34 -5.65
CA TYR B 65 -30.72 -11.41 -6.57
C TYR B 65 -31.79 -12.50 -6.52
N ASN B 66 -32.06 -13.13 -7.66
CA ASN B 66 -32.90 -14.31 -7.69
C ASN B 66 -32.04 -15.57 -7.59
N SER B 67 -32.73 -16.72 -7.57
CA SER B 67 -32.02 -17.99 -7.47
C SER B 67 -31.15 -18.23 -8.70
N ASN B 68 -31.70 -18.03 -9.89
CA ASN B 68 -30.98 -18.18 -11.14
C ASN B 68 -31.18 -16.91 -11.95
N SER B 69 -30.07 -16.25 -12.31
CA SER B 69 -30.15 -14.99 -13.04
C SER B 69 -30.68 -15.16 -14.46
N ILE B 70 -30.44 -16.29 -15.11
CA ILE B 70 -30.88 -16.46 -16.49
C ILE B 70 -32.39 -16.52 -16.58
N THR B 71 -33.03 -17.33 -15.73
CA THR B 71 -34.49 -17.42 -15.78
C THR B 71 -35.15 -16.17 -15.23
N ARG B 72 -34.55 -15.55 -14.22
CA ARG B 72 -35.08 -14.29 -13.70
C ARG B 72 -33.93 -13.32 -13.45
N PRO B 73 -33.86 -12.22 -14.21
CA PRO B 73 -32.73 -11.31 -14.09
C PRO B 73 -32.62 -10.64 -12.72
N MET B 74 -31.39 -10.32 -12.32
CA MET B 74 -31.15 -9.66 -11.05
C MET B 74 -31.66 -8.22 -11.07
N PHE B 75 -31.92 -7.70 -9.89
CA PHE B 75 -32.40 -6.33 -9.75
C PHE B 75 -31.28 -5.41 -9.25
N PRO B 76 -30.77 -4.51 -10.09
CA PRO B 76 -29.62 -3.70 -9.70
C PRO B 76 -29.90 -2.62 -8.67
N GLY B 77 -31.15 -2.43 -8.26
CA GLY B 77 -31.49 -1.33 -7.38
C GLY B 77 -32.39 -0.32 -8.06
N PHE B 78 -33.23 0.36 -7.29
CA PHE B 78 -34.25 1.23 -7.87
C PHE B 78 -33.61 2.36 -8.67
N GLU B 79 -32.70 3.11 -8.04
CA GLU B 79 -32.05 4.22 -8.73
C GLU B 79 -31.11 3.72 -9.82
N ALA B 80 -30.64 2.47 -9.72
CA ALA B 80 -29.78 1.93 -10.75
C ALA B 80 -30.53 1.75 -12.06
N VAL B 81 -31.74 1.19 -12.01
CA VAL B 81 -32.51 0.95 -13.23
C VAL B 81 -33.23 2.21 -13.69
N PHE B 82 -33.85 2.93 -12.75
CA PHE B 82 -34.80 3.99 -13.11
C PHE B 82 -34.19 5.38 -13.05
N ASP B 83 -32.90 5.49 -12.73
CA ASP B 83 -32.14 6.73 -12.61
C ASP B 83 -32.94 7.84 -11.94
N CYS B 84 -33.79 7.46 -10.98
CA CYS B 84 -34.69 8.39 -10.31
C CYS B 84 -34.68 8.09 -8.82
N LYS B 85 -34.81 9.15 -8.02
CA LYS B 85 -34.62 9.04 -6.58
C LYS B 85 -35.93 8.62 -5.92
N TRP B 86 -35.86 7.56 -5.12
CA TRP B 86 -36.99 7.09 -4.31
C TRP B 86 -36.44 6.51 -3.02
N GLU B 87 -36.38 7.34 -1.98
CA GLU B 87 -35.77 6.97 -0.70
C GLU B 87 -36.86 6.84 0.37
N SER B 88 -36.47 6.28 1.51
CA SER B 88 -37.37 6.20 2.65
C SER B 88 -37.54 7.54 3.36
N THR B 89 -36.66 8.50 3.09
CA THR B 89 -36.79 9.85 3.64
C THR B 89 -37.65 10.67 2.71
N GLY B 90 -38.58 11.42 3.29
CA GLY B 90 -39.52 12.21 2.52
C GLY B 90 -40.85 11.56 2.27
N ILE B 91 -41.14 10.42 2.90
CA ILE B 91 -42.45 9.79 2.77
C ILE B 91 -43.41 10.50 3.71
N THR B 92 -44.58 10.88 3.19
CA THR B 92 -45.59 11.51 4.02
C THR B 92 -46.49 10.43 4.61
N PHE B 93 -46.44 10.27 5.93
CA PHE B 93 -47.08 9.15 6.62
C PHE B 93 -48.37 9.63 7.26
N LYS B 94 -49.45 8.87 7.04
CA LYS B 94 -50.74 9.13 7.68
C LYS B 94 -51.16 7.89 8.44
N GLU B 95 -51.71 8.11 9.63
CA GLU B 95 -51.93 7.06 10.62
C GLU B 95 -53.28 6.39 10.44
N VAL B 96 -53.31 5.09 10.67
CA VAL B 96 -54.54 4.31 10.80
C VAL B 96 -54.37 3.46 12.04
N THR B 97 -55.02 3.86 13.13
CA THR B 97 -54.87 3.17 14.40
C THR B 97 -55.48 1.77 14.34
N ASN B 98 -54.89 0.86 15.12
CA ASN B 98 -55.38 -0.51 15.15
C ASN B 98 -56.78 -0.59 15.73
N GLU B 99 -57.10 0.27 16.69
CA GLU B 99 -58.45 0.28 17.25
C GLU B 99 -59.48 0.66 16.19
N ASP B 100 -59.14 1.63 15.33
CA ASP B 100 -60.05 2.02 14.26
C ASP B 100 -60.31 0.86 13.30
N ILE B 101 -59.25 0.15 12.90
CA ILE B 101 -59.42 -0.95 11.96
C ILE B 101 -60.11 -2.16 12.58
N GLY B 102 -59.93 -2.39 13.88
CA GLY B 102 -60.59 -3.51 14.53
C GLY B 102 -62.02 -3.21 14.91
N LYS B 103 -62.34 -1.92 15.03
CA LYS B 103 -63.71 -1.52 15.34
C LYS B 103 -64.66 -1.88 14.20
N PHE B 104 -64.23 -1.69 12.96
CA PHE B 104 -65.10 -1.86 11.80
C PHE B 104 -64.99 -3.27 11.20
N LEU B 105 -63.78 -3.84 11.23
CA LEU B 105 -63.52 -5.12 10.59
C LEU B 105 -64.39 -6.24 11.15
N TYR B 106 -64.53 -6.29 12.47
CA TYR B 106 -65.30 -7.35 13.11
C TYR B 106 -66.79 -7.06 13.05
N ASN B 107 -67.33 -6.97 11.84
CA ASN B 107 -68.75 -6.75 11.62
C ASN B 107 -69.36 -7.92 10.85
N SER B 108 -70.61 -8.24 11.19
CA SER B 108 -71.28 -9.36 10.54
C SER B 108 -71.56 -9.09 9.08
N SER B 109 -71.94 -7.86 8.74
CA SER B 109 -72.29 -7.50 7.36
C SER B 109 -71.00 -7.24 6.59
N THR B 110 -70.72 -8.09 5.60
CA THR B 110 -69.52 -7.92 4.80
C THR B 110 -69.54 -6.62 4.01
N HIS B 111 -70.69 -6.28 3.42
CA HIS B 111 -70.79 -5.04 2.66
C HIS B 111 -70.55 -3.83 3.55
N LYS B 112 -71.16 -3.81 4.73
CA LYS B 112 -71.01 -2.68 5.63
C LYS B 112 -69.57 -2.55 6.13
N ARG B 113 -68.95 -3.68 6.52
CA ARG B 113 -67.59 -3.59 7.03
C ARG B 113 -66.60 -3.19 5.94
N THR B 114 -66.79 -3.70 4.72
CA THR B 114 -65.87 -3.30 3.65
C THR B 114 -66.07 -1.84 3.27
N TYR B 115 -67.32 -1.37 3.29
CA TYR B 115 -67.56 0.05 3.02
C TYR B 115 -66.89 0.91 4.09
N ASP B 116 -66.99 0.50 5.36
CA ASP B 116 -66.35 1.26 6.43
C ASP B 116 -64.83 1.26 6.29
N LEU B 117 -64.25 0.11 5.95
CA LEU B 117 -62.79 0.05 5.82
C LEU B 117 -62.31 0.90 4.65
N VAL B 118 -63.01 0.87 3.52
CA VAL B 118 -62.64 1.77 2.43
C VAL B 118 -62.81 3.22 2.83
N SER B 119 -63.89 3.54 3.54
CA SER B 119 -64.13 4.92 3.95
C SER B 119 -63.03 5.42 4.88
N LEU B 120 -62.58 4.57 5.80
CA LEU B 120 -61.55 4.99 6.75
C LEU B 120 -60.28 5.41 6.02
N PHE B 121 -59.83 4.62 5.05
CA PHE B 121 -58.64 5.00 4.30
C PHE B 121 -58.89 6.19 3.39
N ILE B 122 -60.03 6.20 2.70
CA ILE B 122 -60.26 7.22 1.68
C ILE B 122 -60.42 8.59 2.31
N ASP B 123 -61.03 8.66 3.50
CA ASP B 123 -61.18 9.95 4.17
C ASP B 123 -59.80 10.54 4.46
N LYS B 124 -58.89 9.72 4.98
CA LYS B 124 -57.56 10.24 5.32
C LYS B 124 -56.76 10.57 4.06
N ILE B 125 -56.90 9.77 3.01
CA ILE B 125 -56.20 10.08 1.77
C ILE B 125 -56.67 11.39 1.18
N ILE B 126 -57.99 11.60 1.14
CA ILE B 126 -58.53 12.84 0.60
C ILE B 126 -58.13 14.01 1.48
N SER B 127 -58.16 13.83 2.80
CA SER B 127 -57.80 14.93 3.71
C SER B 127 -56.32 15.30 3.55
N ALA B 128 -55.45 14.31 3.36
CA ALA B 128 -54.05 14.61 3.13
C ALA B 128 -53.84 15.28 1.77
N ASN B 129 -54.58 14.84 0.76
CA ASN B 129 -54.46 15.45 -0.56
C ASN B 129 -54.91 16.90 -0.55
N LYS B 130 -55.98 17.21 0.19
CA LYS B 130 -56.59 18.53 0.17
C LYS B 130 -56.00 19.50 1.18
N ASN B 131 -55.60 19.03 2.36
CA ASN B 131 -55.32 19.88 3.51
C ASN B 131 -53.88 19.80 3.99
N GLU B 132 -52.95 19.39 3.12
CA GLU B 132 -51.56 19.26 3.53
C GLU B 132 -50.66 19.85 2.46
N ASP B 133 -49.58 20.50 2.92
CA ASP B 133 -48.66 21.14 1.98
C ASP B 133 -47.80 20.12 1.27
N GLU B 134 -47.65 18.93 1.86
CA GLU B 134 -46.82 17.89 1.24
C GLU B 134 -47.48 17.38 -0.03
N ASN B 135 -46.66 17.23 -1.07
CA ASN B 135 -47.10 16.68 -2.34
C ASN B 135 -46.59 15.25 -2.45
N VAL B 136 -47.49 14.31 -2.73
CA VAL B 136 -47.17 12.89 -2.80
C VAL B 136 -47.67 12.37 -4.15
N ASP B 137 -46.79 11.71 -4.89
CA ASP B 137 -47.13 11.19 -6.21
C ASP B 137 -48.05 9.99 -6.12
N VAL B 138 -47.74 9.06 -5.22
CA VAL B 138 -48.47 7.80 -5.12
C VAL B 138 -48.72 7.48 -3.65
N TRP B 139 -49.90 6.97 -3.36
CA TRP B 139 -50.35 6.68 -2.00
C TRP B 139 -50.33 5.18 -1.80
N PHE B 140 -49.25 4.65 -1.23
CA PHE B 140 -49.14 3.22 -1.02
C PHE B 140 -50.00 2.79 0.16
N VAL B 141 -51.10 2.10 -0.14
CA VAL B 141 -52.09 1.74 0.87
C VAL B 141 -51.76 0.39 1.49
N ILE B 142 -51.02 0.41 2.59
CA ILE B 142 -50.68 -0.83 3.28
C ILE B 142 -51.92 -1.32 4.00
N VAL B 143 -52.40 -2.50 3.63
CA VAL B 143 -53.53 -3.12 4.32
C VAL B 143 -53.03 -4.34 5.06
N PRO B 144 -53.53 -4.62 6.27
CA PRO B 144 -53.09 -5.82 6.98
C PRO B 144 -53.60 -7.10 6.33
N ASP B 145 -53.33 -8.25 6.96
CA ASP B 145 -53.86 -9.51 6.47
C ASP B 145 -55.28 -9.79 6.92
N GLU B 146 -55.67 -9.33 8.12
CA GLU B 146 -57.04 -9.55 8.58
C GLU B 146 -58.05 -8.89 7.65
N ILE B 147 -57.75 -7.67 7.20
CA ILE B 147 -58.61 -7.02 6.20
C ILE B 147 -58.63 -7.83 4.91
N TYR B 148 -57.48 -8.42 4.54
CA TYR B 148 -57.43 -9.26 3.36
C TYR B 148 -58.29 -10.50 3.51
N LYS B 149 -58.27 -11.13 4.69
CA LYS B 149 -59.05 -12.35 4.88
C LYS B 149 -60.54 -12.06 4.99
N TYR B 150 -60.91 -10.91 5.56
CA TYR B 150 -62.31 -10.68 5.91
C TYR B 150 -62.91 -9.43 5.28
N CYS B 151 -62.48 -9.04 4.08
CA CYS B 151 -63.09 -7.92 3.37
C CYS B 151 -63.24 -8.17 1.88
N ARG B 152 -63.68 -9.35 1.47
CA ARG B 152 -63.99 -9.62 0.07
C ARG B 152 -65.31 -10.38 0.00
N PRO B 153 -65.93 -10.46 -1.20
CA PRO B 153 -67.15 -11.26 -1.34
C PRO B 153 -66.95 -12.69 -0.84
N ASN B 154 -68.01 -13.30 -0.31
CA ASN B 154 -67.99 -14.69 0.16
C ASN B 154 -67.00 -14.90 1.30
N SER B 155 -66.69 -13.83 2.04
CA SER B 155 -65.78 -13.93 3.18
C SER B 155 -66.61 -14.14 4.44
N VAL B 156 -66.38 -15.26 5.12
CA VAL B 156 -67.13 -15.61 6.32
C VAL B 156 -66.29 -15.24 7.53
N LEU B 157 -66.79 -14.31 8.33
CA LEU B 157 -66.13 -13.95 9.58
C LEU B 157 -66.41 -15.03 10.62
N PRO B 158 -65.38 -15.62 11.24
CA PRO B 158 -65.63 -16.66 12.25
C PRO B 158 -66.46 -16.13 13.42
N LYS B 159 -67.32 -17.00 13.93
CA LYS B 159 -68.30 -16.64 14.97
C LYS B 159 -67.65 -16.10 16.22
N GLU B 160 -66.41 -16.52 16.50
CA GLU B 160 -65.73 -16.14 17.72
C GLU B 160 -65.32 -14.67 17.76
N MET B 161 -65.01 -14.06 16.63
CA MET B 161 -64.52 -12.69 16.59
C MET B 161 -65.52 -11.69 16.02
N VAL B 162 -66.75 -12.11 15.69
CA VAL B 162 -67.77 -11.18 15.22
C VAL B 162 -68.23 -10.36 16.42
N GLN B 163 -67.99 -9.05 16.37
CA GLN B 163 -68.34 -8.16 17.48
C GLN B 163 -69.61 -7.36 17.25
N THR B 164 -69.90 -7.00 16.00
CA THR B 164 -71.11 -6.26 15.69
C THR B 164 -71.96 -6.99 14.66
N THR B 199 -74.30 1.03 2.02
CA THR B 199 -73.15 0.12 2.12
C THR B 199 -73.32 -1.07 1.19
N TYR B 200 -74.58 -1.52 1.02
CA TYR B 200 -74.87 -2.66 0.18
C TYR B 200 -74.87 -2.32 -1.31
N ASN B 201 -74.74 -1.05 -1.67
CA ASN B 201 -74.63 -0.63 -3.05
C ASN B 201 -73.21 -0.73 -3.58
N TYR B 202 -72.26 -1.15 -2.74
CA TYR B 202 -70.86 -1.25 -3.10
C TYR B 202 -70.41 -2.70 -2.92
N ASP B 203 -69.51 -3.14 -3.79
CA ASP B 203 -69.00 -4.50 -3.76
C ASP B 203 -68.18 -4.73 -2.49
N ALA B 204 -68.21 -5.98 -2.03
CA ALA B 204 -67.42 -6.36 -0.87
C ALA B 204 -65.92 -6.39 -1.15
N GLN B 205 -65.52 -6.23 -2.41
CA GLN B 205 -64.11 -6.22 -2.78
C GLN B 205 -63.48 -4.91 -2.33
N PHE B 206 -62.44 -5.01 -1.49
CA PHE B 206 -61.78 -3.80 -1.00
C PHE B 206 -61.09 -3.06 -2.12
N HIS B 207 -60.38 -3.78 -2.99
CA HIS B 207 -59.57 -3.15 -4.02
C HIS B 207 -60.45 -2.42 -5.03
N ASP B 208 -61.51 -3.07 -5.50
CA ASP B 208 -62.34 -2.47 -6.54
C ASP B 208 -63.03 -1.22 -6.03
N GLN B 209 -63.70 -1.32 -4.88
CA GLN B 209 -64.35 -0.14 -4.30
C GLN B 209 -63.35 0.96 -4.01
N PHE B 210 -62.18 0.58 -3.47
CA PHE B 210 -61.17 1.57 -3.11
C PHE B 210 -60.72 2.37 -4.32
N LYS B 211 -60.37 1.68 -5.41
CA LYS B 211 -59.93 2.40 -6.59
C LYS B 211 -61.09 3.09 -7.31
N ALA B 212 -62.31 2.63 -7.08
CA ALA B 212 -63.46 3.28 -7.70
C ALA B 212 -63.77 4.63 -7.06
N ARG B 213 -63.78 4.70 -5.73
CA ARG B 213 -64.19 5.92 -5.05
C ARG B 213 -63.15 7.03 -5.10
N LEU B 214 -61.91 6.72 -5.43
CA LEU B 214 -60.86 7.73 -5.60
C LEU B 214 -60.83 8.31 -7.00
N LEU B 215 -61.78 7.95 -7.86
CA LEU B 215 -61.71 8.35 -9.26
C LEU B 215 -61.93 9.85 -9.41
N LYS B 216 -62.82 10.44 -8.62
CA LYS B 216 -63.13 11.85 -8.75
C LYS B 216 -61.93 12.74 -8.43
N HIS B 217 -61.10 12.33 -7.48
CA HIS B 217 -59.98 13.16 -7.03
C HIS B 217 -58.70 12.95 -7.84
N THR B 218 -58.66 11.93 -8.69
CA THR B 218 -57.50 11.64 -9.53
C THR B 218 -56.23 11.52 -8.70
N ILE B 219 -56.23 10.52 -7.81
CA ILE B 219 -55.11 10.27 -6.90
C ILE B 219 -54.51 8.91 -7.25
N PRO B 220 -53.31 8.85 -7.81
CA PRO B 220 -52.68 7.55 -8.12
C PRO B 220 -52.33 6.81 -6.84
N THR B 221 -52.83 5.58 -6.71
CA THR B 221 -52.63 4.79 -5.51
C THR B 221 -52.28 3.36 -5.89
N GLN B 222 -51.68 2.64 -4.93
CA GLN B 222 -51.33 1.24 -5.11
C GLN B 222 -51.47 0.56 -3.74
N ILE B 223 -52.22 -0.53 -3.69
CA ILE B 223 -52.48 -1.23 -2.44
C ILE B 223 -51.40 -2.30 -2.22
N PHE B 224 -50.96 -2.45 -0.97
CA PHE B 224 -49.93 -3.41 -0.62
C PHE B 224 -50.41 -4.31 0.51
N ARG B 225 -50.30 -5.62 0.31
CA ARG B 225 -50.42 -6.55 1.44
C ARG B 225 -49.18 -6.47 2.32
N GLU B 226 -49.39 -6.65 3.62
CA GLU B 226 -48.25 -6.75 4.53
C GLU B 226 -47.44 -8.01 4.25
N SER B 227 -48.07 -9.01 3.64
CA SER B 227 -47.36 -10.22 3.22
C SER B 227 -46.57 -9.97 1.94
N THR B 228 -47.08 -9.13 1.05
CA THR B 228 -46.37 -8.75 -0.17
C THR B 228 -45.12 -7.97 0.19
N LEU B 229 -45.18 -7.32 1.35
CA LEU B 229 -44.04 -6.68 2.00
C LEU B 229 -43.20 -7.78 2.66
N ALA B 230 -42.41 -7.44 3.67
CA ALA B 230 -41.40 -8.37 4.16
C ALA B 230 -42.07 -9.60 4.76
N TRP B 231 -42.37 -10.55 3.88
CA TRP B 231 -43.18 -11.73 4.20
C TRP B 231 -42.55 -12.61 5.27
N ARG B 232 -41.24 -12.50 5.50
CA ARG B 232 -40.56 -13.44 6.38
C ARG B 232 -41.13 -13.41 7.79
N ASP B 233 -41.81 -12.31 8.15
CA ASP B 233 -42.50 -12.27 9.44
C ASP B 233 -43.68 -13.24 9.47
N PHE B 234 -44.47 -13.27 8.40
CA PHE B 234 -45.68 -14.09 8.35
C PHE B 234 -45.29 -15.53 8.02
N LYS B 235 -45.64 -16.45 8.91
CA LYS B 235 -45.24 -17.85 8.81
C LYS B 235 -46.45 -18.75 9.09
N ASN B 236 -46.40 -19.97 8.56
CA ASN B 236 -47.45 -20.93 8.81
C ASN B 236 -47.11 -21.79 10.03
N ALA B 237 -47.89 -22.86 10.22
CA ALA B 237 -47.64 -23.78 11.33
C ALA B 237 -46.30 -24.49 11.16
N PHE B 238 -45.95 -24.86 9.92
CA PHE B 238 -44.69 -25.54 9.67
C PHE B 238 -43.50 -24.64 10.00
N GLY B 239 -43.71 -23.32 10.00
CA GLY B 239 -42.67 -22.37 10.31
C GLY B 239 -42.07 -21.66 9.11
N LEU B 240 -42.16 -22.25 7.92
CA LEU B 240 -41.75 -21.55 6.72
C LEU B 240 -42.78 -20.47 6.37
N PRO B 241 -42.36 -19.38 5.73
CA PRO B 241 -43.31 -18.31 5.40
C PRO B 241 -44.43 -18.83 4.52
N ILE B 242 -45.65 -18.34 4.79
CA ILE B 242 -46.80 -18.77 4.01
C ILE B 242 -46.61 -18.43 2.54
N ARG B 243 -46.19 -17.20 2.25
CA ARG B 243 -45.85 -16.77 0.90
C ARG B 243 -44.33 -16.73 0.70
N ASP B 244 -43.68 -17.89 0.72
CA ASP B 244 -42.23 -17.92 0.62
C ASP B 244 -41.77 -17.42 -0.75
N PHE B 245 -41.06 -16.29 -0.75
CA PHE B 245 -40.56 -15.64 -1.95
C PHE B 245 -39.04 -15.58 -1.96
N SER B 246 -38.40 -16.64 -1.45
CA SER B 246 -36.94 -16.63 -1.36
C SER B 246 -36.30 -16.53 -2.73
N LYS B 247 -36.77 -17.33 -3.69
CA LYS B 247 -36.14 -17.35 -5.01
C LYS B 247 -36.67 -16.25 -5.91
N ILE B 248 -37.79 -15.62 -5.54
CA ILE B 248 -38.50 -14.72 -6.44
C ILE B 248 -38.43 -13.31 -5.90
N GLU B 249 -37.44 -13.03 -5.05
CA GLU B 249 -37.28 -11.68 -4.52
C GLU B 249 -36.98 -10.68 -5.62
N GLY B 250 -36.10 -11.04 -6.56
CA GLY B 250 -35.74 -10.10 -7.61
C GLY B 250 -36.91 -9.73 -8.49
N HIS B 251 -37.70 -10.73 -8.91
CA HIS B 251 -38.84 -10.43 -9.76
C HIS B 251 -39.95 -9.73 -8.98
N LEU B 252 -40.06 -10.02 -7.69
CA LEU B 252 -40.98 -9.26 -6.85
C LEU B 252 -40.61 -7.79 -6.83
N ALA B 253 -39.32 -7.50 -6.67
CA ALA B 253 -38.85 -6.12 -6.74
C ALA B 253 -39.10 -5.52 -8.12
N TRP B 254 -38.91 -6.30 -9.18
CA TRP B 254 -39.20 -5.80 -10.52
C TRP B 254 -40.67 -5.43 -10.68
N THR B 255 -41.58 -6.27 -10.19
CA THR B 255 -43.00 -6.02 -10.34
C THR B 255 -43.53 -4.94 -9.41
N ILE B 256 -42.82 -4.64 -8.33
CA ILE B 256 -43.23 -3.53 -7.46
C ILE B 256 -42.65 -2.22 -7.96
N SER B 257 -41.36 -2.22 -8.30
CA SER B 257 -40.69 -1.00 -8.77
C SER B 257 -41.32 -0.48 -10.05
N THR B 258 -41.62 -1.36 -11.00
CA THR B 258 -42.19 -0.91 -12.26
C THR B 258 -43.57 -0.31 -12.06
N ALA B 259 -44.39 -0.95 -11.21
CA ALA B 259 -45.70 -0.39 -10.91
C ALA B 259 -45.60 0.96 -10.24
N ALA B 260 -44.67 1.10 -9.29
CA ALA B 260 -44.49 2.39 -8.62
C ALA B 260 -44.03 3.45 -9.60
N PHE B 261 -43.11 3.11 -10.51
CA PHE B 261 -42.63 4.07 -11.48
C PHE B 261 -43.73 4.49 -12.44
N TYR B 262 -44.53 3.54 -12.92
CA TYR B 262 -45.61 3.90 -13.83
C TYR B 262 -46.65 4.77 -13.13
N LYS B 263 -47.02 4.42 -11.90
CA LYS B 263 -48.03 5.20 -11.19
C LYS B 263 -47.56 6.61 -10.88
N ALA B 264 -46.25 6.86 -10.88
CA ALA B 264 -45.73 8.20 -10.63
C ALA B 264 -45.65 9.05 -11.88
N GLY B 265 -45.92 8.47 -13.05
CA GLY B 265 -45.89 9.24 -14.28
C GLY B 265 -44.71 8.90 -15.16
N GLY B 266 -44.25 7.66 -15.09
CA GLY B 266 -43.10 7.21 -15.86
C GLY B 266 -43.51 6.41 -17.09
N LYS B 267 -42.58 6.30 -18.04
CA LYS B 267 -42.78 5.51 -19.25
C LYS B 267 -41.68 4.47 -19.33
N PRO B 268 -41.81 3.32 -18.67
CA PRO B 268 -40.72 2.33 -18.66
C PRO B 268 -40.31 1.86 -20.05
N TRP B 269 -41.27 1.50 -20.90
CA TRP B 269 -40.98 1.04 -22.25
C TRP B 269 -42.16 1.35 -23.15
N LYS B 270 -41.96 1.13 -24.46
CA LYS B 270 -42.99 1.33 -25.46
C LYS B 270 -42.80 0.31 -26.57
N LEU B 271 -43.70 0.34 -27.54
CA LEU B 271 -43.57 -0.50 -28.73
C LEU B 271 -42.85 0.26 -29.84
N SER B 272 -42.32 -0.51 -30.80
CA SER B 272 -41.55 0.06 -31.89
C SER B 272 -42.04 -0.34 -33.28
N ASP B 273 -42.66 -1.51 -33.42
CA ASP B 273 -43.06 -2.03 -34.72
C ASP B 273 -44.50 -1.65 -35.09
N VAL B 274 -45.19 -0.93 -34.23
CA VAL B 274 -46.58 -0.56 -34.51
C VAL B 274 -46.61 0.47 -35.64
N ARG B 275 -47.49 0.25 -36.61
CA ARG B 275 -47.55 1.10 -37.79
C ARG B 275 -48.30 2.39 -37.51
N ASN B 276 -47.98 3.42 -38.29
CA ASN B 276 -48.65 4.69 -38.18
C ASN B 276 -50.10 4.57 -38.63
N GLY B 277 -50.98 5.35 -37.99
CA GLY B 277 -52.38 5.36 -38.35
C GLY B 277 -53.17 4.18 -37.87
N VAL B 278 -52.66 3.42 -36.90
CA VAL B 278 -53.31 2.20 -36.42
C VAL B 278 -53.72 2.41 -34.97
N CYS B 279 -54.99 2.73 -34.76
CA CYS B 279 -55.60 2.70 -33.44
C CYS B 279 -56.14 1.29 -33.20
N TYR B 280 -56.23 0.87 -31.94
CA TYR B 280 -56.62 -0.51 -31.72
C TYR B 280 -57.98 -0.63 -31.05
N LEU B 281 -58.13 -0.07 -29.83
CA LEU B 281 -59.39 -0.10 -29.10
C LEU B 281 -59.78 -1.53 -28.69
N GLY B 282 -60.07 -1.73 -27.41
CA GLY B 282 -60.45 -3.06 -26.95
C GLY B 282 -61.65 -3.06 -26.03
N LEU B 283 -62.72 -3.73 -26.45
CA LEU B 283 -63.95 -3.77 -25.66
C LEU B 283 -63.97 -5.00 -24.76
N VAL B 284 -64.57 -4.86 -23.59
CA VAL B 284 -64.84 -6.00 -22.72
C VAL B 284 -66.09 -5.71 -21.90
N TYR B 285 -66.86 -6.76 -21.62
CA TYR B 285 -68.13 -6.67 -20.93
C TYR B 285 -67.98 -7.25 -19.54
N LYS B 286 -68.43 -6.53 -18.52
CA LYS B 286 -68.44 -6.99 -17.14
C LYS B 286 -69.84 -6.89 -16.57
N LYS B 287 -70.08 -7.66 -15.51
CA LYS B 287 -71.40 -7.73 -14.91
C LYS B 287 -71.51 -6.78 -13.72
N VAL B 288 -72.67 -6.13 -13.61
CA VAL B 288 -72.98 -5.23 -12.50
C VAL B 288 -74.11 -5.86 -11.70
N GLU B 289 -73.86 -6.07 -10.40
CA GLU B 289 -74.80 -6.80 -9.56
C GLU B 289 -75.76 -5.89 -8.81
N LYS B 290 -75.37 -4.65 -8.53
CA LYS B 290 -76.15 -3.80 -7.63
C LYS B 290 -77.52 -3.49 -8.22
N SER B 291 -77.55 -3.00 -9.45
CA SER B 291 -78.81 -2.63 -10.07
C SER B 291 -79.52 -3.88 -10.61
N LYS B 292 -80.84 -3.89 -10.49
CA LYS B 292 -81.62 -4.98 -11.08
C LYS B 292 -81.38 -5.01 -12.58
N ASN B 293 -81.24 -6.24 -13.11
CA ASN B 293 -80.72 -6.56 -14.44
C ASN B 293 -79.22 -6.30 -14.40
N PRO B 294 -78.40 -7.31 -14.74
CA PRO B 294 -76.94 -7.11 -14.63
C PRO B 294 -76.41 -5.94 -15.43
N ARG B 295 -77.08 -5.62 -16.55
CA ARG B 295 -76.86 -4.37 -17.28
C ARG B 295 -75.49 -4.34 -17.96
N ASN B 296 -74.67 -5.37 -17.74
CA ASN B 296 -73.52 -5.71 -18.56
C ASN B 296 -72.69 -4.51 -19.02
N ALA B 297 -72.08 -3.80 -18.08
CA ALA B 297 -71.30 -2.61 -18.41
C ALA B 297 -70.17 -2.96 -19.38
N CYS B 298 -70.08 -2.20 -20.46
CA CYS B 298 -69.07 -2.40 -21.50
C CYS B 298 -68.04 -1.28 -21.41
N CYS B 299 -66.76 -1.64 -21.41
CA CYS B 299 -65.68 -0.67 -21.23
C CYS B 299 -64.55 -0.96 -22.22
N ALA B 300 -63.82 0.10 -22.56
CA ALA B 300 -62.84 0.06 -23.64
C ALA B 300 -61.54 0.73 -23.23
N ALA B 301 -60.44 0.23 -23.79
CA ALA B 301 -59.11 0.79 -23.62
C ALA B 301 -58.48 0.98 -24.99
N GLN B 302 -57.96 2.18 -25.26
CA GLN B 302 -57.54 2.57 -26.59
C GLN B 302 -56.03 2.79 -26.64
N MET B 303 -55.38 2.17 -27.61
CA MET B 303 -53.94 2.29 -27.83
C MET B 303 -53.71 2.77 -29.25
N PHE B 304 -52.81 3.73 -29.42
CA PHE B 304 -52.48 4.25 -30.74
C PHE B 304 -51.19 5.05 -30.68
N LEU B 305 -50.87 5.70 -31.80
CA LEU B 305 -49.66 6.48 -31.93
C LEU B 305 -49.94 7.97 -31.78
N ASP B 306 -48.89 8.73 -31.52
CA ASP B 306 -49.00 10.17 -31.37
C ASP B 306 -48.09 10.85 -32.38
N ASN B 307 -48.38 12.11 -32.66
CA ASN B 307 -47.53 12.89 -33.54
C ASN B 307 -46.10 12.88 -33.00
N GLY B 308 -45.19 12.31 -33.78
CA GLY B 308 -43.86 12.03 -33.30
C GLY B 308 -43.56 10.54 -33.33
N ASP B 309 -43.11 10.03 -32.19
CA ASP B 309 -42.75 8.62 -32.08
C ASP B 309 -43.23 7.98 -30.79
N GLY B 310 -43.84 8.73 -29.87
CA GLY B 310 -44.28 8.16 -28.61
C GLY B 310 -45.64 7.50 -28.73
N THR B 311 -45.77 6.34 -28.09
CA THR B 311 -47.05 5.64 -28.09
C THR B 311 -47.96 6.18 -26.99
N VAL B 312 -49.26 6.17 -27.25
CA VAL B 312 -50.26 6.62 -26.28
C VAL B 312 -51.19 5.44 -26.01
N PHE B 313 -51.21 5.00 -24.75
CA PHE B 313 -51.97 3.83 -24.32
C PHE B 313 -52.81 4.24 -23.11
N LYS B 314 -54.01 4.75 -23.38
CA LYS B 314 -54.92 5.21 -22.35
C LYS B 314 -56.22 4.42 -22.40
N GLY B 315 -57.11 4.76 -21.49
CA GLY B 315 -58.45 4.22 -21.55
C GLY B 315 -59.37 5.07 -22.41
N GLU B 316 -60.32 4.41 -23.04
CA GLU B 316 -61.38 5.07 -23.79
C GLU B 316 -62.70 4.71 -23.09
N VAL B 317 -63.04 5.49 -22.07
CA VAL B 317 -64.02 5.09 -21.07
C VAL B 317 -65.21 6.05 -21.13
N GLY B 318 -66.32 5.56 -21.66
CA GLY B 318 -67.57 6.27 -21.68
C GLY B 318 -68.70 5.36 -21.20
N PRO B 319 -68.44 4.57 -20.14
CA PRO B 319 -69.06 3.25 -19.99
C PRO B 319 -70.51 3.14 -20.44
N TRP B 320 -70.74 2.25 -21.41
CA TRP B 320 -72.05 2.10 -22.03
C TRP B 320 -72.69 0.82 -21.52
N TYR B 321 -73.67 0.97 -20.64
CA TYR B 321 -74.33 -0.17 -20.04
C TYR B 321 -75.29 -0.82 -21.03
N ASN B 322 -75.38 -2.14 -20.97
CA ASN B 322 -76.18 -2.92 -21.92
C ASN B 322 -77.19 -3.77 -21.18
N PRO B 323 -78.49 -3.50 -21.32
CA PRO B 323 -79.50 -4.33 -20.66
C PRO B 323 -79.49 -5.75 -21.21
N LYS B 324 -80.42 -6.56 -20.66
CA LYS B 324 -80.56 -8.01 -20.89
C LYS B 324 -79.58 -8.76 -20.01
N ASN B 325 -79.96 -9.96 -19.56
CA ASN B 325 -79.18 -10.67 -18.56
C ASN B 325 -77.82 -11.10 -19.11
N GLY B 326 -77.80 -11.64 -20.32
CA GLY B 326 -76.56 -12.16 -20.88
C GLY B 326 -76.32 -11.77 -22.32
N GLN B 327 -76.76 -10.57 -22.71
CA GLN B 327 -76.66 -10.16 -24.10
C GLN B 327 -75.21 -10.08 -24.57
N TYR B 328 -74.43 -9.18 -23.96
CA TYR B 328 -73.04 -8.91 -24.31
C TYR B 328 -72.87 -8.40 -25.73
N HIS B 329 -73.95 -8.13 -26.44
CA HIS B 329 -73.94 -7.40 -27.70
C HIS B 329 -74.50 -6.02 -27.47
N LEU B 330 -73.77 -5.00 -27.92
CA LEU B 330 -74.09 -3.63 -27.56
C LEU B 330 -75.07 -3.03 -28.55
N GLU B 331 -76.08 -2.34 -28.02
CA GLU B 331 -77.15 -1.77 -28.82
C GLU B 331 -76.60 -0.61 -29.66
N PRO B 332 -77.25 -0.30 -30.79
CA PRO B 332 -76.65 0.61 -31.78
C PRO B 332 -76.28 1.99 -31.27
N LYS B 333 -77.11 2.59 -30.41
CA LYS B 333 -76.81 3.93 -29.92
C LYS B 333 -75.51 3.98 -29.14
N GLU B 334 -75.35 3.05 -28.19
CA GLU B 334 -74.14 3.01 -27.39
C GLU B 334 -72.92 2.62 -28.21
N ALA B 335 -73.09 1.75 -29.21
CA ALA B 335 -71.98 1.40 -30.09
C ALA B 335 -71.53 2.61 -30.89
N LYS B 336 -72.49 3.38 -31.41
CA LYS B 336 -72.14 4.60 -32.12
C LYS B 336 -71.42 5.58 -31.21
N ALA B 337 -71.93 5.76 -29.99
CA ALA B 337 -71.27 6.68 -29.06
C ALA B 337 -69.85 6.22 -28.74
N LEU B 338 -69.67 4.93 -28.47
CA LEU B 338 -68.34 4.38 -28.17
C LEU B 338 -67.37 4.63 -29.31
N LEU B 339 -67.76 4.28 -30.53
CA LEU B 339 -66.83 4.40 -31.64
C LEU B 339 -66.58 5.87 -32.00
N SER B 340 -67.59 6.73 -31.85
CA SER B 340 -67.37 8.15 -32.09
C SER B 340 -66.40 8.73 -31.09
N GLN B 341 -66.54 8.37 -29.81
CA GLN B 341 -65.58 8.82 -28.81
C GLN B 341 -64.19 8.30 -29.08
N SER B 342 -64.06 7.03 -29.49
CA SER B 342 -62.76 6.47 -29.83
C SER B 342 -62.11 7.15 -31.02
N LEU B 343 -62.90 7.50 -32.03
CA LEU B 343 -62.35 8.21 -33.18
C LEU B 343 -61.98 9.64 -32.85
N GLN B 344 -62.78 10.30 -32.00
CA GLN B 344 -62.50 11.68 -31.64
C GLN B 344 -61.24 11.82 -30.79
N SER B 345 -60.98 10.88 -29.88
CA SER B 345 -59.77 10.90 -29.07
C SER B 345 -58.51 10.70 -29.91
N TYR B 346 -58.65 10.14 -31.11
CA TYR B 346 -57.55 10.04 -32.07
C TYR B 346 -57.45 11.28 -32.94
N LYS B 347 -58.59 11.81 -33.40
CA LYS B 347 -58.56 13.02 -34.23
C LYS B 347 -57.98 14.18 -33.45
N GLU B 348 -58.34 14.33 -32.18
CA GLU B 348 -57.87 15.47 -31.40
C GLU B 348 -56.38 15.41 -31.13
N GLN B 349 -55.77 14.23 -31.15
CA GLN B 349 -54.35 14.09 -30.85
C GLN B 349 -53.46 13.90 -32.07
N ILE B 350 -54.03 13.56 -33.23
CA ILE B 350 -53.25 13.44 -34.46
C ILE B 350 -53.70 14.42 -35.54
N GLY B 351 -54.98 14.78 -35.57
CA GLY B 351 -55.45 15.73 -36.56
C GLY B 351 -56.43 15.12 -37.55
N GLU B 352 -56.18 13.87 -37.94
CA GLU B 352 -57.03 13.15 -38.85
C GLU B 352 -57.34 11.78 -38.27
N TYR B 353 -58.39 11.18 -38.78
CA TYR B 353 -58.94 9.90 -38.32
C TYR B 353 -57.95 8.78 -38.59
N PRO B 354 -58.00 7.69 -37.82
CA PRO B 354 -57.14 6.54 -38.12
C PRO B 354 -57.46 5.97 -39.49
N LYS B 355 -56.44 5.53 -40.20
CA LYS B 355 -56.63 4.95 -41.52
C LYS B 355 -56.99 3.47 -41.46
N GLU B 356 -56.70 2.81 -40.33
CA GLU B 356 -57.06 1.40 -40.18
C GLU B 356 -57.00 1.00 -38.71
N VAL B 357 -58.12 0.55 -38.16
CA VAL B 357 -58.19 0.19 -36.75
C VAL B 357 -58.45 -1.31 -36.61
N PHE B 358 -58.04 -1.87 -35.47
CA PHE B 358 -58.28 -3.27 -35.16
C PHE B 358 -59.04 -3.37 -33.85
N ILE B 359 -60.37 -3.32 -33.93
CA ILE B 359 -61.23 -3.42 -32.76
C ILE B 359 -61.17 -4.86 -32.25
N HIS B 360 -60.48 -5.07 -31.14
CA HIS B 360 -60.44 -6.38 -30.53
C HIS B 360 -61.56 -6.53 -29.51
N ALA B 361 -61.86 -7.78 -29.17
CA ALA B 361 -62.94 -8.08 -28.23
C ALA B 361 -62.91 -9.54 -27.80
N LYS B 362 -63.44 -9.82 -26.61
CA LYS B 362 -63.52 -11.20 -26.12
C LYS B 362 -64.70 -11.96 -26.71
N THR B 363 -65.67 -11.27 -27.30
CA THR B 363 -66.89 -11.90 -27.80
C THR B 363 -67.05 -11.63 -29.29
N ARG B 364 -67.79 -12.48 -29.97
CA ARG B 364 -68.03 -12.32 -31.40
C ARG B 364 -68.95 -11.13 -31.66
N PHE B 365 -68.84 -10.58 -32.87
CA PHE B 365 -69.59 -9.39 -33.25
C PHE B 365 -70.82 -9.82 -34.07
N ASN B 366 -72.00 -9.42 -33.60
CA ASN B 366 -73.18 -9.56 -34.43
C ASN B 366 -73.24 -8.40 -35.43
N HIS B 367 -74.04 -8.59 -36.49
CA HIS B 367 -74.11 -7.58 -37.53
C HIS B 367 -74.77 -6.30 -37.03
N GLN B 368 -75.58 -6.40 -35.98
CA GLN B 368 -76.26 -5.21 -35.46
C GLN B 368 -75.26 -4.17 -34.98
N GLU B 369 -74.22 -4.60 -34.25
CA GLU B 369 -73.18 -3.68 -33.83
C GLU B 369 -72.40 -3.15 -35.02
N TRP B 370 -72.04 -4.02 -35.97
CA TRP B 370 -71.13 -3.63 -37.02
C TRP B 370 -71.76 -2.63 -37.98
N ASP B 371 -73.06 -2.78 -38.25
CA ASP B 371 -73.74 -1.79 -39.08
C ASP B 371 -73.71 -0.41 -38.42
N ALA B 372 -73.90 -0.36 -37.10
CA ALA B 372 -73.81 0.89 -36.37
C ALA B 372 -72.40 1.47 -36.45
N PHE B 373 -71.39 0.61 -36.28
CA PHE B 373 -70.01 1.07 -36.34
C PHE B 373 -69.67 1.64 -37.72
N LEU B 374 -70.15 1.00 -38.77
CA LEU B 374 -69.81 1.41 -40.13
C LEU B 374 -70.31 2.82 -40.43
N GLU B 375 -71.49 3.16 -39.92
CA GLU B 375 -72.09 4.46 -40.17
C GLU B 375 -71.25 5.59 -39.59
N VAL B 376 -70.74 5.40 -38.37
CA VAL B 376 -69.98 6.45 -37.70
C VAL B 376 -68.67 6.73 -38.45
N THR B 377 -67.99 5.68 -38.89
CA THR B 377 -66.68 5.86 -39.48
C THR B 377 -66.80 6.46 -40.89
N PRO B 378 -65.82 7.25 -41.32
CA PRO B 378 -65.83 7.77 -42.68
C PRO B 378 -65.38 6.70 -43.67
N LYS B 379 -65.23 7.12 -44.94
CA LYS B 379 -64.91 6.18 -46.00
C LYS B 379 -63.49 5.68 -45.89
N GLU B 380 -62.54 6.56 -45.56
CA GLU B 380 -61.13 6.18 -45.60
C GLU B 380 -60.79 5.15 -44.52
N THR B 381 -61.46 5.21 -43.38
CA THR B 381 -61.18 4.27 -42.29
C THR B 381 -61.55 2.86 -42.71
N ASN B 382 -60.73 1.89 -42.30
CA ASN B 382 -60.99 0.47 -42.55
C ASN B 382 -61.32 -0.19 -41.22
N LEU B 383 -62.60 -0.44 -40.97
CA LEU B 383 -63.03 -1.05 -39.73
C LEU B 383 -62.75 -2.55 -39.74
N VAL B 384 -62.18 -3.05 -38.66
CA VAL B 384 -61.85 -4.47 -38.51
C VAL B 384 -62.33 -4.93 -37.14
N GLY B 385 -63.08 -6.03 -37.11
CA GLY B 385 -63.56 -6.60 -35.87
C GLY B 385 -62.98 -7.97 -35.64
N VAL B 386 -62.19 -8.10 -34.59
CA VAL B 386 -61.42 -9.30 -34.27
C VAL B 386 -61.89 -9.83 -32.92
N THR B 387 -61.97 -11.15 -32.81
CA THR B 387 -62.35 -11.83 -31.57
C THR B 387 -61.21 -12.73 -31.12
N ILE B 388 -60.89 -12.67 -29.83
CA ILE B 388 -59.79 -13.42 -29.24
C ILE B 388 -60.33 -14.23 -28.06
N SER B 389 -59.98 -15.52 -28.01
CA SER B 389 -60.55 -16.39 -27.01
C SER B 389 -59.61 -17.55 -26.71
N LYS B 390 -59.82 -18.19 -25.56
CA LYS B 390 -59.00 -19.31 -25.09
C LYS B 390 -59.81 -20.57 -24.83
N THR B 391 -61.10 -20.60 -25.18
CA THR B 391 -61.97 -21.68 -24.72
C THR B 391 -61.58 -23.03 -25.33
N LYS B 392 -61.41 -23.09 -26.65
CA LYS B 392 -61.25 -24.37 -27.33
C LYS B 392 -59.89 -24.99 -27.00
N PRO B 393 -59.86 -26.26 -26.57
CA PRO B 393 -58.63 -26.91 -26.09
C PRO B 393 -57.73 -27.50 -27.17
N LEU B 394 -56.95 -26.63 -27.80
CA LEU B 394 -55.86 -27.05 -28.68
C LEU B 394 -54.56 -26.97 -27.90
N LYS B 395 -53.88 -28.11 -27.75
CA LYS B 395 -52.72 -28.18 -26.86
C LYS B 395 -51.63 -28.98 -27.58
N LEU B 396 -50.65 -28.26 -28.12
CA LEU B 396 -49.59 -28.88 -28.91
C LEU B 396 -48.53 -29.46 -27.99
N TYR B 397 -48.27 -30.75 -28.15
CA TYR B 397 -47.26 -31.45 -27.37
C TYR B 397 -46.13 -31.87 -28.30
N LYS B 398 -44.91 -31.46 -28.00
CA LYS B 398 -43.79 -31.90 -28.81
C LYS B 398 -43.45 -33.36 -28.51
N THR B 399 -42.82 -34.01 -29.49
CA THR B 399 -42.68 -35.47 -29.44
C THR B 399 -41.83 -35.91 -28.25
N GLU B 400 -40.74 -35.20 -27.99
CA GLU B 400 -39.86 -35.57 -26.88
C GLU B 400 -39.43 -34.31 -26.14
N GLY B 401 -39.24 -34.44 -24.83
CA GLY B 401 -38.71 -33.36 -24.03
C GLY B 401 -39.66 -32.80 -22.99
N ASP B 402 -39.12 -32.44 -21.82
CA ASP B 402 -39.92 -31.88 -20.74
C ASP B 402 -40.04 -30.38 -20.90
N TYR B 403 -40.46 -29.93 -22.08
CA TYR B 403 -40.58 -28.52 -22.39
C TYR B 403 -41.62 -28.35 -23.47
N THR B 404 -42.25 -27.17 -23.50
CA THR B 404 -43.42 -26.93 -24.32
C THR B 404 -43.05 -26.24 -25.62
N ILE B 405 -44.07 -25.86 -26.39
CA ILE B 405 -43.91 -25.25 -27.70
C ILE B 405 -43.29 -23.86 -27.56
N LEU B 406 -42.61 -23.40 -28.61
CA LEU B 406 -42.10 -22.05 -28.65
C LEU B 406 -43.23 -21.04 -28.68
N ARG B 407 -42.98 -19.89 -28.08
CA ARG B 407 -43.93 -18.78 -28.12
C ARG B 407 -43.74 -18.02 -29.43
N GLY B 408 -44.82 -17.86 -30.19
CA GLY B 408 -44.74 -17.24 -31.49
C GLY B 408 -45.19 -18.19 -32.58
N ASN B 409 -45.39 -19.44 -32.22
CA ASN B 409 -45.86 -20.44 -33.18
C ASN B 409 -47.34 -20.21 -33.47
N ALA B 410 -47.70 -20.23 -34.75
CA ALA B 410 -49.06 -19.94 -35.18
C ALA B 410 -49.51 -20.96 -36.20
N TYR B 411 -50.72 -21.47 -36.02
CA TYR B 411 -51.36 -22.40 -36.96
C TYR B 411 -52.51 -21.65 -37.64
N VAL B 412 -52.32 -21.32 -38.91
CA VAL B 412 -53.29 -20.53 -39.65
C VAL B 412 -54.37 -21.47 -40.19
N VAL B 413 -55.57 -21.39 -39.62
CA VAL B 413 -56.68 -22.19 -40.13
C VAL B 413 -57.11 -21.71 -41.51
N ASN B 414 -57.27 -20.41 -41.69
CA ASN B 414 -57.60 -19.83 -42.97
C ASN B 414 -57.38 -18.33 -42.89
N GLU B 415 -57.56 -17.66 -44.04
CA GLU B 415 -57.29 -16.23 -44.12
C GLU B 415 -58.08 -15.41 -43.10
N ARG B 416 -59.10 -16.01 -42.47
CA ARG B 416 -59.90 -15.31 -41.48
C ARG B 416 -59.66 -15.76 -40.05
N SER B 417 -59.10 -16.96 -39.84
CA SER B 417 -58.94 -17.48 -38.49
C SER B 417 -57.58 -18.16 -38.34
N ALA B 418 -57.02 -18.07 -37.14
CA ALA B 418 -55.73 -18.64 -36.85
C ALA B 418 -55.61 -18.91 -35.35
N PHE B 419 -54.59 -19.67 -34.99
CA PHE B 419 -54.23 -19.92 -33.59
C PHE B 419 -52.83 -19.36 -33.38
N LEU B 420 -52.65 -18.56 -32.33
CA LEU B 420 -51.34 -17.98 -32.03
C LEU B 420 -50.94 -18.39 -30.61
N TRP B 421 -49.76 -18.97 -30.48
CA TRP B 421 -49.25 -19.39 -29.17
C TRP B 421 -48.53 -18.21 -28.52
N THR B 422 -49.30 -17.30 -27.93
CA THR B 422 -48.73 -16.19 -27.19
C THR B 422 -48.29 -16.62 -25.79
N VAL B 423 -48.62 -17.84 -25.39
CA VAL B 423 -48.14 -18.42 -24.15
C VAL B 423 -47.32 -19.65 -24.52
N GLY B 424 -46.10 -19.73 -24.02
CA GLY B 424 -45.27 -20.87 -24.35
C GLY B 424 -43.83 -20.63 -23.94
N TYR B 425 -42.94 -21.38 -24.57
CA TYR B 425 -41.51 -21.29 -24.28
C TYR B 425 -40.87 -20.15 -25.06
N VAL B 426 -40.01 -19.39 -24.37
CA VAL B 426 -39.07 -18.49 -25.01
C VAL B 426 -37.69 -18.76 -24.43
N PRO B 427 -36.66 -18.93 -25.25
CA PRO B 427 -35.34 -19.29 -24.71
C PRO B 427 -34.74 -18.25 -23.79
N LYS B 428 -35.06 -16.98 -23.99
CA LYS B 428 -34.40 -15.90 -23.23
C LYS B 428 -34.65 -16.04 -21.74
N ILE B 429 -35.89 -16.39 -21.35
CA ILE B 429 -36.21 -16.49 -19.94
C ILE B 429 -35.98 -17.91 -19.44
N GLN B 430 -35.47 -18.80 -20.28
CA GLN B 430 -34.99 -20.15 -19.97
C GLN B 430 -36.14 -21.13 -19.72
N THR B 431 -37.39 -20.65 -19.67
CA THR B 431 -38.51 -21.54 -19.36
C THR B 431 -39.74 -21.01 -20.08
N ALA B 432 -40.75 -21.86 -20.19
CA ALA B 432 -42.02 -21.42 -20.72
C ALA B 432 -42.70 -20.50 -19.70
N LEU B 433 -43.46 -19.53 -20.23
CA LEU B 433 -44.23 -18.65 -19.37
C LEU B 433 -45.33 -19.39 -18.61
N SER B 434 -45.81 -20.51 -19.13
CA SER B 434 -46.87 -21.28 -18.51
C SER B 434 -46.24 -22.28 -17.54
N MET B 435 -47.00 -23.17 -16.89
CA MET B 435 -46.43 -24.16 -15.99
C MET B 435 -46.61 -25.53 -16.63
N GLU B 436 -47.84 -25.83 -17.01
CA GLU B 436 -48.15 -27.02 -17.79
C GLU B 436 -48.02 -26.66 -19.27
N VAL B 437 -48.54 -27.51 -20.14
CA VAL B 437 -48.59 -27.17 -21.57
C VAL B 437 -49.49 -25.96 -21.76
N PRO B 438 -49.13 -25.02 -22.64
CA PRO B 438 -49.87 -23.76 -22.73
C PRO B 438 -51.12 -23.90 -23.60
N ASN B 439 -51.95 -22.86 -23.55
CA ASN B 439 -53.15 -22.76 -24.36
C ASN B 439 -53.06 -21.52 -25.25
N PRO B 440 -53.22 -21.68 -26.56
CA PRO B 440 -53.03 -20.56 -27.49
C PRO B 440 -54.27 -19.68 -27.54
N LEU B 441 -54.20 -18.67 -28.39
CA LEU B 441 -55.26 -17.70 -28.58
C LEU B 441 -55.87 -17.93 -29.95
N PHE B 442 -57.18 -18.17 -30.00
CA PHE B 442 -57.88 -18.27 -31.27
C PHE B 442 -58.23 -16.88 -31.76
N ILE B 443 -57.54 -16.42 -32.80
CA ILE B 443 -57.69 -15.07 -33.32
C ILE B 443 -58.40 -15.17 -34.67
N GLU B 444 -59.60 -14.62 -34.75
CA GLU B 444 -60.39 -14.71 -35.97
C GLU B 444 -60.91 -13.32 -36.33
N ILE B 445 -60.91 -13.05 -37.62
CA ILE B 445 -61.34 -11.76 -38.14
C ILE B 445 -62.82 -11.84 -38.48
N ASN B 446 -63.68 -11.58 -37.50
CA ASN B 446 -65.12 -11.66 -37.77
C ASN B 446 -65.56 -10.62 -38.77
N LYS B 447 -65.11 -9.38 -38.62
CA LYS B 447 -65.60 -8.31 -39.47
C LYS B 447 -64.41 -7.53 -40.04
N GLY B 448 -64.68 -6.78 -41.11
CA GLY B 448 -63.61 -6.15 -41.86
C GLY B 448 -62.93 -7.17 -42.75
N GLU B 449 -61.78 -6.82 -43.32
CA GLU B 449 -61.10 -7.79 -44.17
C GLU B 449 -59.81 -8.29 -43.51
N ALA B 450 -58.86 -7.39 -43.24
CA ALA B 450 -57.60 -7.64 -42.55
C ALA B 450 -56.82 -8.88 -43.01
N ASP B 451 -55.51 -8.73 -43.20
CA ASP B 451 -54.70 -9.91 -43.48
C ASP B 451 -54.28 -10.57 -42.17
N ILE B 452 -54.48 -11.89 -42.11
CA ILE B 452 -54.35 -12.60 -40.84
C ILE B 452 -52.93 -12.50 -40.29
N LYS B 453 -51.94 -12.42 -41.18
CA LYS B 453 -50.57 -12.32 -40.73
C LYS B 453 -50.33 -11.05 -39.93
N GLN B 454 -50.85 -9.91 -40.40
CA GLN B 454 -50.67 -8.66 -39.68
C GLN B 454 -51.43 -8.67 -38.36
N VAL B 455 -52.62 -9.29 -38.35
CA VAL B 455 -53.38 -9.41 -37.11
C VAL B 455 -52.61 -10.21 -36.08
N LEU B 456 -51.98 -11.30 -36.51
CA LEU B 456 -51.13 -12.10 -35.63
C LEU B 456 -49.85 -11.38 -35.27
N LYS B 457 -49.43 -10.39 -36.06
CA LYS B 457 -48.20 -9.65 -35.82
C LYS B 457 -48.37 -8.55 -34.79
N ASP B 458 -49.57 -8.00 -34.63
CA ASP B 458 -49.80 -6.91 -33.71
C ASP B 458 -50.25 -7.36 -32.33
N ILE B 459 -51.05 -8.44 -32.26
CA ILE B 459 -51.49 -8.95 -30.96
C ILE B 459 -50.31 -9.46 -30.15
N LEU B 460 -49.39 -10.19 -30.80
CA LEU B 460 -48.20 -10.65 -30.09
C LEU B 460 -47.38 -9.48 -29.57
N SER B 461 -47.23 -8.44 -30.40
CA SER B 461 -46.58 -7.22 -29.94
C SER B 461 -47.40 -6.53 -28.85
N LEU B 462 -48.73 -6.59 -28.98
CA LEU B 462 -49.61 -5.98 -27.98
C LEU B 462 -49.51 -6.65 -26.62
N THR B 463 -49.06 -7.90 -26.57
CA THR B 463 -48.88 -8.58 -25.30
C THR B 463 -47.64 -8.10 -24.54
N LYS B 464 -46.99 -7.03 -25.00
CA LYS B 464 -45.76 -6.55 -24.39
C LYS B 464 -45.95 -5.34 -23.49
N LEU B 465 -47.03 -4.59 -23.63
CA LEU B 465 -47.23 -3.36 -22.87
C LEU B 465 -47.97 -3.58 -21.57
N ASN B 466 -47.52 -4.50 -20.72
CA ASN B 466 -48.10 -4.71 -19.40
C ASN B 466 -47.31 -3.88 -18.40
N TYR B 467 -47.89 -2.79 -17.93
CA TYR B 467 -47.21 -1.92 -16.98
C TYR B 467 -47.50 -2.27 -15.52
N ASN B 468 -48.56 -3.02 -15.25
CA ASN B 468 -48.83 -3.45 -13.88
C ASN B 468 -47.83 -4.51 -13.42
N ALA B 469 -47.10 -5.13 -14.33
CA ALA B 469 -46.13 -6.15 -13.98
C ALA B 469 -45.00 -6.13 -14.99
N CYS B 470 -43.77 -6.30 -14.50
CA CYS B 470 -42.59 -6.32 -15.35
C CYS B 470 -42.22 -7.77 -15.65
N ILE B 471 -42.86 -8.31 -16.68
CA ILE B 471 -42.68 -9.68 -17.12
C ILE B 471 -42.29 -9.65 -18.59
N PHE B 472 -41.59 -10.71 -19.03
CA PHE B 472 -41.15 -10.78 -20.42
C PHE B 472 -42.33 -10.68 -21.38
N ALA B 473 -43.41 -11.38 -21.08
CA ALA B 473 -44.57 -11.37 -21.96
C ALA B 473 -45.83 -11.58 -21.13
N ASP B 474 -46.96 -11.26 -21.74
CA ASP B 474 -48.27 -11.40 -21.10
C ASP B 474 -49.07 -12.45 -21.85
N GLY B 475 -49.84 -13.24 -21.09
CA GLY B 475 -50.59 -14.33 -21.68
C GLY B 475 -51.72 -13.89 -22.58
N GLU B 476 -52.18 -12.64 -22.45
CA GLU B 476 -53.22 -12.10 -23.31
C GLU B 476 -52.85 -10.66 -23.67
N PRO B 477 -53.37 -10.14 -24.79
CA PRO B 477 -53.07 -8.75 -25.13
C PRO B 477 -53.53 -7.79 -24.05
N VAL B 478 -52.74 -6.74 -23.81
CA VAL B 478 -53.00 -5.86 -22.67
C VAL B 478 -54.31 -5.09 -22.78
N THR B 479 -54.78 -4.82 -24.00
CA THR B 479 -56.06 -4.12 -24.15
C THR B 479 -57.18 -4.92 -23.53
N LEU B 480 -57.29 -6.21 -23.86
CA LEU B 480 -58.28 -7.08 -23.24
C LEU B 480 -58.01 -7.34 -21.76
N ARG B 481 -56.82 -6.98 -21.27
CA ARG B 481 -56.50 -7.12 -19.85
C ARG B 481 -56.74 -5.84 -19.07
N PHE B 482 -56.21 -4.71 -19.54
CA PHE B 482 -56.42 -3.46 -18.82
C PHE B 482 -57.85 -2.98 -18.96
N ALA B 483 -58.50 -3.26 -20.09
CA ALA B 483 -59.94 -3.01 -20.19
C ALA B 483 -60.71 -3.83 -19.17
N ASP B 484 -60.32 -5.09 -18.99
CA ASP B 484 -60.94 -5.91 -17.94
C ASP B 484 -60.72 -5.30 -16.57
N LYS B 485 -59.51 -4.81 -16.30
CA LYS B 485 -59.22 -4.20 -15.01
C LYS B 485 -60.08 -2.96 -14.77
N ILE B 486 -60.12 -2.05 -15.74
CA ILE B 486 -60.87 -0.81 -15.56
C ILE B 486 -62.36 -1.11 -15.44
N GLY B 487 -62.85 -2.12 -16.17
CA GLY B 487 -64.21 -2.56 -15.97
C GLY B 487 -64.48 -3.13 -14.59
N GLU B 488 -63.54 -3.91 -14.06
CA GLU B 488 -63.64 -4.43 -12.70
C GLU B 488 -63.61 -3.32 -11.66
N ILE B 489 -63.02 -2.17 -11.99
CA ILE B 489 -63.02 -1.02 -11.07
C ILE B 489 -64.25 -0.14 -11.25
N LEU B 490 -64.73 0.07 -12.48
CA LEU B 490 -65.83 0.97 -12.75
C LEU B 490 -67.20 0.39 -12.41
N THR B 491 -67.30 -0.91 -12.19
CA THR B 491 -68.56 -1.55 -11.83
C THR B 491 -68.70 -1.72 -10.32
N ALA B 492 -67.75 -1.19 -9.54
CA ALA B 492 -67.83 -1.25 -8.09
C ALA B 492 -68.58 -0.07 -7.49
N SER B 493 -68.55 1.09 -8.14
CA SER B 493 -69.28 2.28 -7.68
C SER B 493 -70.34 2.65 -8.70
N THR B 494 -71.58 2.75 -8.24
CA THR B 494 -72.69 3.13 -9.11
C THR B 494 -72.83 4.63 -9.27
N ASP B 495 -72.08 5.42 -8.49
CA ASP B 495 -72.18 6.87 -8.52
C ASP B 495 -71.09 7.52 -9.36
N ILE B 496 -70.33 6.72 -10.11
CA ILE B 496 -69.23 7.26 -10.90
C ILE B 496 -69.80 8.10 -12.05
N LYS B 497 -69.02 9.11 -12.45
CA LYS B 497 -69.45 10.03 -13.49
C LYS B 497 -68.21 10.62 -14.17
N THR B 498 -68.12 10.40 -15.48
CA THR B 498 -67.01 10.87 -16.31
C THR B 498 -65.69 10.43 -15.68
N PRO B 499 -65.35 9.14 -15.73
CA PRO B 499 -64.15 8.66 -15.06
C PRO B 499 -62.89 9.07 -15.81
N PRO B 500 -61.77 9.17 -15.11
CA PRO B 500 -60.50 9.49 -15.79
C PRO B 500 -60.10 8.40 -16.77
N LEU B 501 -59.37 8.80 -17.81
CA LEU B 501 -58.96 7.90 -18.88
C LEU B 501 -57.56 7.37 -18.70
N ALA B 502 -56.90 7.67 -17.59
CA ALA B 502 -55.53 7.23 -17.38
C ALA B 502 -55.49 5.94 -16.56
N PHE B 503 -54.56 5.06 -16.93
CA PHE B 503 -54.52 3.74 -16.32
C PHE B 503 -53.93 3.78 -14.92
N LYS B 504 -53.17 4.82 -14.59
CA LYS B 504 -52.46 4.87 -13.31
C LYS B 504 -53.44 4.97 -12.15
N TYR B 505 -54.67 5.39 -12.42
CA TYR B 505 -55.73 5.45 -11.42
C TYR B 505 -56.45 4.11 -11.28
N TYR B 506 -56.11 3.13 -12.11
CA TYR B 506 -56.82 1.87 -12.22
C TYR B 506 -55.96 0.65 -11.94
N ILE B 507 -54.72 0.63 -12.42
CA ILE B 507 -53.87 -0.54 -12.26
C ILE B 507 -52.88 -0.34 -11.11
N MET C 1 3.70 25.99 -2.65
CA MET C 1 3.18 26.88 -1.62
C MET C 1 2.00 26.26 -0.88
N ARG C 2 2.03 26.31 0.45
CA ARG C 2 0.94 25.79 1.25
C ARG C 2 -0.26 26.73 1.16
N ASN C 3 -1.26 26.33 0.39
CA ASN C 3 -2.47 27.14 0.22
C ASN C 3 -3.70 26.25 0.23
N LYS C 4 -3.74 25.29 1.14
CA LYS C 4 -4.88 24.40 1.27
C LYS C 4 -5.31 24.35 2.73
N ILE C 5 -6.59 24.10 2.95
CA ILE C 5 -7.17 24.09 4.28
C ILE C 5 -7.79 22.73 4.57
N PHE C 6 -7.33 22.09 5.65
CA PHE C 6 -7.88 20.81 6.08
C PHE C 6 -9.06 21.04 7.02
N ILE C 7 -10.25 20.63 6.59
CA ILE C 7 -11.40 20.56 7.48
C ILE C 7 -11.46 19.12 7.97
N SER C 8 -10.70 18.85 9.03
CA SER C 8 -10.68 17.51 9.60
C SER C 8 -11.94 17.26 10.42
N HIS C 9 -12.45 16.04 10.37
CA HIS C 9 -13.73 15.73 10.97
C HIS C 9 -13.92 14.23 11.04
N ALA C 10 -15.04 13.82 11.63
CA ALA C 10 -15.48 12.43 11.55
C ALA C 10 -16.34 12.27 10.32
N THR C 11 -15.86 11.48 9.35
CA THR C 11 -16.49 11.37 8.04
C THR C 11 -17.92 10.84 8.09
N PRO C 12 -18.21 9.72 8.75
CA PRO C 12 -19.57 9.17 8.67
C PRO C 12 -20.63 10.01 9.35
N ASP C 13 -20.24 10.94 10.23
CA ASP C 13 -21.21 11.69 11.03
C ASP C 13 -21.20 13.18 10.68
N ASP C 14 -20.05 13.83 10.71
CA ASP C 14 -19.98 15.28 10.51
C ASP C 14 -19.91 15.63 9.04
N ASN C 15 -20.38 14.71 8.18
CA ASN C 15 -20.27 14.91 6.74
C ASN C 15 -21.01 16.16 6.27
N ASP C 16 -22.21 16.40 6.79
CA ASP C 16 -23.05 17.49 6.29
C ASP C 16 -22.44 18.85 6.60
N PHE C 17 -22.07 19.07 7.86
CA PHE C 17 -21.48 20.35 8.25
C PHE C 17 -20.17 20.59 7.53
N THR C 18 -19.34 19.56 7.44
CA THR C 18 -18.07 19.68 6.74
C THR C 18 -18.27 20.03 5.28
N ARG C 19 -19.25 19.40 4.63
CA ARG C 19 -19.54 19.70 3.23
C ARG C 19 -19.99 21.15 3.09
N TRP C 20 -20.89 21.59 3.96
CA TRP C 20 -21.38 22.97 3.87
C TRP C 20 -20.24 23.96 4.05
N LEU C 21 -19.40 23.72 5.06
CA LEU C 21 -18.29 24.63 5.32
C LEU C 21 -17.32 24.66 4.15
N ALA C 22 -17.02 23.48 3.58
CA ALA C 22 -16.10 23.42 2.45
C ALA C 22 -16.64 24.18 1.24
N LEU C 23 -17.93 23.99 0.93
CA LEU C 23 -18.49 24.71 -0.20
C LEU C 23 -18.51 26.22 0.05
N LYS C 24 -18.82 26.64 1.29
CA LYS C 24 -18.82 28.06 1.58
C LYS C 24 -17.42 28.66 1.45
N LEU C 25 -16.41 27.92 1.93
CA LEU C 25 -15.04 28.41 1.81
C LEU C 25 -14.60 28.48 0.35
N ILE C 26 -14.95 27.47 -0.46
CA ILE C 26 -14.57 27.48 -1.86
C ILE C 26 -15.25 28.62 -2.59
N GLY C 27 -16.52 28.89 -2.25
CA GLY C 27 -17.20 30.02 -2.86
C GLY C 27 -16.54 31.35 -2.54
N LEU C 28 -15.78 31.39 -1.44
CA LEU C 28 -15.03 32.57 -1.05
C LEU C 28 -13.62 32.60 -1.64
N GLY C 29 -13.24 31.59 -2.42
CA GLY C 29 -11.95 31.55 -3.07
C GLY C 29 -10.85 30.87 -2.30
N TYR C 30 -11.11 30.42 -1.07
CA TYR C 30 -10.11 29.72 -0.28
C TYR C 30 -10.02 28.27 -0.74
N GLU C 31 -8.83 27.83 -1.12
CA GLU C 31 -8.65 26.44 -1.48
C GLU C 31 -8.73 25.55 -0.26
N VAL C 32 -9.51 24.48 -0.36
CA VAL C 32 -9.83 23.63 0.78
C VAL C 32 -9.53 22.19 0.42
N TRP C 33 -9.24 21.38 1.44
CA TRP C 33 -9.08 19.95 1.28
C TRP C 33 -9.95 19.23 2.30
N CYS C 34 -10.70 18.24 1.84
CA CYS C 34 -11.53 17.43 2.72
C CYS C 34 -11.74 16.08 2.05
N ASP C 35 -11.78 15.02 2.88
CA ASP C 35 -11.86 13.67 2.34
C ASP C 35 -13.16 13.43 1.59
N ILE C 36 -14.26 13.97 2.09
CA ILE C 36 -15.58 13.73 1.51
C ILE C 36 -15.71 14.25 0.08
N LEU C 37 -14.91 15.24 -0.31
CA LEU C 37 -15.11 15.84 -1.62
C LEU C 37 -13.81 15.87 -2.42
N PHE C 38 -12.67 15.99 -1.74
CA PHE C 38 -11.40 16.14 -2.44
C PHE C 38 -10.57 14.86 -2.50
N LEU C 39 -10.75 13.94 -1.55
CA LEU C 39 -9.94 12.73 -1.55
C LEU C 39 -10.29 11.85 -2.73
N ASP C 40 -9.30 11.53 -3.55
CA ASP C 40 -9.54 10.75 -4.75
C ASP C 40 -9.74 9.28 -4.38
N LYS C 41 -10.41 8.56 -5.28
CA LYS C 41 -10.66 7.14 -5.09
C LYS C 41 -9.53 6.32 -5.69
N GLY C 42 -9.29 5.16 -5.08
CA GLY C 42 -8.20 4.31 -5.54
C GLY C 42 -6.83 4.91 -5.32
N VAL C 43 -6.64 5.58 -4.18
CA VAL C 43 -5.37 6.18 -3.82
C VAL C 43 -5.06 5.77 -2.39
N ASP C 44 -3.76 5.76 -2.05
CA ASP C 44 -3.35 5.52 -0.68
C ASP C 44 -3.75 6.73 0.14
N PHE C 45 -4.93 6.67 0.74
CA PHE C 45 -5.56 7.85 1.31
C PHE C 45 -4.73 8.40 2.48
N TRP C 46 -4.22 7.53 3.34
CA TRP C 46 -3.40 8.01 4.44
C TRP C 46 -2.11 8.66 3.93
N SER C 47 -1.48 8.06 2.93
CA SER C 47 -0.25 8.63 2.38
C SER C 47 -0.52 10.00 1.76
N ASN C 48 -1.61 10.12 1.00
CA ASN C 48 -1.94 11.39 0.38
C ASN C 48 -2.27 12.44 1.42
N ILE C 49 -3.03 12.06 2.46
CA ILE C 49 -3.35 13.00 3.53
C ILE C 49 -2.08 13.46 4.23
N GLU C 50 -1.16 12.54 4.50
CA GLU C 50 0.12 12.91 5.09
C GLU C 50 0.86 13.89 4.20
N LYS C 51 0.92 13.62 2.90
CA LYS C 51 1.63 14.50 1.99
C LYS C 51 1.04 15.90 2.00
N VAL C 52 -0.28 16.01 1.94
CA VAL C 52 -0.91 17.33 1.86
C VAL C 52 -0.79 18.07 3.18
N ILE C 53 -0.94 17.37 4.32
CA ILE C 53 -0.77 18.03 5.60
C ILE C 53 0.66 18.52 5.77
N ARG C 54 1.64 17.68 5.43
CA ARG C 54 3.03 18.05 5.66
C ARG C 54 3.49 19.13 4.69
N GLU C 55 2.91 19.18 3.50
CA GLU C 55 3.40 20.08 2.47
C GLU C 55 2.44 21.21 2.11
N ASP C 56 1.13 20.94 2.05
CA ASP C 56 0.21 21.90 1.46
C ASP C 56 -0.78 22.51 2.45
N THR C 57 -0.61 22.31 3.75
CA THR C 57 -1.55 22.87 4.72
C THR C 57 -1.13 24.29 5.09
N CYS C 58 -1.88 25.28 4.62
CA CYS C 58 -1.69 26.63 5.11
C CYS C 58 -2.29 26.78 6.50
N LYS C 59 -3.46 26.19 6.72
CA LYS C 59 -4.17 26.29 8.00
C LYS C 59 -4.93 25.00 8.25
N PHE C 60 -5.10 24.66 9.52
CA PHE C 60 -5.75 23.43 9.93
C PHE C 60 -7.02 23.76 10.69
N LEU C 61 -8.14 23.23 10.23
CA LEU C 61 -9.44 23.45 10.86
C LEU C 61 -9.99 22.12 11.35
N LEU C 62 -10.21 22.02 12.66
CA LEU C 62 -10.65 20.79 13.30
C LEU C 62 -12.10 20.94 13.74
N VAL C 63 -12.98 20.12 13.19
CA VAL C 63 -14.40 20.16 13.56
C VAL C 63 -14.57 19.32 14.83
N SER C 64 -14.78 19.99 15.95
CA SER C 64 -14.86 19.32 17.25
C SER C 64 -16.31 19.04 17.59
N SER C 65 -16.67 17.75 17.64
CA SER C 65 -17.98 17.31 18.05
C SER C 65 -17.83 16.19 19.06
N SER C 66 -18.95 15.68 19.55
CA SER C 66 -18.91 14.56 20.47
C SER C 66 -18.23 13.35 19.85
N TYR C 67 -18.39 13.14 18.54
CA TYR C 67 -17.74 12.02 17.88
C TYR C 67 -16.25 12.26 17.69
N SER C 68 -15.88 13.50 17.33
CA SER C 68 -14.50 13.79 16.96
C SER C 68 -13.55 13.82 18.16
N ASN C 69 -14.08 13.83 19.38
CA ASN C 69 -13.22 13.93 20.55
C ASN C 69 -12.35 12.68 20.71
N GLN C 70 -12.94 11.50 20.51
CA GLN C 70 -12.24 10.24 20.73
C GLN C 70 -12.11 9.43 19.45
N ARG C 71 -12.36 10.06 18.30
CA ARG C 71 -12.22 9.37 17.02
C ARG C 71 -10.75 9.23 16.68
N GLU C 72 -10.33 8.01 16.32
CA GLU C 72 -8.91 7.73 16.15
C GLU C 72 -8.32 8.49 14.97
N GLY C 73 -8.99 8.50 13.83
CA GLY C 73 -8.43 9.10 12.63
C GLY C 73 -8.28 10.61 12.74
N VAL C 74 -9.29 11.28 13.30
CA VAL C 74 -9.23 12.74 13.40
C VAL C 74 -8.18 13.16 14.42
N LEU C 75 -8.07 12.43 15.53
CA LEU C 75 -7.02 12.71 16.50
C LEU C 75 -5.64 12.45 15.89
N LYS C 76 -5.55 11.44 15.03
CA LYS C 76 -4.30 11.15 14.34
C LYS C 76 -3.90 12.31 13.42
N GLU C 77 -4.87 12.82 12.65
CA GLU C 77 -4.62 14.00 11.84
C GLU C 77 -4.25 15.20 12.71
N LEU C 78 -4.86 15.30 13.90
CA LEU C 78 -4.52 16.39 14.81
C LEU C 78 -3.07 16.28 15.28
N ALA C 79 -2.61 15.06 15.54
CA ALA C 79 -1.21 14.87 15.92
C ALA C 79 -0.28 15.28 14.79
N VAL C 80 -0.61 14.91 13.55
CA VAL C 80 0.18 15.35 12.42
C VAL C 80 0.18 16.88 12.32
N ALA C 81 -0.98 17.49 12.54
CA ALA C 81 -1.07 18.94 12.50
C ALA C 81 -0.23 19.58 13.59
N ALA C 82 -0.17 18.97 14.78
CA ALA C 82 0.68 19.48 15.84
C ALA C 82 2.15 19.41 15.45
N LYS C 83 2.56 18.31 14.81
CA LYS C 83 3.93 18.22 14.33
C LYS C 83 4.24 19.30 13.31
N VAL C 84 3.32 19.53 12.37
CA VAL C 84 3.53 20.59 11.38
C VAL C 84 3.53 21.96 12.04
N LYS C 85 2.75 22.12 13.11
CA LYS C 85 2.77 23.37 13.87
C LYS C 85 4.14 23.59 14.49
N LYS C 86 4.72 22.55 15.06
CA LYS C 86 6.07 22.67 15.61
C LYS C 86 7.07 23.04 14.53
N GLN C 87 6.94 22.42 13.35
CA GLN C 87 7.91 22.67 12.29
C GLN C 87 7.78 24.09 11.72
N LEU C 88 6.55 24.56 11.52
CA LEU C 88 6.35 25.85 10.86
C LEU C 88 6.48 27.02 11.84
N LYS C 89 6.45 26.77 13.14
CA LYS C 89 6.46 27.81 14.16
C LYS C 89 5.29 28.77 13.96
N ASP C 90 4.07 28.21 14.08
CA ASP C 90 2.85 28.98 13.87
C ASP C 90 1.87 28.60 14.97
N ASP C 91 1.74 29.46 15.99
CA ASP C 91 0.84 29.19 17.09
C ASP C 91 -0.62 29.16 16.66
N LYS C 92 -0.96 29.81 15.54
CA LYS C 92 -2.33 29.84 15.04
C LYS C 92 -2.57 28.78 13.96
N PHE C 93 -1.83 27.68 14.00
CA PHE C 93 -1.97 26.64 12.97
C PHE C 93 -3.34 25.98 13.04
N ILE C 94 -3.76 25.59 14.23
CA ILE C 94 -4.97 24.78 14.39
C ILE C 94 -6.06 25.67 14.98
N ILE C 95 -7.21 25.71 14.32
CA ILE C 95 -8.37 26.41 14.84
C ILE C 95 -9.50 25.38 14.99
N PRO C 96 -9.64 24.77 16.16
CA PRO C 96 -10.73 23.81 16.36
C PRO C 96 -12.09 24.51 16.30
N LEU C 97 -13.07 23.83 15.73
CA LEU C 97 -14.41 24.36 15.57
C LEU C 97 -15.38 23.54 16.42
N ALA C 98 -16.10 24.21 17.30
CA ALA C 98 -17.04 23.55 18.21
C ALA C 98 -18.44 23.74 17.66
N ILE C 99 -19.08 22.65 17.27
CA ILE C 99 -20.40 22.66 16.66
C ILE C 99 -21.42 21.87 17.47
N ASP C 100 -20.98 21.18 18.52
CA ASP C 100 -21.85 20.34 19.34
C ASP C 100 -22.18 21.10 20.61
N GLU C 101 -23.47 21.39 20.81
CA GLU C 101 -23.90 22.07 22.03
C GLU C 101 -23.68 21.18 23.26
N GLN C 102 -23.94 19.88 23.13
CA GLN C 102 -23.71 18.94 24.23
C GLN C 102 -22.24 18.77 24.55
N LEU C 103 -21.34 19.25 23.69
CA LEU C 103 -19.91 19.20 23.91
C LEU C 103 -19.53 20.27 24.93
N SER C 104 -19.23 19.84 26.15
CA SER C 104 -18.73 20.76 27.16
C SER C 104 -17.28 21.10 26.90
N TYR C 105 -16.89 22.35 27.17
CA TYR C 105 -15.51 22.75 26.98
C TYR C 105 -14.56 22.05 27.95
N ASP C 106 -15.09 21.45 29.02
CA ASP C 106 -14.24 20.76 29.97
C ASP C 106 -13.78 19.41 29.45
N ASP C 107 -14.61 18.77 28.63
CA ASP C 107 -14.37 17.39 28.20
C ASP C 107 -13.60 17.29 26.89
N ILE C 108 -13.26 18.41 26.26
CA ILE C 108 -12.57 18.36 24.97
C ILE C 108 -11.12 17.93 25.17
N ASN C 109 -10.46 17.59 24.07
CA ASN C 109 -9.08 17.13 24.11
C ASN C 109 -8.16 18.22 24.63
N ILE C 110 -7.13 17.81 25.39
CA ILE C 110 -6.20 18.76 25.99
C ILE C 110 -5.51 19.60 24.93
N ASP C 111 -5.15 18.97 23.80
CA ASP C 111 -4.47 19.70 22.74
C ASP C 111 -5.33 20.84 22.21
N ILE C 112 -6.66 20.64 22.21
CA ILE C 112 -7.56 21.72 21.83
C ILE C 112 -8.12 22.47 23.04
N VAL C 113 -7.90 21.97 24.26
CA VAL C 113 -8.10 22.81 25.43
C VAL C 113 -7.15 23.99 25.39
N ARG C 114 -5.87 23.73 25.07
CA ARG C 114 -4.88 24.80 25.04
C ARG C 114 -5.23 25.85 23.98
N LEU C 115 -5.70 25.41 22.83
CA LEU C 115 -6.02 26.34 21.76
C LEU C 115 -7.42 26.92 21.93
N ASN C 116 -7.63 28.11 21.38
CA ASN C 116 -8.96 28.70 21.34
C ASN C 116 -9.78 28.07 20.23
N ALA C 117 -11.10 28.19 20.34
CA ALA C 117 -12.03 27.60 19.38
C ALA C 117 -13.02 28.64 18.90
N ILE C 118 -13.49 28.46 17.67
CA ILE C 118 -14.49 29.34 17.07
C ILE C 118 -15.86 28.69 17.26
N ASP C 119 -16.79 29.45 17.83
CA ASP C 119 -18.08 28.91 18.24
C ASP C 119 -18.99 28.70 17.03
N PHE C 120 -19.59 27.50 16.97
CA PHE C 120 -20.61 27.20 15.98
C PHE C 120 -21.86 26.62 16.63
N LYS C 121 -21.91 26.52 17.96
CA LYS C 121 -23.03 25.86 18.62
C LYS C 121 -24.32 26.66 18.44
N MET C 122 -24.23 27.99 18.47
CA MET C 122 -25.43 28.81 18.38
C MET C 122 -25.86 29.05 16.94
N SER C 123 -24.94 29.47 16.09
CA SER C 123 -25.25 29.68 14.68
C SER C 123 -24.05 29.30 13.83
N TRP C 124 -24.31 28.91 12.59
CA TRP C 124 -23.26 28.56 11.65
C TRP C 124 -22.83 29.73 10.78
N ALA C 125 -23.45 30.90 10.95
CA ALA C 125 -23.06 32.10 10.22
C ALA C 125 -22.11 32.99 11.01
N ARG C 126 -22.35 33.15 12.31
CA ARG C 126 -21.41 33.89 13.15
C ARG C 126 -20.07 33.17 13.21
N GLY C 127 -20.09 31.84 13.28
CA GLY C 127 -18.85 31.09 13.24
C GLY C 127 -18.09 31.28 11.95
N LEU C 128 -18.81 31.30 10.82
CA LEU C 128 -18.17 31.54 9.53
C LEU C 128 -17.58 32.95 9.46
N LYS C 129 -18.31 33.93 10.02
CA LYS C 129 -17.77 35.29 10.10
C LYS C 129 -16.50 35.32 10.93
N ASP C 130 -16.48 34.60 12.05
CA ASP C 130 -15.29 34.53 12.88
C ASP C 130 -14.13 33.91 12.14
N ILE C 131 -14.39 32.84 11.38
CA ILE C 131 -13.34 32.20 10.60
C ILE C 131 -12.80 33.17 9.55
N LEU C 132 -13.69 33.90 8.89
CA LEU C 132 -13.24 34.87 7.88
C LEU C 132 -12.36 35.94 8.51
N GLU C 133 -12.76 36.46 9.67
CA GLU C 133 -11.95 37.47 10.35
C GLU C 133 -10.59 36.89 10.75
N ALA C 134 -10.58 35.68 11.30
CA ALA C 134 -9.32 35.07 11.71
C ALA C 134 -8.40 34.84 10.52
N PHE C 135 -8.96 34.41 9.39
CA PHE C 135 -8.19 34.23 8.17
C PHE C 135 -7.67 35.54 7.60
N GLU C 136 -8.44 36.63 7.72
CA GLU C 136 -7.96 37.92 7.26
C GLU C 136 -6.83 38.45 8.13
N LYS C 137 -6.95 38.29 9.46
CA LYS C 137 -5.89 38.75 10.35
C LYS C 137 -4.65 37.85 10.26
N GLN C 138 -4.85 36.54 10.26
CA GLN C 138 -3.73 35.61 10.14
C GLN C 138 -3.20 35.52 8.71
N LYS C 139 -3.87 36.15 7.75
CA LYS C 139 -3.40 36.22 6.37
C LYS C 139 -3.23 34.82 5.76
N VAL C 140 -4.35 34.13 5.60
CA VAL C 140 -4.35 32.90 4.80
C VAL C 140 -4.55 33.28 3.34
N PRO C 141 -3.64 32.93 2.43
CA PRO C 141 -3.79 33.33 1.03
C PRO C 141 -5.07 32.77 0.42
N LYS C 142 -5.72 33.60 -0.39
CA LYS C 142 -6.95 33.22 -1.07
C LYS C 142 -6.83 33.63 -2.54
N GLU C 143 -7.32 32.77 -3.42
CA GLU C 143 -7.43 33.15 -4.83
C GLU C 143 -8.69 33.97 -5.03
N VAL C 144 -8.52 35.22 -5.48
CA VAL C 144 -9.66 36.11 -5.67
C VAL C 144 -10.63 35.52 -6.68
N ALA C 145 -10.10 35.01 -7.79
CA ALA C 145 -10.89 34.30 -8.79
C ALA C 145 -12.03 35.15 -9.32
N ASP C 146 -13.26 34.68 -9.11
CA ASP C 146 -14.49 35.33 -9.57
C ASP C 146 -14.50 36.83 -9.31
N ALA C 147 -14.16 37.23 -8.09
CA ALA C 147 -14.03 38.64 -7.68
C ALA C 147 -15.37 39.35 -7.66
N SER C 148 -16.43 38.67 -8.08
CA SER C 148 -17.79 39.22 -7.91
C SER C 148 -18.62 38.30 -7.02
N LYS C 149 -18.67 37.01 -7.36
CA LYS C 149 -19.35 36.05 -6.52
C LYS C 149 -18.76 36.01 -5.11
N SER C 150 -17.42 36.00 -5.02
CA SER C 150 -16.77 35.97 -3.72
C SER C 150 -17.05 37.23 -2.93
N ASN C 151 -16.98 38.40 -3.57
CA ASN C 151 -17.22 39.65 -2.86
C ASN C 151 -18.66 39.72 -2.35
N LEU C 152 -19.62 39.33 -3.18
CA LEU C 152 -21.01 39.44 -2.75
C LEU C 152 -21.35 38.40 -1.69
N LEU C 153 -20.76 37.20 -1.78
CA LEU C 153 -20.92 36.23 -0.72
C LEU C 153 -20.30 36.72 0.59
N TYR C 154 -19.15 37.38 0.51
CA TYR C 154 -18.54 37.96 1.70
C TYR C 154 -19.45 39.02 2.30
N GLN C 155 -20.07 39.83 1.46
CA GLN C 155 -21.02 40.84 1.94
C GLN C 155 -22.20 40.18 2.64
N GLN C 156 -22.74 39.12 2.04
CA GLN C 156 -23.86 38.41 2.66
C GLN C 156 -23.47 37.83 4.02
N ILE C 157 -22.30 37.19 4.10
CA ILE C 157 -21.87 36.59 5.36
C ILE C 157 -21.54 37.66 6.38
N PHE C 158 -20.85 38.71 5.96
CA PHE C 158 -20.41 39.75 6.87
C PHE C 158 -21.17 41.05 6.63
N LEU C 159 -25.55 40.41 6.99
CA LEU C 159 -26.12 39.62 8.09
C LEU C 159 -25.74 40.22 9.44
N HIS C 160 -24.53 40.80 9.51
CA HIS C 160 -24.01 41.28 10.78
C HIS C 160 -23.65 42.77 10.74
N ASP C 161 -23.31 43.28 9.55
CA ASP C 161 -22.86 44.66 9.42
C ASP C 161 -23.98 45.65 9.70
N LYS C 162 -25.22 45.18 9.77
CA LYS C 162 -26.38 46.05 9.99
C LYS C 162 -27.27 45.36 11.03
N SER C 163 -27.13 45.78 12.28
CA SER C 163 -27.87 45.18 13.39
C SER C 163 -28.39 46.28 14.32
N VAL C 164 -29.21 45.86 15.28
CA VAL C 164 -29.78 46.77 16.26
C VAL C 164 -28.68 47.35 17.14
N ILE C 165 -28.64 48.68 17.24
CA ILE C 165 -27.72 49.38 18.13
C ILE C 165 -28.54 50.20 19.13
N GLU C 166 -28.11 50.17 20.39
CA GLU C 166 -28.86 50.83 21.45
C GLU C 166 -28.34 52.24 21.72
N LYS C 167 -29.09 53.25 21.28
CA LYS C 167 -28.78 54.64 21.62
C LYS C 167 -30.06 55.45 21.44
N GLU C 168 -30.25 56.43 22.31
CA GLU C 168 -31.53 57.14 22.39
C GLU C 168 -31.78 57.96 21.13
N GLU C 169 -33.04 58.01 20.71
CA GLU C 169 -33.47 58.78 19.55
C GLU C 169 -34.82 59.41 19.84
N ILE C 170 -35.00 60.65 19.39
CA ILE C 170 -36.27 61.35 19.57
C ILE C 170 -37.04 61.33 18.25
N TYR C 171 -38.35 61.14 18.34
CA TYR C 171 -39.21 61.05 17.16
C TYR C 171 -40.34 62.08 17.27
N ASP C 172 -40.70 62.65 16.12
CA ASP C 172 -41.78 63.63 16.04
C ASP C 172 -42.95 63.02 15.29
N SER C 173 -44.11 62.99 15.94
CA SER C 173 -45.31 62.41 15.35
C SER C 173 -46.09 63.50 14.61
N ASN C 174 -47.33 63.20 14.22
CA ASN C 174 -48.23 64.18 13.63
C ASN C 174 -49.37 64.55 14.56
N TRP C 175 -49.27 64.22 15.84
CA TRP C 175 -50.30 64.52 16.83
C TRP C 175 -49.98 65.88 17.44
N LEU C 176 -50.95 66.79 17.41
CA LEU C 176 -50.84 68.05 18.15
C LEU C 176 -51.60 67.87 19.45
N SER C 177 -50.89 67.96 20.56
CA SER C 177 -51.49 67.74 21.87
C SER C 177 -52.33 68.93 22.29
N ILE C 178 -53.52 68.65 22.81
CA ILE C 178 -54.41 69.70 23.29
C ILE C 178 -54.04 70.04 24.72
N LEU C 179 -53.70 71.30 24.97
CA LEU C 179 -53.23 71.70 26.30
C LEU C 179 -54.36 72.10 27.24
N SER C 180 -55.41 72.74 26.73
CA SER C 180 -56.47 73.24 27.61
C SER C 180 -57.81 73.18 26.89
N PHE C 181 -58.88 73.15 27.69
CA PHE C 181 -60.25 73.15 27.24
C PHE C 181 -61.05 74.21 27.98
N PRO C 182 -62.15 74.69 27.40
CA PRO C 182 -63.09 75.50 28.17
C PRO C 182 -63.68 74.69 29.31
N GLU C 183 -63.95 75.39 30.42
CA GLU C 183 -64.28 74.70 31.67
C GLU C 183 -65.58 73.92 31.60
N GLU C 184 -66.61 74.49 30.97
CA GLU C 184 -67.96 73.92 31.06
C GLU C 184 -68.50 73.60 29.68
N LEU C 185 -69.05 72.40 29.53
CA LEU C 185 -69.74 72.01 28.32
C LEU C 185 -71.23 72.30 28.48
N ARG C 186 -71.74 73.22 27.66
CA ARG C 186 -73.06 73.79 27.87
C ARG C 186 -74.08 73.21 26.91
N PHE C 187 -75.26 72.87 27.45
CA PHE C 187 -76.39 72.33 26.71
C PHE C 187 -77.52 73.35 26.83
N HIS C 188 -77.55 74.31 25.93
CA HIS C 188 -78.49 75.42 26.04
C HIS C 188 -79.87 75.01 25.54
N GLU C 189 -80.90 75.31 26.34
CA GLU C 189 -82.27 74.90 26.04
C GLU C 189 -82.99 75.96 25.20
N TYR C 190 -82.52 76.14 23.96
CA TYR C 190 -83.22 77.02 23.04
C TYR C 190 -84.62 76.49 22.74
N ASN C 191 -84.75 75.17 22.54
CA ASN C 191 -86.03 74.53 22.29
C ASN C 191 -86.75 75.17 21.12
N TRP C 192 -87.95 75.72 21.36
CA TRP C 192 -88.70 76.39 20.31
C TRP C 192 -87.99 77.62 19.78
N MET C 193 -87.19 78.29 20.61
CA MET C 193 -86.45 79.46 20.15
C MET C 193 -85.42 79.10 19.09
N LEU C 194 -85.11 77.82 18.95
CA LEU C 194 -84.28 77.35 17.84
C LEU C 194 -85.17 76.65 16.83
N PRO C 195 -85.48 77.26 15.68
CA PRO C 195 -86.31 76.58 14.68
C PRO C 195 -85.66 75.29 14.19
N LYS C 196 -86.49 74.27 13.99
CA LYS C 196 -85.98 72.95 13.64
C LYS C 196 -85.29 72.97 12.28
N ARG C 197 -85.86 73.67 11.31
CA ARG C 197 -85.35 73.68 9.95
C ARG C 197 -84.30 74.79 9.80
N PHE C 198 -83.14 74.52 10.39
CA PHE C 198 -81.96 75.36 10.21
C PHE C 198 -80.73 74.52 10.49
N ASP C 199 -79.70 74.70 9.68
CA ASP C 199 -78.48 73.90 9.78
C ASP C 199 -77.49 74.61 10.70
N VAL C 200 -76.97 73.88 11.68
CA VAL C 200 -76.06 74.46 12.66
C VAL C 200 -74.63 74.60 12.16
N ARG C 201 -74.32 74.03 10.99
CA ARG C 201 -72.95 74.08 10.49
C ARG C 201 -72.53 75.46 10.00
N GLU C 202 -73.48 76.35 9.68
CA GLU C 202 -73.15 77.70 9.26
C GLU C 202 -73.00 78.66 10.44
N LEU C 203 -73.20 78.19 11.66
CA LEU C 203 -73.09 79.05 12.83
C LEU C 203 -71.64 79.47 13.05
N THR C 204 -71.47 80.67 13.60
CA THR C 204 -70.16 81.27 13.81
C THR C 204 -69.21 80.34 14.57
N PHE C 205 -69.60 79.94 15.78
CA PHE C 205 -68.82 78.98 16.52
C PHE C 205 -69.48 77.60 16.44
N PRO C 206 -68.71 76.53 16.62
CA PRO C 206 -69.28 75.18 16.52
C PRO C 206 -70.42 74.97 17.52
N ALA C 207 -71.43 74.25 17.05
CA ALA C 207 -72.66 74.03 17.79
C ALA C 207 -73.39 72.82 17.23
N VAL C 208 -73.70 71.83 18.08
CA VAL C 208 -74.34 70.61 17.60
C VAL C 208 -75.64 70.39 18.36
N ARG C 209 -76.72 70.11 17.64
CA ARG C 209 -78.02 69.93 18.26
C ARG C 209 -78.20 68.48 18.71
N TYR C 210 -78.58 68.29 19.98
CA TYR C 210 -78.83 66.97 20.55
C TYR C 210 -80.11 67.06 21.36
N LYS C 211 -81.10 66.24 21.01
CA LYS C 211 -82.46 66.40 21.49
C LYS C 211 -82.95 67.81 21.16
N ASN C 212 -83.36 68.57 22.17
CA ASN C 212 -83.66 69.99 21.99
C ASN C 212 -82.62 70.89 22.67
N TYR C 213 -81.44 70.36 22.94
CA TYR C 213 -80.35 71.10 23.59
C TYR C 213 -79.29 71.40 22.55
N LEU C 214 -78.85 72.66 22.48
CA LEU C 214 -77.69 72.98 21.68
C LEU C 214 -76.42 72.78 22.51
N CYS C 215 -75.59 71.81 22.10
CA CYS C 215 -74.29 71.56 22.68
C CYS C 215 -73.29 72.56 22.12
N THR C 216 -72.75 73.41 23.00
CA THR C 216 -71.71 74.37 22.69
C THR C 216 -70.80 74.51 23.89
N PHE C 217 -69.54 74.85 23.65
CA PHE C 217 -68.67 75.35 24.71
C PHE C 217 -68.73 76.87 24.81
N ALA C 218 -69.57 77.52 24.01
CA ALA C 218 -69.65 78.97 23.98
C ALA C 218 -70.68 79.47 24.99
N TRP C 219 -70.80 80.79 25.07
CA TRP C 219 -71.72 81.43 25.98
C TRP C 219 -73.15 81.32 25.46
N ALA C 220 -74.11 81.56 26.36
CA ALA C 220 -75.51 81.37 26.03
C ALA C 220 -75.97 82.31 24.91
N TYR C 221 -75.70 83.61 25.07
CA TYR C 221 -76.18 84.62 24.15
C TYR C 221 -75.12 85.03 23.14
N ASP C 222 -74.14 84.16 22.88
CA ASP C 222 -73.10 84.43 21.90
C ASP C 222 -73.64 84.42 20.47
N PHE C 223 -74.84 83.87 20.27
CA PHE C 223 -75.33 83.55 18.92
C PHE C 223 -76.60 84.32 18.58
N THR C 224 -76.72 85.55 19.08
CA THR C 224 -77.93 86.33 18.86
C THR C 224 -78.12 86.68 17.39
N TYR C 225 -77.03 87.00 16.68
CA TYR C 225 -77.16 87.43 15.30
C TYR C 225 -77.78 86.35 14.42
N HIS C 226 -77.33 85.11 14.58
CA HIS C 226 -77.88 84.03 13.76
C HIS C 226 -79.27 83.63 14.22
N LEU C 227 -79.52 83.70 15.54
CA LEU C 227 -80.80 83.32 16.12
C LEU C 227 -81.31 84.45 16.99
N PRO C 228 -82.03 85.42 16.42
CA PRO C 228 -82.56 86.52 17.24
C PRO C 228 -83.60 86.07 18.25
N LYS C 229 -84.20 84.90 18.06
CA LYS C 229 -85.25 84.43 18.97
C LYS C 229 -84.68 83.98 20.30
N THR C 230 -83.36 83.81 20.37
CA THR C 230 -82.69 83.33 21.57
C THR C 230 -82.27 84.45 22.52
N GLU C 231 -82.62 85.70 22.21
CA GLU C 231 -82.21 86.81 23.06
C GLU C 231 -82.93 86.82 24.41
N THR C 232 -84.06 86.14 24.52
CA THR C 232 -84.86 86.13 25.74
C THR C 232 -84.66 84.85 26.52
N TYR C 233 -83.56 84.15 26.25
CA TYR C 233 -83.24 82.90 26.94
C TYR C 233 -82.78 83.19 28.37
N HIS C 234 -82.95 82.19 29.23
CA HIS C 234 -82.49 82.27 30.61
C HIS C 234 -81.33 81.31 30.80
N LYS C 235 -80.22 81.83 31.33
CA LYS C 235 -78.99 81.06 31.44
C LYS C 235 -79.02 80.02 32.54
N SER C 236 -80.06 79.99 33.37
CA SER C 236 -80.18 79.00 34.43
C SER C 236 -80.63 77.64 33.91
N LYS C 237 -81.10 77.56 32.68
CA LYS C 237 -81.56 76.31 32.09
C LYS C 237 -80.43 75.45 31.56
N THR C 238 -79.20 75.97 31.54
CA THR C 238 -78.07 75.22 31.01
C THR C 238 -77.72 74.05 31.91
N ILE C 239 -77.24 72.98 31.31
CA ILE C 239 -76.88 71.75 32.02
C ILE C 239 -75.36 71.62 31.88
N ARG C 240 -74.67 72.76 31.97
CA ARG C 240 -73.21 72.82 31.90
C ARG C 240 -72.57 71.67 32.67
N ILE C 241 -71.54 71.07 32.07
CA ILE C 241 -70.91 69.86 32.59
C ILE C 241 -69.44 70.13 32.89
N PRO C 242 -68.87 69.51 33.92
CA PRO C 242 -67.43 69.65 34.19
C PRO C 242 -66.58 68.90 33.17
N THR C 243 -66.28 69.56 32.07
CA THR C 243 -65.54 69.01 30.92
C THR C 243 -64.42 68.05 31.31
N GLU C 244 -63.64 68.41 32.32
CA GLU C 244 -62.54 67.54 32.74
C GLU C 244 -63.06 66.18 33.22
N GLU C 245 -64.24 66.14 33.82
CA GLU C 245 -64.84 64.87 34.18
C GLU C 245 -65.23 64.07 32.94
N ILE C 246 -65.66 64.76 31.87
CA ILE C 246 -65.91 64.09 30.61
C ILE C 246 -64.64 63.46 30.07
N LEU C 247 -63.54 64.22 30.10
CA LEU C 247 -62.27 63.67 29.63
C LEU C 247 -61.83 62.48 30.49
N SER C 248 -61.98 62.58 31.80
CA SER C 248 -61.70 61.44 32.67
C SER C 248 -62.71 60.32 32.45
N GLY C 249 -63.98 60.67 32.26
CA GLY C 249 -65.01 59.69 32.05
C GLY C 249 -65.85 59.45 33.29
N SER C 250 -65.65 60.28 34.32
CA SER C 250 -66.33 60.07 35.58
C SER C 250 -67.84 60.21 35.45
N TYR C 251 -68.31 61.19 34.67
CA TYR C 251 -69.74 61.41 34.54
C TYR C 251 -70.40 60.32 33.71
N ASP C 252 -71.55 59.85 34.19
CA ASP C 252 -72.36 58.88 33.46
C ASP C 252 -73.75 58.86 34.08
N SER C 253 -74.77 59.04 33.24
CA SER C 253 -76.15 59.09 33.71
C SER C 253 -77.14 58.84 32.60
N ASN C 254 -78.43 59.05 32.88
CA ASN C 254 -79.46 58.80 31.88
C ASN C 254 -79.49 59.88 30.81
N PHE C 255 -79.12 61.11 31.18
CA PHE C 255 -79.21 62.22 30.23
C PHE C 255 -78.26 62.03 29.05
N ILE C 256 -77.03 61.62 29.32
CA ILE C 256 -76.04 61.41 28.27
C ILE C 256 -75.00 60.42 28.80
N ARG C 257 -74.48 59.60 27.90
CA ARG C 257 -73.54 58.54 28.26
C ARG C 257 -72.11 59.03 28.10
N ASN C 258 -71.19 58.30 28.77
CA ASN C 258 -69.78 58.67 28.71
C ASN C 258 -69.23 58.64 27.29
N ALA C 259 -69.60 57.61 26.51
CA ALA C 259 -69.21 57.58 25.11
C ALA C 259 -69.89 58.69 24.33
N GLU C 260 -71.15 58.97 24.65
CA GLU C 260 -71.94 59.94 23.90
C GLU C 260 -71.74 61.37 24.36
N CYS C 261 -70.94 61.60 25.41
CA CYS C 261 -70.51 62.96 25.74
C CYS C 261 -69.09 63.23 25.26
N LYS C 262 -68.33 62.18 24.96
CA LYS C 262 -67.02 62.31 24.34
C LYS C 262 -67.07 62.34 22.83
N ARG C 263 -68.08 61.68 22.21
CA ARG C 263 -68.25 61.76 20.77
C ARG C 263 -69.01 63.00 20.34
N LEU C 264 -69.53 63.79 21.28
CA LEU C 264 -70.16 65.07 21.00
C LEU C 264 -69.22 66.25 21.12
N ILE C 265 -67.99 66.02 21.61
CA ILE C 265 -66.99 67.07 21.72
C ILE C 265 -66.05 67.07 20.52
N VAL C 266 -65.77 65.90 19.95
CA VAL C 266 -64.82 65.78 18.86
C VAL C 266 -65.25 66.56 17.62
N GLN C 267 -66.51 66.49 17.21
CA GLN C 267 -66.92 67.22 16.01
C GLN C 267 -66.99 68.71 16.30
N LEU C 268 -67.18 69.09 17.56
CA LEU C 268 -67.02 70.50 17.92
C LEU C 268 -65.58 70.95 17.64
N LEU C 269 -64.61 70.12 18.02
CA LEU C 269 -63.22 70.43 17.70
C LEU C 269 -62.98 70.42 16.20
N ASN C 270 -63.62 69.50 15.47
CA ASN C 270 -63.46 69.48 14.02
C ASN C 270 -64.02 70.73 13.37
N LYS C 271 -65.19 71.19 13.80
CA LYS C 271 -65.76 72.42 13.26
C LYS C 271 -64.92 73.63 13.64
N ALA C 272 -64.38 73.64 14.86
CA ALA C 272 -63.50 74.72 15.26
C ALA C 272 -62.26 74.76 14.39
N PHE C 273 -61.68 73.60 14.11
CA PHE C 273 -60.51 73.51 13.22
C PHE C 273 -60.86 74.00 11.83
N GLU C 274 -62.01 73.57 11.30
CA GLU C 274 -62.45 74.01 9.98
C GLU C 274 -62.62 75.52 9.94
N LEU C 275 -63.28 76.09 10.95
CA LEU C 275 -63.52 77.53 10.96
C LEU C 275 -62.23 78.31 11.14
N ARG C 276 -61.26 77.74 11.87
CA ARG C 276 -59.97 78.40 11.99
C ARG C 276 -59.24 78.41 10.66
N MET C 277 -59.31 77.29 9.92
CA MET C 277 -58.71 77.29 8.59
C MET C 277 -59.40 78.30 7.67
N LYS C 278 -60.72 78.41 7.76
CA LYS C 278 -61.43 79.42 6.99
C LYS C 278 -60.99 80.83 7.40
N ASP C 279 -60.78 81.05 8.70
CA ASP C 279 -60.29 82.33 9.18
C ASP C 279 -58.89 82.61 8.64
N LYS C 280 -58.05 81.58 8.60
CA LYS C 280 -56.72 81.72 8.00
C LYS C 280 -56.77 81.77 6.48
N GLU C 281 -57.98 81.81 5.89
CA GLU C 281 -58.20 81.99 4.46
C GLU C 281 -57.32 81.06 3.62
N VAL C 282 -57.17 79.82 4.09
CA VAL C 282 -56.56 78.76 3.31
C VAL C 282 -57.66 78.07 2.53
N GLN C 283 -57.36 77.69 1.29
CA GLN C 283 -58.41 77.26 0.38
C GLN C 283 -58.72 75.79 0.66
N GLU C 284 -59.98 75.41 0.43
CA GLU C 284 -60.54 74.12 0.84
C GLU C 284 -60.74 73.22 -0.37
N TYR C 285 -60.48 71.92 -0.17
CA TYR C 285 -60.74 70.89 -1.17
C TYR C 285 -61.42 69.70 -0.49
N GLU C 286 -62.38 69.09 -1.18
CA GLU C 286 -63.14 67.98 -0.64
C GLU C 286 -62.50 66.65 -1.06
N MET C 287 -62.23 65.79 -0.07
CA MET C 287 -61.73 64.46 -0.31
C MET C 287 -62.87 63.44 -0.32
N SER C 288 -62.51 62.16 -0.24
CA SER C 288 -63.52 61.11 -0.16
C SER C 288 -64.39 61.26 1.08
N ASN C 289 -63.75 61.42 2.24
CA ASN C 289 -64.45 61.62 3.50
C ASN C 289 -63.99 62.88 4.21
N LYS C 290 -62.70 63.18 4.20
CA LYS C 290 -62.18 64.35 4.89
C LYS C 290 -62.16 65.56 3.97
N THR C 291 -61.66 66.67 4.50
CA THR C 291 -61.46 67.90 3.76
C THR C 291 -60.04 68.39 4.01
N ALA C 292 -59.39 68.91 2.96
CA ALA C 292 -58.02 69.37 3.05
C ALA C 292 -57.94 70.86 2.77
N TYR C 293 -56.88 71.49 3.28
CA TYR C 293 -56.67 72.92 3.13
C TYR C 293 -55.26 73.16 2.61
N TRP C 294 -55.14 73.94 1.54
CA TRP C 294 -53.82 74.32 1.05
C TRP C 294 -53.74 75.82 0.82
N LEU C 295 -52.50 76.30 0.76
CA LEU C 295 -52.19 77.72 0.57
C LEU C 295 -52.08 78.04 -0.91
N GLU C 296 -52.81 79.07 -1.33
CA GLU C 296 -52.78 79.52 -2.71
C GLU C 296 -51.40 80.04 -3.07
N LYS C 297 -51.17 80.21 -4.37
CA LYS C 297 -49.91 80.72 -4.87
C LYS C 297 -49.84 82.23 -4.66
N GLY C 298 -48.84 82.67 -3.90
CA GLY C 298 -48.59 84.08 -3.71
C GLY C 298 -48.85 84.60 -2.31
N LYS C 299 -49.70 83.92 -1.54
CA LYS C 299 -49.99 84.39 -0.19
C LYS C 299 -48.75 84.34 0.69
N LEU C 300 -47.98 83.26 0.60
CA LEU C 300 -46.72 83.15 1.33
C LEU C 300 -45.64 83.97 0.63
N GLU C 301 -44.73 84.51 1.43
CA GLU C 301 -43.57 85.20 0.87
C GLU C 301 -42.72 84.22 0.07
N LYS C 302 -42.66 84.46 -1.24
CA LYS C 302 -41.98 83.59 -2.19
C LYS C 302 -42.50 82.16 -2.16
N ASP C 303 -43.79 81.98 -1.82
CA ASP C 303 -44.42 80.66 -1.71
C ASP C 303 -43.63 79.72 -0.79
N LYS C 304 -43.12 80.25 0.32
CA LYS C 304 -42.36 79.45 1.27
C LYS C 304 -42.40 80.15 2.63
N PHE C 305 -42.88 79.44 3.64
CA PHE C 305 -42.83 79.96 5.00
C PHE C 305 -41.55 79.51 5.67
N GLU C 306 -40.98 80.39 6.49
CA GLU C 306 -39.66 80.18 7.10
C GLU C 306 -38.66 79.98 5.96
N LYS C 307 -37.91 78.88 5.95
CA LYS C 307 -36.94 78.60 4.90
C LYS C 307 -37.39 77.46 3.99
N THR C 308 -38.51 76.81 4.33
CA THR C 308 -38.93 75.57 3.68
C THR C 308 -40.08 75.87 2.73
N MET C 309 -39.94 75.44 1.48
CA MET C 309 -40.96 75.70 0.48
C MET C 309 -42.16 74.78 0.66
N LEU C 310 -43.35 75.35 0.54
CA LEU C 310 -44.59 74.61 0.63
C LEU C 310 -45.38 74.59 -0.67
N VAL C 311 -45.14 75.56 -1.56
CA VAL C 311 -45.79 75.63 -2.86
C VAL C 311 -44.71 75.71 -3.92
N GLY C 312 -44.77 74.83 -4.92
CA GLY C 312 -43.72 74.79 -5.93
C GLY C 312 -44.27 74.48 -7.29
N LYS C 313 -43.36 74.35 -8.25
CA LYS C 313 -43.68 74.10 -9.65
C LYS C 313 -43.19 72.72 -10.05
N GLN C 314 -43.90 72.13 -11.01
CA GLN C 314 -43.46 70.88 -11.64
C GLN C 314 -44.13 70.82 -13.01
N LYS C 315 -43.37 71.14 -14.05
CA LYS C 315 -43.87 71.19 -15.43
C LYS C 315 -44.99 72.23 -15.47
N ASP C 316 -46.19 71.88 -15.94
CA ASP C 316 -47.31 72.80 -15.98
C ASP C 316 -48.05 72.85 -14.64
N LYS C 317 -47.78 71.89 -13.74
CA LYS C 317 -48.60 71.68 -12.55
C LYS C 317 -47.95 72.36 -11.35
N ASN C 318 -48.68 73.26 -10.71
CA ASN C 318 -48.25 73.81 -9.43
C ASN C 318 -48.63 72.86 -8.32
N TRP C 319 -47.64 72.42 -7.55
CA TRP C 319 -47.89 71.50 -6.45
C TRP C 319 -47.95 72.25 -5.12
N HIS C 320 -48.88 71.82 -4.28
CA HIS C 320 -49.20 72.51 -3.02
C HIS C 320 -49.22 71.48 -1.91
N PHE C 321 -48.50 71.77 -0.83
CA PHE C 321 -48.60 70.93 0.36
C PHE C 321 -49.84 71.30 1.17
N ALA C 322 -50.65 70.29 1.49
CA ALA C 322 -51.88 70.51 2.21
C ALA C 322 -51.94 69.58 3.41
N ILE C 323 -52.74 69.97 4.41
CA ILE C 323 -52.94 69.14 5.59
C ILE C 323 -54.42 68.99 5.84
N SER C 324 -54.78 67.90 6.52
CA SER C 324 -56.14 67.67 6.97
C SER C 324 -56.12 67.31 8.45
N GLY C 325 -57.07 67.86 9.19
CA GLY C 325 -57.09 67.70 10.63
C GLY C 325 -58.29 66.90 11.10
N ALA C 326 -58.10 66.20 12.22
CA ALA C 326 -59.18 65.45 12.83
C ALA C 326 -58.87 65.16 14.29
N SER C 327 -59.80 65.46 15.20
CA SER C 327 -59.53 65.37 16.62
C SER C 327 -59.89 63.98 17.16
N LYS C 328 -58.96 63.40 17.92
CA LYS C 328 -59.20 62.15 18.63
C LYS C 328 -58.95 62.36 20.11
N LEU C 329 -59.75 61.70 20.94
CA LEU C 329 -59.65 61.85 22.39
C LEU C 329 -59.36 60.54 23.11
N TYR C 330 -59.15 59.45 22.39
CA TYR C 330 -58.98 58.15 23.04
C TYR C 330 -57.59 58.00 23.66
N PRO C 331 -56.50 58.08 22.90
CA PRO C 331 -55.19 57.90 23.55
C PRO C 331 -54.83 59.07 24.46
N PHE C 332 -54.97 60.28 23.94
CA PHE C 332 -54.79 61.54 24.65
C PHE C 332 -55.73 62.53 23.99
N PRO C 333 -56.03 63.68 24.60
CA PRO C 333 -56.75 64.71 23.84
C PRO C 333 -55.82 65.30 22.79
N VAL C 334 -55.99 64.89 21.54
CA VAL C 334 -55.02 65.19 20.50
C VAL C 334 -55.74 65.50 19.19
N LEU C 335 -55.01 66.12 18.28
CA LEU C 335 -55.50 66.44 16.94
C LEU C 335 -54.53 65.85 15.94
N MET C 336 -55.01 64.90 15.15
CA MET C 336 -54.19 64.24 14.14
C MET C 336 -54.19 65.06 12.86
N ILE C 337 -53.04 65.13 12.20
CA ILE C 337 -52.86 65.86 10.95
C ILE C 337 -52.29 64.92 9.91
N SER C 338 -52.89 64.93 8.72
CA SER C 338 -52.44 64.11 7.59
C SER C 338 -51.97 65.00 6.46
N SER C 339 -50.84 64.62 5.86
CA SER C 339 -50.19 65.39 4.82
C SER C 339 -50.65 64.93 3.44
N HIS C 340 -50.72 65.87 2.50
CA HIS C 340 -51.19 65.59 1.16
C HIS C 340 -50.52 66.51 0.16
N ILE C 341 -50.50 66.08 -1.10
CA ILE C 341 -49.91 66.85 -2.19
C ILE C 341 -51.00 67.11 -3.22
N PHE C 342 -51.19 68.39 -3.57
CA PHE C 342 -52.26 68.83 -4.45
C PHE C 342 -51.67 69.47 -5.69
N PHE C 343 -52.45 69.53 -6.75
CA PHE C 343 -51.98 70.06 -8.02
C PHE C 343 -52.99 70.99 -8.65
N THR C 344 -52.49 72.08 -9.22
CA THR C 344 -53.30 73.08 -9.89
C THR C 344 -52.70 73.40 -11.25
N ALA C 345 -53.55 73.82 -12.18
CA ALA C 345 -53.09 74.19 -13.51
C ALA C 345 -52.44 75.56 -13.56
N ASP C 346 -52.95 76.53 -12.80
CA ASP C 346 -52.43 77.89 -12.81
C ASP C 346 -52.00 78.39 -11.44
N GLY C 347 -52.13 77.57 -10.40
CA GLY C 347 -51.86 78.01 -9.05
C GLY C 347 -53.06 78.52 -8.28
N LYS C 348 -54.23 78.57 -8.91
CA LYS C 348 -55.43 79.03 -8.22
C LYS C 348 -56.59 78.03 -8.31
N LYS C 349 -56.75 77.35 -9.43
CA LYS C 349 -57.84 76.39 -9.61
C LYS C 349 -57.28 74.98 -9.68
N LEU C 350 -57.90 74.07 -8.91
CA LEU C 350 -57.43 72.70 -8.84
C LEU C 350 -57.82 71.92 -10.10
N ILE C 351 -57.01 70.91 -10.41
CA ILE C 351 -57.30 70.04 -11.56
C ILE C 351 -58.50 69.16 -11.22
N ASP C 352 -59.47 69.11 -12.15
CA ASP C 352 -60.73 68.43 -11.87
C ASP C 352 -60.66 66.92 -12.00
N SER C 353 -59.60 66.39 -12.61
CA SER C 353 -59.49 64.95 -12.83
C SER C 353 -58.80 64.30 -11.62
N SER C 354 -59.46 63.32 -11.02
CA SER C 354 -58.89 62.64 -9.85
C SER C 354 -57.71 61.76 -10.25
N SER C 355 -57.82 61.08 -11.41
CA SER C 355 -56.73 60.22 -11.86
C SER C 355 -55.47 61.02 -12.13
N VAL C 356 -55.62 62.20 -12.75
CA VAL C 356 -54.47 63.06 -13.03
C VAL C 356 -53.82 63.50 -11.72
N GLN C 357 -54.65 63.89 -10.75
CA GLN C 357 -54.11 64.28 -9.45
C GLN C 357 -53.37 63.14 -8.78
N HIS C 358 -53.93 61.93 -8.85
CA HIS C 358 -53.29 60.78 -8.21
C HIS C 358 -51.95 60.46 -8.87
N SER C 359 -51.92 60.46 -10.20
CA SER C 359 -50.66 60.18 -10.90
C SER C 359 -49.62 61.25 -10.62
N SER C 360 -50.04 62.52 -10.61
CA SER C 360 -49.11 63.60 -10.32
C SER C 360 -48.60 63.51 -8.89
N ARG C 361 -49.46 63.13 -7.95
CA ARG C 361 -49.05 62.99 -6.56
C ARG C 361 -48.03 61.87 -6.41
N ARG C 362 -48.26 60.75 -7.10
CA ARG C 362 -47.29 59.66 -7.06
C ARG C 362 -45.95 60.11 -7.62
N ARG C 363 -45.97 60.81 -8.77
CA ARG C 363 -44.74 61.27 -9.39
C ARG C 363 -44.01 62.26 -8.49
N GLN C 364 -44.75 63.13 -7.81
CA GLN C 364 -44.13 64.14 -6.98
C GLN C 364 -43.58 63.53 -5.69
N GLY C 365 -44.34 62.65 -5.05
CA GLY C 365 -43.93 62.04 -3.81
C GLY C 365 -42.97 60.89 -3.98
N LYS C 366 -42.65 60.53 -5.23
CA LYS C 366 -41.58 59.57 -5.51
C LYS C 366 -40.30 59.85 -4.74
N ASN C 367 -40.01 61.12 -4.44
CA ASN C 367 -38.75 61.48 -3.82
C ASN C 367 -38.89 62.25 -2.51
N TRP C 368 -40.07 62.29 -1.90
CA TRP C 368 -40.24 62.96 -0.62
C TRP C 368 -39.99 61.97 0.52
N TRP C 369 -38.89 62.16 1.23
CA TRP C 369 -38.50 61.31 2.34
C TRP C 369 -38.89 61.91 3.69
N ASN C 370 -38.37 61.32 4.77
CA ASN C 370 -38.78 61.67 6.12
C ASN C 370 -38.54 63.15 6.43
N ASN C 371 -37.34 63.65 6.17
CA ASN C 371 -37.00 65.04 6.42
C ASN C 371 -37.69 65.97 5.44
N THR C 372 -38.33 65.43 4.40
CA THR C 372 -39.09 66.21 3.46
C THR C 372 -40.58 66.23 3.79
N TRP C 373 -41.07 65.26 4.56
CA TRP C 373 -42.45 65.26 5.03
C TRP C 373 -42.61 65.94 6.38
N ARG C 374 -41.77 65.57 7.37
CA ARG C 374 -41.91 66.13 8.70
C ARG C 374 -41.67 67.63 8.70
N THR C 375 -40.68 68.08 7.93
CA THR C 375 -40.34 69.50 7.93
C THR C 375 -41.48 70.33 7.35
N LYS C 376 -42.06 69.89 6.22
CA LYS C 376 -43.20 70.61 5.68
C LYS C 376 -44.40 70.56 6.61
N LEU C 377 -44.62 69.42 7.27
CA LEU C 377 -45.73 69.33 8.21
C LEU C 377 -45.57 70.32 9.36
N LEU C 378 -44.38 70.37 9.96
CA LEU C 378 -44.11 71.31 11.03
C LEU C 378 -44.20 72.74 10.55
N ALA C 379 -43.71 73.04 9.35
CA ALA C 379 -43.79 74.38 8.79
C ALA C 379 -45.23 74.82 8.64
N PHE C 380 -46.09 73.94 8.12
CA PHE C 380 -47.51 74.25 7.99
C PHE C 380 -48.14 74.48 9.36
N ILE C 381 -47.84 73.61 10.32
CA ILE C 381 -48.41 73.75 11.66
C ILE C 381 -48.02 75.10 12.27
N LYS C 382 -46.75 75.46 12.19
CA LYS C 382 -46.30 76.70 12.81
C LYS C 382 -46.73 77.92 11.99
N TYR C 383 -47.04 77.73 10.71
CA TYR C 383 -47.77 78.74 9.97
C TYR C 383 -49.16 78.95 10.54
N LEU C 384 -49.81 77.87 10.96
CA LEU C 384 -51.14 77.97 11.58
C LEU C 384 -51.09 78.39 13.04
N SER C 385 -49.91 78.65 13.58
CA SER C 385 -49.79 79.02 14.99
C SER C 385 -50.25 80.46 15.22
N ASP C 386 -50.59 80.74 16.48
CA ASP C 386 -50.96 82.09 16.88
C ASP C 386 -49.87 82.76 17.71
N ASP C 387 -49.05 81.99 18.40
CA ASP C 387 -47.91 82.52 19.15
C ASP C 387 -46.74 81.58 18.93
N ASP C 388 -45.68 81.73 19.73
CA ASP C 388 -44.48 80.92 19.55
C ASP C 388 -44.68 79.45 19.92
N THR C 389 -45.47 79.15 20.95
CA THR C 389 -45.54 77.80 21.48
C THR C 389 -46.88 77.10 21.27
N SER C 390 -47.93 77.79 20.87
CA SER C 390 -49.24 77.17 20.73
C SER C 390 -50.10 77.99 19.79
N PHE C 391 -51.20 77.38 19.35
CA PHE C 391 -52.23 78.09 18.60
C PHE C 391 -53.57 77.82 19.27
N TYR C 392 -54.56 78.61 18.89
CA TYR C 392 -55.89 78.50 19.47
C TYR C 392 -56.94 78.35 18.38
N LEU C 393 -57.97 77.57 18.68
CA LEU C 393 -59.16 77.52 17.85
C LEU C 393 -60.29 78.19 18.63
N GLU C 394 -60.99 79.11 17.99
CA GLU C 394 -62.08 79.83 18.65
C GLU C 394 -63.40 79.10 18.42
N MET C 395 -64.03 78.64 19.50
CA MET C 395 -65.37 78.11 19.47
C MET C 395 -66.30 78.81 20.44
N GLY C 396 -65.96 80.04 20.84
CA GLY C 396 -66.78 80.81 21.75
C GLY C 396 -66.29 82.24 21.78
N SER C 397 -67.16 83.11 22.29
CA SER C 397 -66.78 84.51 22.42
C SER C 397 -65.67 84.69 23.44
N GLU C 398 -65.69 83.89 24.51
CA GLU C 398 -64.64 83.91 25.52
C GLU C 398 -63.96 82.56 25.69
N GLU C 399 -64.51 81.50 25.10
CA GLU C 399 -63.97 80.15 25.27
C GLU C 399 -63.21 79.76 24.02
N LYS C 400 -61.99 79.27 24.21
CA LYS C 400 -61.11 78.87 23.13
C LYS C 400 -60.40 77.58 23.52
N VAL C 401 -59.92 76.84 22.53
CA VAL C 401 -59.14 75.63 22.78
C VAL C 401 -57.70 75.87 22.34
N PHE C 402 -56.76 75.65 23.26
CA PHE C 402 -55.35 75.91 23.03
C PHE C 402 -54.63 74.60 22.74
N VAL C 403 -54.16 74.44 21.51
CA VAL C 403 -53.44 73.24 21.10
C VAL C 403 -51.97 73.62 20.88
N SER C 404 -51.08 72.66 21.07
CA SER C 404 -49.66 72.91 20.85
C SER C 404 -49.35 72.98 19.36
N ASN C 405 -48.40 73.85 19.02
CA ASN C 405 -47.85 73.91 17.68
C ASN C 405 -46.69 72.94 17.49
N GLU C 406 -46.25 72.30 18.56
CA GLU C 406 -45.19 71.30 18.57
C GLU C 406 -45.80 69.91 18.62
N PRO C 407 -45.53 69.07 17.62
CA PRO C 407 -46.13 67.74 17.59
C PRO C 407 -45.67 66.88 18.75
N VAL C 408 -46.54 65.97 19.16
CA VAL C 408 -46.24 65.08 20.28
C VAL C 408 -44.99 64.28 19.96
N LYS C 409 -43.99 64.36 20.83
CA LYS C 409 -42.72 63.70 20.65
C LYS C 409 -42.68 62.40 21.42
N PHE C 410 -42.01 61.41 20.84
CA PHE C 410 -41.86 60.09 21.45
C PHE C 410 -40.38 59.85 21.73
N LYS C 411 -40.01 58.87 22.54
CA LYS C 411 -38.60 58.64 22.87
C LYS C 411 -38.25 57.17 22.69
N GLY C 412 -37.29 56.90 21.83
CA GLY C 412 -36.88 55.54 21.54
C GLY C 412 -35.51 55.22 22.10
N ASN C 413 -35.36 53.99 22.59
CA ASN C 413 -34.08 53.52 23.12
C ASN C 413 -33.19 52.94 22.05
N VAL C 414 -33.70 52.79 20.82
CA VAL C 414 -32.97 52.15 19.73
C VAL C 414 -33.05 53.03 18.49
N SER C 415 -31.95 53.10 17.75
CA SER C 415 -31.89 53.88 16.52
C SER C 415 -30.90 53.18 15.58
N TYR C 416 -30.46 53.91 14.55
CA TYR C 416 -29.61 53.34 13.51
C TYR C 416 -28.76 54.46 12.93
N ASN C 417 -28.02 54.13 11.88
CA ASN C 417 -27.16 55.08 11.19
C ASN C 417 -27.01 54.68 9.73
N ILE C 418 -26.49 55.60 8.92
CA ILE C 418 -26.25 55.34 7.51
C ILE C 418 -25.26 54.20 7.33
N MET D 1 -42.44 63.84 26.25
CA MET D 1 -42.03 62.67 25.47
C MET D 1 -42.70 61.41 26.00
N LYS D 2 -43.00 60.49 25.08
CA LYS D 2 -43.61 59.22 25.42
C LYS D 2 -42.67 58.07 25.07
N GLU D 3 -42.59 57.09 25.97
CA GLU D 3 -41.70 55.96 25.77
C GLU D 3 -42.09 55.17 24.53
N LEU D 4 -41.09 54.66 23.82
CA LEU D 4 -41.30 53.88 22.61
C LEU D 4 -40.39 52.66 22.66
N ILE D 5 -40.97 51.49 22.85
CA ILE D 5 -40.22 50.26 23.07
C ILE D 5 -40.02 49.55 21.75
N TYR D 6 -38.98 48.71 21.69
CA TYR D 6 -38.65 47.93 20.50
C TYR D 6 -38.63 46.45 20.85
N ILE D 7 -39.16 45.62 19.96
CA ILE D 7 -39.23 44.18 20.17
C ILE D 7 -38.16 43.51 19.33
N GLU D 8 -37.51 42.48 19.90
CA GLU D 8 -36.47 41.76 19.20
C GLU D 8 -36.99 41.18 17.90
N GLU D 9 -36.18 41.25 16.86
CA GLU D 9 -36.56 40.75 15.54
C GLU D 9 -36.77 39.24 15.59
N PRO D 10 -37.92 38.74 15.13
CA PRO D 10 -38.13 37.28 15.12
C PRO D 10 -37.30 36.62 14.05
N LYS D 11 -36.81 35.42 14.36
CA LYS D 11 -35.99 34.64 13.45
C LYS D 11 -36.74 33.41 12.98
N ILE D 12 -36.53 33.05 11.71
CA ILE D 12 -37.17 31.90 11.11
C ILE D 12 -36.15 30.79 10.97
N LEU D 13 -36.63 29.55 11.03
CA LEU D 13 -35.79 28.37 11.01
C LEU D 13 -35.55 27.89 9.59
N PHE D 14 -34.35 27.40 9.32
CA PHE D 14 -33.98 26.86 8.02
C PHE D 14 -33.41 25.46 8.17
N ALA D 15 -32.81 24.93 7.10
CA ALA D 15 -32.20 23.62 7.16
C ALA D 15 -31.05 23.61 8.15
N HIS D 16 -30.79 22.45 8.74
CA HIS D 16 -29.78 22.21 9.76
C HIS D 16 -30.10 22.92 11.07
N GLY D 17 -31.35 23.35 11.27
CA GLY D 17 -31.72 24.04 12.48
C GLY D 17 -31.14 25.44 12.61
N GLN D 18 -30.69 26.03 11.51
CA GLN D 18 -30.11 27.37 11.54
C GLN D 18 -31.21 28.42 11.50
N LYS D 19 -30.93 29.54 12.17
CA LYS D 19 -31.88 30.64 12.27
C LYS D 19 -31.32 31.88 11.59
N CYS D 20 -32.22 32.64 10.97
CA CYS D 20 -31.85 33.88 10.31
C CYS D 20 -33.08 34.78 10.26
N THR D 21 -32.85 36.08 10.51
CA THR D 21 -33.96 37.03 10.46
C THR D 21 -34.51 37.15 9.05
N ASP D 22 -33.63 37.19 8.05
CA ASP D 22 -34.05 37.29 6.67
C ASP D 22 -34.38 35.91 6.10
N ALA D 23 -35.22 35.89 5.08
CA ALA D 23 -35.58 34.67 4.38
C ALA D 23 -34.76 34.43 3.14
N ARG D 24 -34.55 35.46 2.31
CA ARG D 24 -33.70 35.32 1.13
C ARG D 24 -32.28 34.92 1.51
N ASP D 25 -31.72 35.60 2.51
CA ASP D 25 -30.38 35.26 2.98
C ASP D 25 -30.33 33.86 3.59
N GLY D 26 -31.37 33.50 4.36
CA GLY D 26 -31.40 32.18 4.96
C GLY D 26 -31.44 31.06 3.93
N LEU D 27 -32.23 31.24 2.86
CA LEU D 27 -32.23 30.27 1.78
C LEU D 27 -30.91 30.27 1.03
N ALA D 28 -30.31 31.44 0.83
CA ALA D 28 -29.12 31.55 -0.01
C ALA D 28 -27.94 30.83 0.62
N LEU D 29 -27.97 30.59 1.92
CA LEU D 29 -26.86 29.95 2.63
C LEU D 29 -27.23 28.54 3.06
N PHE D 30 -28.38 28.35 3.72
CA PHE D 30 -28.68 27.07 4.31
C PHE D 30 -29.77 26.29 3.58
N GLY D 31 -30.44 26.91 2.61
CA GLY D 31 -31.40 26.20 1.80
C GLY D 31 -32.74 26.00 2.47
N PRO D 32 -33.63 25.24 1.81
CA PRO D 32 -34.97 25.03 2.35
C PRO D 32 -35.00 23.97 3.42
N LEU D 33 -36.14 23.91 4.12
CA LEU D 33 -36.26 22.96 5.22
C LEU D 33 -36.38 21.52 4.74
N ASN D 34 -37.12 21.29 3.66
CA ASN D 34 -37.32 19.94 3.14
C ASN D 34 -36.81 19.87 1.69
N ASN D 35 -36.65 18.63 1.22
CA ASN D 35 -36.04 18.38 -0.08
C ASN D 35 -37.11 17.91 -1.07
N LEU D 36 -37.12 18.52 -2.25
CA LEU D 36 -37.92 18.01 -3.36
C LEU D 36 -36.97 17.57 -4.48
N TYR D 37 -36.93 16.25 -4.68
CA TYR D 37 -36.06 15.64 -5.67
C TYR D 37 -36.17 16.35 -7.01
N GLY D 38 -37.39 16.75 -7.38
CA GLY D 38 -37.58 17.53 -8.59
C GLY D 38 -38.98 18.09 -8.71
N ILE D 39 -39.15 19.11 -9.54
CA ILE D 39 -40.45 19.73 -9.78
C ILE D 39 -40.87 19.41 -11.20
N LYS D 40 -41.95 18.66 -11.35
CA LYS D 40 -42.52 18.34 -12.66
C LYS D 40 -43.49 19.45 -13.02
N SER D 41 -43.16 20.21 -14.06
CA SER D 41 -43.91 21.41 -14.41
C SER D 41 -44.73 21.18 -15.67
N GLY D 42 -46.00 21.57 -15.60
CA GLY D 42 -46.90 21.54 -16.74
C GLY D 42 -47.29 22.96 -17.11
N VAL D 43 -47.30 23.23 -18.41
CA VAL D 43 -47.55 24.58 -18.93
C VAL D 43 -48.73 24.54 -19.88
N ILE D 44 -49.77 25.32 -19.57
CA ILE D 44 -50.89 25.58 -20.46
C ILE D 44 -50.67 26.93 -21.10
N GLY D 45 -50.87 27.00 -22.41
CA GLY D 45 -50.84 28.29 -23.07
C GLY D 45 -50.38 28.18 -24.51
N THR D 46 -50.29 29.35 -25.14
CA THR D 46 -49.92 29.45 -26.54
C THR D 46 -48.46 29.08 -26.75
N LYS D 47 -48.16 28.58 -27.94
CA LYS D 47 -46.80 28.18 -28.28
C LYS D 47 -45.83 29.36 -28.27
N GLN D 48 -46.29 30.54 -28.71
CA GLN D 48 -45.45 31.72 -28.61
C GLN D 48 -45.14 32.06 -27.15
N GLY D 49 -46.13 31.96 -26.27
CA GLY D 49 -45.96 32.24 -24.87
C GLY D 49 -45.18 31.21 -24.08
N LEU D 50 -45.00 30.01 -24.62
CA LEU D 50 -44.15 29.00 -24.02
C LEU D 50 -42.67 29.31 -24.17
N LYS D 51 -42.27 29.97 -25.27
CA LYS D 51 -40.87 30.30 -25.47
C LYS D 51 -40.36 31.26 -24.40
N ILE D 52 -41.18 32.25 -24.04
CA ILE D 52 -40.77 33.19 -22.99
C ILE D 52 -40.59 32.47 -21.66
N PHE D 53 -41.51 31.55 -21.34
CA PHE D 53 -41.36 30.77 -20.11
C PHE D 53 -40.09 29.94 -20.13
N ARG D 54 -39.81 29.27 -21.25
CA ARG D 54 -38.61 28.46 -21.34
C ARG D 54 -37.36 29.29 -21.17
N ASP D 55 -37.32 30.46 -21.83
CA ASP D 55 -36.18 31.35 -21.71
C ASP D 55 -36.01 31.85 -20.28
N TYR D 56 -37.12 32.20 -19.62
CA TYR D 56 -37.02 32.70 -18.26
C TYR D 56 -36.50 31.62 -17.32
N LEU D 57 -36.97 30.39 -17.48
CA LEU D 57 -36.47 29.31 -16.63
C LEU D 57 -34.99 29.06 -16.88
N ASP D 58 -34.59 29.04 -18.16
CA ASP D 58 -33.18 28.90 -18.50
C ASP D 58 -32.36 29.99 -17.82
N HIS D 59 -32.92 31.20 -17.74
CA HIS D 59 -32.28 32.26 -16.98
C HIS D 59 -32.23 31.90 -15.50
N ILE D 60 -33.30 31.29 -14.98
CA ILE D 60 -33.42 31.01 -13.55
C ILE D 60 -32.34 30.08 -13.04
N GLN D 61 -32.00 29.00 -13.76
CA GLN D 61 -30.97 28.11 -13.21
C GLN D 61 -29.64 28.84 -13.02
N LYS D 62 -29.29 29.73 -13.93
CA LYS D 62 -28.07 30.52 -13.81
C LYS D 62 -28.25 31.57 -12.72
N PRO D 63 -27.16 32.02 -12.11
CA PRO D 63 -27.28 33.07 -11.09
C PRO D 63 -27.83 34.36 -11.67
N ILE D 64 -28.55 35.09 -10.83
CA ILE D 64 -29.20 36.34 -11.23
C ILE D 64 -28.69 37.45 -10.33
N TYR D 65 -28.44 38.61 -10.94
CA TYR D 65 -27.82 39.73 -10.26
C TYR D 65 -28.69 40.97 -10.39
N ASN D 66 -28.89 41.67 -9.28
CA ASN D 66 -29.54 42.96 -9.24
C ASN D 66 -28.51 44.08 -9.15
N SER D 67 -29.01 45.32 -9.11
CA SER D 67 -28.11 46.48 -9.09
C SER D 67 -27.31 46.53 -7.79
N ASN D 68 -27.99 46.44 -6.66
CA ASN D 68 -27.36 46.59 -5.34
C ASN D 68 -27.61 45.31 -4.54
N SER D 69 -26.58 44.49 -4.40
CA SER D 69 -26.71 43.26 -3.63
C SER D 69 -26.82 43.51 -2.13
N ILE D 70 -26.35 44.66 -1.65
CA ILE D 70 -26.47 44.97 -0.22
C ILE D 70 -27.92 45.06 0.18
N THR D 71 -28.74 45.75 -0.62
CA THR D 71 -30.17 45.83 -0.34
C THR D 71 -30.85 44.48 -0.51
N ARG D 72 -30.62 43.81 -1.63
CA ARG D 72 -31.26 42.52 -1.85
C ARG D 72 -30.19 41.51 -2.21
N PRO D 73 -30.07 40.42 -1.46
CA PRO D 73 -29.04 39.41 -1.79
C PRO D 73 -29.21 38.86 -3.19
N MET D 74 -28.10 38.61 -3.88
CA MET D 74 -28.13 38.08 -5.22
C MET D 74 -28.78 36.69 -5.25
N PHE D 75 -29.43 36.39 -6.37
CA PHE D 75 -30.04 35.08 -6.53
C PHE D 75 -29.02 34.11 -7.13
N PRO D 76 -28.57 33.11 -6.38
CA PRO D 76 -27.49 32.24 -6.85
C PRO D 76 -27.93 31.08 -7.74
N GLY D 77 -29.21 31.00 -8.08
CA GLY D 77 -29.69 29.90 -8.89
C GLY D 77 -30.59 28.96 -8.12
N PHE D 78 -31.57 28.37 -8.83
CA PHE D 78 -32.53 27.49 -8.17
C PHE D 78 -31.85 26.29 -7.54
N GLU D 79 -31.03 25.57 -8.33
CA GLU D 79 -30.40 24.36 -7.84
C GLU D 79 -29.37 24.66 -6.75
N ALA D 80 -28.94 25.91 -6.62
CA ALA D 80 -27.96 26.24 -5.59
C ALA D 80 -28.63 26.45 -4.24
N VAL D 81 -29.73 27.19 -4.21
CA VAL D 81 -30.33 27.54 -2.93
C VAL D 81 -31.40 26.53 -2.52
N PHE D 82 -32.29 26.13 -3.44
CA PHE D 82 -33.30 25.13 -3.07
C PHE D 82 -32.81 23.71 -3.30
N ASP D 83 -31.61 23.53 -3.86
CA ASP D 83 -31.03 22.22 -4.18
C ASP D 83 -32.06 21.24 -4.72
N CYS D 84 -32.95 21.73 -5.58
CA CYS D 84 -33.99 20.92 -6.21
C CYS D 84 -33.87 21.06 -7.71
N LYS D 85 -34.29 20.02 -8.43
CA LYS D 85 -34.21 20.03 -9.88
C LYS D 85 -35.45 20.67 -10.47
N TRP D 86 -35.27 21.82 -11.11
CA TRP D 86 -36.34 22.51 -11.83
C TRP D 86 -35.79 22.90 -13.19
N GLU D 87 -35.94 22.03 -14.17
CA GLU D 87 -35.33 22.19 -15.48
C GLU D 87 -36.42 22.33 -16.55
N SER D 88 -36.03 22.89 -17.68
CA SER D 88 -36.94 23.02 -18.81
C SER D 88 -37.31 21.67 -19.42
N THR D 89 -36.59 20.60 -19.08
CA THR D 89 -36.91 19.26 -19.55
C THR D 89 -37.94 18.64 -18.61
N GLY D 90 -38.96 18.03 -19.19
CA GLY D 90 -40.05 17.46 -18.43
C GLY D 90 -41.27 18.34 -18.29
N ILE D 91 -41.33 19.46 -18.99
CA ILE D 91 -42.50 20.33 -18.96
C ILE D 91 -43.59 19.73 -19.83
N THR D 92 -44.67 19.27 -19.21
CA THR D 92 -45.81 18.77 -19.97
C THR D 92 -46.57 19.95 -20.54
N PHE D 93 -46.54 20.12 -21.86
CA PHE D 93 -47.07 21.31 -22.50
C PHE D 93 -48.40 21.01 -23.16
N LYS D 94 -49.39 21.85 -22.88
CA LYS D 94 -50.66 21.86 -23.60
C LYS D 94 -50.85 23.22 -24.23
N GLU D 95 -51.17 23.24 -25.52
CA GLU D 95 -51.21 24.46 -26.31
C GLU D 95 -52.58 25.10 -26.27
N VAL D 96 -52.60 26.42 -26.40
CA VAL D 96 -53.82 27.20 -26.57
C VAL D 96 -53.59 28.07 -27.80
N THR D 97 -54.22 27.70 -28.91
CA THR D 97 -53.98 28.39 -30.16
C THR D 97 -54.46 29.84 -30.09
N ASN D 98 -53.81 30.70 -30.86
CA ASN D 98 -54.13 32.12 -30.84
C ASN D 98 -55.57 32.37 -31.31
N GLU D 99 -56.03 31.60 -32.29
CA GLU D 99 -57.38 31.78 -32.79
C GLU D 99 -58.41 31.50 -31.69
N ASP D 100 -58.23 30.40 -30.95
CA ASP D 100 -59.21 30.02 -29.94
C ASP D 100 -59.28 31.04 -28.82
N ILE D 101 -58.12 31.51 -28.35
CA ILE D 101 -58.09 32.52 -27.30
C ILE D 101 -58.56 33.88 -27.79
N GLY D 102 -58.46 34.14 -29.10
CA GLY D 102 -58.97 35.38 -29.64
C GLY D 102 -60.47 35.37 -29.86
N LYS D 103 -61.04 34.19 -30.06
CA LYS D 103 -62.49 34.10 -30.25
C LYS D 103 -63.24 34.53 -28.99
N PHE D 104 -62.78 34.08 -27.83
CA PHE D 104 -63.44 34.41 -26.57
C PHE D 104 -63.15 35.85 -26.14
N LEU D 105 -61.91 36.30 -26.36
CA LEU D 105 -61.45 37.57 -25.82
C LEU D 105 -62.26 38.76 -26.32
N TYR D 106 -62.52 38.81 -27.63
CA TYR D 106 -63.22 39.96 -28.20
C TYR D 106 -64.73 39.86 -27.99
N ASN D 107 -65.16 39.91 -26.73
CA ASN D 107 -66.57 39.89 -26.38
C ASN D 107 -66.94 41.15 -25.62
N SER D 108 -68.15 41.66 -25.88
CA SER D 108 -68.58 42.90 -25.24
C SER D 108 -68.86 42.71 -23.75
N SER D 109 -69.35 41.54 -23.36
CA SER D 109 -69.71 41.29 -21.97
C SER D 109 -68.49 40.79 -21.21
N THR D 110 -68.15 41.47 -20.11
CA THR D 110 -67.00 41.07 -19.32
C THR D 110 -67.20 39.69 -18.69
N HIS D 111 -68.38 39.44 -18.11
CA HIS D 111 -68.60 38.20 -17.37
C HIS D 111 -68.53 36.98 -18.28
N LYS D 112 -69.19 37.06 -19.43
CA LYS D 112 -69.20 35.90 -20.33
C LYS D 112 -67.81 35.62 -20.87
N ARG D 113 -67.07 36.65 -21.27
CA ARG D 113 -65.72 36.43 -21.77
C ARG D 113 -64.82 35.87 -20.68
N THR D 114 -64.98 36.35 -19.44
CA THR D 114 -64.19 35.82 -18.34
C THR D 114 -64.49 34.35 -18.11
N TYR D 115 -65.78 33.99 -18.08
CA TYR D 115 -66.14 32.60 -17.84
C TYR D 115 -65.64 31.70 -18.95
N ASP D 116 -65.77 32.14 -20.20
CA ASP D 116 -65.29 31.33 -21.32
C ASP D 116 -63.78 31.18 -21.30
N LEU D 117 -63.06 32.26 -20.98
CA LEU D 117 -61.61 32.19 -20.92
C LEU D 117 -61.16 31.23 -19.83
N VAL D 118 -61.82 31.27 -18.67
CA VAL D 118 -61.49 30.34 -17.60
C VAL D 118 -61.84 28.91 -17.99
N SER D 119 -62.98 28.71 -18.65
CA SER D 119 -63.39 27.37 -19.04
C SER D 119 -62.40 26.76 -20.02
N LEU D 120 -61.91 27.56 -20.97
CA LEU D 120 -60.97 27.04 -21.96
C LEU D 120 -59.71 26.50 -21.30
N PHE D 121 -59.18 27.21 -20.31
CA PHE D 121 -58.00 26.73 -19.60
C PHE D 121 -58.32 25.55 -18.70
N ILE D 122 -59.40 25.65 -17.91
CA ILE D 122 -59.65 24.64 -16.88
C ILE D 122 -60.01 23.30 -17.52
N ASP D 123 -60.69 23.31 -18.67
CA ASP D 123 -61.00 22.06 -19.33
C ASP D 123 -59.74 21.32 -19.75
N LYS D 124 -58.78 22.02 -20.34
CA LYS D 124 -57.52 21.40 -20.72
C LYS D 124 -56.75 20.94 -19.50
N ILE D 125 -56.77 21.73 -18.42
CA ILE D 125 -56.05 21.33 -17.21
C ILE D 125 -56.64 20.05 -16.63
N ILE D 126 -57.97 19.97 -16.57
CA ILE D 126 -58.62 18.77 -16.05
C ILE D 126 -58.34 17.57 -16.95
N SER D 127 -58.39 17.77 -18.27
CA SER D 127 -58.13 16.68 -19.20
C SER D 127 -56.71 16.17 -19.03
N ALA D 128 -55.74 17.07 -18.87
CA ALA D 128 -54.37 16.63 -18.65
C ALA D 128 -54.22 15.92 -17.30
N ASN D 129 -54.93 16.40 -16.28
CA ASN D 129 -54.81 15.79 -14.96
C ASN D 129 -55.38 14.37 -14.93
N LYS D 130 -56.51 14.14 -15.60
CA LYS D 130 -57.22 12.87 -15.44
C LYS D 130 -57.03 11.91 -16.60
N ASN D 131 -56.58 12.38 -17.76
CA ASN D 131 -56.44 11.53 -18.94
C ASN D 131 -55.04 11.55 -19.53
N GLU D 132 -54.02 11.82 -18.72
CA GLU D 132 -52.65 11.80 -19.20
C GLU D 132 -51.76 11.16 -18.14
N ASP D 133 -50.83 10.32 -18.60
CA ASP D 133 -50.04 9.51 -17.68
C ASP D 133 -49.07 10.36 -16.86
N GLU D 134 -48.62 11.49 -17.42
CA GLU D 134 -47.64 12.31 -16.73
C GLU D 134 -48.22 12.90 -15.44
N ASN D 135 -47.37 12.99 -14.42
CA ASN D 135 -47.71 13.63 -13.17
C ASN D 135 -46.98 14.96 -13.09
N VAL D 136 -47.71 16.03 -12.77
CA VAL D 136 -47.17 17.38 -12.72
C VAL D 136 -47.46 17.92 -11.32
N ASP D 137 -46.42 18.45 -10.67
CA ASP D 137 -46.56 19.00 -9.33
C ASP D 137 -47.33 20.32 -9.36
N VAL D 138 -47.03 21.17 -10.34
CA VAL D 138 -47.65 22.49 -10.45
C VAL D 138 -48.03 22.71 -11.90
N TRP D 139 -49.06 23.53 -12.12
CA TRP D 139 -49.57 23.85 -13.45
C TRP D 139 -49.37 25.35 -13.70
N PHE D 140 -48.35 25.70 -14.47
CA PHE D 140 -48.11 27.10 -14.81
C PHE D 140 -49.08 27.54 -15.91
N VAL D 141 -49.84 28.60 -15.64
CA VAL D 141 -50.86 29.09 -16.56
C VAL D 141 -50.44 30.44 -17.11
N ILE D 142 -49.75 30.45 -18.25
CA ILE D 142 -49.29 31.70 -18.84
C ILE D 142 -50.44 32.32 -19.62
N VAL D 143 -50.87 33.51 -19.21
CA VAL D 143 -51.97 34.21 -19.84
C VAL D 143 -51.45 35.45 -20.56
N PRO D 144 -51.90 35.74 -21.79
CA PRO D 144 -51.42 36.94 -22.48
C PRO D 144 -51.81 38.23 -21.77
N ASP D 145 -51.19 39.34 -22.17
CA ASP D 145 -51.43 40.62 -21.53
C ASP D 145 -52.72 41.29 -21.96
N GLU D 146 -53.22 41.04 -23.18
CA GLU D 146 -54.47 41.64 -23.60
C GLU D 146 -55.63 41.14 -22.74
N ILE D 147 -55.56 39.91 -22.25
CA ILE D 147 -56.59 39.40 -21.35
C ILE D 147 -56.58 40.19 -20.05
N TYR D 148 -55.41 40.36 -19.43
CA TYR D 148 -55.32 41.16 -18.22
C TYR D 148 -55.86 42.56 -18.44
N LYS D 149 -55.58 43.14 -19.60
CA LYS D 149 -56.13 44.46 -19.92
C LYS D 149 -57.65 44.43 -20.03
N TYR D 150 -58.20 43.38 -20.62
CA TYR D 150 -59.61 43.38 -20.99
C TYR D 150 -60.37 42.16 -20.48
N CYS D 151 -60.01 41.64 -19.30
CA CYS D 151 -60.80 40.62 -18.63
C CYS D 151 -60.96 40.94 -17.15
N ARG D 152 -60.78 42.20 -16.77
CA ARG D 152 -60.92 42.66 -15.40
C ARG D 152 -62.25 43.38 -15.27
N PRO D 153 -62.77 43.51 -14.05
CA PRO D 153 -63.96 44.35 -13.85
C PRO D 153 -63.73 45.78 -14.32
N ASN D 154 -64.78 46.42 -14.82
CA ASN D 154 -64.74 47.83 -15.26
C ASN D 154 -63.78 48.05 -16.41
N SER D 155 -63.44 46.98 -17.15
CA SER D 155 -62.58 47.09 -18.33
C SER D 155 -63.47 47.10 -19.56
N VAL D 156 -63.40 48.18 -20.33
CA VAL D 156 -64.23 48.37 -21.51
C VAL D 156 -63.39 48.12 -22.75
N LEU D 157 -63.72 47.07 -23.49
CA LEU D 157 -63.00 46.75 -24.72
C LEU D 157 -63.39 47.76 -25.80
N PRO D 158 -62.44 48.29 -26.56
CA PRO D 158 -62.77 49.35 -27.52
C PRO D 158 -63.77 48.90 -28.58
N LYS D 159 -64.59 49.84 -29.05
CA LYS D 159 -65.64 49.57 -30.02
C LYS D 159 -65.08 48.98 -31.30
N GLU D 160 -63.83 49.32 -31.63
CA GLU D 160 -63.20 48.85 -32.85
C GLU D 160 -62.94 47.34 -32.85
N MET D 161 -62.68 46.74 -31.70
CA MET D 161 -62.38 45.32 -31.61
C MET D 161 -63.51 44.48 -31.00
N VAL D 162 -64.71 45.04 -30.86
CA VAL D 162 -65.85 44.28 -30.38
C VAL D 162 -66.34 43.39 -31.52
N GLN D 163 -66.15 42.07 -31.38
CA GLN D 163 -66.53 41.12 -32.40
C GLN D 163 -67.87 40.46 -32.14
N THR D 164 -68.19 40.16 -30.89
CA THR D 164 -69.44 39.49 -30.54
C THR D 164 -70.31 40.38 -29.65
N THR D 199 -72.74 32.43 -16.70
CA THR D 199 -71.56 33.29 -16.64
C THR D 199 -71.74 34.38 -15.61
N TYR D 200 -73.00 34.82 -15.43
CA TYR D 200 -73.30 35.86 -14.45
C TYR D 200 -73.34 35.33 -13.02
N ASN D 201 -73.27 34.02 -12.83
CA ASN D 201 -73.16 33.40 -11.51
C ASN D 201 -71.72 33.32 -11.04
N TYR D 202 -70.85 34.19 -11.55
CA TYR D 202 -69.42 34.09 -11.32
C TYR D 202 -68.81 35.50 -11.31
N ASP D 203 -67.55 35.56 -10.89
CA ASP D 203 -66.84 36.82 -10.75
C ASP D 203 -66.19 37.24 -12.07
N ALA D 204 -66.11 38.55 -12.26
CA ALA D 204 -65.55 39.15 -13.47
C ALA D 204 -64.02 39.14 -13.51
N GLN D 205 -63.35 38.59 -12.51
CA GLN D 205 -61.89 38.63 -12.47
C GLN D 205 -61.34 37.25 -12.81
N PHE D 206 -60.38 37.22 -13.75
CA PHE D 206 -59.91 35.95 -14.30
C PHE D 206 -59.21 35.10 -13.24
N HIS D 207 -58.28 35.70 -12.49
CA HIS D 207 -57.47 34.93 -11.54
C HIS D 207 -58.34 34.29 -10.47
N ASP D 208 -59.29 35.04 -9.92
CA ASP D 208 -60.18 34.48 -8.92
C ASP D 208 -61.02 33.35 -9.49
N GLN D 209 -61.58 33.54 -10.68
CA GLN D 209 -62.28 32.43 -11.34
C GLN D 209 -61.41 31.20 -11.47
N PHE D 210 -60.19 31.37 -11.98
CA PHE D 210 -59.39 30.21 -12.34
C PHE D 210 -58.96 29.44 -11.10
N LYS D 211 -58.55 30.15 -10.04
CA LYS D 211 -58.21 29.43 -8.83
C LYS D 211 -59.45 28.93 -8.10
N ALA D 212 -60.63 29.50 -8.38
CA ALA D 212 -61.83 29.06 -7.70
C ALA D 212 -62.38 27.77 -8.27
N ARG D 213 -62.44 27.66 -9.60
CA ARG D 213 -63.10 26.53 -10.24
C ARG D 213 -62.28 25.24 -10.23
N LEU D 214 -60.99 25.31 -9.96
CA LEU D 214 -60.15 24.11 -9.90
C LEU D 214 -60.11 23.48 -8.52
N LEU D 215 -60.92 23.96 -7.58
CA LEU D 215 -60.78 23.51 -6.20
C LEU D 215 -61.12 22.03 -6.04
N LYS D 216 -62.14 21.56 -6.77
CA LYS D 216 -62.56 20.17 -6.63
C LYS D 216 -61.51 19.20 -7.18
N HIS D 217 -60.55 19.69 -7.96
CA HIS D 217 -59.52 18.84 -8.55
C HIS D 217 -58.19 18.91 -7.80
N THR D 218 -58.01 19.89 -6.91
CA THR D 218 -56.79 20.05 -6.12
C THR D 218 -55.55 20.09 -7.01
N ILE D 219 -55.50 21.11 -7.86
CA ILE D 219 -54.42 21.31 -8.80
C ILE D 219 -53.67 22.58 -8.43
N PRO D 220 -52.44 22.50 -7.94
CA PRO D 220 -51.66 23.71 -7.65
C PRO D 220 -51.29 24.43 -8.95
N THR D 221 -51.61 25.72 -9.01
CA THR D 221 -51.43 26.50 -10.22
C THR D 221 -50.74 27.81 -9.88
N GLN D 222 -50.08 28.37 -10.90
CA GLN D 222 -49.39 29.67 -10.80
C GLN D 222 -49.74 30.47 -12.04
N ILE D 223 -50.42 31.59 -11.84
CA ILE D 223 -50.81 32.46 -12.95
C ILE D 223 -49.64 33.36 -13.30
N PHE D 224 -49.29 33.43 -14.59
CA PHE D 224 -48.15 34.20 -15.05
C PHE D 224 -48.54 35.11 -16.21
N ARG D 225 -48.28 36.41 -16.05
CA ARG D 225 -48.22 37.29 -17.20
C ARG D 225 -46.87 37.14 -17.89
N GLU D 226 -46.87 37.34 -19.21
CA GLU D 226 -45.60 37.36 -19.92
C GLU D 226 -44.77 38.56 -19.52
N SER D 227 -45.42 39.62 -19.04
CA SER D 227 -44.72 40.79 -18.52
C SER D 227 -43.94 40.43 -17.25
N THR D 228 -44.54 39.61 -16.40
CA THR D 228 -43.86 39.10 -15.21
C THR D 228 -42.67 38.26 -15.65
N LEU D 229 -42.82 37.61 -16.79
CA LEU D 229 -41.76 36.87 -17.47
C LEU D 229 -40.87 37.84 -18.21
N ALA D 230 -40.14 37.38 -19.23
CA ALA D 230 -39.08 38.19 -19.82
C ALA D 230 -39.67 39.43 -20.49
N TRP D 231 -39.86 40.46 -19.68
CA TRP D 231 -40.53 41.69 -20.08
C TRP D 231 -39.81 42.44 -21.19
N ARG D 232 -38.53 42.15 -21.41
CA ARG D 232 -37.70 43.02 -22.24
C ARG D 232 -38.26 43.17 -23.65
N ASP D 233 -39.03 42.18 -24.11
CA ASP D 233 -39.60 42.28 -25.46
C ASP D 233 -40.70 43.33 -25.53
N PHE D 234 -41.48 43.48 -24.46
CA PHE D 234 -42.56 44.47 -24.43
C PHE D 234 -41.97 45.86 -24.18
N LYS D 235 -42.35 46.81 -25.02
CA LYS D 235 -41.86 48.18 -24.96
C LYS D 235 -43.02 49.15 -25.09
N ASN D 236 -42.85 50.34 -24.50
CA ASN D 236 -43.85 51.39 -24.64
C ASN D 236 -43.51 52.29 -25.84
N ALA D 237 -44.19 53.43 -25.92
CA ALA D 237 -43.94 54.36 -27.02
C ALA D 237 -42.51 54.89 -26.97
N PHE D 238 -42.01 55.19 -25.77
CA PHE D 238 -40.64 55.68 -25.64
C PHE D 238 -39.63 54.59 -26.00
N GLY D 239 -40.05 53.33 -25.97
CA GLY D 239 -39.19 52.20 -26.26
C GLY D 239 -38.66 51.48 -25.04
N LEU D 240 -38.69 52.09 -23.86
CA LEU D 240 -38.28 51.41 -22.66
C LEU D 240 -39.32 50.36 -22.26
N PRO D 241 -38.90 49.29 -21.59
CA PRO D 241 -39.87 48.31 -21.10
C PRO D 241 -40.84 48.96 -20.11
N ILE D 242 -42.12 48.64 -20.26
CA ILE D 242 -43.14 49.22 -19.39
C ILE D 242 -42.93 48.75 -17.96
N ARG D 243 -42.75 47.44 -17.77
CA ARG D 243 -42.43 46.87 -16.46
C ARG D 243 -40.94 46.62 -16.32
N ASP D 244 -40.14 47.68 -16.26
CA ASP D 244 -38.69 47.53 -16.17
C ASP D 244 -38.30 46.94 -14.82
N PHE D 245 -37.56 45.84 -14.85
CA PHE D 245 -37.06 45.17 -13.66
C PHE D 245 -35.57 44.93 -13.78
N SER D 246 -34.87 45.86 -14.45
CA SER D 246 -33.45 45.68 -14.68
C SER D 246 -32.66 45.65 -13.37
N LYS D 247 -33.01 46.52 -12.42
CA LYS D 247 -32.25 46.59 -11.19
C LYS D 247 -32.83 45.69 -10.10
N ILE D 248 -33.99 45.07 -10.35
CA ILE D 248 -34.65 44.25 -9.34
C ILE D 248 -34.96 42.86 -9.89
N GLU D 249 -34.20 42.43 -10.90
CA GLU D 249 -34.47 41.14 -11.52
C GLU D 249 -34.23 39.99 -10.54
N GLY D 250 -33.20 40.11 -9.70
CA GLY D 250 -32.93 39.07 -8.71
C GLY D 250 -34.06 38.89 -7.73
N HIS D 251 -34.68 40.00 -7.30
CA HIS D 251 -35.82 39.91 -6.41
C HIS D 251 -37.00 39.23 -7.10
N LEU D 252 -37.21 39.52 -8.38
CA LEU D 252 -38.27 38.86 -9.12
C LEU D 252 -38.02 37.35 -9.17
N ALA D 253 -36.77 36.96 -9.43
CA ALA D 253 -36.42 35.54 -9.41
C ALA D 253 -36.66 34.93 -8.04
N TRP D 254 -36.28 35.63 -6.97
CA TRP D 254 -36.48 35.12 -5.62
C TRP D 254 -37.96 34.90 -5.33
N THR D 255 -38.80 35.86 -5.68
CA THR D 255 -40.23 35.75 -5.41
C THR D 255 -40.91 34.70 -6.27
N ILE D 256 -40.49 34.52 -7.52
CA ILE D 256 -41.09 33.49 -8.36
C ILE D 256 -40.65 32.10 -7.91
N SER D 257 -39.36 31.94 -7.62
CA SER D 257 -38.82 30.62 -7.28
C SER D 257 -39.37 30.12 -5.95
N THR D 258 -39.49 31.00 -4.95
CA THR D 258 -40.03 30.58 -3.67
C THR D 258 -41.49 30.16 -3.80
N ALA D 259 -42.26 30.91 -4.58
CA ALA D 259 -43.66 30.52 -4.81
C ALA D 259 -43.74 29.18 -5.51
N ALA D 260 -42.90 28.95 -6.53
CA ALA D 260 -42.90 27.67 -7.22
C ALA D 260 -42.51 26.53 -6.29
N PHE D 261 -41.51 26.76 -5.44
CA PHE D 261 -41.08 25.75 -4.49
C PHE D 261 -42.20 25.42 -3.50
N TYR D 262 -42.90 26.45 -3.00
CA TYR D 262 -43.99 26.19 -2.08
C TYR D 262 -45.11 25.43 -2.75
N LYS D 263 -45.47 25.81 -3.97
CA LYS D 263 -46.57 25.14 -4.67
C LYS D 263 -46.22 23.71 -5.05
N ALA D 264 -44.94 23.38 -5.13
CA ALA D 264 -44.53 22.01 -5.43
C ALA D 264 -44.58 21.11 -4.21
N GLY D 265 -44.75 21.67 -3.02
CA GLY D 265 -44.84 20.88 -1.81
C GLY D 265 -43.67 21.05 -0.88
N GLY D 266 -42.91 22.13 -1.06
CA GLY D 266 -41.71 22.38 -0.27
C GLY D 266 -41.99 23.32 0.88
N LYS D 267 -41.20 23.17 1.95
CA LYS D 267 -41.28 24.05 3.11
C LYS D 267 -40.07 24.97 3.11
N PRO D 268 -40.18 26.19 2.61
CA PRO D 268 -39.02 27.07 2.51
C PRO D 268 -38.40 27.42 3.86
N TRP D 269 -39.23 27.85 4.81
CA TRP D 269 -38.75 28.18 6.15
C TRP D 269 -39.81 27.86 7.18
N LYS D 270 -39.44 28.03 8.44
CA LYS D 270 -40.29 27.66 9.56
C LYS D 270 -40.09 28.67 10.69
N LEU D 271 -41.14 28.87 11.47
CA LEU D 271 -41.06 29.73 12.64
C LEU D 271 -40.40 29.00 13.80
N SER D 272 -39.67 29.75 14.62
CA SER D 272 -38.89 29.17 15.71
C SER D 272 -39.33 29.60 17.10
N ASP D 273 -39.88 30.81 17.25
CA ASP D 273 -40.19 31.36 18.55
C ASP D 273 -41.64 31.15 18.97
N VAL D 274 -42.41 30.39 18.20
CA VAL D 274 -43.79 30.15 18.56
C VAL D 274 -43.87 29.20 19.74
N ARG D 275 -44.54 29.62 20.80
CA ARG D 275 -44.69 28.78 21.99
C ARG D 275 -45.71 27.68 21.73
N ASN D 276 -45.58 26.59 22.48
CA ASN D 276 -46.44 25.43 22.28
C ASN D 276 -47.85 25.73 22.76
N GLY D 277 -48.83 25.17 22.04
CA GLY D 277 -50.23 25.28 22.42
C GLY D 277 -50.92 26.56 22.02
N VAL D 278 -50.48 27.23 20.97
CA VAL D 278 -51.06 28.50 20.54
C VAL D 278 -51.63 28.33 19.15
N CYS D 279 -52.94 28.45 19.04
CA CYS D 279 -53.63 28.56 17.76
C CYS D 279 -53.99 30.02 17.52
N TYR D 280 -53.95 30.46 16.27
CA TYR D 280 -54.12 31.90 16.03
C TYR D 280 -55.42 32.25 15.33
N LEU D 281 -55.64 31.73 14.12
CA LEU D 281 -56.85 31.99 13.34
C LEU D 281 -56.92 33.46 12.90
N GLY D 282 -57.25 33.70 11.64
CA GLY D 282 -57.47 35.07 11.20
C GLY D 282 -58.76 35.25 10.44
N LEU D 283 -59.69 36.03 10.98
CA LEU D 283 -60.99 36.19 10.35
C LEU D 283 -61.00 37.42 9.45
N VAL D 284 -61.39 37.21 8.19
CA VAL D 284 -61.50 38.29 7.21
C VAL D 284 -62.85 38.18 6.51
N TYR D 285 -63.50 39.32 6.29
CA TYR D 285 -64.83 39.37 5.72
C TYR D 285 -64.75 39.90 4.30
N LYS D 286 -65.37 39.19 3.36
CA LYS D 286 -65.39 39.58 1.96
C LYS D 286 -66.82 39.62 1.45
N LYS D 287 -67.09 40.60 0.59
CA LYS D 287 -68.40 40.76 0.00
C LYS D 287 -68.61 39.78 -1.15
N VAL D 288 -69.83 39.26 -1.25
CA VAL D 288 -70.23 38.36 -2.33
C VAL D 288 -71.33 39.06 -3.12
N GLU D 289 -70.94 39.72 -4.21
CA GLU D 289 -71.88 40.51 -4.99
C GLU D 289 -72.77 39.66 -5.90
N LYS D 290 -72.43 38.38 -6.09
CA LYS D 290 -73.23 37.51 -6.94
C LYS D 290 -74.63 37.31 -6.36
N SER D 291 -74.70 36.89 -5.10
CA SER D 291 -75.99 36.74 -4.45
C SER D 291 -76.53 38.10 -4.03
N LYS D 292 -77.85 38.20 -3.94
CA LYS D 292 -78.46 39.42 -3.43
C LYS D 292 -78.00 39.65 -2.00
N ASN D 293 -77.54 40.87 -1.72
CA ASN D 293 -76.86 41.29 -0.50
C ASN D 293 -75.45 40.70 -0.54
N PRO D 294 -74.43 41.43 -0.08
CA PRO D 294 -73.06 40.88 -0.16
C PRO D 294 -72.87 39.60 0.63
N ARG D 295 -73.74 39.32 1.60
CA ARG D 295 -73.80 38.03 2.29
C ARG D 295 -72.56 37.80 3.15
N ASN D 296 -71.59 38.71 3.06
CA ASN D 296 -70.50 38.83 4.02
C ASN D 296 -69.83 37.49 4.35
N ALA D 297 -69.19 36.87 3.38
CA ALA D 297 -68.50 35.60 3.60
C ALA D 297 -67.32 35.81 4.55
N CYS D 298 -67.18 34.93 5.53
CA CYS D 298 -66.11 34.99 6.51
C CYS D 298 -65.12 33.85 6.27
N CYS D 299 -63.84 34.18 6.24
CA CYS D 299 -62.79 33.19 5.97
C CYS D 299 -61.68 33.30 7.00
N ALA D 300 -61.08 32.15 7.32
CA ALA D 300 -60.08 32.08 8.37
C ALA D 300 -58.87 31.27 7.92
N ALA D 301 -57.70 31.64 8.45
CA ALA D 301 -56.47 30.90 8.25
C ALA D 301 -55.92 30.53 9.62
N GLN D 302 -55.50 29.28 9.78
CA GLN D 302 -55.10 28.75 11.08
C GLN D 302 -53.61 28.44 11.09
N MET D 303 -52.92 28.93 12.11
CA MET D 303 -51.49 28.65 12.29
C MET D 303 -51.27 28.20 13.73
N PHE D 304 -50.54 27.11 13.90
CA PHE D 304 -50.21 26.59 15.22
C PHE D 304 -48.98 25.69 15.10
N LEU D 305 -48.63 25.04 16.20
CA LEU D 305 -47.52 24.10 16.24
C LEU D 305 -48.04 22.67 16.33
N ASP D 306 -47.21 21.74 15.87
CA ASP D 306 -47.54 20.32 15.88
C ASP D 306 -46.61 19.60 16.85
N ASN D 307 -46.97 18.36 17.17
CA ASN D 307 -46.11 17.52 17.99
C ASN D 307 -44.73 17.44 17.37
N GLY D 308 -43.71 17.71 18.18
CA GLY D 308 -42.37 17.89 17.67
C GLY D 308 -42.01 19.35 17.54
N ASP D 309 -41.70 19.75 16.31
CA ASP D 309 -41.36 21.15 16.02
C ASP D 309 -41.99 21.65 14.72
N GLY D 310 -42.70 20.79 13.97
CA GLY D 310 -43.24 21.21 12.70
C GLY D 310 -44.38 22.20 12.87
N THR D 311 -44.31 23.30 12.14
CA THR D 311 -45.37 24.28 12.15
C THR D 311 -46.50 23.85 11.22
N VAL D 312 -47.72 24.25 11.56
CA VAL D 312 -48.90 23.96 10.75
C VAL D 312 -49.52 25.31 10.42
N PHE D 313 -49.33 25.76 9.18
CA PHE D 313 -49.90 27.02 8.69
C PHE D 313 -50.76 26.69 7.47
N LYS D 314 -52.01 26.35 7.71
CA LYS D 314 -52.94 26.02 6.65
C LYS D 314 -54.17 26.90 6.72
N GLY D 315 -55.07 26.69 5.78
CA GLY D 315 -56.35 27.35 5.82
C GLY D 315 -57.32 26.63 6.74
N GLU D 316 -58.21 27.41 7.34
CA GLU D 316 -59.30 26.89 8.15
C GLU D 316 -60.58 27.61 7.71
N VAL D 317 -61.20 27.09 6.65
CA VAL D 317 -62.30 27.79 5.98
C VAL D 317 -63.48 26.84 5.81
N GLY D 318 -64.62 27.26 6.34
CA GLY D 318 -65.86 26.53 6.28
C GLY D 318 -66.98 27.45 5.82
N PRO D 319 -66.73 28.25 4.77
CA PRO D 319 -67.23 29.63 4.72
C PRO D 319 -68.61 29.85 5.33
N TRP D 320 -68.65 30.72 6.34
CA TRP D 320 -69.86 30.95 7.11
C TRP D 320 -70.45 32.30 6.70
N TYR D 321 -71.46 32.25 5.84
CA TYR D 321 -72.04 33.45 5.27
C TYR D 321 -72.85 34.21 6.31
N ASN D 322 -72.89 35.54 6.16
CA ASN D 322 -73.54 36.42 7.12
C ASN D 322 -74.48 37.37 6.40
N PRO D 323 -75.78 37.31 6.64
CA PRO D 323 -76.70 38.28 6.03
C PRO D 323 -76.42 39.69 6.52
N LYS D 324 -77.17 40.64 5.95
CA LYS D 324 -77.08 42.08 6.20
C LYS D 324 -75.93 42.67 5.38
N ASN D 325 -76.11 43.89 4.88
CA ASN D 325 -75.14 44.47 3.96
C ASN D 325 -73.81 44.76 4.65
N GLY D 326 -73.85 45.35 5.84
CA GLY D 326 -72.63 45.75 6.51
C GLY D 326 -72.52 45.24 7.94
N GLN D 327 -72.99 44.02 8.17
CA GLN D 327 -72.93 43.45 9.51
C GLN D 327 -71.49 43.27 9.98
N TYR D 328 -70.72 42.44 9.28
CA TYR D 328 -69.36 42.08 9.65
C TYR D 328 -69.27 41.44 11.04
N HIS D 329 -70.35 40.83 11.51
CA HIS D 329 -70.37 40.14 12.79
C HIS D 329 -71.07 38.79 12.61
N LEU D 330 -70.44 37.73 13.10
CA LEU D 330 -70.93 36.37 12.90
C LEU D 330 -72.09 36.07 13.85
N GLU D 331 -73.11 35.42 13.33
CA GLU D 331 -74.21 34.92 14.16
C GLU D 331 -73.67 33.80 15.05
N PRO D 332 -74.32 33.57 16.20
CA PRO D 332 -73.78 32.59 17.16
C PRO D 332 -73.56 31.19 16.62
N LYS D 333 -74.45 30.70 15.76
CA LYS D 333 -74.29 29.35 15.23
C LYS D 333 -73.06 29.26 14.32
N GLU D 334 -72.84 30.26 13.46
CA GLU D 334 -71.64 30.25 12.63
C GLU D 334 -70.38 30.38 13.49
N ALA D 335 -70.43 31.20 14.53
CA ALA D 335 -69.29 31.37 15.42
C ALA D 335 -68.94 30.05 16.10
N LYS D 336 -69.97 29.35 16.60
CA LYS D 336 -69.74 28.06 17.23
C LYS D 336 -69.18 27.05 16.23
N ALA D 337 -69.72 27.01 15.01
CA ALA D 337 -69.19 26.09 14.01
C ALA D 337 -67.72 26.39 13.70
N LEU D 338 -67.40 27.67 13.48
CA LEU D 338 -66.04 28.06 13.17
C LEU D 338 -65.08 27.67 14.28
N LEU D 339 -65.41 28.04 15.53
CA LEU D 339 -64.48 27.77 16.62
C LEU D 339 -64.38 26.28 16.92
N SER D 340 -65.48 25.54 16.81
CA SER D 340 -65.43 24.11 17.04
C SER D 340 -64.57 23.42 15.99
N GLN D 341 -64.73 23.80 14.72
CA GLN D 341 -63.90 23.20 13.69
C GLN D 341 -62.44 23.59 13.84
N SER D 342 -62.15 24.82 14.25
CA SER D 342 -60.78 25.24 14.54
C SER D 342 -60.15 24.45 15.67
N LEU D 343 -60.89 24.22 16.75
CA LEU D 343 -60.33 23.48 17.88
C LEU D 343 -60.20 22.00 17.57
N GLN D 344 -61.15 21.45 16.80
CA GLN D 344 -61.07 20.05 16.39
C GLN D 344 -59.91 19.79 15.43
N SER D 345 -59.62 20.71 14.53
CA SER D 345 -58.49 20.59 13.62
C SER D 345 -57.15 20.62 14.35
N TYR D 346 -57.12 21.17 15.56
CA TYR D 346 -55.94 21.12 16.42
C TYR D 346 -55.92 19.87 17.28
N LYS D 347 -57.07 19.44 17.79
CA LYS D 347 -57.14 18.22 18.59
C LYS D 347 -56.75 17.00 17.77
N GLU D 348 -57.25 16.92 16.53
CA GLU D 348 -56.97 15.76 15.68
C GLU D 348 -55.51 15.69 15.25
N GLN D 349 -54.75 16.77 15.42
CA GLN D 349 -53.35 16.79 15.00
C GLN D 349 -52.37 16.81 16.17
N ILE D 350 -52.78 17.26 17.35
CA ILE D 350 -51.90 17.27 18.52
C ILE D 350 -52.43 16.41 19.67
N GLY D 351 -53.74 16.27 19.82
CA GLY D 351 -54.28 15.40 20.84
C GLY D 351 -55.01 16.12 21.95
N GLU D 352 -54.53 17.30 22.34
CA GLU D 352 -55.16 18.08 23.39
C GLU D 352 -55.54 19.45 22.83
N TYR D 353 -56.47 20.11 23.52
CA TYR D 353 -56.94 21.42 23.10
C TYR D 353 -55.87 22.48 23.30
N PRO D 354 -55.84 23.50 22.45
CA PRO D 354 -54.88 24.60 22.66
C PRO D 354 -55.13 25.28 24.00
N LYS D 355 -54.05 25.61 24.71
CA LYS D 355 -54.16 26.24 26.01
C LYS D 355 -54.35 27.75 25.90
N GLU D 356 -54.11 28.34 24.74
CA GLU D 356 -54.35 29.76 24.53
C GLU D 356 -54.54 30.09 23.05
N VAL D 357 -55.76 30.46 22.68
CA VAL D 357 -56.06 30.83 21.31
C VAL D 357 -56.04 32.35 21.18
N PHE D 358 -55.36 32.85 20.15
CA PHE D 358 -55.19 34.27 19.93
C PHE D 358 -55.83 34.64 18.61
N ILE D 359 -57.13 34.90 18.61
CA ILE D 359 -57.88 35.21 17.40
C ILE D 359 -57.62 36.65 17.00
N HIS D 360 -57.18 36.85 15.77
CA HIS D 360 -57.06 38.18 15.20
C HIS D 360 -58.19 38.43 14.20
N ALA D 361 -58.43 39.71 13.90
CA ALA D 361 -59.43 40.11 12.92
C ALA D 361 -59.28 41.58 12.57
N LYS D 362 -59.64 41.95 11.35
CA LYS D 362 -59.67 43.36 10.96
C LYS D 362 -60.86 44.10 11.56
N THR D 363 -61.84 43.39 12.10
CA THR D 363 -63.05 43.98 12.64
C THR D 363 -63.16 43.67 14.12
N ARG D 364 -63.73 44.60 14.88
CA ARG D 364 -63.81 44.45 16.32
C ARG D 364 -64.93 43.47 16.69
N PHE D 365 -64.71 42.76 17.80
CA PHE D 365 -65.64 41.73 18.27
C PHE D 365 -66.62 42.35 19.25
N ASN D 366 -67.91 42.28 18.93
CA ASN D 366 -68.93 42.55 19.93
C ASN D 366 -69.33 41.25 20.63
N HIS D 367 -70.07 41.40 21.74
CA HIS D 367 -70.16 40.33 22.73
C HIS D 367 -70.87 39.08 22.21
N GLN D 368 -71.68 39.20 21.15
CA GLN D 368 -72.49 38.07 20.72
C GLN D 368 -71.62 36.90 20.28
N GLU D 369 -70.56 37.15 19.51
CA GLU D 369 -69.67 36.05 19.13
C GLU D 369 -68.91 35.51 20.32
N TRP D 370 -68.52 36.38 21.25
CA TRP D 370 -67.71 35.92 22.38
C TRP D 370 -68.50 35.03 23.32
N ASP D 371 -69.80 35.31 23.48
CA ASP D 371 -70.62 34.43 24.30
C ASP D 371 -70.69 33.03 23.71
N ALA D 372 -70.85 32.92 22.39
CA ALA D 372 -70.84 31.63 21.73
C ALA D 372 -69.47 30.97 21.82
N PHE D 373 -68.41 31.76 21.65
CA PHE D 373 -67.04 31.26 21.65
C PHE D 373 -66.69 30.63 23.00
N LEU D 374 -67.04 31.31 24.09
CA LEU D 374 -66.69 30.83 25.42
C LEU D 374 -67.39 29.51 25.71
N GLU D 375 -68.64 29.36 25.24
CA GLU D 375 -69.38 28.13 25.41
C GLU D 375 -68.69 26.97 24.69
N VAL D 376 -68.19 27.23 23.48
CA VAL D 376 -67.51 26.19 22.71
C VAL D 376 -66.21 25.79 23.41
N THR D 377 -65.42 26.77 23.84
CA THR D 377 -64.15 26.48 24.46
C THR D 377 -64.36 25.81 25.82
N PRO D 378 -63.49 24.89 26.22
CA PRO D 378 -63.53 24.34 27.57
C PRO D 378 -62.94 25.34 28.57
N LYS D 379 -62.86 24.90 29.83
CA LYS D 379 -62.38 25.77 30.90
C LYS D 379 -60.90 26.09 30.73
N GLU D 380 -60.10 25.09 30.37
CA GLU D 380 -58.65 25.26 30.36
C GLU D 380 -58.22 26.28 29.31
N THR D 381 -58.84 26.26 28.13
CA THR D 381 -58.43 27.14 27.05
C THR D 381 -58.68 28.60 27.42
N ASN D 382 -57.68 29.44 27.15
CA ASN D 382 -57.78 30.88 27.35
C ASN D 382 -57.71 31.55 25.98
N LEU D 383 -58.88 31.95 25.47
CA LEU D 383 -58.98 32.45 24.10
C LEU D 383 -58.99 33.98 24.11
N VAL D 384 -58.19 34.58 23.22
CA VAL D 384 -57.96 36.02 23.24
C VAL D 384 -58.28 36.60 21.88
N GLY D 385 -59.05 37.69 21.87
CA GLY D 385 -59.48 38.32 20.64
C GLY D 385 -58.82 39.67 20.44
N VAL D 386 -58.05 39.79 19.36
CA VAL D 386 -57.24 40.97 19.06
C VAL D 386 -57.73 41.55 17.74
N THR D 387 -57.89 42.87 17.71
CA THR D 387 -58.30 43.58 16.50
C THR D 387 -57.13 44.37 15.94
N ILE D 388 -56.85 44.16 14.66
CA ILE D 388 -55.73 44.78 13.97
C ILE D 388 -56.25 45.74 12.92
N SER D 389 -55.66 46.92 12.83
CA SER D 389 -56.11 47.92 11.88
C SER D 389 -54.97 48.86 11.54
N LYS D 390 -54.92 49.29 10.27
CA LYS D 390 -53.98 50.31 9.82
C LYS D 390 -54.64 51.66 9.61
N THR D 391 -55.88 51.83 10.06
CA THR D 391 -56.63 53.04 9.73
C THR D 391 -56.15 54.23 10.55
N LYS D 392 -55.48 53.99 11.66
CA LYS D 392 -55.05 55.08 12.54
C LYS D 392 -54.03 55.96 11.82
N PRO D 393 -54.27 57.27 11.70
CA PRO D 393 -53.35 58.17 10.99
C PRO D 393 -52.21 58.70 11.87
N LEU D 394 -51.38 57.77 12.34
CA LEU D 394 -50.22 58.10 13.17
C LEU D 394 -48.95 57.89 12.37
N LYS D 395 -48.06 58.89 12.39
CA LYS D 395 -46.83 58.86 11.58
C LYS D 395 -45.70 59.44 12.42
N LEU D 396 -44.80 58.57 12.89
CA LEU D 396 -43.66 59.00 13.69
C LEU D 396 -42.49 59.34 12.77
N TYR D 397 -42.03 60.58 12.83
CA TYR D 397 -40.89 61.04 12.06
C TYR D 397 -39.70 61.23 13.00
N LYS D 398 -38.53 60.76 12.58
CA LYS D 398 -37.33 61.03 13.36
C LYS D 398 -36.87 62.47 13.14
N THR D 399 -35.96 62.92 14.00
CA THR D 399 -35.60 64.34 14.02
C THR D 399 -34.97 64.78 12.70
N GLU D 400 -33.96 64.08 12.22
CA GLU D 400 -33.19 64.54 11.07
C GLU D 400 -32.75 63.34 10.25
N GLY D 401 -32.71 63.52 8.93
CA GLY D 401 -32.28 62.46 8.03
C GLY D 401 -33.40 61.98 7.14
N ASP D 402 -33.09 61.65 5.89
CA ASP D 402 -34.13 61.22 4.96
C ASP D 402 -34.35 59.71 5.06
N TYR D 403 -34.47 59.21 6.29
CA TYR D 403 -34.79 57.81 6.57
C TYR D 403 -35.87 57.79 7.65
N THR D 404 -36.63 56.71 7.69
CA THR D 404 -37.77 56.62 8.58
C THR D 404 -37.45 55.77 9.81
N ILE D 405 -38.47 55.55 10.64
CA ILE D 405 -38.32 54.86 11.93
C ILE D 405 -38.04 53.39 11.71
N LEU D 406 -37.39 52.76 12.69
CA LEU D 406 -37.08 51.34 12.62
C LEU D 406 -38.33 50.50 12.75
N ARG D 407 -38.34 49.38 12.04
CA ARG D 407 -39.36 48.35 12.22
C ARG D 407 -39.13 47.66 13.56
N GLY D 408 -40.18 47.51 14.35
CA GLY D 408 -40.07 46.87 15.64
C GLY D 408 -40.44 47.80 16.78
N ASN D 409 -40.36 49.11 16.52
CA ASN D 409 -40.78 50.08 17.50
C ASN D 409 -42.27 49.95 17.77
N ALA D 410 -42.64 49.98 19.05
CA ALA D 410 -44.04 49.84 19.44
C ALA D 410 -44.34 50.78 20.59
N TYR D 411 -45.42 51.56 20.46
CA TYR D 411 -45.89 52.41 21.53
C TYR D 411 -47.08 51.73 22.22
N VAL D 412 -46.88 51.29 23.45
CA VAL D 412 -47.94 50.67 24.23
C VAL D 412 -48.82 51.78 24.77
N VAL D 413 -49.95 52.02 24.12
CA VAL D 413 -50.89 53.02 24.61
C VAL D 413 -51.39 52.65 26.00
N ASN D 414 -51.77 51.40 26.20
CA ASN D 414 -52.12 50.88 27.51
C ASN D 414 -52.14 49.36 27.44
N GLU D 415 -52.48 48.74 28.56
CA GLU D 415 -52.39 47.28 28.66
C GLU D 415 -53.25 46.58 27.63
N ARG D 416 -54.26 47.26 27.07
CA ARG D 416 -55.13 46.67 26.07
C ARG D 416 -54.96 47.23 24.68
N SER D 417 -53.98 48.10 24.44
CA SER D 417 -53.84 48.72 23.12
C SER D 417 -52.42 49.21 22.89
N ALA D 418 -51.99 49.13 21.63
CA ALA D 418 -50.66 49.57 21.25
C ALA D 418 -50.60 49.83 19.75
N PHE D 419 -49.54 50.51 19.34
CA PHE D 419 -49.19 50.70 17.93
C PHE D 419 -47.91 49.92 17.66
N LEU D 420 -47.91 49.06 16.65
CA LEU D 420 -46.74 48.28 16.32
C LEU D 420 -46.29 48.61 14.90
N TRP D 421 -45.02 48.97 14.74
CA TRP D 421 -44.47 49.36 13.45
C TRP D 421 -43.95 48.11 12.73
N THR D 422 -44.86 47.36 12.11
CA THR D 422 -44.43 46.25 11.28
C THR D 422 -43.90 46.72 9.92
N VAL D 423 -44.14 47.97 9.57
CA VAL D 423 -43.63 48.57 8.35
C VAL D 423 -42.65 49.67 8.73
N GLY D 424 -41.40 49.52 8.34
CA GLY D 424 -40.41 50.52 8.70
C GLY D 424 -39.03 50.11 8.27
N TYR D 425 -38.05 50.87 8.78
CA TYR D 425 -36.65 50.69 8.43
C TYR D 425 -36.08 49.47 9.13
N VAL D 426 -35.39 48.62 8.36
CA VAL D 426 -34.53 47.58 8.91
C VAL D 426 -33.17 47.68 8.22
N PRO D 427 -32.08 47.79 8.97
CA PRO D 427 -30.78 48.06 8.32
C PRO D 427 -30.29 46.93 7.43
N LYS D 428 -30.75 45.70 7.65
CA LYS D 428 -30.24 44.58 6.87
C LYS D 428 -30.58 44.72 5.39
N ILE D 429 -31.80 45.13 5.06
CA ILE D 429 -32.16 45.34 3.67
C ILE D 429 -31.69 46.72 3.20
N GLN D 430 -31.01 47.47 4.07
CA GLN D 430 -30.33 48.73 3.82
C GLN D 430 -31.31 49.89 3.70
N THR D 431 -32.61 49.64 3.70
CA THR D 431 -33.59 50.70 3.57
C THR D 431 -34.88 50.27 4.25
N ALA D 432 -35.86 51.17 4.26
CA ALA D 432 -37.18 50.82 4.74
C ALA D 432 -37.96 50.10 3.64
N LEU D 433 -38.86 49.22 4.07
CA LEU D 433 -39.75 48.57 3.12
C LEU D 433 -40.97 49.41 2.80
N SER D 434 -41.08 50.60 3.40
CA SER D 434 -42.11 51.57 3.05
C SER D 434 -41.54 52.51 1.99
N MET D 435 -42.30 53.47 1.45
CA MET D 435 -41.74 54.41 0.48
C MET D 435 -41.71 55.80 1.09
N GLU D 436 -42.88 56.28 1.50
CA GLU D 436 -42.98 57.48 2.34
C GLU D 436 -42.99 57.03 3.79
N VAL D 437 -43.34 57.93 4.70
CA VAL D 437 -43.43 57.57 6.12
C VAL D 437 -44.49 56.49 6.29
N PRO D 438 -44.20 55.41 7.00
CA PRO D 438 -45.15 54.29 7.10
C PRO D 438 -46.23 54.56 8.13
N ASN D 439 -47.20 53.65 8.17
CA ASN D 439 -48.28 53.70 9.13
C ASN D 439 -48.27 52.45 10.00
N PRO D 440 -48.15 52.60 11.32
CA PRO D 440 -48.12 51.45 12.20
C PRO D 440 -49.49 50.78 12.27
N LEU D 441 -49.48 49.52 12.70
CA LEU D 441 -50.68 48.73 12.84
C LEU D 441 -51.22 48.89 14.27
N PHE D 442 -52.50 49.22 14.37
CA PHE D 442 -53.14 49.43 15.66
C PHE D 442 -53.59 48.09 16.22
N ILE D 443 -52.82 47.55 17.18
CA ILE D 443 -53.09 46.23 17.74
C ILE D 443 -53.62 46.41 19.14
N GLU D 444 -54.86 46.00 19.37
CA GLU D 444 -55.47 46.13 20.68
C GLU D 444 -56.16 44.83 21.06
N ILE D 445 -56.07 44.48 22.33
CA ILE D 445 -56.67 43.27 22.84
C ILE D 445 -58.15 43.52 23.10
N ASN D 446 -58.98 43.29 22.09
CA ASN D 446 -60.39 43.62 22.21
C ASN D 446 -61.07 42.81 23.30
N LYS D 447 -60.81 41.51 23.36
CA LYS D 447 -61.43 40.65 24.35
C LYS D 447 -60.39 39.68 24.90
N GLY D 448 -60.65 39.20 26.12
CA GLY D 448 -59.67 38.42 26.83
C GLY D 448 -58.72 39.32 27.60
N GLU D 449 -57.64 38.77 28.14
CA GLU D 449 -56.75 39.61 28.93
C GLU D 449 -55.43 39.84 28.20
N ALA D 450 -54.67 38.77 27.95
CA ALA D 450 -53.44 38.78 27.17
C ALA D 450 -52.36 39.74 27.69
N ASP D 451 -51.09 39.35 27.54
CA ASP D 451 -50.01 40.30 27.73
C ASP D 451 -49.73 41.03 26.42
N ILE D 452 -49.84 42.37 26.46
CA ILE D 452 -49.74 43.16 25.24
C ILE D 452 -48.35 43.04 24.62
N LYS D 453 -47.32 42.93 25.47
CA LYS D 453 -45.98 42.70 24.96
C LYS D 453 -45.88 41.38 24.23
N GLN D 454 -46.49 40.32 24.79
CA GLN D 454 -46.48 39.03 24.14
C GLN D 454 -47.32 39.05 22.87
N VAL D 455 -48.44 39.78 22.88
CA VAL D 455 -49.25 39.91 21.68
C VAL D 455 -48.46 40.56 20.56
N LEU D 456 -47.75 41.64 20.87
CA LEU D 456 -46.87 42.27 19.89
C LEU D 456 -45.70 41.39 19.50
N LYS D 457 -45.30 40.45 20.35
CA LYS D 457 -44.21 39.54 20.05
C LYS D 457 -44.64 38.38 19.16
N ASP D 458 -45.93 38.22 18.92
CA ASP D 458 -46.44 37.17 18.03
C ASP D 458 -46.80 37.68 16.65
N ILE D 459 -47.49 38.82 16.57
CA ILE D 459 -47.83 39.39 15.27
C ILE D 459 -46.57 39.75 14.50
N LEU D 460 -45.58 40.33 15.18
CA LEU D 460 -44.29 40.57 14.55
C LEU D 460 -43.67 39.27 14.06
N SER D 461 -43.81 38.20 14.84
CA SER D 461 -43.35 36.88 14.40
C SER D 461 -44.15 36.40 13.19
N LEU D 462 -45.47 36.61 13.21
CA LEU D 462 -46.30 36.11 12.12
C LEU D 462 -46.16 36.92 10.85
N THR D 463 -45.52 38.09 10.89
CA THR D 463 -45.27 38.83 9.67
C THR D 463 -44.23 38.15 8.78
N LYS D 464 -43.54 37.12 9.28
CA LYS D 464 -42.47 36.47 8.53
C LYS D 464 -42.94 35.24 7.75
N LEU D 465 -44.17 34.78 7.95
CA LEU D 465 -44.65 33.56 7.30
C LEU D 465 -45.41 33.83 6.00
N ASN D 466 -44.82 34.56 5.07
CA ASN D 466 -45.45 34.82 3.77
C ASN D 466 -44.75 33.97 2.72
N TYR D 467 -45.44 32.92 2.26
CA TYR D 467 -44.85 32.01 1.28
C TYR D 467 -45.08 32.44 -0.16
N ASN D 468 -46.10 33.27 -0.42
CA ASN D 468 -46.35 33.73 -1.78
C ASN D 468 -45.24 34.64 -2.29
N ALA D 469 -44.55 35.34 -1.41
CA ALA D 469 -43.45 36.21 -1.78
C ALA D 469 -42.34 36.08 -0.75
N CYS D 470 -41.10 35.99 -1.22
CA CYS D 470 -39.95 35.83 -0.34
C CYS D 470 -39.32 37.21 -0.13
N ILE D 471 -39.90 37.97 0.79
CA ILE D 471 -39.40 39.28 1.17
C ILE D 471 -38.93 39.22 2.62
N PHE D 472 -38.32 40.31 3.07
CA PHE D 472 -37.79 40.35 4.44
C PHE D 472 -38.92 40.19 5.46
N ALA D 473 -39.98 40.95 5.31
CA ALA D 473 -41.10 40.90 6.25
C ALA D 473 -42.34 41.44 5.57
N ASP D 474 -43.49 41.13 6.15
CA ASP D 474 -44.77 41.57 5.63
C ASP D 474 -45.36 42.65 6.54
N GLY D 475 -46.07 43.60 5.95
CA GLY D 475 -46.62 44.70 6.72
C GLY D 475 -47.80 44.32 7.58
N GLU D 476 -48.47 43.21 7.25
CA GLU D 476 -49.64 42.75 7.98
C GLU D 476 -49.45 41.27 8.28
N PRO D 477 -49.89 40.78 9.45
CA PRO D 477 -49.70 39.36 9.75
C PRO D 477 -50.34 38.47 8.70
N VAL D 478 -49.63 37.41 8.31
CA VAL D 478 -50.03 36.62 7.16
C VAL D 478 -51.34 35.87 7.37
N THR D 479 -51.74 35.62 8.62
CA THR D 479 -53.03 34.99 8.86
C THR D 479 -54.15 35.84 8.29
N LEU D 480 -54.13 37.14 8.56
CA LEU D 480 -55.10 38.07 8.00
C LEU D 480 -54.90 38.32 6.52
N ARG D 481 -53.73 38.03 5.98
CA ARG D 481 -53.50 38.17 4.55
C ARG D 481 -53.80 36.91 3.77
N PHE D 482 -53.39 35.74 4.28
CA PHE D 482 -53.77 34.50 3.61
C PHE D 482 -55.26 34.24 3.76
N ALA D 483 -55.87 34.66 4.88
CA ALA D 483 -57.32 34.63 4.97
C ALA D 483 -57.96 35.54 3.93
N ASP D 484 -57.37 36.71 3.69
CA ASP D 484 -57.88 37.59 2.64
C ASP D 484 -57.78 36.94 1.27
N LYS D 485 -56.65 36.27 1.00
CA LYS D 485 -56.50 35.57 -0.27
C LYS D 485 -57.54 34.46 -0.42
N ILE D 486 -57.70 33.64 0.62
CA ILE D 486 -58.64 32.52 0.55
C ILE D 486 -60.07 33.03 0.42
N GLY D 487 -60.36 34.19 1.00
CA GLY D 487 -61.65 34.83 0.75
C GLY D 487 -61.81 35.32 -0.66
N GLU D 488 -60.80 35.97 -1.23
CA GLU D 488 -60.84 36.41 -2.61
C GLU D 488 -61.02 35.27 -3.59
N ILE D 489 -60.55 34.07 -3.25
CA ILE D 489 -60.75 32.89 -4.11
C ILE D 489 -62.08 32.21 -3.86
N LEU D 490 -62.61 32.27 -2.64
CA LEU D 490 -63.84 31.56 -2.30
C LEU D 490 -65.09 32.41 -2.40
N THR D 491 -65.00 33.65 -2.89
CA THR D 491 -66.16 34.43 -3.27
C THR D 491 -66.30 34.57 -4.79
N ALA D 492 -65.55 33.77 -5.55
CA ALA D 492 -65.64 33.82 -7.01
C ALA D 492 -66.52 32.72 -7.60
N SER D 493 -66.68 31.59 -6.90
CA SER D 493 -67.48 30.47 -7.38
C SER D 493 -68.57 30.16 -6.38
N THR D 494 -69.78 29.89 -6.87
CA THR D 494 -70.92 29.62 -6.02
C THR D 494 -71.05 28.16 -5.62
N ASP D 495 -70.67 27.22 -6.50
CA ASP D 495 -70.85 25.80 -6.27
C ASP D 495 -69.74 25.20 -5.41
N ILE D 496 -68.99 26.02 -4.68
CA ILE D 496 -67.91 25.52 -3.84
C ILE D 496 -68.48 24.70 -2.69
N LYS D 497 -67.91 23.52 -2.50
CA LYS D 497 -68.36 22.62 -1.44
C LYS D 497 -67.14 21.92 -0.86
N THR D 498 -66.96 22.08 0.45
CA THR D 498 -65.83 21.53 1.19
C THR D 498 -64.54 21.92 0.48
N PRO D 499 -64.15 23.19 0.53
CA PRO D 499 -62.95 23.62 -0.20
C PRO D 499 -61.69 23.04 0.44
N PRO D 500 -60.64 22.80 -0.35
CA PRO D 500 -59.37 22.41 0.23
C PRO D 500 -58.82 23.52 1.11
N LEU D 501 -58.14 23.12 2.18
CA LEU D 501 -57.63 24.06 3.17
C LEU D 501 -56.12 24.23 3.08
N ALA D 502 -55.46 23.59 2.14
CA ALA D 502 -54.04 23.78 1.91
C ALA D 502 -53.84 25.04 1.08
N PHE D 503 -52.79 25.80 1.40
CA PHE D 503 -52.60 27.09 0.76
C PHE D 503 -52.02 26.95 -0.64
N LYS D 504 -51.59 25.74 -1.02
CA LYS D 504 -51.00 25.54 -2.34
C LYS D 504 -52.00 25.88 -3.44
N TYR D 505 -53.29 25.70 -3.16
CA TYR D 505 -54.34 25.88 -4.15
C TYR D 505 -54.85 27.31 -4.22
N TYR D 506 -54.31 28.21 -3.41
CA TYR D 506 -54.86 29.55 -3.27
C TYR D 506 -53.85 30.66 -3.54
N ILE D 507 -52.63 30.52 -3.06
CA ILE D 507 -51.64 31.59 -3.20
C ILE D 507 -50.67 31.27 -4.34
N MET E 1 4.92 -42.67 -4.35
CA MET E 1 5.43 -41.60 -3.50
C MET E 1 6.24 -40.60 -4.31
N ARG E 2 5.86 -39.33 -4.22
CA ARG E 2 6.54 -38.27 -4.94
C ARG E 2 7.85 -37.93 -4.24
N ASN E 3 8.98 -38.32 -4.85
CA ASN E 3 10.29 -38.09 -4.27
C ASN E 3 11.24 -37.37 -5.24
N LYS E 4 10.73 -36.84 -6.34
CA LYS E 4 11.58 -36.28 -7.39
C LYS E 4 11.44 -34.77 -7.47
N ILE E 5 12.53 -34.09 -7.77
CA ILE E 5 12.55 -32.64 -7.91
C ILE E 5 12.58 -32.29 -9.39
N PHE E 6 11.66 -31.45 -9.83
CA PHE E 6 11.55 -31.05 -11.22
C PHE E 6 12.19 -29.68 -11.40
N ILE E 7 12.96 -29.53 -12.48
CA ILE E 7 13.62 -28.26 -12.81
C ILE E 7 13.20 -27.87 -14.22
N SER E 8 12.40 -26.82 -14.33
CA SER E 8 12.03 -26.28 -15.63
C SER E 8 12.90 -25.09 -15.97
N HIS E 9 13.15 -24.91 -17.27
CA HIS E 9 14.11 -23.91 -17.71
C HIS E 9 14.02 -23.75 -19.22
N ALA E 10 14.88 -22.88 -19.75
CA ALA E 10 15.04 -22.72 -21.18
C ALA E 10 16.20 -23.59 -21.65
N THR E 11 15.89 -24.62 -22.43
CA THR E 11 16.91 -25.61 -22.79
C THR E 11 18.10 -25.02 -23.56
N PRO E 12 17.93 -24.16 -24.58
CA PRO E 12 19.12 -23.77 -25.36
C PRO E 12 19.87 -22.58 -24.78
N ASP E 13 19.40 -22.02 -23.67
CA ASP E 13 20.00 -20.80 -23.14
C ASP E 13 20.39 -20.94 -21.68
N ASP E 14 19.59 -21.66 -20.90
CA ASP E 14 19.82 -21.83 -19.47
C ASP E 14 20.33 -23.21 -19.11
N ASN E 15 21.02 -23.88 -20.05
CA ASN E 15 21.39 -25.27 -19.85
C ASN E 15 22.50 -25.42 -18.80
N ASP E 16 23.43 -24.47 -18.76
CA ASP E 16 24.62 -24.64 -17.91
C ASP E 16 24.29 -24.50 -16.42
N PHE E 17 23.49 -23.49 -16.06
CA PHE E 17 23.12 -23.34 -14.67
C PHE E 17 22.29 -24.51 -14.18
N THR E 18 21.35 -24.98 -15.00
CA THR E 18 20.56 -26.14 -14.64
C THR E 18 21.45 -27.38 -14.51
N ARG E 19 22.42 -27.52 -15.40
CA ARG E 19 23.39 -28.60 -15.28
C ARG E 19 24.09 -28.56 -13.93
N TRP E 20 24.61 -27.39 -13.54
CA TRP E 20 25.31 -27.25 -12.27
C TRP E 20 24.38 -27.58 -11.10
N LEU E 21 23.17 -27.02 -11.12
CA LEU E 21 22.25 -27.21 -10.00
C LEU E 21 21.83 -28.67 -9.87
N ALA E 22 21.54 -29.32 -11.00
CA ALA E 22 21.15 -30.72 -10.96
C ALA E 22 22.29 -31.61 -10.50
N LEU E 23 23.50 -31.37 -11.02
CA LEU E 23 24.65 -32.17 -10.62
C LEU E 23 25.04 -31.95 -9.17
N LYS E 24 24.70 -30.80 -8.59
CA LYS E 24 24.93 -30.61 -7.16
C LYS E 24 23.82 -31.23 -6.31
N LEU E 25 22.56 -31.06 -6.71
CA LEU E 25 21.45 -31.61 -5.94
C LEU E 25 21.49 -33.13 -5.93
N ILE E 26 21.78 -33.75 -7.08
CA ILE E 26 21.88 -35.21 -7.12
C ILE E 26 23.05 -35.68 -6.27
N GLY E 27 24.17 -34.96 -6.33
CA GLY E 27 25.29 -35.29 -5.46
C GLY E 27 24.95 -35.20 -4.00
N LEU E 28 24.08 -34.25 -3.64
CA LEU E 28 23.63 -34.10 -2.26
C LEU E 28 22.58 -35.12 -1.86
N GLY E 29 22.04 -35.88 -2.80
CA GLY E 29 21.07 -36.92 -2.50
C GLY E 29 19.63 -36.60 -2.83
N TYR E 30 19.37 -35.58 -3.65
CA TYR E 30 18.02 -35.19 -4.03
C TYR E 30 17.72 -35.72 -5.43
N GLU E 31 16.64 -36.49 -5.55
CA GLU E 31 16.22 -37.00 -6.85
C GLU E 31 15.82 -35.84 -7.76
N VAL E 32 16.45 -35.75 -8.92
CA VAL E 32 16.24 -34.63 -9.82
C VAL E 32 15.81 -35.15 -11.19
N TRP E 33 14.73 -34.55 -11.70
CA TRP E 33 14.25 -34.81 -13.06
C TRP E 33 14.49 -33.56 -13.88
N CYS E 34 15.18 -33.71 -15.00
CA CYS E 34 15.38 -32.60 -15.92
C CYS E 34 15.47 -33.14 -17.33
N ASP E 35 15.10 -32.29 -18.30
CA ASP E 35 15.14 -32.72 -19.70
C ASP E 35 16.56 -32.90 -20.19
N ILE E 36 17.49 -32.08 -19.71
CA ILE E 36 18.89 -32.21 -20.10
C ILE E 36 19.49 -33.52 -19.62
N LEU E 37 19.15 -33.93 -18.39
CA LEU E 37 19.82 -35.07 -17.75
C LEU E 37 19.64 -36.36 -18.55
N PHE E 38 18.50 -36.50 -19.23
CA PHE E 38 18.25 -37.70 -20.00
C PHE E 38 18.79 -37.55 -21.43
N LEU E 39 19.58 -38.54 -21.85
CA LEU E 39 20.13 -38.56 -23.18
C LEU E 39 19.23 -39.39 -24.09
N ASP E 40 19.05 -38.90 -25.33
CA ASP E 40 18.14 -39.35 -26.40
C ASP E 40 16.82 -38.64 -26.27
N LYS E 41 16.01 -38.62 -27.33
CA LYS E 41 14.71 -37.99 -27.28
C LYS E 41 13.75 -38.74 -28.18
N GLY E 42 12.49 -38.79 -27.76
CA GLY E 42 11.44 -39.44 -28.51
C GLY E 42 10.13 -38.70 -28.29
N VAL E 43 9.14 -39.02 -29.13
CA VAL E 43 7.87 -38.31 -29.10
C VAL E 43 7.18 -38.42 -27.76
N ASP E 44 7.48 -39.47 -26.98
CA ASP E 44 6.77 -39.70 -25.73
C ASP E 44 7.10 -38.63 -24.68
N PHE E 45 8.19 -37.89 -24.86
CA PHE E 45 8.73 -37.07 -23.78
C PHE E 45 7.67 -36.12 -23.22
N TRP E 46 6.92 -35.46 -24.10
CA TRP E 46 5.97 -34.47 -23.64
C TRP E 46 4.91 -35.09 -22.73
N SER E 47 4.46 -36.29 -23.04
CA SER E 47 3.60 -37.00 -22.11
C SER E 47 4.33 -37.28 -20.81
N ASN E 48 5.53 -37.87 -20.90
CA ASN E 48 6.27 -38.26 -19.71
C ASN E 48 6.43 -37.07 -18.77
N ILE E 49 6.94 -35.95 -19.30
CA ILE E 49 7.07 -34.72 -18.51
C ILE E 49 5.80 -34.50 -17.71
N GLU E 50 4.66 -34.40 -18.40
CA GLU E 50 3.41 -34.10 -17.72
C GLU E 50 3.14 -35.10 -16.60
N LYS E 51 3.24 -36.40 -16.90
CA LYS E 51 2.87 -37.36 -15.87
C LYS E 51 3.79 -37.26 -14.68
N VAL E 52 5.07 -36.96 -14.91
CA VAL E 52 5.98 -36.77 -13.78
C VAL E 52 5.46 -35.66 -12.88
N ILE E 53 5.13 -34.52 -13.48
CA ILE E 53 4.67 -33.39 -12.69
C ILE E 53 3.41 -33.75 -11.92
N ARG E 54 2.67 -34.74 -12.39
CA ARG E 54 1.42 -35.12 -11.74
C ARG E 54 1.54 -36.39 -10.91
N GLU E 55 2.67 -37.10 -10.96
CA GLU E 55 2.76 -38.40 -10.29
C GLU E 55 3.93 -38.56 -9.34
N ASP E 56 5.09 -37.97 -9.64
CA ASP E 56 6.28 -38.20 -8.85
C ASP E 56 6.96 -36.93 -8.35
N THR E 57 6.52 -35.76 -8.80
CA THR E 57 7.16 -34.51 -8.39
C THR E 57 6.74 -34.12 -6.98
N CYS E 58 7.73 -33.81 -6.14
CA CYS E 58 7.48 -33.28 -4.81
C CYS E 58 7.76 -31.79 -4.70
N LYS E 59 8.66 -31.25 -5.51
CA LYS E 59 8.93 -29.83 -5.56
C LYS E 59 9.21 -29.44 -7.00
N PHE E 60 8.81 -28.22 -7.36
CA PHE E 60 8.97 -27.72 -8.71
C PHE E 60 9.81 -26.46 -8.67
N LEU E 61 11.01 -26.53 -9.25
CA LEU E 61 11.92 -25.40 -9.32
C LEU E 61 11.89 -24.83 -10.73
N LEU E 62 11.51 -23.56 -10.85
CA LEU E 62 11.42 -22.89 -12.16
C LEU E 62 12.58 -21.91 -12.26
N VAL E 63 13.52 -22.21 -13.15
CA VAL E 63 14.62 -21.30 -13.44
C VAL E 63 14.05 -20.06 -14.12
N SER E 64 14.20 -18.90 -13.48
CA SER E 64 13.64 -17.65 -13.97
C SER E 64 14.75 -16.84 -14.64
N SER E 65 14.59 -16.59 -15.93
CA SER E 65 15.51 -15.74 -16.68
C SER E 65 14.72 -15.06 -17.80
N SER E 66 15.38 -14.12 -18.47
CA SER E 66 14.73 -13.42 -19.57
C SER E 66 14.38 -14.38 -20.71
N TYR E 67 15.04 -15.53 -20.76
CA TYR E 67 14.72 -16.54 -21.77
C TYR E 67 13.54 -17.40 -21.33
N SER E 68 13.59 -17.91 -20.09
CA SER E 68 12.57 -18.83 -19.61
C SER E 68 11.33 -18.12 -19.10
N ASN E 69 11.33 -16.78 -19.09
CA ASN E 69 10.18 -16.05 -18.55
C ASN E 69 8.92 -16.29 -19.38
N GLN E 70 9.04 -16.24 -20.71
CA GLN E 70 7.88 -16.29 -21.60
C GLN E 70 8.10 -17.35 -22.67
N ARG E 71 8.55 -18.54 -22.26
CA ARG E 71 8.73 -19.66 -23.18
C ARG E 71 7.54 -20.59 -23.04
N GLU E 72 6.95 -20.98 -24.19
CA GLU E 72 5.67 -21.67 -24.17
C GLU E 72 5.76 -23.00 -23.44
N GLY E 73 6.85 -23.76 -23.64
CA GLY E 73 7.02 -25.00 -22.90
C GLY E 73 7.13 -24.76 -21.41
N VAL E 74 7.87 -23.72 -21.03
CA VAL E 74 8.00 -23.37 -19.61
C VAL E 74 6.65 -22.97 -19.05
N LEU E 75 5.87 -22.20 -19.82
CA LEU E 75 4.55 -21.81 -19.36
C LEU E 75 3.63 -23.00 -19.19
N LYS E 76 3.69 -23.97 -20.12
CA LYS E 76 2.87 -25.18 -20.00
C LYS E 76 3.26 -25.96 -18.75
N GLU E 77 4.56 -26.11 -18.51
CA GLU E 77 5.03 -26.79 -17.31
C GLU E 77 4.58 -26.06 -16.05
N LEU E 78 4.65 -24.72 -16.06
CA LEU E 78 4.19 -23.94 -14.92
C LEU E 78 2.70 -24.13 -14.68
N ALA E 79 1.91 -24.18 -15.76
CA ALA E 79 0.46 -24.36 -15.59
C ALA E 79 0.13 -25.73 -15.01
N VAL E 80 0.74 -26.79 -15.56
CA VAL E 80 0.43 -28.12 -15.02
C VAL E 80 0.94 -28.26 -13.60
N ALA E 81 2.08 -27.65 -13.29
CA ALA E 81 2.60 -27.67 -11.92
C ALA E 81 1.66 -26.93 -10.98
N ALA E 82 1.09 -25.81 -11.44
CA ALA E 82 0.15 -25.06 -10.61
C ALA E 82 -1.10 -25.88 -10.34
N LYS E 83 -1.62 -26.57 -11.37
CA LYS E 83 -2.77 -27.44 -11.15
C LYS E 83 -2.45 -28.54 -10.16
N VAL E 84 -1.26 -29.13 -10.26
CA VAL E 84 -0.83 -30.12 -9.27
C VAL E 84 -0.76 -29.48 -7.88
N LYS E 85 -0.31 -28.22 -7.80
CA LYS E 85 -0.22 -27.53 -6.53
C LYS E 85 -1.58 -27.37 -5.88
N LYS E 86 -2.59 -26.97 -6.65
CA LYS E 86 -3.95 -26.93 -6.10
C LYS E 86 -4.42 -28.33 -5.72
N GLN E 87 -4.05 -29.35 -6.50
CA GLN E 87 -4.48 -30.70 -6.20
C GLN E 87 -3.91 -31.20 -4.88
N LEU E 88 -2.66 -30.86 -4.58
CA LEU E 88 -1.95 -31.44 -3.45
C LEU E 88 -2.20 -30.68 -2.14
N LYS E 89 -2.91 -29.56 -2.20
CA LYS E 89 -3.20 -28.75 -1.00
C LYS E 89 -1.90 -28.31 -0.31
N ASP E 90 -0.87 -28.01 -1.09
CA ASP E 90 0.42 -27.58 -0.57
C ASP E 90 0.82 -26.27 -1.25
N ASP E 91 1.03 -25.23 -0.44
CA ASP E 91 1.44 -23.94 -0.98
C ASP E 91 2.92 -23.94 -1.35
N LYS E 92 3.76 -24.64 -0.59
CA LYS E 92 5.20 -24.65 -0.82
C LYS E 92 5.55 -25.71 -1.87
N PHE E 93 5.09 -25.46 -3.09
CA PHE E 93 5.29 -26.42 -4.16
C PHE E 93 6.13 -25.80 -5.29
N ILE E 94 5.73 -24.62 -5.76
CA ILE E 94 6.49 -23.94 -6.79
C ILE E 94 7.52 -23.03 -6.14
N ILE E 95 8.79 -23.21 -6.48
CA ILE E 95 9.87 -22.43 -5.89
C ILE E 95 10.69 -21.78 -7.01
N PRO E 96 10.31 -20.58 -7.47
CA PRO E 96 11.08 -19.94 -8.55
C PRO E 96 12.51 -19.64 -8.12
N LEU E 97 13.42 -19.72 -9.09
CA LEU E 97 14.82 -19.38 -8.90
C LEU E 97 15.19 -18.28 -9.88
N ALA E 98 15.51 -17.10 -9.37
CA ALA E 98 15.87 -15.96 -10.19
C ALA E 98 17.39 -15.93 -10.37
N ILE E 99 17.84 -16.06 -11.62
CA ILE E 99 19.26 -16.11 -11.93
C ILE E 99 19.68 -15.00 -12.87
N ASP E 100 18.76 -14.09 -13.22
CA ASP E 100 19.05 -13.05 -14.20
C ASP E 100 18.95 -11.68 -13.55
N GLU E 101 19.95 -10.85 -13.81
CA GLU E 101 19.98 -9.49 -13.28
C GLU E 101 19.26 -8.50 -14.18
N GLN E 102 19.05 -8.83 -15.45
CA GLN E 102 18.21 -8.06 -16.33
C GLN E 102 16.74 -8.42 -16.20
N LEU E 103 16.43 -9.52 -15.52
CA LEU E 103 15.06 -9.88 -15.17
C LEU E 103 14.82 -9.44 -13.73
N SER E 104 14.43 -8.19 -13.55
CA SER E 104 14.10 -7.70 -12.23
C SER E 104 12.84 -8.40 -11.72
N TYR E 105 12.62 -8.30 -10.41
CA TYR E 105 11.41 -8.88 -9.83
C TYR E 105 10.15 -8.19 -10.34
N ASP E 106 10.28 -7.03 -11.00
CA ASP E 106 9.11 -6.31 -11.50
C ASP E 106 8.41 -7.08 -12.60
N ASP E 107 9.17 -7.75 -13.47
CA ASP E 107 8.63 -8.33 -14.69
C ASP E 107 8.52 -9.85 -14.63
N ILE E 108 8.19 -10.41 -13.47
CA ILE E 108 8.08 -11.86 -13.36
C ILE E 108 6.77 -12.33 -14.00
N ASN E 109 6.74 -13.60 -14.41
CA ASN E 109 5.55 -14.19 -14.99
C ASN E 109 4.41 -14.21 -13.97
N ILE E 110 3.20 -14.04 -14.49
CA ILE E 110 2.05 -13.78 -13.62
C ILE E 110 1.79 -14.97 -12.69
N ASP E 111 2.10 -16.19 -13.13
CA ASP E 111 1.87 -17.35 -12.29
C ASP E 111 2.82 -17.41 -11.11
N ILE E 112 4.02 -16.85 -11.23
CA ILE E 112 5.00 -16.84 -10.15
C ILE E 112 5.43 -15.45 -9.75
N VAL E 113 4.75 -14.40 -10.22
CA VAL E 113 5.10 -13.04 -9.81
C VAL E 113 4.72 -12.80 -8.36
N ARG E 114 3.83 -13.63 -7.81
CA ARG E 114 3.36 -13.47 -6.45
C ARG E 114 4.10 -14.40 -5.47
N LEU E 115 4.96 -15.28 -5.96
CA LEU E 115 5.65 -16.25 -5.14
C LEU E 115 7.05 -15.76 -4.80
N ASN E 116 7.46 -15.98 -3.56
CA ASN E 116 8.82 -15.65 -3.14
C ASN E 116 9.83 -16.55 -3.85
N ALA E 117 10.92 -15.95 -4.32
CA ALA E 117 11.89 -16.65 -5.14
C ALA E 117 13.25 -16.66 -4.44
N ILE E 118 13.93 -17.81 -4.51
CA ILE E 118 15.29 -17.90 -3.99
C ILE E 118 16.23 -17.14 -4.92
N ASP E 119 17.04 -16.26 -4.34
CA ASP E 119 17.80 -15.28 -5.11
C ASP E 119 19.17 -15.88 -5.48
N PHE E 120 19.34 -16.21 -6.75
CA PHE E 120 20.62 -16.65 -7.30
C PHE E 120 21.33 -15.52 -8.04
N LYS E 121 20.81 -14.30 -7.97
CA LYS E 121 21.32 -13.24 -8.84
C LYS E 121 22.76 -12.87 -8.50
N MET E 122 23.10 -12.81 -7.21
CA MET E 122 24.43 -12.39 -6.78
C MET E 122 25.41 -13.54 -6.67
N SER E 123 25.13 -14.52 -5.80
CA SER E 123 26.03 -15.65 -5.58
C SER E 123 25.23 -16.94 -5.72
N TRP E 124 25.71 -17.84 -6.57
CA TRP E 124 25.00 -19.10 -6.78
C TRP E 124 24.98 -19.95 -5.53
N ALA E 125 26.06 -19.97 -4.78
CA ALA E 125 26.13 -20.84 -3.60
C ALA E 125 25.22 -20.35 -2.49
N ARG E 126 25.02 -19.04 -2.37
CA ARG E 126 24.04 -18.54 -1.42
C ARG E 126 22.65 -19.05 -1.77
N GLY E 127 22.30 -19.00 -3.05
CA GLY E 127 21.02 -19.56 -3.48
C GLY E 127 20.94 -21.05 -3.22
N LEU E 128 22.04 -21.77 -3.40
CA LEU E 128 22.02 -23.21 -3.18
C LEU E 128 21.84 -23.54 -1.71
N LYS E 129 22.49 -22.77 -0.82
CA LYS E 129 22.30 -23.01 0.61
C LYS E 129 20.87 -22.63 1.03
N ASP E 130 20.31 -21.60 0.41
CA ASP E 130 18.91 -21.26 0.67
C ASP E 130 18.00 -22.40 0.23
N ILE E 131 18.30 -22.99 -0.93
CA ILE E 131 17.53 -24.14 -1.42
C ILE E 131 17.62 -25.28 -0.43
N LEU E 132 18.83 -25.55 0.07
CA LEU E 132 19.02 -26.65 1.01
C LEU E 132 18.24 -26.42 2.30
N GLU E 133 18.31 -25.21 2.85
CA GLU E 133 17.58 -24.94 4.09
C GLU E 133 16.08 -25.01 3.87
N ALA E 134 15.61 -24.53 2.72
CA ALA E 134 14.19 -24.65 2.40
C ALA E 134 13.77 -26.11 2.29
N PHE E 135 14.58 -26.93 1.62
CA PHE E 135 14.23 -28.33 1.44
C PHE E 135 14.19 -29.05 2.78
N GLU E 136 15.17 -28.80 3.65
CA GLU E 136 15.16 -29.47 4.94
C GLU E 136 14.03 -28.94 5.83
N LYS E 137 13.66 -27.67 5.66
CA LYS E 137 12.52 -27.13 6.39
C LYS E 137 11.21 -27.79 5.97
N GLN E 138 11.03 -28.00 4.67
CA GLN E 138 9.79 -28.56 4.15
C GLN E 138 9.83 -30.08 4.13
N LYS E 139 10.89 -30.66 4.71
CA LYS E 139 11.04 -32.11 4.81
C LYS E 139 10.95 -32.79 3.45
N VAL E 140 11.61 -32.21 2.45
CA VAL E 140 11.68 -32.82 1.12
C VAL E 140 12.39 -34.16 1.25
N PRO E 141 11.85 -35.24 0.67
CA PRO E 141 12.52 -36.54 0.79
C PRO E 141 13.95 -36.48 0.25
N LYS E 142 14.85 -37.14 0.96
CA LYS E 142 16.28 -37.03 0.68
C LYS E 142 16.95 -38.37 0.97
N GLU E 143 18.04 -38.62 0.24
CA GLU E 143 18.89 -39.77 0.47
C GLU E 143 20.24 -39.29 0.99
N VAL E 144 21.03 -40.24 1.48
CA VAL E 144 22.37 -39.90 1.97
C VAL E 144 23.20 -39.34 0.82
N ALA E 145 23.86 -38.21 1.08
CA ALA E 145 24.61 -37.53 0.05
C ALA E 145 25.72 -38.43 -0.50
N ASP E 146 25.81 -38.48 -1.82
CA ASP E 146 26.80 -39.33 -2.50
C ASP E 146 27.20 -38.65 -3.80
N ALA E 147 28.39 -38.03 -3.81
CA ALA E 147 28.87 -37.39 -5.02
C ALA E 147 29.15 -38.39 -6.13
N SER E 148 29.24 -39.68 -5.78
CA SER E 148 29.46 -40.71 -6.79
C SER E 148 28.31 -40.77 -7.78
N LYS E 149 27.08 -40.55 -7.32
CA LYS E 149 25.94 -40.52 -8.24
C LYS E 149 26.07 -39.38 -9.24
N SER E 150 26.48 -38.21 -8.76
CA SER E 150 26.68 -37.08 -9.67
C SER E 150 27.80 -37.37 -10.66
N ASN E 151 28.89 -37.97 -10.19
CA ASN E 151 29.98 -38.33 -11.10
C ASN E 151 29.52 -39.32 -12.15
N LEU E 152 28.73 -40.33 -11.73
CA LEU E 152 28.24 -41.32 -12.67
C LEU E 152 27.36 -40.68 -13.72
N LEU E 153 26.42 -39.84 -13.32
CA LEU E 153 25.55 -39.19 -14.29
C LEU E 153 26.36 -38.30 -15.22
N TYR E 154 27.33 -37.57 -14.67
CA TYR E 154 28.15 -36.68 -15.48
C TYR E 154 28.91 -37.47 -16.55
N GLN E 155 29.45 -38.62 -16.17
CA GLN E 155 30.18 -39.43 -17.16
C GLN E 155 29.23 -40.13 -18.12
N GLN E 156 27.98 -40.36 -17.70
CA GLN E 156 27.03 -41.05 -18.57
C GLN E 156 26.49 -40.13 -19.66
N ILE E 157 26.32 -38.84 -19.35
CA ILE E 157 25.77 -37.94 -20.37
C ILE E 157 26.69 -36.78 -20.74
N PHE E 158 27.22 -36.04 -19.77
CA PHE E 158 28.02 -34.87 -20.11
C PHE E 158 29.46 -35.25 -20.37
N LEU E 159 32.11 -34.62 -22.11
CA LEU E 159 33.08 -35.46 -21.42
C LEU E 159 32.61 -36.92 -21.52
N HIS E 160 31.41 -37.11 -22.06
CA HIS E 160 30.90 -38.44 -22.37
C HIS E 160 30.84 -38.68 -23.87
N ASP E 161 30.27 -37.72 -24.61
CA ASP E 161 30.19 -37.80 -26.06
C ASP E 161 31.52 -37.44 -26.70
N LYS E 162 32.50 -37.03 -25.89
CA LYS E 162 33.83 -36.68 -26.34
C LYS E 162 34.80 -37.56 -25.55
N SER E 163 35.06 -38.76 -26.06
CA SER E 163 35.87 -39.73 -25.35
C SER E 163 36.76 -40.49 -26.33
N VAL E 164 37.71 -41.24 -25.77
CA VAL E 164 38.61 -42.07 -26.56
C VAL E 164 37.82 -43.17 -27.24
N ILE E 165 38.02 -43.32 -28.55
CA ILE E 165 37.38 -44.37 -29.34
C ILE E 165 38.46 -45.17 -30.06
N GLU E 166 38.26 -46.48 -30.16
CA GLU E 166 39.23 -47.35 -30.82
C GLU E 166 39.02 -47.35 -32.32
N LYS E 167 39.98 -46.80 -33.06
CA LYS E 167 39.87 -46.71 -34.52
C LYS E 167 41.27 -46.56 -35.08
N GLU E 168 41.67 -47.49 -35.95
CA GLU E 168 42.99 -47.43 -36.56
C GLU E 168 43.09 -46.23 -37.51
N GLU E 169 44.22 -45.52 -37.43
CA GLU E 169 44.42 -44.31 -38.22
C GLU E 169 45.89 -44.22 -38.64
N ILE E 170 46.13 -43.71 -39.83
CA ILE E 170 47.47 -43.48 -40.33
C ILE E 170 47.76 -41.98 -40.35
N TYR E 171 49.01 -41.61 -40.12
CA TYR E 171 49.42 -40.22 -40.02
C TYR E 171 50.60 -39.96 -40.96
N ASP E 172 50.71 -38.71 -41.41
CA ASP E 172 51.80 -38.28 -42.28
C ASP E 172 52.74 -37.37 -41.49
N SER E 173 53.99 -37.76 -41.38
CA SER E 173 54.96 -37.02 -40.57
C SER E 173 55.76 -36.07 -41.47
N ASN E 174 56.79 -35.47 -40.90
CA ASN E 174 57.76 -34.70 -41.66
C ASN E 174 59.08 -35.44 -41.81
N TRP E 175 59.06 -36.76 -41.65
CA TRP E 175 60.25 -37.61 -41.79
C TRP E 175 60.22 -38.22 -43.19
N LEU E 176 61.33 -38.11 -43.90
CA LEU E 176 61.43 -38.71 -45.23
C LEU E 176 62.51 -39.78 -45.18
N SER E 177 62.12 -41.02 -45.47
CA SER E 177 63.06 -42.13 -45.38
C SER E 177 64.10 -42.06 -46.48
N ILE E 178 65.34 -42.39 -46.12
CA ILE E 178 66.40 -42.54 -47.12
C ILE E 178 66.33 -43.97 -47.65
N LEU E 179 65.84 -44.13 -48.88
CA LEU E 179 65.60 -45.45 -49.44
C LEU E 179 66.89 -46.20 -49.72
N SER E 180 67.91 -45.53 -50.25
CA SER E 180 69.17 -46.19 -50.52
C SER E 180 70.31 -45.21 -50.27
N PHE E 181 71.48 -45.76 -50.00
CA PHE E 181 72.69 -45.00 -49.74
C PHE E 181 73.81 -45.53 -50.62
N PRO E 182 74.77 -44.70 -51.01
CA PRO E 182 75.93 -45.19 -51.75
C PRO E 182 76.67 -46.24 -50.93
N GLU E 183 77.20 -47.24 -51.64
CA GLU E 183 77.70 -48.44 -50.97
C GLU E 183 78.91 -48.16 -50.08
N GLU E 184 79.86 -47.36 -50.55
CA GLU E 184 81.18 -47.38 -49.94
C GLU E 184 81.58 -45.95 -49.58
N LEU E 185 81.98 -45.75 -48.33
CA LEU E 185 82.38 -44.43 -47.84
C LEU E 185 83.88 -44.27 -48.00
N ARG E 186 84.30 -43.17 -48.61
CA ARG E 186 85.68 -43.01 -49.07
C ARG E 186 86.40 -41.88 -48.33
N PHE E 187 87.68 -42.12 -48.05
CA PHE E 187 88.61 -41.13 -47.50
C PHE E 187 89.79 -41.04 -48.46
N HIS E 188 89.96 -39.88 -49.11
CA HIS E 188 91.08 -39.67 -50.02
C HIS E 188 92.24 -38.95 -49.33
N GLU E 189 93.44 -39.53 -49.42
CA GLU E 189 94.67 -38.94 -48.90
C GLU E 189 95.13 -37.77 -49.79
N TYR E 190 94.42 -36.65 -49.66
CA TYR E 190 94.79 -35.46 -50.41
C TYR E 190 96.10 -34.86 -49.91
N ASN E 191 96.18 -34.57 -48.61
CA ASN E 191 97.37 -34.00 -47.98
C ASN E 191 97.85 -32.75 -48.71
N TRP E 192 99.11 -32.77 -49.18
CA TRP E 192 99.69 -31.62 -49.85
C TRP E 192 99.11 -31.41 -51.23
N MET E 193 98.39 -32.39 -51.76
CA MET E 193 97.72 -32.21 -53.05
C MET E 193 96.64 -31.15 -52.97
N LEU E 194 95.91 -31.11 -51.85
CA LEU E 194 94.86 -30.12 -51.65
C LEU E 194 95.41 -28.97 -50.81
N PRO E 195 95.39 -27.72 -51.30
CA PRO E 195 95.95 -26.61 -50.54
C PRO E 195 95.25 -26.43 -49.19
N LYS E 196 96.03 -26.11 -48.17
CA LYS E 196 95.50 -25.99 -46.81
C LYS E 196 94.46 -24.88 -46.73
N ARG E 197 94.76 -23.72 -47.31
CA ARG E 197 93.88 -22.55 -47.24
C ARG E 197 92.89 -22.59 -48.39
N PHE E 198 92.03 -23.61 -48.38
CA PHE E 198 90.97 -23.77 -49.35
C PHE E 198 89.67 -24.12 -48.64
N ASP E 199 88.57 -23.58 -49.14
CA ASP E 199 87.25 -23.77 -48.56
C ASP E 199 86.54 -24.92 -49.27
N VAL E 200 86.00 -25.85 -48.49
CA VAL E 200 85.35 -27.02 -49.05
C VAL E 200 83.87 -26.81 -49.32
N ARG E 201 83.29 -25.69 -48.88
CA ARG E 201 81.87 -25.44 -49.11
C ARG E 201 81.54 -25.22 -50.58
N GLU E 202 82.41 -24.54 -51.33
CA GLU E 202 82.15 -24.27 -52.74
C GLU E 202 82.51 -25.44 -53.65
N LEU E 203 83.06 -26.52 -53.08
CA LEU E 203 83.33 -27.72 -53.85
C LEU E 203 82.05 -28.23 -54.50
N THR E 204 82.15 -28.65 -55.77
CA THR E 204 80.99 -29.06 -56.54
C THR E 204 80.24 -30.21 -55.86
N PHE E 205 80.96 -31.25 -55.46
CA PHE E 205 80.34 -32.34 -54.74
C PHE E 205 80.73 -32.30 -53.26
N PRO E 206 79.87 -32.80 -52.37
CA PRO E 206 80.12 -32.64 -50.94
C PRO E 206 81.31 -33.45 -50.46
N ALA E 207 82.15 -32.81 -49.64
CA ALA E 207 83.34 -33.42 -49.08
C ALA E 207 83.82 -32.64 -47.87
N VAL E 208 84.22 -33.33 -46.81
CA VAL E 208 84.64 -32.67 -45.57
C VAL E 208 86.05 -33.15 -45.22
N ARG E 209 86.90 -32.23 -44.77
CA ARG E 209 88.26 -32.59 -44.41
C ARG E 209 88.31 -33.13 -42.99
N TYR E 210 88.84 -34.35 -42.84
CA TYR E 210 89.02 -34.99 -41.55
C TYR E 210 90.43 -35.55 -41.49
N LYS E 211 91.21 -35.10 -40.51
CA LYS E 211 92.64 -35.37 -40.45
C LYS E 211 93.31 -34.89 -41.74
N ASN E 212 93.97 -35.81 -42.43
CA ASN E 212 94.57 -35.52 -43.74
C ASN E 212 93.76 -36.13 -44.88
N TYR E 213 92.58 -36.66 -44.60
CA TYR E 213 91.73 -37.31 -45.58
C TYR E 213 90.55 -36.42 -45.92
N LEU E 214 90.28 -36.23 -47.21
CA LEU E 214 88.99 -35.70 -47.60
C LEU E 214 87.97 -36.83 -47.60
N CYS E 215 87.01 -36.75 -46.69
CA CYS E 215 85.91 -37.71 -46.59
C CYS E 215 84.82 -37.34 -47.58
N THR E 216 84.43 -38.29 -48.43
CA THR E 216 83.33 -38.12 -49.35
C THR E 216 82.88 -39.49 -49.83
N PHE E 217 81.70 -39.51 -50.45
CA PHE E 217 81.15 -40.72 -51.06
C PHE E 217 81.50 -40.82 -52.54
N ALA E 218 82.15 -39.79 -53.10
CA ALA E 218 82.30 -39.67 -54.53
C ALA E 218 83.58 -40.37 -55.02
N TRP E 219 83.70 -40.45 -56.34
CA TRP E 219 84.85 -41.07 -56.99
C TRP E 219 86.08 -40.17 -56.84
N ALA E 220 87.26 -40.78 -56.97
CA ALA E 220 88.50 -40.11 -56.57
C ALA E 220 88.75 -38.84 -57.38
N TYR E 221 88.59 -38.91 -58.69
CA TYR E 221 88.89 -37.78 -59.57
C TYR E 221 87.66 -36.94 -59.90
N ASP E 222 86.67 -36.89 -59.01
CA ASP E 222 85.51 -36.04 -59.24
C ASP E 222 85.80 -34.57 -58.97
N PHE E 223 86.96 -34.25 -58.40
CA PHE E 223 87.29 -32.90 -57.98
C PHE E 223 88.43 -32.29 -58.81
N THR E 224 88.53 -32.70 -60.07
CA THR E 224 89.62 -32.19 -60.93
C THR E 224 89.49 -30.69 -61.16
N TYR E 225 88.27 -30.22 -61.39
CA TYR E 225 88.07 -28.82 -61.78
C TYR E 225 88.53 -27.86 -60.68
N HIS E 226 88.04 -28.06 -59.45
CA HIS E 226 88.41 -27.16 -58.36
C HIS E 226 89.80 -27.49 -57.82
N LEU E 227 90.29 -28.68 -58.10
CA LEU E 227 91.59 -29.15 -57.60
C LEU E 227 92.39 -29.65 -58.80
N PRO E 228 93.01 -28.75 -59.57
CA PRO E 228 93.74 -29.19 -60.77
C PRO E 228 94.95 -30.05 -60.45
N LYS E 229 95.43 -30.04 -59.20
CA LYS E 229 96.63 -30.77 -58.85
C LYS E 229 96.40 -32.28 -58.78
N THR E 230 95.22 -32.69 -58.29
CA THR E 230 95.00 -34.07 -57.89
C THR E 230 94.85 -35.04 -59.06
N GLU E 231 95.20 -34.62 -60.28
CA GLU E 231 95.11 -35.50 -61.45
C GLU E 231 95.99 -36.73 -61.32
N THR E 232 97.05 -36.68 -60.51
CA THR E 232 98.00 -37.77 -60.34
C THR E 232 97.80 -38.49 -59.00
N TYR E 233 96.58 -38.47 -58.48
CA TYR E 233 96.31 -39.11 -57.20
C TYR E 233 96.17 -40.63 -57.35
N HIS E 234 96.64 -41.36 -56.35
CA HIS E 234 96.63 -42.82 -56.37
C HIS E 234 95.39 -43.33 -55.65
N LYS E 235 94.64 -44.22 -56.32
CA LYS E 235 93.42 -44.76 -55.77
C LYS E 235 93.64 -45.75 -54.63
N SER E 236 94.80 -46.41 -54.59
CA SER E 236 95.07 -47.41 -53.56
C SER E 236 95.25 -46.81 -52.18
N LYS E 237 95.37 -45.49 -52.07
CA LYS E 237 95.55 -44.81 -50.79
C LYS E 237 94.24 -44.61 -50.04
N THR E 238 93.11 -44.92 -50.67
CA THR E 238 91.81 -44.70 -50.05
C THR E 238 91.62 -45.64 -48.86
N ILE E 239 90.88 -45.15 -47.86
CA ILE E 239 90.57 -45.90 -46.66
C ILE E 239 89.07 -46.14 -46.67
N ARG E 240 88.55 -46.42 -47.87
CA ARG E 240 87.13 -46.65 -48.08
C ARG E 240 86.54 -47.61 -47.05
N ILE E 241 85.30 -47.32 -46.63
CA ILE E 241 84.60 -48.01 -45.54
C ILE E 241 83.24 -48.52 -46.00
N PRO E 242 82.83 -49.73 -45.58
CA PRO E 242 81.50 -50.25 -45.95
C PRO E 242 80.37 -49.56 -45.21
N THR E 243 79.87 -48.46 -45.77
CA THR E 243 78.82 -47.61 -45.21
C THR E 243 77.73 -48.37 -44.46
N GLU E 244 77.32 -49.53 -44.96
CA GLU E 244 76.30 -50.31 -44.26
C GLU E 244 76.77 -50.70 -42.86
N GLU E 245 78.06 -51.00 -42.70
CA GLU E 245 78.60 -51.26 -41.36
C GLU E 245 78.53 -50.00 -40.49
N ILE E 246 78.75 -48.83 -41.10
CA ILE E 246 78.66 -47.58 -40.36
C ILE E 246 77.25 -47.36 -39.84
N LEU E 247 76.24 -47.57 -40.70
CA LEU E 247 74.85 -47.42 -40.26
C LEU E 247 74.49 -48.46 -39.21
N SER E 248 74.95 -49.69 -39.39
CA SER E 248 74.76 -50.70 -38.35
C SER E 248 75.56 -50.36 -37.10
N GLY E 249 76.77 -49.83 -37.29
CA GLY E 249 77.64 -49.53 -36.17
C GLY E 249 78.77 -50.53 -36.05
N SER E 250 78.88 -51.41 -37.05
CA SER E 250 79.89 -52.47 -37.00
C SER E 250 81.31 -51.90 -37.04
N TYR E 251 81.55 -50.91 -37.91
CA TYR E 251 82.91 -50.40 -38.10
C TYR E 251 83.29 -49.45 -36.97
N ASP E 252 84.40 -49.76 -36.31
CA ASP E 252 84.99 -48.88 -35.31
C ASP E 252 86.48 -49.20 -35.21
N SER E 253 87.30 -48.15 -35.14
CA SER E 253 88.75 -48.33 -35.14
C SER E 253 89.46 -47.12 -34.59
N ASN E 254 90.80 -47.17 -34.54
CA ASN E 254 91.57 -45.99 -34.20
C ASN E 254 91.39 -44.90 -35.24
N PHE E 255 91.24 -45.29 -36.51
CA PHE E 255 91.09 -44.33 -37.58
C PHE E 255 89.81 -43.52 -37.44
N ILE E 256 88.71 -44.17 -37.05
CA ILE E 256 87.42 -43.49 -36.91
C ILE E 256 86.60 -44.23 -35.87
N ARG E 257 85.77 -43.48 -35.15
CA ARG E 257 84.92 -44.01 -34.09
C ARG E 257 83.47 -44.08 -34.56
N ASN E 258 82.66 -44.83 -33.81
CA ASN E 258 81.25 -44.96 -34.16
C ASN E 258 80.53 -43.62 -34.13
N ALA E 259 80.77 -42.82 -33.09
CA ALA E 259 80.10 -41.53 -33.00
C ALA E 259 80.51 -40.61 -34.15
N GLU E 260 81.79 -40.63 -34.50
CA GLU E 260 82.33 -39.74 -35.53
C GLU E 260 82.05 -40.23 -36.95
N CYS E 261 81.96 -41.54 -37.17
CA CYS E 261 81.75 -42.08 -38.50
C CYS E 261 80.32 -41.90 -38.97
N LYS E 262 79.38 -41.63 -38.07
CA LYS E 262 78.01 -41.32 -38.44
C LYS E 262 77.73 -39.83 -38.55
N ARG E 263 78.40 -38.99 -37.75
CA ARG E 263 78.31 -37.55 -37.94
C ARG E 263 79.07 -37.09 -39.17
N LEU E 264 79.95 -37.93 -39.71
CA LEU E 264 80.66 -37.64 -40.96
C LEU E 264 79.78 -37.83 -42.18
N ILE E 265 78.66 -38.55 -42.03
CA ILE E 265 77.69 -38.73 -43.10
C ILE E 265 76.60 -37.67 -43.04
N VAL E 266 76.16 -37.31 -41.83
CA VAL E 266 75.12 -36.31 -41.65
C VAL E 266 75.48 -34.97 -42.27
N GLN E 267 76.70 -34.46 -42.02
CA GLN E 267 77.10 -33.20 -42.64
C GLN E 267 77.16 -33.31 -44.15
N LEU E 268 77.65 -34.44 -44.67
CA LEU E 268 77.65 -34.67 -46.11
C LEU E 268 76.24 -34.64 -46.67
N LEU E 269 75.30 -35.30 -45.99
CA LEU E 269 73.92 -35.29 -46.43
C LEU E 269 73.32 -33.89 -46.38
N ASN E 270 73.67 -33.12 -45.35
CA ASN E 270 73.15 -31.76 -45.25
C ASN E 270 73.65 -30.87 -46.37
N LYS E 271 74.96 -30.92 -46.67
CA LYS E 271 75.47 -30.09 -47.76
C LYS E 271 74.99 -30.58 -49.12
N ALA E 272 74.75 -31.89 -49.24
CA ALA E 272 74.15 -32.40 -50.47
C ALA E 272 72.73 -31.88 -50.66
N PHE E 273 71.96 -31.82 -49.58
CA PHE E 273 70.63 -31.25 -49.64
C PHE E 273 70.69 -29.77 -50.01
N GLU E 274 71.66 -29.05 -49.43
CA GLU E 274 71.86 -27.64 -49.80
C GLU E 274 72.16 -27.50 -51.28
N LEU E 275 73.04 -28.35 -51.81
CA LEU E 275 73.40 -28.29 -53.22
C LEU E 275 72.19 -28.61 -54.09
N ARG E 276 71.36 -29.56 -53.68
CA ARG E 276 70.17 -29.89 -54.44
C ARG E 276 69.19 -28.72 -54.47
N MET E 277 68.99 -28.06 -53.33
CA MET E 277 68.15 -26.86 -53.34
C MET E 277 68.73 -25.77 -54.22
N LYS E 278 70.05 -25.64 -54.24
CA LYS E 278 70.68 -24.67 -55.14
C LYS E 278 70.42 -25.04 -56.59
N ASP E 279 70.46 -26.34 -56.91
CA ASP E 279 70.25 -26.78 -58.28
C ASP E 279 68.80 -26.61 -58.72
N LYS E 280 67.86 -26.78 -57.78
CA LYS E 280 66.45 -26.62 -58.10
C LYS E 280 66.05 -25.17 -58.34
N GLU E 281 66.98 -24.23 -58.18
CA GLU E 281 66.76 -22.82 -58.49
C GLU E 281 65.64 -22.22 -57.64
N VAL E 282 65.85 -22.23 -56.32
CA VAL E 282 64.96 -21.57 -55.38
C VAL E 282 65.77 -20.62 -54.51
N GLN E 283 65.14 -19.52 -54.12
CA GLN E 283 65.79 -18.51 -53.30
C GLN E 283 65.96 -19.01 -51.88
N GLU E 284 66.86 -18.37 -51.13
CA GLU E 284 67.18 -18.84 -49.79
C GLU E 284 67.09 -17.69 -48.79
N TYR E 285 66.62 -18.01 -47.59
CA TYR E 285 66.59 -17.11 -46.45
C TYR E 285 67.45 -17.69 -45.34
N GLU E 286 68.32 -16.88 -44.76
CA GLU E 286 69.20 -17.34 -43.69
C GLU E 286 68.48 -17.18 -42.35
N MET E 287 68.13 -18.32 -41.74
CA MET E 287 67.42 -18.34 -40.47
C MET E 287 68.45 -18.30 -39.33
N SER E 288 67.98 -18.32 -38.09
CA SER E 288 68.85 -18.20 -36.93
C SER E 288 70.01 -19.19 -36.98
N ASN E 289 69.70 -20.46 -37.21
CA ASN E 289 70.72 -21.49 -37.34
C ASN E 289 70.66 -22.19 -38.69
N LYS E 290 69.48 -22.53 -39.18
CA LYS E 290 69.36 -23.22 -40.46
C LYS E 290 69.24 -22.22 -41.60
N THR E 291 69.16 -22.76 -42.82
CA THR E 291 68.89 -21.97 -44.02
C THR E 291 67.69 -22.58 -44.72
N ALA E 292 66.68 -21.75 -45.00
CA ALA E 292 65.44 -22.21 -45.61
C ALA E 292 65.39 -21.79 -47.06
N TYR E 293 64.65 -22.53 -47.87
CA TYR E 293 64.55 -22.27 -49.30
C TYR E 293 63.09 -22.07 -49.69
N TRP E 294 62.82 -20.94 -50.34
CA TRP E 294 61.49 -20.57 -50.78
C TRP E 294 61.52 -20.30 -52.27
N LEU E 295 60.34 -20.42 -52.90
CA LEU E 295 60.20 -20.24 -54.33
C LEU E 295 59.69 -18.84 -54.64
N GLU E 296 60.28 -18.22 -55.66
CA GLU E 296 59.87 -16.90 -56.11
C GLU E 296 58.54 -16.99 -56.85
N LYS E 297 57.82 -15.87 -56.86
CA LYS E 297 56.50 -15.81 -57.49
C LYS E 297 56.66 -15.98 -59.01
N GLY E 298 55.85 -16.85 -59.60
CA GLY E 298 55.92 -17.14 -61.00
C GLY E 298 56.83 -18.30 -61.35
N LYS E 299 57.61 -18.80 -60.39
CA LYS E 299 58.49 -19.94 -60.67
C LYS E 299 57.69 -21.16 -61.08
N LEU E 300 56.59 -21.44 -60.38
CA LEU E 300 55.66 -22.48 -60.77
C LEU E 300 54.41 -21.85 -61.36
N GLU E 301 53.66 -22.64 -62.14
CA GLU E 301 52.47 -22.13 -62.81
C GLU E 301 51.45 -21.63 -61.79
N LYS E 302 50.95 -20.42 -62.01
CA LYS E 302 50.01 -19.73 -61.14
C LYS E 302 50.45 -19.74 -59.67
N ASP E 303 51.76 -19.82 -59.41
CA ASP E 303 52.30 -19.90 -58.06
C ASP E 303 51.68 -21.02 -57.25
N LYS E 304 51.48 -22.18 -57.87
CA LYS E 304 50.86 -23.32 -57.18
C LYS E 304 51.30 -24.61 -57.86
N PHE E 305 51.96 -25.47 -57.09
CA PHE E 305 52.27 -26.80 -57.58
C PHE E 305 51.09 -27.73 -57.38
N GLU E 306 50.95 -28.71 -58.28
CA GLU E 306 49.86 -29.68 -58.28
C GLU E 306 48.56 -28.88 -58.30
N LYS E 307 47.69 -29.00 -57.31
CA LYS E 307 46.54 -28.12 -57.17
C LYS E 307 46.69 -27.14 -56.02
N THR E 308 47.75 -27.26 -55.23
CA THR E 308 47.84 -26.59 -53.93
C THR E 308 48.74 -25.36 -54.06
N MET E 309 48.24 -24.23 -53.57
CA MET E 309 48.95 -22.96 -53.66
C MET E 309 50.11 -22.92 -52.67
N LEU E 310 51.23 -22.33 -53.11
CA LEU E 310 52.41 -22.17 -52.27
C LEU E 310 52.82 -20.73 -52.06
N VAL E 311 52.57 -19.85 -53.02
CA VAL E 311 52.89 -18.44 -52.90
C VAL E 311 51.59 -17.65 -53.00
N GLY E 312 51.31 -16.85 -51.99
CA GLY E 312 50.04 -16.14 -51.93
C GLY E 312 50.23 -14.69 -51.57
N LYS E 313 49.13 -13.95 -51.56
CA LYS E 313 49.13 -12.53 -51.27
C LYS E 313 48.39 -12.26 -49.97
N GLN E 314 48.88 -11.25 -49.24
CA GLN E 314 48.23 -10.81 -48.01
C GLN E 314 48.55 -9.32 -47.88
N LYS E 315 47.57 -8.49 -48.21
CA LYS E 315 47.73 -7.03 -48.26
C LYS E 315 48.88 -6.75 -49.24
N ASP E 316 49.93 -6.05 -48.84
CA ASP E 316 51.05 -5.77 -49.72
C ASP E 316 52.18 -6.79 -49.61
N LYS E 317 52.02 -7.85 -48.81
CA LYS E 317 53.09 -8.82 -48.57
C LYS E 317 52.79 -10.10 -49.33
N ASN E 318 53.73 -10.53 -50.17
CA ASN E 318 53.64 -11.83 -50.79
C ASN E 318 54.29 -12.88 -49.88
N TRP E 319 53.49 -13.84 -49.44
CA TRP E 319 53.99 -14.88 -48.55
C TRP E 319 54.35 -16.13 -49.33
N HIS E 320 55.43 -16.78 -48.90
CA HIS E 320 55.96 -17.97 -49.56
C HIS E 320 56.13 -19.07 -48.51
N PHE E 321 55.76 -20.28 -48.89
CA PHE E 321 56.03 -21.46 -48.08
C PHE E 321 57.45 -21.94 -48.32
N ALA E 322 58.17 -22.26 -47.24
CA ALA E 322 59.55 -22.71 -47.32
C ALA E 322 59.77 -23.85 -46.35
N ILE E 323 60.80 -24.65 -46.63
CA ILE E 323 61.14 -25.77 -45.76
C ILE E 323 62.63 -25.73 -45.44
N SER E 324 62.98 -26.37 -44.34
CA SER E 324 64.38 -26.58 -43.95
C SER E 324 64.59 -28.06 -43.67
N GLY E 325 65.70 -28.59 -44.17
CA GLY E 325 65.98 -30.00 -44.06
C GLY E 325 67.18 -30.29 -43.20
N ALA E 326 67.14 -31.44 -42.53
CA ALA E 326 68.25 -31.86 -41.70
C ALA E 326 68.31 -33.39 -41.61
N SER E 327 69.46 -33.97 -41.93
CA SER E 327 69.62 -35.42 -41.92
C SER E 327 69.86 -35.93 -40.51
N LYS E 328 69.14 -36.97 -40.12
CA LYS E 328 69.32 -37.62 -38.83
C LYS E 328 69.29 -39.12 -39.03
N LEU E 329 70.15 -39.83 -38.30
CA LEU E 329 70.28 -41.27 -38.44
C LEU E 329 69.92 -42.03 -37.18
N TYR E 330 69.71 -41.34 -36.05
CA TYR E 330 69.49 -42.02 -34.79
C TYR E 330 68.22 -42.88 -34.80
N PRO E 331 67.04 -42.34 -35.14
CA PRO E 331 65.87 -43.23 -35.19
C PRO E 331 65.94 -44.21 -36.36
N PHE E 332 66.18 -43.70 -37.57
CA PHE E 332 66.33 -44.44 -38.81
C PHE E 332 67.12 -43.54 -39.75
N PRO E 333 67.55 -44.02 -40.91
CA PRO E 333 68.06 -43.10 -41.92
C PRO E 333 66.93 -42.18 -42.37
N VAL E 334 66.94 -40.94 -41.91
CA VAL E 334 65.80 -40.04 -42.05
C VAL E 334 66.29 -38.65 -42.44
N LEU E 335 65.48 -37.94 -43.22
CA LEU E 335 65.67 -36.52 -43.49
C LEU E 335 64.45 -35.81 -42.90
N MET E 336 64.70 -34.95 -41.91
CA MET E 336 63.65 -34.22 -41.23
C MET E 336 63.39 -32.90 -41.95
N ILE E 337 62.12 -32.52 -42.05
CA ILE E 337 61.70 -31.29 -42.74
C ILE E 337 60.91 -30.44 -41.76
N SER E 338 61.22 -29.15 -41.74
CA SER E 338 60.47 -28.17 -40.97
C SER E 338 59.87 -27.13 -41.91
N SER E 339 58.65 -26.70 -41.59
CA SER E 339 57.89 -25.78 -42.44
C SER E 339 57.94 -24.37 -41.86
N HIS E 340 58.04 -23.38 -42.74
CA HIS E 340 58.10 -21.98 -42.34
C HIS E 340 57.44 -21.13 -43.42
N ILE E 341 57.08 -19.91 -43.05
CA ILE E 341 56.43 -18.96 -43.96
C ILE E 341 57.23 -17.67 -43.96
N PHE E 342 57.60 -17.20 -45.15
CA PHE E 342 58.36 -15.96 -45.28
C PHE E 342 57.57 -14.97 -46.12
N PHE E 343 58.05 -13.71 -46.14
CA PHE E 343 57.32 -12.64 -46.79
C PHE E 343 58.25 -11.74 -47.59
N THR E 344 57.73 -11.21 -48.69
CA THR E 344 58.45 -10.29 -49.56
C THR E 344 57.54 -9.11 -49.88
N ALA E 345 58.16 -7.98 -50.21
CA ALA E 345 57.39 -6.78 -50.55
C ALA E 345 57.03 -6.72 -52.03
N ASP E 346 57.91 -7.18 -52.91
CA ASP E 346 57.66 -7.17 -54.34
C ASP E 346 57.73 -8.56 -54.97
N GLY E 347 57.78 -9.62 -54.17
CA GLY E 347 57.84 -10.97 -54.69
C GLY E 347 59.23 -11.50 -54.94
N LYS E 348 60.26 -10.66 -54.82
CA LYS E 348 61.63 -11.11 -55.05
C LYS E 348 62.57 -10.79 -53.91
N LYS E 349 62.39 -9.65 -53.25
CA LYS E 349 63.29 -9.23 -52.17
C LYS E 349 62.62 -9.46 -50.81
N LEU E 350 63.32 -10.18 -49.94
CA LEU E 350 62.78 -10.51 -48.63
C LEU E 350 62.79 -9.28 -47.72
N ILE E 351 61.80 -9.21 -46.84
CA ILE E 351 61.73 -8.12 -45.87
C ILE E 351 62.84 -8.30 -44.84
N ASP E 352 63.63 -7.24 -44.63
CA ASP E 352 64.77 -7.32 -43.73
C ASP E 352 64.36 -7.24 -42.26
N SER E 353 63.16 -6.78 -41.95
CA SER E 353 62.71 -6.59 -40.57
C SER E 353 62.28 -7.93 -40.00
N SER E 354 63.03 -8.42 -38.99
CA SER E 354 62.70 -9.70 -38.38
C SER E 354 61.38 -9.63 -37.62
N SER E 355 61.15 -8.53 -36.90
CA SER E 355 59.91 -8.40 -36.12
C SER E 355 58.69 -8.39 -37.03
N VAL E 356 58.78 -7.68 -38.15
CA VAL E 356 57.66 -7.63 -39.10
C VAL E 356 57.42 -9.03 -39.68
N GLN E 357 58.51 -9.73 -40.02
CA GLN E 357 58.37 -11.09 -40.53
C GLN E 357 57.68 -11.99 -39.51
N HIS E 358 58.07 -11.89 -38.24
CA HIS E 358 57.47 -12.71 -37.20
C HIS E 358 55.99 -12.39 -37.02
N SER E 359 55.65 -11.10 -36.97
CA SER E 359 54.26 -10.71 -36.79
C SER E 359 53.40 -11.16 -37.96
N SER E 360 53.90 -10.97 -39.19
CA SER E 360 53.16 -11.42 -40.35
C SER E 360 53.03 -12.95 -40.36
N ARG E 361 54.07 -13.64 -39.90
CA ARG E 361 54.01 -15.10 -39.83
C ARG E 361 52.89 -15.55 -38.89
N ARG E 362 52.80 -14.92 -37.71
CA ARG E 362 51.74 -15.27 -36.79
C ARG E 362 50.38 -14.94 -37.38
N ARG E 363 50.25 -13.76 -38.01
CA ARG E 363 48.97 -13.35 -38.58
C ARG E 363 48.53 -14.31 -39.68
N GLN E 364 49.48 -14.77 -40.51
CA GLN E 364 49.13 -15.63 -41.63
C GLN E 364 48.87 -17.06 -41.18
N GLY E 365 49.59 -17.52 -40.14
CA GLY E 365 49.44 -18.88 -39.68
C GLY E 365 48.36 -19.07 -38.62
N LYS E 366 47.74 -17.98 -38.16
CA LYS E 366 46.63 -18.11 -37.22
C LYS E 366 45.47 -18.89 -37.81
N ASN E 367 45.42 -18.98 -39.15
CA ASN E 367 44.33 -19.69 -39.83
C ASN E 367 44.80 -20.96 -40.54
N TRP E 368 46.05 -21.38 -40.31
CA TRP E 368 46.62 -22.53 -41.00
C TRP E 368 46.47 -23.78 -40.14
N TRP E 369 45.53 -24.65 -40.51
CA TRP E 369 45.25 -25.87 -39.76
C TRP E 369 46.01 -27.07 -40.33
N ASN E 370 45.62 -28.27 -39.89
CA ASN E 370 46.35 -29.49 -40.25
C ASN E 370 46.40 -29.67 -41.76
N ASN E 371 45.25 -29.63 -42.43
CA ASN E 371 45.17 -29.85 -43.87
C ASN E 371 45.74 -28.70 -44.67
N THR E 372 46.07 -27.59 -44.02
CA THR E 372 46.74 -26.48 -44.68
C THR E 372 48.26 -26.60 -44.63
N TRP E 373 48.83 -27.10 -43.54
CA TRP E 373 50.25 -27.39 -43.48
C TRP E 373 50.64 -28.66 -44.21
N ARG E 374 49.94 -29.77 -43.95
CA ARG E 374 50.34 -31.05 -44.52
C ARG E 374 50.29 -31.01 -46.05
N THR E 375 49.21 -30.46 -46.60
CA THR E 375 49.04 -30.46 -48.05
C THR E 375 50.11 -29.63 -48.73
N LYS E 376 50.38 -28.42 -48.22
CA LYS E 376 51.37 -27.56 -48.84
C LYS E 376 52.78 -28.13 -48.66
N LEU E 377 53.06 -28.73 -47.50
CA LEU E 377 54.35 -29.38 -47.30
C LEU E 377 54.58 -30.49 -48.31
N LEU E 378 53.61 -31.39 -48.46
CA LEU E 378 53.73 -32.46 -49.43
C LEU E 378 53.79 -31.94 -50.86
N ALA E 379 53.09 -30.85 -51.15
CA ALA E 379 53.11 -30.25 -52.48
C ALA E 379 54.51 -29.75 -52.82
N PHE E 380 55.14 -29.04 -51.89
CA PHE E 380 56.47 -28.52 -52.17
C PHE E 380 57.46 -29.68 -52.25
N ILE E 381 57.26 -30.69 -51.40
CA ILE E 381 58.10 -31.89 -51.47
C ILE E 381 57.95 -32.58 -52.81
N LYS E 382 56.71 -32.73 -53.29
CA LYS E 382 56.50 -33.37 -54.59
C LYS E 382 57.06 -32.51 -55.72
N TYR E 383 57.06 -31.19 -55.55
CA TYR E 383 57.74 -30.33 -56.50
C TYR E 383 59.23 -30.61 -56.54
N LEU E 384 59.85 -30.81 -55.37
CA LEU E 384 61.27 -31.15 -55.32
C LEU E 384 61.58 -32.51 -55.95
N SER E 385 60.58 -33.38 -56.08
CA SER E 385 60.81 -34.75 -56.51
C SER E 385 61.32 -34.82 -57.95
N ASP E 386 62.09 -35.86 -58.24
CA ASP E 386 62.55 -36.13 -59.60
C ASP E 386 61.77 -37.24 -60.29
N ASP E 387 61.17 -38.15 -59.52
CA ASP E 387 60.37 -39.22 -60.10
C ASP E 387 59.13 -39.40 -59.21
N ASP E 388 58.37 -40.47 -59.48
CA ASP E 388 57.07 -40.67 -58.85
C ASP E 388 57.13 -41.32 -57.46
N THR E 389 58.28 -41.83 -57.02
CA THR E 389 58.38 -42.37 -55.67
C THR E 389 59.48 -41.78 -54.80
N SER E 390 60.42 -41.02 -55.35
CA SER E 390 61.55 -40.55 -54.56
C SER E 390 62.27 -39.44 -55.30
N PHE E 391 63.36 -38.97 -54.70
CA PHE E 391 64.27 -38.03 -55.32
C PHE E 391 65.70 -38.45 -54.94
N TYR E 392 66.67 -37.81 -55.58
CA TYR E 392 68.06 -38.16 -55.36
C TYR E 392 68.88 -36.92 -54.99
N LEU E 393 69.75 -37.10 -54.00
CA LEU E 393 70.75 -36.12 -53.63
C LEU E 393 72.02 -36.49 -54.39
N GLU E 394 72.55 -35.54 -55.16
CA GLU E 394 73.74 -35.80 -55.96
C GLU E 394 74.95 -35.91 -55.04
N MET E 395 75.31 -37.14 -54.70
CA MET E 395 76.40 -37.42 -53.77
C MET E 395 77.73 -37.64 -54.48
N GLY E 396 77.71 -37.77 -55.81
CA GLY E 396 78.93 -37.95 -56.57
C GLY E 396 78.61 -38.04 -58.04
N SER E 397 79.66 -38.20 -58.85
CA SER E 397 79.48 -38.35 -60.28
C SER E 397 78.74 -39.64 -60.61
N GLU E 398 78.93 -40.68 -59.79
CA GLU E 398 78.25 -41.95 -59.96
C GLU E 398 77.48 -42.40 -58.73
N GLU E 399 77.61 -41.70 -57.61
CA GLU E 399 76.95 -42.04 -56.36
C GLU E 399 75.85 -41.03 -56.06
N LYS E 400 74.66 -41.53 -55.72
CA LYS E 400 73.53 -40.69 -55.38
C LYS E 400 72.84 -41.27 -54.15
N VAL E 401 72.12 -40.41 -53.44
CA VAL E 401 71.37 -40.81 -52.25
C VAL E 401 69.89 -40.73 -52.56
N PHE E 402 69.22 -41.88 -52.59
CA PHE E 402 67.79 -41.94 -52.92
C PHE E 402 67.00 -41.78 -51.63
N VAL E 403 66.23 -40.70 -51.56
CA VAL E 403 65.35 -40.43 -50.43
C VAL E 403 63.92 -40.40 -50.92
N SER E 404 63.04 -41.14 -50.25
CA SER E 404 61.65 -41.20 -50.65
C SER E 404 61.01 -39.81 -50.58
N ASN E 405 60.14 -39.53 -51.55
CA ASN E 405 59.37 -38.29 -51.55
C ASN E 405 58.09 -38.39 -50.76
N GLU E 406 57.75 -39.58 -50.27
CA GLU E 406 56.56 -39.87 -49.49
C GLU E 406 56.91 -39.98 -48.02
N PRO E 407 56.22 -39.24 -47.15
CA PRO E 407 56.62 -39.18 -45.74
C PRO E 407 56.36 -40.47 -45.00
N VAL E 408 57.16 -40.68 -43.95
CA VAL E 408 57.01 -41.87 -43.12
C VAL E 408 55.66 -41.84 -42.44
N LYS E 409 54.93 -42.95 -42.55
CA LYS E 409 53.60 -43.07 -41.99
C LYS E 409 53.61 -44.00 -40.78
N PHE E 410 52.95 -43.55 -39.72
CA PHE E 410 52.78 -44.32 -38.49
C PHE E 410 51.33 -44.81 -38.43
N LYS E 411 50.91 -45.53 -37.40
CA LYS E 411 49.55 -46.04 -37.34
C LYS E 411 48.99 -45.89 -35.93
N GLY E 412 47.93 -45.09 -35.79
CA GLY E 412 47.32 -44.83 -34.51
C GLY E 412 46.05 -45.65 -34.32
N ASN E 413 45.96 -46.30 -33.17
CA ASN E 413 44.83 -47.16 -32.85
C ASN E 413 43.65 -46.39 -32.28
N VAL E 414 43.77 -45.07 -32.08
CA VAL E 414 42.72 -44.26 -31.50
C VAL E 414 42.49 -43.03 -32.38
N SER E 415 41.23 -42.69 -32.56
CA SER E 415 40.84 -41.56 -33.40
C SER E 415 39.78 -40.74 -32.67
N TYR E 416 39.17 -39.81 -33.39
CA TYR E 416 38.10 -38.98 -32.86
C TYR E 416 37.35 -38.38 -34.05
N ASN E 417 36.23 -37.72 -33.74
CA ASN E 417 35.42 -37.06 -34.75
C ASN E 417 34.95 -35.71 -34.22
N ILE E 418 34.63 -34.80 -35.13
CA ILE E 418 34.12 -33.50 -34.76
C ILE E 418 32.77 -33.63 -34.06
N MET F 1 54.37 -49.79 -41.76
CA MET F 1 53.81 -48.83 -40.82
C MET F 1 54.45 -48.98 -39.45
N LYS F 2 54.57 -47.88 -38.72
CA LYS F 2 55.17 -47.87 -37.40
C LYS F 2 54.08 -47.76 -36.34
N GLU F 3 54.11 -48.67 -35.38
CA GLU F 3 53.09 -48.71 -34.34
C GLU F 3 53.18 -47.47 -33.46
N LEU F 4 52.01 -46.93 -33.10
CA LEU F 4 51.91 -45.74 -32.27
C LEU F 4 50.91 -46.02 -31.17
N ILE F 5 51.39 -46.13 -29.93
CA ILE F 5 50.58 -46.55 -28.79
C ILE F 5 50.04 -45.31 -28.09
N TYR F 6 48.90 -45.49 -27.43
CA TYR F 6 48.22 -44.41 -26.71
C TYR F 6 48.09 -44.77 -25.23
N ILE F 7 48.36 -43.79 -24.37
CA ILE F 7 48.28 -43.98 -22.93
C ILE F 7 46.93 -43.43 -22.45
N GLU F 8 46.35 -44.11 -21.46
CA GLU F 8 45.11 -43.64 -20.85
C GLU F 8 45.31 -42.23 -20.29
N GLU F 9 44.33 -41.37 -20.49
CA GLU F 9 44.41 -40.01 -19.99
C GLU F 9 44.39 -40.02 -18.46
N PRO F 10 45.39 -39.42 -17.80
CA PRO F 10 45.45 -39.48 -16.34
C PRO F 10 44.28 -38.77 -15.69
N LYS F 11 43.90 -39.26 -14.52
CA LYS F 11 42.81 -38.71 -13.75
C LYS F 11 43.33 -38.07 -12.47
N ILE F 12 42.70 -36.97 -12.08
CA ILE F 12 43.10 -36.21 -10.90
C ILE F 12 41.98 -36.30 -9.87
N LEU F 13 42.35 -36.16 -8.60
CA LEU F 13 41.42 -36.37 -7.49
C LEU F 13 40.85 -35.04 -7.02
N PHE F 14 39.58 -35.06 -6.62
CA PHE F 14 38.91 -33.91 -6.05
C PHE F 14 38.28 -34.28 -4.71
N ALA F 15 37.42 -33.41 -4.18
CA ALA F 15 36.82 -33.64 -2.87
C ALA F 15 36.01 -34.93 -2.87
N HIS F 16 35.82 -35.49 -1.67
CA HIS F 16 35.10 -36.74 -1.42
C HIS F 16 35.73 -37.94 -2.13
N GLY F 17 37.00 -37.85 -2.51
CA GLY F 17 37.63 -38.95 -3.22
C GLY F 17 37.16 -39.14 -4.64
N GLN F 18 36.46 -38.15 -5.20
CA GLN F 18 35.95 -38.25 -6.55
C GLN F 18 37.01 -37.86 -7.57
N LYS F 19 37.04 -38.56 -8.69
CA LYS F 19 38.05 -38.38 -9.71
C LYS F 19 37.40 -37.85 -10.99
N CYS F 20 38.12 -36.95 -11.67
CA CYS F 20 37.62 -36.36 -12.89
C CYS F 20 38.81 -36.10 -13.83
N THR F 21 38.58 -36.32 -15.12
CA THR F 21 39.65 -36.12 -16.10
C THR F 21 40.06 -34.65 -16.15
N ASP F 22 39.09 -33.75 -16.10
CA ASP F 22 39.37 -32.32 -16.20
C ASP F 22 39.56 -31.72 -14.81
N ALA F 23 40.19 -30.55 -14.77
CA ALA F 23 40.38 -29.81 -13.55
C ALA F 23 39.28 -28.80 -13.29
N ARG F 24 38.92 -28.00 -14.28
CA ARG F 24 37.86 -27.00 -14.11
C ARG F 24 36.53 -27.67 -13.77
N ASP F 25 36.17 -28.72 -14.50
CA ASP F 25 34.91 -29.40 -14.24
C ASP F 25 34.91 -30.11 -12.89
N GLY F 26 36.04 -30.71 -12.52
CA GLY F 26 36.13 -31.33 -11.21
C GLY F 26 35.97 -30.33 -10.08
N LEU F 27 36.61 -29.17 -10.20
CA LEU F 27 36.47 -28.14 -9.19
C LEU F 27 35.04 -27.61 -9.14
N ALA F 28 34.42 -27.42 -10.30
CA ALA F 28 33.10 -26.78 -10.35
C ALA F 28 32.04 -27.65 -9.68
N LEU F 29 32.20 -28.97 -9.75
CA LEU F 29 31.17 -29.90 -9.30
C LEU F 29 31.54 -30.52 -7.95
N PHE F 30 32.82 -30.72 -7.67
CA PHE F 30 33.21 -31.42 -6.45
C PHE F 30 33.85 -30.53 -5.41
N GLY F 31 34.62 -29.52 -5.81
CA GLY F 31 35.21 -28.59 -4.89
C GLY F 31 36.59 -29.01 -4.42
N PRO F 32 37.34 -28.06 -3.85
CA PRO F 32 38.69 -28.33 -3.38
C PRO F 32 38.77 -29.49 -2.40
N LEU F 33 40.02 -29.89 -2.15
CA LEU F 33 40.28 -30.98 -1.22
C LEU F 33 40.13 -30.55 0.24
N ASN F 34 40.60 -29.35 0.57
CA ASN F 34 40.64 -28.89 1.95
C ASN F 34 39.67 -27.73 2.16
N ASN F 35 39.37 -27.46 3.43
CA ASN F 35 38.44 -26.41 3.81
C ASN F 35 39.22 -25.13 4.09
N LEU F 36 39.10 -24.16 3.18
CA LEU F 36 39.65 -22.84 3.37
C LEU F 36 38.52 -21.87 3.66
N TYR F 37 38.36 -21.50 4.93
CA TYR F 37 37.24 -20.68 5.38
C TYR F 37 37.13 -19.37 4.62
N GLY F 38 38.25 -18.66 4.49
CA GLY F 38 38.23 -17.39 3.80
C GLY F 38 39.60 -16.89 3.43
N ILE F 39 39.69 -16.06 2.40
CA ILE F 39 40.94 -15.49 1.93
C ILE F 39 40.99 -14.03 2.37
N LYS F 40 41.77 -13.74 3.41
CA LYS F 40 42.04 -12.38 3.81
C LYS F 40 43.02 -11.79 2.79
N SER F 41 42.53 -10.87 1.97
CA SER F 41 43.29 -10.38 0.83
C SER F 41 43.87 -9.01 1.11
N GLY F 42 45.16 -8.85 0.81
CA GLY F 42 45.85 -7.58 0.88
C GLY F 42 46.13 -7.07 -0.52
N VAL F 43 45.75 -5.83 -0.77
CA VAL F 43 45.92 -5.19 -2.06
C VAL F 43 46.86 -3.99 -1.87
N ILE F 44 47.82 -3.85 -2.78
CA ILE F 44 48.75 -2.73 -2.76
C ILE F 44 48.78 -2.12 -4.15
N GLY F 45 48.82 -0.80 -4.21
CA GLY F 45 48.90 -0.13 -5.49
C GLY F 45 48.26 1.24 -5.42
N THR F 46 48.17 1.87 -6.59
CA THR F 46 47.61 3.21 -6.70
C THR F 46 46.11 3.16 -6.44
N LYS F 47 45.57 4.29 -5.97
CA LYS F 47 44.14 4.40 -5.69
C LYS F 47 43.31 4.25 -6.95
N GLN F 48 43.83 4.72 -8.09
CA GLN F 48 43.13 4.52 -9.36
C GLN F 48 43.04 3.05 -9.73
N GLY F 49 43.98 2.24 -9.25
CA GLY F 49 43.99 0.82 -9.51
C GLY F 49 43.22 -0.05 -8.54
N LEU F 50 42.91 0.46 -7.35
CA LEU F 50 42.10 -0.29 -6.39
C LEU F 50 40.66 -0.44 -6.83
N LYS F 51 40.09 0.59 -7.47
CA LYS F 51 38.72 0.48 -7.96
C LYS F 51 38.58 -0.64 -8.97
N ILE F 52 39.57 -0.77 -9.86
CA ILE F 52 39.50 -1.81 -10.88
C ILE F 52 39.59 -3.19 -10.25
N PHE F 53 40.47 -3.35 -9.26
CA PHE F 53 40.58 -4.63 -8.57
C PHE F 53 39.29 -4.98 -7.82
N ARG F 54 38.69 -4.00 -7.14
CA ARG F 54 37.43 -4.24 -6.46
C ARG F 54 36.34 -4.64 -7.46
N ASP F 55 36.29 -3.95 -8.60
CA ASP F 55 35.32 -4.29 -9.62
C ASP F 55 35.53 -5.71 -10.13
N TYR F 56 36.78 -6.11 -10.35
CA TYR F 56 37.04 -7.46 -10.84
C TYR F 56 36.69 -8.51 -9.79
N LEU F 57 36.96 -8.22 -8.52
CA LEU F 57 36.62 -9.19 -7.49
C LEU F 57 35.12 -9.38 -7.39
N ASP F 58 34.35 -8.28 -7.45
CA ASP F 58 32.91 -8.42 -7.49
C ASP F 58 32.46 -9.14 -8.75
N HIS F 59 33.15 -8.90 -9.87
CA HIS F 59 32.83 -9.54 -11.13
C HIS F 59 32.97 -11.06 -11.02
N ILE F 60 34.07 -11.52 -10.42
CA ILE F 60 34.29 -12.95 -10.26
C ILE F 60 33.44 -13.53 -9.13
N GLN F 61 32.87 -12.68 -8.26
CA GLN F 61 31.89 -13.19 -7.31
C GLN F 61 30.70 -13.79 -8.02
N LYS F 62 30.20 -13.12 -9.05
CA LYS F 62 29.13 -13.64 -9.88
C LYS F 62 29.70 -14.58 -10.93
N PRO F 63 28.89 -15.51 -11.43
CA PRO F 63 29.38 -16.43 -12.47
C PRO F 63 29.73 -15.71 -13.76
N ILE F 64 30.70 -16.27 -14.47
CA ILE F 64 31.21 -15.68 -15.70
C ILE F 64 30.89 -16.61 -16.85
N TYR F 65 30.39 -16.03 -17.95
CA TYR F 65 29.97 -16.78 -19.11
C TYR F 65 30.95 -16.56 -20.24
N ASN F 66 31.46 -17.65 -20.81
CA ASN F 66 32.37 -17.60 -21.94
C ASN F 66 31.63 -17.85 -23.25
N SER F 67 32.38 -17.78 -24.36
CA SER F 67 31.77 -17.89 -25.67
C SER F 67 31.15 -19.26 -25.89
N ASN F 68 31.92 -20.32 -25.66
CA ASN F 68 31.48 -21.69 -25.90
C ASN F 68 31.85 -22.53 -24.68
N SER F 69 30.84 -23.00 -23.96
CA SER F 69 31.07 -23.83 -22.79
C SER F 69 31.67 -25.19 -23.14
N ILE F 70 31.37 -25.73 -24.32
CA ILE F 70 31.95 -27.01 -24.73
C ILE F 70 33.45 -26.89 -24.91
N THR F 71 33.91 -25.82 -25.57
CA THR F 71 35.34 -25.62 -25.76
C THR F 71 36.05 -25.42 -24.43
N ARG F 72 35.43 -24.68 -23.51
CA ARG F 72 36.03 -24.46 -22.21
C ARG F 72 34.96 -24.14 -21.18
N PRO F 73 34.97 -24.82 -20.03
CA PRO F 73 33.90 -24.66 -19.05
C PRO F 73 33.76 -23.25 -18.50
N MET F 74 32.53 -22.87 -18.13
CA MET F 74 32.28 -21.56 -17.55
C MET F 74 32.63 -21.55 -16.06
N PHE F 75 32.60 -20.36 -15.48
CA PHE F 75 33.03 -20.18 -14.09
C PHE F 75 31.81 -19.96 -13.20
N PRO F 76 31.45 -20.93 -12.36
CA PRO F 76 30.23 -20.81 -11.55
C PRO F 76 30.28 -19.77 -10.44
N GLY F 77 31.40 -19.11 -10.21
CA GLY F 77 31.51 -18.18 -9.11
C GLY F 77 32.47 -18.67 -8.05
N PHE F 78 33.28 -17.76 -7.50
CA PHE F 78 34.39 -18.18 -6.63
C PHE F 78 33.89 -18.94 -5.41
N GLU F 79 32.92 -18.39 -4.69
CA GLU F 79 32.54 -19.00 -3.42
C GLU F 79 31.80 -20.31 -3.65
N ALA F 80 31.12 -20.47 -4.77
CA ALA F 80 30.50 -21.74 -5.10
C ALA F 80 31.52 -22.77 -5.55
N VAL F 81 32.50 -22.35 -6.36
CA VAL F 81 33.49 -23.28 -6.87
C VAL F 81 34.40 -23.78 -5.76
N PHE F 82 34.94 -22.87 -4.95
CA PHE F 82 35.99 -23.22 -4.01
C PHE F 82 35.48 -23.38 -2.58
N ASP F 83 34.19 -23.12 -2.35
CA ASP F 83 33.62 -23.18 -1.00
C ASP F 83 34.42 -22.28 -0.06
N CYS F 84 34.89 -21.14 -0.58
CA CYS F 84 35.75 -20.23 0.15
C CYS F 84 35.22 -18.82 -0.02
N LYS F 85 35.13 -18.08 1.10
CA LYS F 85 34.63 -16.72 1.07
C LYS F 85 35.76 -15.76 0.73
N TRP F 86 35.64 -15.08 -0.40
CA TRP F 86 36.63 -14.09 -0.84
C TRP F 86 35.88 -12.85 -1.29
N GLU F 87 35.59 -11.95 -0.35
CA GLU F 87 34.79 -10.76 -0.63
C GLU F 87 35.69 -9.56 -0.87
N SER F 88 35.13 -8.54 -1.51
CA SER F 88 35.83 -7.28 -1.70
C SER F 88 35.82 -6.42 -0.45
N THR F 89 35.10 -6.83 0.58
CA THR F 89 35.11 -6.17 1.88
C THR F 89 36.09 -6.89 2.79
N GLY F 90 36.95 -6.14 3.44
CA GLY F 90 37.99 -6.70 4.27
C GLY F 90 39.35 -6.80 3.62
N ILE F 91 39.54 -6.20 2.46
CA ILE F 91 40.85 -6.17 1.83
C ILE F 91 41.70 -5.09 2.50
N THR F 92 42.93 -5.44 2.84
CA THR F 92 43.84 -4.47 3.45
C THR F 92 44.57 -3.71 2.35
N PHE F 93 44.30 -2.41 2.23
CA PHE F 93 44.78 -1.62 1.11
C PHE F 93 45.99 -0.80 1.52
N LYS F 94 47.03 -0.85 0.70
CA LYS F 94 48.20 0.01 0.82
C LYS F 94 48.29 0.84 -0.44
N GLU F 95 48.44 2.15 -0.28
CA GLU F 95 48.36 3.08 -1.39
C GLU F 95 49.75 3.45 -1.90
N VAL F 96 49.87 3.57 -3.21
CA VAL F 96 51.09 4.01 -3.88
C VAL F 96 50.73 5.28 -4.64
N THR F 97 51.32 6.40 -4.25
CA THR F 97 51.00 7.66 -4.89
C THR F 97 51.57 7.70 -6.32
N ASN F 98 50.87 8.41 -7.20
CA ASN F 98 51.29 8.49 -8.58
C ASN F 98 52.63 9.20 -8.72
N GLU F 99 52.85 10.25 -7.94
CA GLU F 99 54.12 10.96 -8.02
C GLU F 99 55.29 10.07 -7.60
N ASP F 100 55.10 9.30 -6.52
CA ASP F 100 56.18 8.43 -6.06
C ASP F 100 56.45 7.31 -7.07
N ILE F 101 55.39 6.73 -7.63
CA ILE F 101 55.57 5.66 -8.61
C ILE F 101 56.10 6.19 -9.93
N GLY F 102 55.98 7.49 -10.19
CA GLY F 102 56.49 8.06 -11.41
C GLY F 102 57.89 8.61 -11.30
N LYS F 103 58.31 8.98 -10.08
CA LYS F 103 59.66 9.49 -9.88
C LYS F 103 60.71 8.47 -10.28
N PHE F 104 60.52 7.22 -9.83
CA PHE F 104 61.49 6.16 -10.05
C PHE F 104 61.42 5.66 -11.48
N LEU F 105 60.22 5.68 -12.07
CA LEU F 105 59.99 5.11 -13.39
C LEU F 105 60.84 5.80 -14.46
N TYR F 106 60.88 7.14 -14.44
CA TYR F 106 61.59 7.87 -15.47
C TYR F 106 63.07 8.02 -15.14
N ASN F 107 63.79 6.91 -15.15
CA ASN F 107 65.23 6.90 -14.91
C ASN F 107 65.96 6.33 -16.13
N SER F 108 67.16 6.85 -16.36
CA SER F 108 67.95 6.39 -17.51
C SER F 108 68.42 4.96 -17.35
N SER F 109 68.80 4.57 -16.13
CA SER F 109 69.34 3.23 -15.87
C SER F 109 68.18 2.28 -15.58
N THR F 110 68.06 1.23 -16.41
CA THR F 110 66.99 0.26 -16.19
C THR F 110 67.16 -0.47 -14.86
N HIS F 111 68.38 -0.84 -14.50
CA HIS F 111 68.61 -1.57 -13.26
C HIS F 111 68.20 -0.72 -12.06
N LYS F 112 68.59 0.55 -12.05
CA LYS F 112 68.27 1.42 -10.91
C LYS F 112 66.77 1.68 -10.81
N ARG F 113 66.12 1.95 -11.95
CA ARG F 113 64.68 2.22 -11.91
C ARG F 113 63.92 0.97 -11.47
N THR F 114 64.32 -0.21 -11.95
CA THR F 114 63.66 -1.44 -11.51
C THR F 114 63.90 -1.70 -10.04
N TYR F 115 65.12 -1.46 -9.55
CA TYR F 115 65.40 -1.66 -8.14
C TYR F 115 64.56 -0.74 -7.27
N ASP F 116 64.47 0.54 -7.64
CA ASP F 116 63.67 1.47 -6.86
C ASP F 116 62.19 1.14 -6.93
N LEU F 117 61.71 0.73 -8.11
CA LEU F 117 60.30 0.38 -8.25
C LEU F 117 59.94 -0.83 -7.40
N VAL F 118 60.80 -1.85 -7.41
CA VAL F 118 60.57 -3.02 -6.56
C VAL F 118 60.63 -2.64 -5.09
N SER F 119 61.60 -1.80 -4.71
CA SER F 119 61.74 -1.40 -3.31
C SER F 119 60.51 -0.65 -2.84
N LEU F 120 59.95 0.21 -3.69
CA LEU F 120 58.78 1.00 -3.28
C LEU F 120 57.62 0.10 -2.88
N PHE F 121 57.37 -0.97 -3.65
CA PHE F 121 56.30 -1.89 -3.28
C PHE F 121 56.69 -2.77 -2.09
N ILE F 122 57.90 -3.34 -2.10
CA ILE F 122 58.23 -4.35 -1.10
C ILE F 122 58.35 -3.71 0.29
N ASP F 123 58.87 -2.48 0.37
CA ASP F 123 58.96 -1.83 1.67
C ASP F 123 57.59 -1.66 2.30
N LYS F 124 56.61 -1.22 1.52
CA LYS F 124 55.25 -1.08 2.03
C LYS F 124 54.67 -2.44 2.40
N ILE F 125 54.94 -3.46 1.59
CA ILE F 125 54.43 -4.80 1.90
C ILE F 125 54.99 -5.30 3.22
N ILE F 126 56.31 -5.14 3.43
CA ILE F 126 56.93 -5.58 4.67
C ILE F 126 56.40 -4.78 5.86
N SER F 127 56.25 -3.47 5.68
CA SER F 127 55.72 -2.65 6.77
C SER F 127 54.32 -3.08 7.15
N ALA F 128 53.47 -3.35 6.15
CA ALA F 128 52.11 -3.81 6.44
C ALA F 128 52.11 -5.19 7.08
N ASN F 129 53.00 -6.07 6.64
CA ASN F 129 53.03 -7.42 7.18
C ASN F 129 53.54 -7.45 8.61
N LYS F 130 54.49 -6.59 8.94
CA LYS F 130 55.22 -6.67 10.21
C LYS F 130 54.71 -5.69 11.26
N ASN F 131 54.15 -4.56 10.85
CA ASN F 131 53.75 -3.51 11.77
C ASN F 131 52.26 -3.18 11.68
N GLU F 132 51.43 -4.13 11.25
CA GLU F 132 49.99 -3.90 11.20
C GLU F 132 49.26 -5.10 11.77
N ASP F 133 48.14 -4.83 12.43
CA ASP F 133 47.42 -5.89 13.13
C ASP F 133 46.65 -6.77 12.15
N GLU F 134 46.30 -6.24 10.99
CA GLU F 134 45.51 -7.00 10.03
C GLU F 134 46.27 -8.23 9.54
N ASN F 135 45.55 -9.32 9.35
CA ASN F 135 46.10 -10.54 8.79
C ASN F 135 45.72 -10.62 7.31
N VAL F 136 46.72 -10.87 6.46
CA VAL F 136 46.52 -10.99 5.02
C VAL F 136 47.09 -12.34 4.60
N ASP F 137 46.26 -13.15 3.94
CA ASP F 137 46.70 -14.44 3.44
C ASP F 137 47.61 -14.29 2.23
N VAL F 138 47.24 -13.42 1.31
CA VAL F 138 47.98 -13.23 0.07
C VAL F 138 47.93 -11.76 -0.32
N TRP F 139 48.95 -11.30 -1.04
CA TRP F 139 49.14 -9.89 -1.36
C TRP F 139 49.02 -9.72 -2.88
N PHE F 140 48.03 -8.96 -3.33
CA PHE F 140 47.89 -8.69 -4.76
C PHE F 140 48.56 -7.37 -5.11
N VAL F 141 49.49 -7.42 -6.05
CA VAL F 141 50.21 -6.22 -6.47
C VAL F 141 49.71 -5.79 -7.84
N ILE F 142 48.89 -4.76 -7.88
CA ILE F 142 48.40 -4.23 -9.15
C ILE F 142 49.35 -3.13 -9.61
N VAL F 143 49.96 -3.32 -10.77
CA VAL F 143 50.94 -2.35 -11.28
C VAL F 143 50.35 -1.68 -12.52
N PRO F 144 50.76 -0.45 -12.84
CA PRO F 144 50.25 0.18 -14.06
C PRO F 144 50.91 -0.33 -15.32
N ASP F 145 50.40 0.08 -16.48
CA ASP F 145 50.88 -0.42 -17.75
C ASP F 145 52.21 0.17 -18.19
N GLU F 146 52.49 1.44 -17.86
CA GLU F 146 53.74 2.05 -18.29
C GLU F 146 54.94 1.36 -17.66
N ILE F 147 54.81 0.95 -16.40
CA ILE F 147 55.91 0.25 -15.74
C ILE F 147 56.27 -1.02 -16.50
N TYR F 148 55.26 -1.85 -16.80
CA TYR F 148 55.52 -3.08 -17.55
C TYR F 148 56.19 -2.78 -18.87
N LYS F 149 55.83 -1.67 -19.51
CA LYS F 149 56.50 -1.28 -20.74
C LYS F 149 57.96 -0.93 -20.50
N TYR F 150 58.27 -0.33 -19.34
CA TYR F 150 59.62 0.13 -19.05
C TYR F 150 60.18 -0.42 -17.73
N CYS F 151 60.04 -1.73 -17.49
CA CYS F 151 60.61 -2.33 -16.29
C CYS F 151 61.25 -3.69 -16.55
N ARG F 152 61.39 -4.08 -17.82
CA ARG F 152 62.01 -5.36 -18.14
C ARG F 152 63.18 -5.10 -19.07
N PRO F 153 64.15 -6.04 -19.14
CA PRO F 153 65.34 -5.82 -19.97
C PRO F 153 65.06 -5.26 -21.36
N ASN F 154 66.01 -4.48 -21.88
CA ASN F 154 65.96 -3.92 -23.23
C ASN F 154 64.77 -2.98 -23.42
N SER F 155 64.25 -2.42 -22.34
CA SER F 155 63.18 -1.43 -22.42
C SER F 155 63.81 -0.04 -22.50
N VAL F 156 63.68 0.60 -23.66
CA VAL F 156 64.26 1.91 -23.89
C VAL F 156 63.18 2.97 -23.70
N LEU F 157 63.35 3.80 -22.68
CA LEU F 157 62.44 4.89 -22.44
C LEU F 157 62.51 5.88 -23.60
N PRO F 158 61.39 6.47 -24.02
CA PRO F 158 61.47 7.55 -25.02
C PRO F 158 62.30 8.70 -24.49
N LYS F 159 63.07 9.33 -25.38
CA LYS F 159 64.01 10.37 -25.00
C LYS F 159 63.30 11.54 -24.31
N GLU F 160 62.03 11.76 -24.68
CA GLU F 160 61.25 12.83 -24.08
C GLU F 160 60.79 12.54 -22.66
N MET F 161 60.72 11.27 -22.26
CA MET F 161 60.20 10.89 -20.96
C MET F 161 61.28 10.69 -19.91
N VAL F 162 62.55 10.78 -20.27
CA VAL F 162 63.64 10.56 -19.32
C VAL F 162 63.80 11.81 -18.48
N GLN F 163 63.72 11.65 -17.16
CA GLN F 163 63.82 12.77 -16.23
C GLN F 163 65.11 12.78 -15.43
N THR F 164 65.80 11.64 -15.34
CA THR F 164 67.05 11.57 -14.59
C THR F 164 67.97 10.50 -15.17
N THR F 199 72.54 -1.79 -7.07
CA THR F 199 71.40 -1.97 -7.96
C THR F 199 71.73 -2.89 -9.11
N TYR F 200 72.97 -2.79 -9.61
CA TYR F 200 73.42 -3.62 -10.72
C TYR F 200 73.55 -5.09 -10.35
N ASN F 201 73.49 -5.41 -9.06
CA ASN F 201 73.50 -6.80 -8.59
C ASN F 201 72.12 -7.43 -8.65
N TYR F 202 71.09 -6.68 -9.06
CA TYR F 202 69.72 -7.15 -9.09
C TYR F 202 69.25 -7.21 -10.53
N ASP F 203 68.46 -8.24 -10.82
CA ASP F 203 67.97 -8.48 -12.17
C ASP F 203 67.04 -7.37 -12.62
N ALA F 204 67.13 -7.02 -13.90
CA ALA F 204 66.34 -5.94 -14.47
C ALA F 204 64.88 -6.32 -14.69
N GLN F 205 64.44 -7.49 -14.23
CA GLN F 205 63.07 -7.93 -14.42
C GLN F 205 62.26 -7.60 -13.18
N PHE F 206 61.10 -6.98 -13.38
CA PHE F 206 60.30 -6.53 -12.25
C PHE F 206 59.76 -7.71 -11.44
N HIS F 207 59.14 -8.67 -12.12
CA HIS F 207 58.52 -9.79 -11.42
C HIS F 207 59.57 -10.66 -10.74
N ASP F 208 60.67 -10.95 -11.44
CA ASP F 208 61.69 -11.83 -10.88
C ASP F 208 62.32 -11.21 -9.63
N GLN F 209 62.77 -9.96 -9.73
CA GLN F 209 63.35 -9.28 -8.58
C GLN F 209 62.33 -9.13 -7.45
N PHE F 210 61.09 -8.81 -7.82
CA PHE F 210 60.03 -8.64 -6.82
C PHE F 210 59.83 -9.90 -6.00
N LYS F 211 59.70 -11.05 -6.67
CA LYS F 211 59.51 -12.29 -5.93
C LYS F 211 60.79 -12.74 -5.24
N ALA F 212 61.95 -12.30 -5.74
CA ALA F 212 63.20 -12.71 -5.12
C ALA F 212 63.45 -11.99 -3.81
N ARG F 213 63.17 -10.69 -3.75
CA ARG F 213 63.47 -9.91 -2.56
C ARG F 213 62.50 -10.12 -1.42
N LEU F 214 61.38 -10.82 -1.66
CA LEU F 214 60.40 -11.09 -0.63
C LEU F 214 60.52 -12.49 -0.05
N LEU F 215 61.58 -13.22 -0.38
CA LEU F 215 61.64 -14.62 0.00
C LEU F 215 61.93 -14.80 1.48
N LYS F 216 62.84 -14.00 2.04
CA LYS F 216 63.24 -14.19 3.43
C LYS F 216 62.10 -13.92 4.40
N HIS F 217 61.06 -13.20 3.96
CA HIS F 217 59.92 -12.90 4.82
C HIS F 217 58.75 -13.84 4.60
N THR F 218 58.77 -14.64 3.53
CA THR F 218 57.75 -15.64 3.24
C THR F 218 56.36 -15.01 3.17
N ILE F 219 56.20 -14.10 2.21
CA ILE F 219 54.95 -13.39 1.99
C ILE F 219 54.38 -13.84 0.64
N PRO F 220 53.28 -14.57 0.61
CA PRO F 220 52.69 -14.99 -0.67
C PRO F 220 52.15 -13.77 -1.41
N THR F 221 52.80 -13.44 -2.53
CA THR F 221 52.38 -12.32 -3.36
C THR F 221 52.19 -12.80 -4.79
N GLN F 222 51.29 -12.13 -5.51
CA GLN F 222 50.89 -12.54 -6.85
C GLN F 222 50.45 -11.32 -7.65
N ILE F 223 51.25 -10.95 -8.64
CA ILE F 223 51.17 -9.64 -9.28
C ILE F 223 50.05 -9.63 -10.33
N PHE F 224 49.32 -8.52 -10.39
CA PHE F 224 48.39 -8.20 -11.48
C PHE F 224 48.90 -7.01 -12.27
N ARG F 225 48.77 -7.09 -13.60
CA ARG F 225 48.87 -5.92 -14.45
C ARG F 225 47.52 -5.23 -14.57
N GLU F 226 47.55 -3.94 -14.92
CA GLU F 226 46.31 -3.20 -15.09
C GLU F 226 45.49 -3.71 -16.27
N SER F 227 46.16 -4.26 -17.30
CA SER F 227 45.46 -4.78 -18.46
C SER F 227 44.81 -6.13 -18.18
N THR F 228 45.45 -6.94 -17.33
CA THR F 228 44.90 -8.22 -16.92
C THR F 228 43.63 -7.99 -16.11
N LEU F 229 43.54 -6.80 -15.52
CA LEU F 229 42.32 -6.31 -14.88
C LEU F 229 41.34 -5.86 -15.95
N ALA F 230 40.40 -5.00 -15.60
CA ALA F 230 39.28 -4.72 -16.50
C ALA F 230 39.82 -4.05 -17.76
N TRP F 231 40.34 -4.91 -18.65
CA TRP F 231 40.97 -4.49 -19.90
C TRP F 231 40.09 -3.56 -20.73
N ARG F 232 38.77 -3.61 -20.53
CA ARG F 232 37.87 -2.80 -21.36
C ARG F 232 38.20 -1.31 -21.25
N ASP F 233 38.82 -0.90 -20.13
CA ASP F 233 39.24 0.49 -20.01
C ASP F 233 40.36 0.82 -21.00
N PHE F 234 41.32 -0.08 -21.17
CA PHE F 234 42.47 0.18 -22.03
C PHE F 234 42.05 0.06 -23.49
N LYS F 235 42.30 1.10 -24.27
CA LYS F 235 41.85 1.20 -25.66
C LYS F 235 43.05 1.33 -26.57
N ASN F 236 42.92 0.77 -27.78
CA ASN F 236 43.95 0.95 -28.79
C ASN F 236 43.55 2.07 -29.77
N ALA F 237 44.33 2.21 -30.84
CA ALA F 237 44.01 3.20 -31.86
C ALA F 237 42.70 2.88 -32.56
N PHE F 238 42.45 1.60 -32.84
CA PHE F 238 41.22 1.22 -33.55
C PHE F 238 40.00 1.38 -32.65
N GLY F 239 40.16 1.16 -31.35
CA GLY F 239 39.06 1.18 -30.41
C GLY F 239 38.74 -0.17 -29.78
N LEU F 240 39.42 -1.23 -30.20
CA LEU F 240 39.25 -2.53 -29.57
C LEU F 240 40.17 -2.64 -28.36
N PRO F 241 39.78 -3.40 -27.33
CA PRO F 241 40.70 -3.66 -26.23
C PRO F 241 41.97 -4.35 -26.72
N ILE F 242 43.11 -3.95 -26.16
CA ILE F 242 44.37 -4.57 -26.54
C ILE F 242 44.38 -6.04 -26.17
N ARG F 243 44.06 -6.35 -24.92
CA ARG F 243 43.86 -7.72 -24.48
C ARG F 243 42.37 -8.08 -24.45
N ASP F 244 41.74 -8.09 -25.61
CA ASP F 244 40.31 -8.38 -25.69
C ASP F 244 40.04 -9.80 -25.22
N PHE F 245 39.42 -9.92 -24.06
CA PHE F 245 39.11 -11.20 -23.43
C PHE F 245 37.62 -11.46 -23.44
N SER F 246 36.92 -10.87 -24.41
CA SER F 246 35.46 -10.91 -24.42
C SER F 246 34.94 -12.33 -24.46
N LYS F 247 35.58 -13.20 -25.24
CA LYS F 247 35.12 -14.58 -25.34
C LYS F 247 35.72 -15.46 -24.24
N ILE F 248 36.76 -14.98 -23.56
CA ILE F 248 37.62 -15.87 -22.79
C ILE F 248 37.67 -15.34 -21.34
N GLU F 249 36.62 -14.66 -20.91
CA GLU F 249 36.59 -14.18 -19.52
C GLU F 249 36.48 -15.34 -18.54
N GLY F 250 35.74 -16.39 -18.91
CA GLY F 250 35.53 -17.50 -17.98
C GLY F 250 36.81 -18.18 -17.58
N HIS F 251 37.68 -18.46 -18.55
CA HIS F 251 38.95 -19.11 -18.21
C HIS F 251 39.88 -18.15 -17.48
N LEU F 252 39.77 -16.84 -17.75
CA LEU F 252 40.53 -15.87 -16.98
C LEU F 252 40.16 -15.94 -15.51
N ALA F 253 38.86 -15.93 -15.22
CA ALA F 253 38.43 -16.09 -13.84
C ALA F 253 38.88 -17.43 -13.27
N TRP F 254 38.82 -18.48 -14.08
CA TRP F 254 39.24 -19.81 -13.62
C TRP F 254 40.70 -19.81 -13.20
N THR F 255 41.58 -19.22 -14.01
CA THR F 255 43.01 -19.25 -13.73
C THR F 255 43.43 -18.21 -12.71
N ILE F 256 42.61 -17.20 -12.43
CA ILE F 256 42.95 -16.27 -11.35
C ILE F 256 42.47 -16.81 -10.01
N SER F 257 41.25 -17.35 -9.97
CA SER F 257 40.70 -17.87 -8.73
C SER F 257 41.52 -19.04 -8.21
N THR F 258 41.97 -19.93 -9.11
CA THR F 258 42.75 -21.08 -8.66
C THR F 258 44.11 -20.64 -8.11
N ALA F 259 44.73 -19.62 -8.73
CA ALA F 259 45.99 -19.11 -8.21
C ALA F 259 45.79 -18.48 -6.83
N ALA F 260 44.72 -17.71 -6.68
CA ALA F 260 44.43 -17.12 -5.37
C ALA F 260 44.17 -18.20 -4.32
N PHE F 261 43.44 -19.25 -4.69
CA PHE F 261 43.16 -20.33 -3.76
C PHE F 261 44.43 -21.07 -3.36
N TYR F 262 45.30 -21.36 -4.33
CA TYR F 262 46.54 -22.06 -4.00
C TYR F 262 47.42 -21.20 -3.11
N LYS F 263 47.63 -19.93 -3.47
CA LYS F 263 48.52 -19.09 -2.68
C LYS F 263 47.96 -18.79 -1.30
N ALA F 264 46.65 -18.93 -1.10
CA ALA F 264 46.06 -18.70 0.21
C ALA F 264 46.13 -19.92 1.12
N GLY F 265 46.55 -21.07 0.60
CA GLY F 265 46.74 -22.24 1.43
C GLY F 265 45.73 -23.34 1.18
N GLY F 266 45.26 -23.47 -0.06
CA GLY F 266 44.25 -24.46 -0.41
C GLY F 266 44.84 -25.57 -1.27
N LYS F 267 44.18 -26.73 -1.24
CA LYS F 267 44.52 -27.85 -2.09
C LYS F 267 43.51 -27.91 -3.24
N PRO F 268 43.81 -27.36 -4.41
CA PRO F 268 42.84 -27.39 -5.52
C PRO F 268 42.51 -28.80 -5.97
N TRP F 269 43.53 -29.58 -6.35
CA TRP F 269 43.36 -30.96 -6.75
C TRP F 269 44.67 -31.71 -6.52
N LYS F 270 44.62 -33.02 -6.73
CA LYS F 270 45.79 -33.86 -6.54
C LYS F 270 45.72 -35.06 -7.48
N LEU F 271 46.88 -35.68 -7.69
CA LEU F 271 46.98 -36.87 -8.50
C LEU F 271 46.62 -38.11 -7.67
N SER F 272 46.10 -39.13 -8.37
CA SER F 272 45.73 -40.38 -7.71
C SER F 272 46.40 -41.60 -8.30
N ASP F 273 47.07 -41.47 -9.45
CA ASP F 273 47.70 -42.60 -10.11
C ASP F 273 49.17 -42.76 -9.76
N VAL F 274 49.71 -41.88 -8.92
CA VAL F 274 51.14 -41.95 -8.60
C VAL F 274 51.38 -43.11 -7.64
N ARG F 275 52.26 -44.02 -8.03
CA ARG F 275 52.54 -45.18 -7.21
C ARG F 275 53.33 -44.78 -5.96
N ASN F 276 53.08 -45.52 -4.88
CA ASN F 276 53.74 -45.25 -3.61
C ASN F 276 55.25 -45.49 -3.73
N GLY F 277 56.01 -44.63 -3.05
CA GLY F 277 57.45 -44.79 -3.00
C GLY F 277 58.22 -44.22 -4.17
N VAL F 278 57.67 -43.25 -4.89
CA VAL F 278 58.32 -42.69 -6.06
C VAL F 278 58.50 -41.19 -5.86
N CYS F 279 59.74 -40.76 -5.70
CA CYS F 279 60.09 -39.35 -5.74
C CYS F 279 60.48 -39.00 -7.18
N TYR F 280 60.27 -37.76 -7.59
CA TYR F 280 60.52 -37.46 -9.00
C TYR F 280 61.68 -36.49 -9.20
N LEU F 281 61.57 -35.28 -8.68
CA LEU F 281 62.63 -34.27 -8.76
C LEU F 281 62.85 -33.81 -10.19
N GLY F 282 62.96 -32.51 -10.40
CA GLY F 282 63.22 -31.98 -11.73
C GLY F 282 64.34 -30.98 -11.77
N LEU F 283 65.41 -31.28 -12.50
CA LEU F 283 66.58 -30.41 -12.55
C LEU F 283 66.43 -29.40 -13.69
N VAL F 284 66.66 -28.13 -13.39
CA VAL F 284 66.68 -27.08 -14.39
C VAL F 284 67.87 -26.18 -14.15
N TYR F 285 68.59 -25.84 -15.21
CA TYR F 285 69.79 -25.01 -15.15
C TYR F 285 69.46 -23.63 -15.68
N LYS F 286 69.84 -22.60 -14.93
CA LYS F 286 69.56 -21.22 -15.26
C LYS F 286 70.86 -20.42 -15.19
N LYS F 287 70.94 -19.36 -15.99
CA LYS F 287 72.14 -18.54 -16.02
C LYS F 287 72.02 -17.35 -15.07
N VAL F 288 73.11 -17.04 -14.40
CA VAL F 288 73.21 -15.89 -13.50
C VAL F 288 74.20 -14.91 -14.14
N GLU F 289 73.71 -13.78 -14.61
CA GLU F 289 74.54 -12.82 -15.32
C GLU F 289 75.25 -11.84 -14.40
N LYS F 290 74.81 -11.71 -13.15
CA LYS F 290 75.41 -10.73 -12.24
C LYS F 290 76.84 -11.11 -11.91
N SER F 291 77.06 -12.36 -11.48
CA SER F 291 78.40 -12.84 -11.23
C SER F 291 79.12 -13.07 -12.55
N LYS F 292 80.44 -12.87 -12.54
CA LYS F 292 81.23 -13.10 -13.75
C LYS F 292 81.17 -14.58 -14.11
N ASN F 293 80.82 -14.86 -15.37
CA ASN F 293 80.50 -16.18 -15.91
C ASN F 293 79.11 -16.56 -15.41
N PRO F 294 78.30 -17.25 -16.21
CA PRO F 294 76.90 -17.49 -15.79
C PRO F 294 76.76 -18.26 -14.50
N ARG F 295 77.70 -19.18 -14.21
CA ARG F 295 77.74 -19.94 -12.97
C ARG F 295 76.59 -20.94 -12.87
N ASN F 296 75.69 -20.92 -13.86
CA ASN F 296 74.74 -22.00 -14.14
C ASN F 296 74.06 -22.57 -12.89
N ALA F 297 73.31 -21.75 -12.17
CA ALA F 297 72.61 -22.20 -10.97
C ALA F 297 71.58 -23.27 -11.33
N CYS F 298 71.54 -24.34 -10.54
CA CYS F 298 70.64 -25.45 -10.78
C CYS F 298 69.55 -25.47 -9.70
N CYS F 299 68.32 -25.80 -10.10
CA CYS F 299 67.20 -25.85 -9.18
C CYS F 299 66.41 -27.13 -9.40
N ALA F 300 65.80 -27.62 -8.32
CA ALA F 300 65.10 -28.90 -8.32
C ALA F 300 63.78 -28.79 -7.57
N ALA F 301 62.85 -29.67 -7.93
CA ALA F 301 61.55 -29.77 -7.27
C ALA F 301 61.21 -31.24 -7.08
N GLN F 302 60.56 -31.57 -5.96
CA GLN F 302 60.21 -32.95 -5.65
C GLN F 302 58.70 -33.14 -5.74
N MET F 303 58.28 -34.36 -6.02
CA MET F 303 56.88 -34.76 -5.95
C MET F 303 56.82 -36.21 -5.49
N PHE F 304 56.07 -36.46 -4.41
CA PHE F 304 55.90 -37.80 -3.89
C PHE F 304 54.60 -37.89 -3.11
N LEU F 305 54.42 -39.02 -2.43
CA LEU F 305 53.21 -39.28 -1.66
C LEU F 305 53.45 -39.03 -0.17
N ASP F 306 52.44 -39.34 0.62
CA ASP F 306 52.48 -39.19 2.07
C ASP F 306 51.92 -40.47 2.70
N ASN F 307 52.23 -40.66 3.98
CA ASN F 307 51.61 -41.73 4.74
C ASN F 307 50.10 -41.59 4.68
N GLY F 308 49.45 -42.53 3.99
CA GLY F 308 48.05 -42.41 3.69
C GLY F 308 47.81 -42.24 2.20
N ASP F 309 47.29 -41.06 1.84
CA ASP F 309 47.02 -40.75 0.44
C ASP F 309 47.39 -39.31 0.08
N GLY F 310 47.95 -38.55 1.01
CA GLY F 310 48.27 -37.15 0.73
C GLY F 310 49.41 -37.05 -0.27
N THR F 311 49.33 -36.02 -1.12
CA THR F 311 50.40 -35.75 -2.06
C THR F 311 51.28 -34.60 -1.56
N VAL F 312 52.56 -34.68 -1.89
CA VAL F 312 53.54 -33.65 -1.51
C VAL F 312 54.21 -33.19 -2.79
N PHE F 313 54.07 -31.90 -3.09
CA PHE F 313 54.66 -31.28 -4.28
C PHE F 313 55.29 -29.94 -3.87
N LYS F 314 56.55 -29.99 -3.46
CA LYS F 314 57.29 -28.79 -3.10
C LYS F 314 58.55 -28.68 -3.96
N GLY F 315 59.24 -27.56 -3.79
CA GLY F 315 60.53 -27.40 -4.43
C GLY F 315 61.66 -27.91 -3.56
N GLU F 316 62.81 -28.11 -4.19
CA GLU F 316 64.05 -28.45 -3.49
C GLU F 316 65.09 -27.39 -3.86
N VAL F 317 65.08 -26.29 -3.13
CA VAL F 317 65.87 -25.11 -3.46
C VAL F 317 67.11 -25.07 -2.59
N GLY F 318 68.21 -25.56 -3.14
CA GLY F 318 69.51 -25.47 -2.51
C GLY F 318 70.55 -24.95 -3.48
N PRO F 319 70.17 -23.94 -4.31
CA PRO F 319 70.79 -23.78 -5.64
C PRO F 319 72.28 -24.06 -5.69
N TRP F 320 72.66 -25.04 -6.49
CA TRP F 320 74.03 -25.51 -6.59
C TRP F 320 74.67 -24.90 -7.83
N TYR F 321 75.47 -23.87 -7.65
CA TYR F 321 76.06 -23.16 -8.78
C TYR F 321 77.08 -24.06 -9.48
N ASN F 322 77.06 -24.02 -10.81
CA ASN F 322 77.97 -24.80 -11.63
C ASN F 322 78.85 -23.85 -12.42
N PRO F 323 80.13 -23.72 -12.10
CA PRO F 323 81.02 -22.87 -12.89
C PRO F 323 81.17 -23.41 -14.31
N LYS F 324 81.92 -22.65 -15.12
CA LYS F 324 82.13 -22.87 -16.55
C LYS F 324 80.92 -22.32 -17.31
N ASN F 325 81.16 -21.77 -18.50
CA ASN F 325 80.12 -21.02 -19.19
C ASN F 325 78.94 -21.89 -19.58
N GLY F 326 79.19 -23.09 -20.09
CA GLY F 326 78.12 -23.89 -20.65
C GLY F 326 78.13 -25.34 -20.24
N GLN F 327 78.57 -25.62 -19.01
CA GLN F 327 78.66 -27.00 -18.56
C GLN F 327 77.30 -27.67 -18.52
N TYR F 328 76.39 -27.16 -17.69
CA TYR F 328 75.07 -27.73 -17.44
C TYR F 328 75.13 -29.15 -16.89
N HIS F 329 76.32 -29.63 -16.54
CA HIS F 329 76.50 -30.88 -15.84
C HIS F 329 76.98 -30.57 -14.43
N LEU F 330 76.27 -31.08 -13.43
CA LEU F 330 76.52 -30.69 -12.05
C LEU F 330 77.68 -31.48 -11.48
N GLU F 331 78.59 -30.79 -10.80
CA GLU F 331 79.81 -31.39 -10.29
C GLU F 331 79.47 -32.40 -9.21
N PRO F 332 80.37 -33.36 -8.96
CA PRO F 332 80.05 -34.46 -8.03
C PRO F 332 79.63 -34.01 -6.63
N LYS F 333 80.30 -33.00 -6.07
CA LYS F 333 79.99 -32.61 -4.70
C LYS F 333 78.59 -31.99 -4.60
N GLU F 334 78.26 -31.09 -5.53
CA GLU F 334 76.92 -30.50 -5.52
C GLU F 334 75.85 -31.54 -5.83
N ALA F 335 76.14 -32.46 -6.74
CA ALA F 335 75.19 -33.51 -7.08
C ALA F 335 74.90 -34.40 -5.87
N LYS F 336 75.97 -34.80 -5.16
CA LYS F 336 75.78 -35.57 -3.94
C LYS F 336 74.99 -34.81 -2.90
N ALA F 337 75.30 -33.53 -2.70
CA ALA F 337 74.55 -32.73 -1.74
C ALA F 337 73.07 -32.65 -2.12
N LEU F 338 72.81 -32.43 -3.41
CA LEU F 338 71.43 -32.31 -3.89
C LEU F 338 70.65 -33.60 -3.64
N LEU F 339 71.18 -34.73 -4.08
CA LEU F 339 70.40 -35.96 -3.94
C LEU F 339 70.34 -36.41 -2.49
N SER F 340 71.36 -36.06 -1.67
CA SER F 340 71.29 -36.37 -0.25
C SER F 340 70.18 -35.57 0.43
N GLN F 341 70.07 -34.28 0.10
CA GLN F 341 68.94 -33.49 0.57
C GLN F 341 67.61 -34.08 0.12
N SER F 342 67.52 -34.53 -1.13
CA SER F 342 66.30 -35.13 -1.64
C SER F 342 65.93 -36.42 -0.92
N LEU F 343 66.91 -37.28 -0.63
CA LEU F 343 66.60 -38.52 0.07
C LEU F 343 66.21 -38.24 1.51
N GLN F 344 66.88 -37.28 2.16
CA GLN F 344 66.43 -36.91 3.48
C GLN F 344 65.02 -36.35 3.48
N SER F 345 64.75 -35.35 2.67
CA SER F 345 63.47 -34.67 2.67
C SER F 345 62.31 -35.61 2.41
N TYR F 346 62.57 -36.74 1.75
CA TYR F 346 61.67 -37.89 1.77
C TYR F 346 61.70 -38.63 3.10
N LYS F 347 62.89 -38.81 3.70
CA LYS F 347 62.99 -39.67 4.89
C LYS F 347 62.24 -39.10 6.08
N GLU F 348 62.43 -37.81 6.37
CA GLU F 348 61.82 -37.29 7.62
C GLU F 348 60.30 -37.24 7.51
N GLN F 349 59.76 -37.21 6.28
CA GLN F 349 58.33 -37.03 6.08
C GLN F 349 57.61 -38.34 5.81
N ILE F 350 58.29 -39.37 5.34
CA ILE F 350 57.68 -40.69 5.22
C ILE F 350 58.27 -41.72 6.17
N GLY F 351 59.58 -41.72 6.41
CA GLY F 351 60.18 -42.64 7.36
C GLY F 351 61.30 -43.46 6.77
N GLU F 352 61.12 -43.92 5.53
CA GLU F 352 62.11 -44.74 4.85
C GLU F 352 62.44 -44.12 3.51
N TYR F 353 63.46 -44.62 2.89
CA TYR F 353 64.00 -44.13 1.63
C TYR F 353 63.07 -44.49 0.47
N PRO F 354 63.09 -43.69 -0.59
CA PRO F 354 62.29 -44.03 -1.77
C PRO F 354 62.81 -45.29 -2.44
N LYS F 355 61.91 -46.02 -3.10
CA LYS F 355 62.27 -47.24 -3.81
C LYS F 355 62.64 -46.98 -5.27
N GLU F 356 62.20 -45.86 -5.84
CA GLU F 356 62.61 -45.48 -7.19
C GLU F 356 62.42 -43.99 -7.43
N VAL F 357 63.52 -43.28 -7.65
CA VAL F 357 63.46 -41.85 -7.91
C VAL F 357 63.71 -41.60 -9.39
N PHE F 358 62.83 -40.82 -10.01
CA PHE F 358 62.84 -40.61 -11.45
C PHE F 358 63.20 -39.16 -11.74
N ILE F 359 64.50 -38.86 -11.78
CA ILE F 359 64.97 -37.49 -11.97
C ILE F 359 64.74 -37.11 -13.43
N HIS F 360 63.66 -36.39 -13.69
CA HIS F 360 63.50 -35.78 -15.00
C HIS F 360 64.46 -34.61 -15.14
N ALA F 361 64.89 -34.37 -16.37
CA ALA F 361 65.84 -33.29 -16.63
C ALA F 361 65.86 -32.90 -18.09
N LYS F 362 65.73 -31.60 -18.38
CA LYS F 362 65.81 -31.11 -19.74
C LYS F 362 67.21 -31.25 -20.34
N THR F 363 68.23 -31.44 -19.50
CA THR F 363 69.60 -31.62 -19.95
C THR F 363 70.02 -33.07 -19.78
N ARG F 364 70.92 -33.52 -20.64
CA ARG F 364 71.39 -34.90 -20.61
C ARG F 364 72.41 -35.10 -19.51
N PHE F 365 72.35 -36.26 -18.86
CA PHE F 365 73.22 -36.61 -17.73
C PHE F 365 74.51 -37.23 -18.27
N ASN F 366 75.65 -36.71 -17.82
CA ASN F 366 76.91 -37.40 -18.06
C ASN F 366 77.22 -38.34 -16.89
N HIS F 367 78.20 -39.22 -17.12
CA HIS F 367 78.50 -40.25 -16.12
C HIS F 367 79.06 -39.65 -14.85
N GLN F 368 79.68 -38.47 -14.92
CA GLN F 368 80.32 -37.90 -13.74
C GLN F 368 79.32 -37.63 -12.63
N GLU F 369 78.24 -36.92 -12.94
CA GLU F 369 77.24 -36.64 -11.91
C GLU F 369 76.46 -37.89 -11.56
N TRP F 370 76.29 -38.81 -12.52
CA TRP F 370 75.51 -40.01 -12.26
C TRP F 370 76.21 -40.89 -11.23
N ASP F 371 77.53 -41.02 -11.33
CA ASP F 371 78.28 -41.78 -10.33
C ASP F 371 78.16 -41.16 -8.95
N ALA F 372 78.21 -39.84 -8.87
CA ALA F 372 78.05 -39.14 -7.60
C ALA F 372 76.67 -39.42 -7.02
N PHE F 373 75.66 -39.40 -7.89
CA PHE F 373 74.28 -39.70 -7.48
C PHE F 373 74.19 -41.11 -6.93
N LEU F 374 74.87 -42.05 -7.58
CA LEU F 374 74.77 -43.47 -7.23
C LEU F 374 75.29 -43.75 -5.84
N GLU F 375 76.43 -43.16 -5.46
CA GLU F 375 77.04 -43.44 -4.17
C GLU F 375 76.14 -43.05 -3.01
N VAL F 376 75.61 -41.82 -3.04
CA VAL F 376 74.72 -41.38 -1.97
C VAL F 376 73.40 -42.14 -2.02
N THR F 377 73.03 -42.65 -3.20
CA THR F 377 71.85 -43.47 -3.32
C THR F 377 72.04 -44.80 -2.59
N PRO F 378 71.07 -45.25 -1.80
CA PRO F 378 71.18 -46.54 -1.12
C PRO F 378 71.00 -47.69 -2.11
N LYS F 379 71.10 -48.91 -1.58
CA LYS F 379 71.04 -50.10 -2.42
C LYS F 379 69.62 -50.41 -2.87
N GLU F 380 68.63 -50.13 -2.01
CA GLU F 380 67.25 -50.48 -2.36
C GLU F 380 66.67 -49.53 -3.39
N THR F 381 67.14 -48.28 -3.39
CA THR F 381 66.58 -47.28 -4.30
C THR F 381 67.00 -47.56 -5.74
N ASN F 382 66.02 -47.50 -6.65
CA ASN F 382 66.26 -47.60 -8.08
C ASN F 382 66.47 -46.20 -8.63
N LEU F 383 67.72 -45.88 -8.98
CA LEU F 383 68.05 -44.55 -9.46
C LEU F 383 67.90 -44.48 -10.97
N VAL F 384 67.01 -43.59 -11.43
CA VAL F 384 66.68 -43.47 -12.84
C VAL F 384 66.83 -42.01 -13.26
N GLY F 385 67.52 -41.78 -14.37
CA GLY F 385 67.70 -40.46 -14.90
C GLY F 385 67.08 -40.33 -16.29
N VAL F 386 66.10 -39.45 -16.41
CA VAL F 386 65.29 -39.31 -17.62
C VAL F 386 65.57 -37.95 -18.24
N THR F 387 65.79 -37.93 -19.55
CA THR F 387 66.03 -36.71 -20.30
C THR F 387 64.82 -36.41 -21.17
N ILE F 388 64.32 -35.18 -21.08
CA ILE F 388 63.14 -34.74 -21.81
C ILE F 388 63.52 -33.55 -22.67
N SER F 389 63.07 -33.56 -23.92
CA SER F 389 63.48 -32.53 -24.87
C SER F 389 62.37 -32.29 -25.90
N LYS F 390 62.23 -31.04 -26.30
CA LYS F 390 61.30 -30.63 -27.36
C LYS F 390 62.01 -30.30 -28.66
N THR F 391 63.32 -30.57 -28.75
CA THR F 391 64.08 -30.15 -29.92
C THR F 391 63.79 -31.02 -31.14
N LYS F 392 63.41 -32.26 -30.93
CA LYS F 392 63.25 -33.20 -32.04
C LYS F 392 62.11 -32.78 -32.94
N PRO F 393 62.36 -32.53 -34.24
CA PRO F 393 61.32 -32.02 -35.16
C PRO F 393 60.45 -33.08 -35.81
N LEU F 394 59.54 -33.66 -35.01
CA LEU F 394 58.57 -34.62 -35.48
C LEU F 394 57.18 -34.00 -35.45
N LYS F 395 56.47 -34.07 -36.57
CA LYS F 395 55.14 -33.47 -36.68
C LYS F 395 54.22 -34.45 -37.41
N LEU F 396 53.38 -35.16 -36.66
CA LEU F 396 52.42 -36.08 -37.27
C LEU F 396 51.22 -35.27 -37.75
N TYR F 397 50.97 -35.33 -39.06
CA TYR F 397 49.83 -34.68 -39.68
C TYR F 397 48.81 -35.76 -40.00
N LYS F 398 47.58 -35.58 -39.53
CA LYS F 398 46.55 -36.56 -39.84
C LYS F 398 46.20 -36.50 -41.33
N THR F 399 45.81 -37.65 -41.87
CA THR F 399 45.60 -37.77 -43.31
C THR F 399 44.57 -36.76 -43.81
N GLU F 400 43.41 -36.72 -43.17
CA GLU F 400 42.36 -35.80 -43.57
C GLU F 400 41.79 -35.12 -42.33
N GLY F 401 41.36 -33.87 -42.50
CA GLY F 401 40.78 -33.13 -41.39
C GLY F 401 41.67 -31.99 -40.92
N ASP F 402 41.05 -30.87 -40.56
CA ASP F 402 41.80 -29.71 -40.07
C ASP F 402 41.99 -29.79 -38.57
N TYR F 403 42.50 -30.92 -38.08
CA TYR F 403 42.73 -31.10 -36.65
C TYR F 403 44.03 -31.88 -36.46
N THR F 404 44.65 -31.68 -35.30
CA THR F 404 45.92 -32.26 -34.97
C THR F 404 45.73 -33.67 -34.41
N ILE F 405 46.84 -34.35 -34.14
CA ILE F 405 46.80 -35.71 -33.63
C ILE F 405 46.25 -35.67 -32.20
N LEU F 406 45.69 -36.79 -31.74
CA LEU F 406 45.16 -36.88 -30.40
C LEU F 406 46.27 -36.77 -29.37
N ARG F 407 45.98 -36.04 -28.29
CA ARG F 407 46.93 -35.86 -27.21
C ARG F 407 47.10 -37.16 -26.44
N GLY F 408 48.34 -37.65 -26.35
CA GLY F 408 48.61 -38.85 -25.60
C GLY F 408 49.26 -39.96 -26.41
N ASN F 409 49.39 -39.74 -27.71
CA ASN F 409 50.00 -40.74 -28.58
C ASN F 409 51.50 -40.85 -28.27
N ALA F 410 52.01 -42.08 -28.27
CA ALA F 410 53.40 -42.33 -27.92
C ALA F 410 54.02 -43.25 -28.97
N TYR F 411 55.03 -42.74 -29.67
CA TYR F 411 55.81 -43.53 -30.61
C TYR F 411 57.08 -44.00 -29.90
N VAL F 412 57.10 -45.26 -29.48
CA VAL F 412 58.22 -45.81 -28.71
C VAL F 412 59.29 -46.26 -29.68
N VAL F 413 60.41 -45.53 -29.71
CA VAL F 413 61.52 -45.90 -30.58
C VAL F 413 62.17 -47.19 -30.09
N ASN F 414 62.46 -47.26 -28.79
CA ASN F 414 63.05 -48.46 -28.21
C ASN F 414 62.86 -48.40 -26.70
N GLU F 415 63.24 -49.49 -26.04
CA GLU F 415 62.96 -49.65 -24.61
C GLU F 415 63.46 -48.47 -23.78
N ARG F 416 64.41 -47.69 -24.29
CA ARG F 416 64.96 -46.58 -23.54
C ARG F 416 64.53 -45.21 -24.05
N SER F 417 63.99 -45.11 -25.26
CA SER F 417 63.66 -43.82 -25.84
C SER F 417 62.32 -43.87 -26.56
N ALA F 418 61.60 -42.75 -26.52
CA ALA F 418 60.27 -42.66 -27.11
C ALA F 418 59.89 -41.20 -27.32
N PHE F 419 58.75 -41.02 -27.98
CA PHE F 419 58.12 -39.71 -28.17
C PHE F 419 56.77 -39.74 -27.48
N LEU F 420 56.36 -38.63 -26.89
CA LEU F 420 55.02 -38.52 -26.31
C LEU F 420 54.44 -37.16 -26.64
N TRP F 421 53.22 -37.14 -27.17
CA TRP F 421 52.54 -35.90 -27.54
C TRP F 421 51.80 -35.36 -26.33
N THR F 422 52.50 -34.56 -25.51
CA THR F 422 51.86 -33.91 -24.38
C THR F 422 50.89 -32.83 -24.82
N VAL F 423 51.14 -32.19 -25.97
CA VAL F 423 50.24 -31.19 -26.53
C VAL F 423 49.55 -31.82 -27.72
N GLY F 424 48.23 -31.72 -27.76
CA GLY F 424 47.49 -32.27 -28.89
C GLY F 424 46.00 -32.16 -28.66
N TYR F 425 45.25 -32.78 -29.56
CA TYR F 425 43.80 -32.79 -29.47
C TYR F 425 43.36 -33.75 -28.37
N VAL F 426 42.45 -33.28 -27.53
CA VAL F 426 41.75 -34.14 -26.56
C VAL F 426 40.27 -33.82 -26.67
N PRO F 427 39.39 -34.82 -26.83
CA PRO F 427 37.99 -34.53 -27.18
C PRO F 427 37.26 -33.69 -26.13
N LYS F 428 37.60 -33.82 -24.85
CA LYS F 428 36.84 -33.13 -23.82
C LYS F 428 36.97 -31.62 -23.95
N ILE F 429 38.16 -31.13 -24.27
CA ILE F 429 38.32 -29.70 -24.50
C ILE F 429 37.74 -29.28 -25.84
N GLN F 430 37.39 -30.25 -26.69
CA GLN F 430 36.76 -30.11 -28.02
C GLN F 430 37.76 -29.56 -29.04
N THR F 431 39.01 -29.29 -28.65
CA THR F 431 39.98 -28.70 -29.56
C THR F 431 41.35 -29.28 -29.24
N ALA F 432 42.37 -28.66 -29.82
CA ALA F 432 43.74 -29.00 -29.48
C ALA F 432 44.37 -27.89 -28.64
N LEU F 433 45.31 -28.27 -27.79
CA LEU F 433 45.96 -27.31 -26.91
C LEU F 433 46.96 -26.42 -27.64
N SER F 434 47.28 -26.72 -28.88
CA SER F 434 48.23 -25.92 -29.66
C SER F 434 47.44 -25.07 -30.66
N MET F 435 48.07 -24.20 -31.45
CA MET F 435 47.39 -23.47 -32.51
C MET F 435 47.77 -24.09 -33.84
N GLU F 436 49.06 -24.32 -34.04
CA GLU F 436 49.56 -25.08 -35.17
C GLU F 436 49.66 -26.55 -34.75
N VAL F 437 50.32 -27.36 -35.56
CA VAL F 437 50.56 -28.76 -35.19
C VAL F 437 51.57 -28.80 -34.04
N PRO F 438 51.29 -29.52 -32.96
CA PRO F 438 52.16 -29.47 -31.78
C PRO F 438 53.47 -30.23 -31.99
N ASN F 439 54.38 -30.05 -31.04
CA ASN F 439 55.66 -30.73 -31.03
C ASN F 439 55.75 -31.69 -29.86
N PRO F 440 56.15 -32.93 -30.09
CA PRO F 440 56.19 -33.93 -29.02
C PRO F 440 57.28 -33.64 -28.00
N LEU F 441 57.29 -34.44 -26.95
CA LEU F 441 58.36 -34.49 -25.96
C LEU F 441 59.19 -35.73 -26.25
N PHE F 442 60.49 -35.55 -26.44
CA PHE F 442 61.40 -36.66 -26.68
C PHE F 442 61.89 -37.21 -25.36
N ILE F 443 61.25 -38.27 -24.87
CA ILE F 443 61.50 -38.79 -23.54
C ILE F 443 62.40 -40.01 -23.66
N GLU F 444 63.60 -39.93 -23.10
CA GLU F 444 64.54 -41.03 -23.16
C GLU F 444 65.06 -41.32 -21.76
N ILE F 445 65.17 -42.61 -21.44
CA ILE F 445 65.75 -43.02 -20.17
C ILE F 445 67.26 -42.97 -20.33
N ASN F 446 67.85 -41.83 -19.96
CA ASN F 446 69.29 -41.66 -20.15
C ASN F 446 70.08 -42.61 -19.28
N LYS F 447 69.72 -42.72 -18.00
CA LYS F 447 70.45 -43.57 -17.06
C LYS F 447 69.44 -44.38 -16.26
N GLY F 448 69.90 -45.50 -15.72
CA GLY F 448 69.00 -46.46 -15.09
C GLY F 448 68.36 -47.33 -16.14
N GLU F 449 67.35 -48.12 -15.76
CA GLU F 449 66.72 -49.00 -16.74
C GLU F 449 65.33 -48.52 -17.11
N ALA F 450 64.42 -48.47 -16.11
CA ALA F 450 63.07 -47.95 -16.25
C ALA F 450 62.22 -48.61 -17.34
N ASP F 451 60.94 -48.81 -17.06
CA ASP F 451 60.02 -49.22 -18.10
C ASP F 451 59.55 -48.01 -18.89
N ILE F 452 59.74 -48.05 -20.21
CA ILE F 452 59.42 -46.89 -21.04
C ILE F 452 57.93 -46.56 -20.97
N LYS F 453 57.09 -47.60 -20.99
CA LYS F 453 55.65 -47.37 -20.89
C LYS F 453 55.26 -46.76 -19.56
N GLN F 454 55.87 -47.24 -18.46
CA GLN F 454 55.58 -46.67 -17.16
C GLN F 454 56.04 -45.22 -17.06
N VAL F 455 57.22 -44.92 -17.62
CA VAL F 455 57.71 -43.55 -17.61
C VAL F 455 56.78 -42.64 -18.40
N LEU F 456 56.35 -43.10 -19.58
CA LEU F 456 55.40 -42.35 -20.39
C LEU F 456 54.04 -42.22 -19.72
N LYS F 457 53.68 -43.15 -18.84
CA LYS F 457 52.42 -43.11 -18.12
C LYS F 457 52.45 -42.18 -16.91
N ASP F 458 53.63 -41.74 -16.49
CA ASP F 458 53.76 -40.84 -15.35
C ASP F 458 53.97 -39.39 -15.75
N ILE F 459 54.86 -39.11 -16.69
CA ILE F 459 55.10 -37.74 -17.12
C ILE F 459 53.81 -37.10 -17.60
N LEU F 460 52.99 -37.86 -18.32
CA LEU F 460 51.69 -37.35 -18.75
C LEU F 460 50.83 -36.98 -17.55
N SER F 461 51.01 -37.67 -16.42
CA SER F 461 50.31 -37.29 -15.20
C SER F 461 50.92 -36.03 -14.58
N LEU F 462 52.25 -35.91 -14.62
CA LEU F 462 52.89 -34.67 -14.17
C LEU F 462 52.45 -33.46 -14.98
N THR F 463 51.98 -33.66 -16.22
CA THR F 463 51.53 -32.54 -17.02
C THR F 463 50.22 -31.93 -16.54
N LYS F 464 49.56 -32.55 -15.54
CA LYS F 464 48.25 -32.10 -15.09
C LYS F 464 48.28 -31.30 -13.79
N LEU F 465 49.36 -31.38 -13.01
CA LEU F 465 49.42 -30.69 -11.72
C LEU F 465 50.00 -29.30 -11.83
N ASN F 466 49.50 -28.46 -12.75
CA ASN F 466 49.92 -27.07 -12.84
C ASN F 466 48.96 -26.23 -12.01
N TYR F 467 49.43 -25.75 -10.87
CA TYR F 467 48.58 -24.95 -9.98
C TYR F 467 48.55 -23.48 -10.35
N ASN F 468 49.56 -22.97 -11.05
CA ASN F 468 49.55 -21.58 -11.46
C ASN F 468 48.49 -21.30 -12.50
N ALA F 469 48.04 -22.31 -13.25
CA ALA F 469 47.02 -22.13 -14.26
C ALA F 469 46.10 -23.34 -14.26
N CYS F 470 44.79 -23.08 -14.24
CA CYS F 470 43.80 -24.15 -14.22
C CYS F 470 43.38 -24.47 -15.65
N ILE F 471 44.28 -25.17 -16.36
CA ILE F 471 44.03 -25.63 -17.72
C ILE F 471 43.82 -27.13 -17.67
N PHE F 472 43.44 -27.70 -18.81
CA PHE F 472 43.22 -29.15 -18.87
C PHE F 472 44.51 -29.90 -18.58
N ALA F 473 45.61 -29.47 -19.17
CA ALA F 473 46.92 -30.05 -18.90
C ALA F 473 47.99 -29.12 -19.47
N ASP F 474 49.21 -29.29 -18.97
CA ASP F 474 50.33 -28.47 -19.39
C ASP F 474 51.14 -29.20 -20.45
N GLY F 475 51.83 -28.44 -21.30
CA GLY F 475 52.58 -29.05 -22.39
C GLY F 475 53.86 -29.74 -21.95
N GLU F 476 54.39 -29.37 -20.79
CA GLU F 476 55.61 -29.98 -20.28
C GLU F 476 55.35 -30.36 -18.82
N PRO F 477 56.05 -31.36 -18.28
CA PRO F 477 55.78 -31.77 -16.90
C PRO F 477 56.04 -30.64 -15.92
N VAL F 478 55.24 -30.57 -14.86
CA VAL F 478 55.32 -29.43 -13.94
C VAL F 478 56.64 -29.35 -13.20
N THR F 479 57.34 -30.47 -13.01
CA THR F 479 58.67 -30.41 -12.42
C THR F 479 59.61 -29.56 -13.27
N LEU F 480 59.66 -29.84 -14.56
CA LEU F 480 60.48 -29.06 -15.49
C LEU F 480 59.97 -27.64 -15.68
N ARG F 481 58.75 -27.35 -15.26
CA ARG F 481 58.21 -26.00 -15.36
C ARG F 481 58.30 -25.23 -14.04
N PHE F 482 57.87 -25.83 -12.93
CA PHE F 482 58.00 -25.16 -11.65
C PHE F 482 59.46 -25.01 -11.25
N ALA F 483 60.30 -25.99 -11.59
CA ALA F 483 61.73 -25.84 -11.33
C ALA F 483 62.30 -24.68 -12.13
N ASP F 484 61.88 -24.52 -13.38
CA ASP F 484 62.33 -23.37 -14.16
C ASP F 484 61.83 -22.06 -13.56
N LYS F 485 60.60 -22.06 -13.06
CA LYS F 485 60.07 -20.87 -12.39
C LYS F 485 60.92 -20.49 -11.19
N ILE F 486 61.17 -21.44 -10.30
CA ILE F 486 61.93 -21.13 -9.09
C ILE F 486 63.37 -20.79 -9.43
N GLY F 487 63.90 -21.36 -10.51
CA GLY F 487 65.21 -20.96 -10.99
C GLY F 487 65.26 -19.54 -11.50
N GLU F 488 64.27 -19.13 -12.27
CA GLU F 488 64.19 -17.74 -12.74
C GLU F 488 63.96 -16.77 -11.60
N ILE F 489 63.30 -17.20 -10.52
CA ILE F 489 63.13 -16.37 -9.33
C ILE F 489 64.37 -16.33 -8.45
N LEU F 490 65.01 -17.48 -8.21
CA LEU F 490 66.18 -17.54 -7.34
C LEU F 490 67.43 -16.89 -7.92
N THR F 491 67.48 -16.70 -9.24
CA THR F 491 68.66 -16.12 -9.88
C THR F 491 68.48 -14.63 -10.16
N ALA F 492 67.42 -14.02 -9.63
CA ALA F 492 67.21 -12.59 -9.74
C ALA F 492 67.91 -11.79 -8.64
N SER F 493 68.10 -12.38 -7.47
CA SER F 493 68.78 -11.72 -6.36
C SER F 493 70.01 -12.53 -5.96
N THR F 494 71.11 -11.83 -5.69
CA THR F 494 72.36 -12.47 -5.28
C THR F 494 72.36 -12.85 -3.80
N ASP F 495 71.60 -12.15 -2.97
CA ASP F 495 71.68 -12.28 -1.52
C ASP F 495 70.66 -13.27 -0.96
N ILE F 496 70.30 -14.30 -1.72
CA ILE F 496 69.36 -15.30 -1.24
C ILE F 496 70.06 -16.23 -0.25
N LYS F 497 69.40 -16.46 0.88
CA LYS F 497 69.93 -17.34 1.92
C LYS F 497 68.80 -18.23 2.43
N THR F 498 68.99 -19.54 2.29
CA THR F 498 68.03 -20.56 2.71
C THR F 498 66.64 -20.23 2.17
N PRO F 499 66.42 -20.36 0.87
CA PRO F 499 65.14 -19.96 0.28
C PRO F 499 64.03 -20.89 0.72
N PRO F 500 62.79 -20.41 0.77
CA PRO F 500 61.66 -21.29 1.11
C PRO F 500 61.48 -22.39 0.06
N LEU F 501 61.07 -23.57 0.52
CA LEU F 501 60.85 -24.71 -0.35
C LEU F 501 59.38 -24.84 -0.75
N ALA F 502 58.54 -23.89 -0.39
CA ALA F 502 57.13 -23.91 -0.74
C ALA F 502 56.90 -23.12 -2.03
N PHE F 503 55.99 -23.62 -2.86
CA PHE F 503 55.77 -23.00 -4.16
C PHE F 503 54.88 -21.75 -4.06
N LYS F 504 54.29 -21.51 -2.89
CA LYS F 504 53.38 -20.38 -2.73
C LYS F 504 54.10 -19.07 -2.95
N TYR F 505 55.39 -19.03 -2.61
CA TYR F 505 56.18 -17.80 -2.65
C TYR F 505 56.89 -17.61 -3.98
N TYR F 506 56.67 -18.50 -4.93
CA TYR F 506 57.44 -18.52 -6.18
C TYR F 506 56.58 -18.31 -7.41
N ILE F 507 55.44 -18.98 -7.52
CA ILE F 507 54.62 -18.91 -8.72
C ILE F 507 53.65 -17.73 -8.65
N MET G 1 -3.73 -19.83 19.04
CA MET G 1 -3.49 -18.64 19.83
C MET G 1 -2.29 -17.86 19.30
N ARG G 2 -2.30 -16.55 19.54
CA ARG G 2 -1.28 -15.66 18.98
C ARG G 2 -0.09 -15.57 19.92
N ASN G 3 1.07 -16.04 19.46
CA ASN G 3 2.29 -15.98 20.26
C ASN G 3 3.49 -15.63 19.38
N LYS G 4 3.30 -14.66 18.48
CA LYS G 4 4.37 -14.27 17.57
C LYS G 4 4.53 -12.75 17.58
N ILE G 5 5.76 -12.30 17.37
CA ILE G 5 6.10 -10.89 17.30
C ILE G 5 6.60 -10.60 15.90
N PHE G 6 5.88 -9.76 15.17
CA PHE G 6 6.20 -9.43 13.79
C PHE G 6 7.11 -8.21 13.78
N ILE G 7 8.35 -8.39 13.33
CA ILE G 7 9.26 -7.26 13.19
C ILE G 7 9.23 -6.76 11.75
N SER G 8 8.32 -5.85 11.45
CA SER G 8 8.32 -5.20 10.15
C SER G 8 9.54 -4.31 10.02
N HIS G 9 10.09 -4.24 8.81
CA HIS G 9 11.32 -3.47 8.59
C HIS G 9 11.52 -3.29 7.10
N ALA G 10 12.50 -2.44 6.77
CA ALA G 10 12.94 -2.29 5.38
C ALA G 10 13.90 -3.41 5.05
N THR G 11 13.43 -4.41 4.31
CA THR G 11 14.26 -5.58 4.01
C THR G 11 15.54 -5.25 3.26
N PRO G 12 15.54 -4.43 2.20
CA PRO G 12 16.81 -4.20 1.48
C PRO G 12 17.90 -3.57 2.33
N ASP G 13 17.54 -2.83 3.38
CA ASP G 13 18.51 -2.03 4.12
C ASP G 13 18.63 -2.44 5.58
N ASP G 14 17.52 -2.64 6.29
CA ASP G 14 17.51 -2.83 7.74
C ASP G 14 17.76 -4.27 8.17
N ASN G 15 18.39 -5.11 7.36
CA ASN G 15 18.52 -6.53 7.69
C ASN G 15 19.30 -6.76 8.98
N ASP G 16 20.38 -6.01 9.18
CA ASP G 16 21.30 -6.32 10.28
C ASP G 16 20.62 -6.16 11.64
N PHE G 17 19.99 -4.99 11.88
CA PHE G 17 19.37 -4.74 13.18
C PHE G 17 18.20 -5.70 13.41
N THR G 18 17.41 -5.94 12.37
CA THR G 18 16.28 -6.85 12.50
C THR G 18 16.75 -8.26 12.86
N ARG G 19 17.80 -8.73 12.19
CA ARG G 19 18.34 -10.06 12.49
C ARG G 19 18.85 -10.13 13.91
N TRP G 20 19.59 -9.09 14.34
CA TRP G 20 20.11 -9.07 15.70
C TRP G 20 18.99 -9.11 16.73
N LEU G 21 17.97 -8.27 16.53
CA LEU G 21 16.86 -8.22 17.48
C LEU G 21 16.09 -9.53 17.50
N ALA G 22 15.86 -10.12 16.33
CA ALA G 22 15.13 -11.37 16.25
C ALA G 22 15.89 -12.49 16.96
N LEU G 23 17.20 -12.56 16.74
CA LEU G 23 18.00 -13.58 17.41
C LEU G 23 18.00 -13.37 18.93
N LYS G 24 18.11 -12.11 19.37
CA LYS G 24 18.08 -11.85 20.81
C LYS G 24 16.74 -12.25 21.42
N LEU G 25 15.64 -11.94 20.74
CA LEU G 25 14.33 -12.30 21.27
C LEU G 25 14.13 -13.80 21.27
N ILE G 26 14.57 -14.50 20.22
CA ILE G 26 14.44 -15.95 20.16
C ILE G 26 15.25 -16.60 21.27
N GLY G 27 16.46 -16.11 21.50
CA GLY G 27 17.26 -16.62 22.60
C GLY G 27 16.64 -16.34 23.96
N LEU G 28 15.70 -15.39 24.00
CA LEU G 28 15.01 -15.05 25.23
C LEU G 28 13.71 -15.81 25.43
N GLY G 29 13.35 -16.69 24.49
CA GLY G 29 12.13 -17.47 24.60
C GLY G 29 10.92 -16.86 23.93
N TYR G 30 11.09 -15.80 23.15
CA TYR G 30 9.97 -15.16 22.46
C TYR G 30 9.90 -15.69 21.03
N GLU G 31 8.76 -16.28 20.68
CA GLU G 31 8.56 -16.71 19.30
C GLU G 31 8.37 -15.50 18.40
N VAL G 32 9.20 -15.41 17.36
CA VAL G 32 9.28 -14.22 16.52
C VAL G 32 9.15 -14.62 15.06
N TRP G 33 8.44 -13.78 14.30
CA TRP G 33 8.29 -13.97 12.86
C TRP G 33 8.94 -12.79 12.14
N CYS G 34 9.76 -13.10 11.15
CA CYS G 34 10.40 -12.09 10.33
C CYS G 34 10.76 -12.67 8.98
N ASP G 35 10.66 -11.86 7.92
CA ASP G 35 10.81 -12.38 6.57
C ASP G 35 12.21 -12.90 6.30
N ILE G 36 13.24 -12.23 6.83
CA ILE G 36 14.61 -12.57 6.52
C ILE G 36 15.01 -13.90 7.12
N LEU G 37 14.26 -14.38 8.12
CA LEU G 37 14.70 -15.57 8.83
C LEU G 37 13.59 -16.61 8.92
N PHE G 38 12.34 -16.18 8.87
CA PHE G 38 11.21 -17.09 9.05
C PHE G 38 10.34 -17.27 7.81
N LEU G 39 10.43 -16.36 6.84
CA LEU G 39 9.59 -16.49 5.65
C LEU G 39 10.08 -17.65 4.79
N ASP G 40 9.14 -18.52 4.41
CA ASP G 40 9.43 -19.68 3.59
C ASP G 40 9.59 -19.25 2.13
N LYS G 41 10.47 -19.94 1.42
CA LYS G 41 10.64 -19.69 0.00
C LYS G 41 9.54 -20.35 -0.80
N GLY G 42 9.17 -19.74 -1.91
CA GLY G 42 8.13 -20.30 -2.76
C GLY G 42 6.75 -20.32 -2.14
N VAL G 43 6.34 -19.23 -1.51
CA VAL G 43 5.02 -19.10 -0.91
C VAL G 43 4.40 -17.79 -1.39
N ASP G 44 3.09 -17.67 -1.16
CA ASP G 44 2.39 -16.40 -1.36
C ASP G 44 2.78 -15.49 -0.22
N PHE G 45 3.88 -14.75 -0.39
CA PHE G 45 4.49 -14.06 0.74
C PHE G 45 3.57 -12.98 1.28
N TRP G 46 2.88 -12.24 0.41
CA TRP G 46 1.93 -11.24 0.90
C TRP G 46 0.78 -11.90 1.67
N SER G 47 0.25 -13.00 1.14
CA SER G 47 -0.81 -13.72 1.84
C SER G 47 -0.30 -14.29 3.16
N ASN G 48 0.91 -14.82 3.17
CA ASN G 48 1.48 -15.34 4.41
C ASN G 48 1.65 -14.25 5.46
N ILE G 49 2.15 -13.08 5.05
CA ILE G 49 2.30 -11.97 5.98
C ILE G 49 0.94 -11.53 6.52
N GLU G 50 -0.04 -11.41 5.64
CA GLU G 50 -1.38 -11.01 6.10
C GLU G 50 -1.94 -12.02 7.09
N LYS G 51 -1.80 -13.31 6.79
CA LYS G 51 -2.30 -14.33 7.71
C LYS G 51 -1.59 -14.25 9.06
N VAL G 52 -0.27 -14.11 9.05
CA VAL G 52 0.50 -14.06 10.29
C VAL G 52 0.09 -12.85 11.12
N ILE G 53 -0.07 -11.70 10.46
CA ILE G 53 -0.48 -10.50 11.20
C ILE G 53 -1.89 -10.67 11.76
N ARG G 54 -2.79 -11.26 10.98
CA ARG G 54 -4.19 -11.31 11.40
C ARG G 54 -4.41 -12.31 12.53
N GLU G 55 -3.80 -13.50 12.46
CA GLU G 55 -4.15 -14.54 13.41
C GLU G 55 -3.07 -14.83 14.44
N ASP G 56 -1.79 -14.77 14.05
CA ASP G 56 -0.73 -15.24 14.93
C ASP G 56 0.06 -14.13 15.60
N THR G 57 -0.15 -12.87 15.23
CA THR G 57 0.65 -11.78 15.77
C THR G 57 0.07 -11.33 17.11
N CYS G 58 0.73 -11.70 18.20
CA CYS G 58 0.34 -11.21 19.52
C CYS G 58 0.82 -9.77 19.74
N LYS G 59 1.98 -9.43 19.17
CA LYS G 59 2.55 -8.11 19.29
C LYS G 59 3.28 -7.74 18.01
N PHE G 60 3.21 -6.47 17.64
CA PHE G 60 3.78 -5.98 16.39
C PHE G 60 4.88 -4.98 16.70
N LEU G 61 6.08 -5.24 16.17
CA LEU G 61 7.24 -4.38 16.37
C LEU G 61 7.61 -3.76 15.02
N LEU G 62 7.66 -2.44 14.98
CA LEU G 62 7.98 -1.72 13.75
C LEU G 62 9.33 -1.05 13.89
N VAL G 63 10.24 -1.33 12.96
CA VAL G 63 11.55 -0.69 12.94
C VAL G 63 11.42 0.62 12.17
N SER G 64 11.59 1.74 12.86
CA SER G 64 11.43 3.06 12.27
C SER G 64 12.79 3.60 11.86
N SER G 65 12.91 3.99 10.60
CA SER G 65 14.14 4.56 10.07
C SER G 65 13.80 5.53 8.96
N SER G 66 14.82 6.24 8.48
CA SER G 66 14.63 7.13 7.34
C SER G 66 14.22 6.37 6.08
N TYR G 67 14.48 5.06 6.04
CA TYR G 67 14.02 4.23 4.93
C TYR G 67 12.63 3.68 5.18
N SER G 68 12.40 3.12 6.37
CA SER G 68 11.17 2.40 6.64
C SER G 68 9.96 3.31 6.80
N ASN G 69 10.15 4.62 6.87
CA ASN G 69 9.03 5.52 7.13
C ASN G 69 8.07 5.55 5.95
N GLN G 70 8.58 5.43 4.73
CA GLN G 70 7.76 5.54 3.52
C GLN G 70 7.95 4.36 2.57
N ARG G 71 8.24 3.17 3.10
CA ARG G 71 8.35 1.99 2.25
C ARG G 71 6.99 1.31 2.14
N GLU G 72 6.55 1.07 0.90
CA GLU G 72 5.17 0.67 0.65
C GLU G 72 4.83 -0.64 1.35
N GLY G 73 5.73 -1.62 1.32
CA GLY G 73 5.47 -2.86 2.02
C GLY G 73 5.34 -2.66 3.52
N VAL G 74 6.21 -1.83 4.08
CA VAL G 74 6.14 -1.52 5.50
C VAL G 74 4.83 -0.81 5.83
N LEU G 75 4.40 0.13 4.98
CA LEU G 75 3.15 0.83 5.23
C LEU G 75 1.96 -0.12 5.17
N LYS G 76 1.95 -1.04 4.22
CA LYS G 76 0.86 -2.01 4.13
C LYS G 76 0.83 -2.92 5.35
N GLU G 77 2.00 -3.41 5.79
CA GLU G 77 2.06 -4.19 7.01
C GLU G 77 1.58 -3.39 8.20
N LEU G 78 1.93 -2.11 8.24
CA LEU G 78 1.52 -1.22 9.32
C LEU G 78 0.01 -1.06 9.35
N ALA G 79 -0.60 -0.89 8.18
CA ALA G 79 -2.06 -0.74 8.11
C ALA G 79 -2.77 -2.02 8.54
N VAL G 80 -2.26 -3.17 8.11
CA VAL G 80 -2.85 -4.42 8.55
C VAL G 80 -2.72 -4.57 10.06
N ALA G 81 -1.57 -4.16 10.61
CA ALA G 81 -1.40 -4.18 12.06
C ALA G 81 -2.38 -3.27 12.76
N ALA G 82 -2.65 -2.09 12.19
CA ALA G 82 -3.62 -1.18 12.79
C ALA G 82 -5.02 -1.79 12.77
N LYS G 83 -5.39 -2.45 11.67
CA LYS G 83 -6.68 -3.13 11.61
C LYS G 83 -6.77 -4.23 12.64
N VAL G 84 -5.68 -4.99 12.82
CA VAL G 84 -5.67 -6.02 13.86
C VAL G 84 -5.77 -5.38 15.25
N LYS G 85 -5.17 -4.21 15.43
CA LYS G 85 -5.31 -3.49 16.70
C LYS G 85 -6.77 -3.14 16.96
N LYS G 86 -7.47 -2.65 15.95
CA LYS G 86 -8.88 -2.35 16.10
C LYS G 86 -9.67 -3.61 16.44
N GLN G 87 -9.34 -4.71 15.78
CA GLN G 87 -10.03 -5.97 16.06
C GLN G 87 -9.81 -6.43 17.50
N LEU G 88 -8.57 -6.34 17.99
CA LEU G 88 -8.24 -6.93 19.29
C LEU G 88 -8.55 -5.97 20.44
N LYS G 89 -8.82 -4.70 20.14
CA LYS G 89 -9.07 -3.68 21.15
C LYS G 89 -7.93 -3.62 22.17
N ASP G 90 -6.73 -3.48 21.63
CA ASP G 90 -5.52 -3.44 22.45
C ASP G 90 -4.70 -2.24 21.99
N ASP G 91 -4.82 -1.12 22.71
CA ASP G 91 -4.14 0.11 22.32
C ASP G 91 -2.62 -0.03 22.32
N LYS G 92 -2.08 -1.02 23.00
CA LYS G 92 -0.65 -1.24 23.09
C LYS G 92 -0.20 -2.43 22.24
N PHE G 93 -0.95 -2.75 21.18
CA PHE G 93 -0.62 -3.87 20.31
C PHE G 93 0.68 -3.62 19.55
N ILE G 94 0.89 -2.38 19.11
CA ILE G 94 1.97 -2.06 18.18
C ILE G 94 2.95 -1.11 18.88
N ILE G 95 4.23 -1.45 18.81
CA ILE G 95 5.29 -0.65 19.43
C ILE G 95 6.33 -0.28 18.38
N PRO G 96 6.38 0.97 17.94
CA PRO G 96 7.43 1.37 16.98
C PRO G 96 8.80 1.41 17.64
N LEU G 97 9.83 1.15 16.83
CA LEU G 97 11.22 1.19 17.26
C LEU G 97 11.99 2.18 16.40
N ALA G 98 12.54 3.22 17.02
CA ALA G 98 13.27 4.25 16.33
C ALA G 98 14.76 3.99 16.47
N ILE G 99 15.44 3.75 15.35
CA ILE G 99 16.86 3.44 15.33
C ILE G 99 17.67 4.49 14.58
N ASP G 100 17.02 5.35 13.81
CA ASP G 100 17.70 6.29 12.93
C ASP G 100 17.76 7.65 13.62
N GLU G 101 18.98 8.18 13.78
CA GLU G 101 19.13 9.47 14.45
C GLU G 101 18.67 10.63 13.58
N GLN G 102 18.74 10.47 12.26
CA GLN G 102 18.27 11.51 11.35
C GLN G 102 16.78 11.44 11.09
N LEU G 103 16.07 10.48 11.68
CA LEU G 103 14.61 10.43 11.62
C LEU G 103 14.06 11.13 12.86
N SER G 104 13.88 12.45 12.75
CA SER G 104 13.35 13.22 13.86
C SER G 104 11.91 12.83 14.16
N TYR G 105 11.52 12.99 15.42
CA TYR G 105 10.13 12.69 15.81
C TYR G 105 9.15 13.60 15.11
N ASP G 106 9.60 14.73 14.56
CA ASP G 106 8.73 15.60 13.78
C ASP G 106 8.27 14.92 12.50
N ASP G 107 9.17 14.21 11.83
CA ASP G 107 8.89 13.63 10.52
C ASP G 107 8.60 12.13 10.57
N ILE G 108 8.39 11.57 11.76
CA ILE G 108 8.13 10.14 11.87
C ILE G 108 6.71 9.86 11.39
N ASN G 109 6.44 8.58 11.07
CA ASN G 109 5.21 8.21 10.39
C ASN G 109 3.97 8.40 11.27
N ILE G 110 2.82 8.61 10.61
CA ILE G 110 1.59 8.95 11.31
C ILE G 110 1.14 7.85 12.27
N ASP G 111 1.02 6.63 11.75
CA ASP G 111 0.48 5.53 12.55
C ASP G 111 1.32 5.32 13.79
N ILE G 112 2.53 5.88 13.79
CA ILE G 112 3.36 5.88 14.98
C ILE G 112 3.70 7.28 15.49
N VAL G 113 3.22 8.36 14.85
CA VAL G 113 3.23 9.63 15.59
C VAL G 113 2.22 9.55 16.71
N ARG G 114 1.11 8.86 16.48
CA ARG G 114 0.13 8.72 17.55
C ARG G 114 0.69 7.90 18.70
N LEU G 115 1.63 7.00 18.41
CA LEU G 115 2.15 6.09 19.43
C LEU G 115 3.47 6.60 20.01
N ASN G 116 3.81 6.09 21.19
CA ASN G 116 5.12 6.32 21.76
C ASN G 116 6.09 5.23 21.29
N ALA G 117 7.32 5.63 21.01
CA ALA G 117 8.31 4.74 20.44
C ALA G 117 9.41 4.46 21.46
N ILE G 118 10.00 3.27 21.35
CA ILE G 118 11.10 2.86 22.21
C ILE G 118 12.40 3.27 21.54
N ASP G 119 13.23 4.01 22.27
CA ASP G 119 14.43 4.61 21.70
C ASP G 119 15.52 3.58 21.49
N PHE G 120 16.08 3.56 20.29
CA PHE G 120 17.24 2.74 19.97
C PHE G 120 18.38 3.57 19.40
N LYS G 121 18.19 4.88 19.23
CA LYS G 121 19.17 5.71 18.54
C LYS G 121 20.48 5.77 19.32
N MET G 122 20.41 5.90 20.64
CA MET G 122 21.64 6.05 21.43
C MET G 122 22.28 4.69 21.71
N SER G 123 21.47 3.67 21.96
CA SER G 123 21.99 2.33 22.27
C SER G 123 20.99 1.29 21.83
N TRP G 124 21.51 0.15 21.35
CA TRP G 124 20.66 -0.98 21.01
C TRP G 124 20.40 -1.89 22.19
N ALA G 125 21.08 -1.69 23.31
CA ALA G 125 20.85 -2.46 24.53
C ALA G 125 19.80 -1.85 25.43
N ARG G 126 19.82 -0.52 25.59
CA ARG G 126 18.79 0.14 26.38
C ARG G 126 17.42 0.00 25.72
N GLY G 127 17.39 0.05 24.39
CA GLY G 127 16.13 -0.18 23.69
C GLY G 127 15.59 -1.57 23.92
N LEU G 128 16.47 -2.57 23.89
CA LEU G 128 16.05 -3.94 24.17
C LEU G 128 15.58 -4.07 25.62
N LYS G 129 16.24 -3.37 26.53
CA LYS G 129 15.80 -3.35 27.93
C LYS G 129 14.39 -2.79 28.05
N ASP G 130 14.12 -1.68 27.36
CA ASP G 130 12.78 -1.09 27.39
C ASP G 130 11.76 -2.04 26.77
N ILE G 131 12.14 -2.72 25.68
CA ILE G 131 11.25 -3.68 25.04
C ILE G 131 10.89 -4.79 26.01
N LEU G 132 11.89 -5.33 26.71
CA LEU G 132 11.65 -6.39 27.68
C LEU G 132 10.76 -5.90 28.82
N GLU G 133 11.03 -4.68 29.31
CA GLU G 133 10.21 -4.13 30.39
C GLU G 133 8.75 -4.02 29.97
N ALA G 134 8.50 -3.46 28.78
CA ALA G 134 7.14 -3.40 28.27
C ALA G 134 6.55 -4.80 28.15
N PHE G 135 7.35 -5.76 27.68
CA PHE G 135 6.87 -7.12 27.49
C PHE G 135 6.44 -7.80 28.78
N GLU G 136 7.18 -7.63 29.88
CA GLU G 136 6.64 -8.21 31.11
C GLU G 136 5.47 -7.38 31.61
N LYS G 137 5.46 -6.07 31.33
CA LYS G 137 4.32 -5.26 31.70
C LYS G 137 3.09 -5.63 30.89
N GLN G 138 3.27 -5.93 29.60
CA GLN G 138 2.17 -6.26 28.72
C GLN G 138 1.74 -7.72 28.81
N LYS G 139 2.54 -8.55 29.50
CA LYS G 139 2.23 -9.98 29.69
C LYS G 139 2.14 -10.72 28.35
N VAL G 140 3.18 -10.60 27.55
CA VAL G 140 3.25 -11.35 26.29
C VAL G 140 3.65 -12.78 26.58
N PRO G 141 3.20 -13.75 25.79
CA PRO G 141 3.64 -15.14 26.00
C PRO G 141 5.12 -15.30 25.66
N LYS G 142 5.79 -16.17 26.41
CA LYS G 142 7.19 -16.49 26.18
C LYS G 142 7.45 -17.92 26.63
N GLU G 143 7.76 -18.80 25.69
CA GLU G 143 8.07 -20.19 26.02
C GLU G 143 9.48 -20.26 26.56
N VAL G 144 9.60 -20.57 27.85
CA VAL G 144 10.88 -20.39 28.55
C VAL G 144 11.93 -21.37 28.02
N ALA G 145 11.51 -22.57 27.65
CA ALA G 145 12.40 -23.62 27.15
C ALA G 145 13.53 -23.94 28.12
N ASP G 146 14.77 -23.90 27.62
CA ASP G 146 15.96 -24.25 28.39
C ASP G 146 16.06 -23.51 29.72
N ALA G 147 15.67 -22.23 29.73
CA ALA G 147 15.51 -21.44 30.95
C ALA G 147 16.85 -21.13 31.63
N SER G 148 17.95 -21.58 31.05
CA SER G 148 19.27 -21.17 31.55
C SER G 148 19.86 -20.09 30.66
N LYS G 149 19.94 -20.37 29.35
CA LYS G 149 20.39 -19.37 28.40
C LYS G 149 19.51 -18.13 28.44
N SER G 150 18.18 -18.35 28.44
CA SER G 150 17.25 -17.23 28.47
C SER G 150 17.37 -16.45 29.76
N ASN G 151 17.47 -17.14 30.89
CA ASN G 151 17.58 -16.45 32.18
C ASN G 151 18.85 -15.61 32.24
N LEU G 152 19.98 -16.19 31.81
CA LEU G 152 21.23 -15.47 31.87
C LEU G 152 21.24 -14.28 30.92
N LEU G 153 20.65 -14.44 29.72
CA LEU G 153 20.55 -13.29 28.82
C LEU G 153 19.66 -12.20 29.40
N TYR G 154 18.51 -12.58 29.97
CA TYR G 154 17.61 -11.60 30.59
C TYR G 154 18.33 -10.83 31.70
N GLN G 155 19.12 -11.55 32.49
CA GLN G 155 19.98 -10.88 33.47
C GLN G 155 20.99 -9.97 32.79
N GLN G 156 21.52 -10.41 31.64
CA GLN G 156 22.59 -9.68 30.98
C GLN G 156 22.15 -8.33 30.47
N ILE G 157 21.05 -8.26 29.71
CA ILE G 157 20.57 -6.97 29.25
C ILE G 157 20.11 -6.12 30.43
N PHE G 158 19.35 -6.71 31.34
CA PHE G 158 18.80 -5.96 32.47
C PHE G 158 19.55 -6.28 33.76
N LEU G 159 24.09 -5.29 33.51
CA LEU G 159 24.59 -4.25 32.64
C LEU G 159 23.96 -2.90 33.01
N HIS G 160 22.72 -2.94 33.48
CA HIS G 160 21.99 -1.72 33.78
C HIS G 160 21.50 -1.69 35.22
N ASP G 161 21.38 -2.86 35.85
CA ASP G 161 20.99 -2.96 37.24
C ASP G 161 22.10 -2.48 38.17
N LYS G 162 23.29 -2.23 37.63
CA LYS G 162 24.49 -1.97 38.41
C LYS G 162 25.21 -0.78 37.81
N SER G 163 24.92 0.41 38.34
CA SER G 163 25.57 1.64 37.94
C SER G 163 25.90 2.45 39.17
N VAL G 164 26.82 3.40 39.01
CA VAL G 164 27.25 4.22 40.13
C VAL G 164 26.21 5.30 40.40
N ILE G 165 25.74 5.37 41.65
CA ILE G 165 24.65 6.26 42.04
C ILE G 165 25.25 7.46 42.76
N GLU G 166 24.49 8.55 42.81
CA GLU G 166 24.94 9.78 43.44
C GLU G 166 24.60 9.79 44.92
N LYS G 167 25.57 9.53 45.78
CA LYS G 167 25.35 9.49 47.22
C LYS G 167 26.69 9.73 47.91
N GLU G 168 26.71 10.68 48.85
CA GLU G 168 27.95 11.01 49.55
C GLU G 168 28.40 9.83 50.42
N GLU G 169 29.71 9.63 50.49
CA GLU G 169 30.29 8.52 51.23
C GLU G 169 31.56 8.99 51.93
N ILE G 170 31.74 8.55 53.17
CA ILE G 170 32.93 8.88 53.94
C ILE G 170 33.89 7.69 53.89
N TYR G 171 35.20 7.99 53.81
CA TYR G 171 36.22 6.96 53.71
C TYR G 171 37.30 7.21 54.75
N ASP G 172 37.98 6.14 55.16
CA ASP G 172 39.07 6.21 56.12
C ASP G 172 40.35 5.77 55.44
N SER G 173 41.35 6.64 55.45
CA SER G 173 42.60 6.39 54.74
C SER G 173 43.64 5.81 55.68
N ASN G 174 44.88 5.70 55.20
CA ASN G 174 46.00 5.23 55.99
C ASN G 174 46.85 6.37 56.54
N TRP G 175 46.45 7.63 56.28
CA TRP G 175 47.25 8.79 56.60
C TRP G 175 46.84 9.29 57.98
N LEU G 176 47.79 9.39 58.90
CA LEU G 176 47.56 10.04 60.19
C LEU G 176 48.14 11.45 60.07
N SER G 177 47.25 12.44 60.20
CA SER G 177 47.64 13.83 59.99
C SER G 177 48.56 14.32 61.09
N ILE G 178 49.55 15.13 60.70
CA ILE G 178 50.44 15.76 61.67
C ILE G 178 49.78 17.04 62.17
N LEU G 179 49.38 17.05 63.44
CA LEU G 179 48.67 18.19 63.98
C LEU G 179 49.57 19.40 64.22
N SER G 180 50.80 19.18 64.68
CA SER G 180 51.69 20.30 64.98
C SER G 180 53.13 19.82 64.97
N PHE G 181 54.04 20.78 64.91
CA PHE G 181 55.47 20.56 64.95
C PHE G 181 56.08 21.37 66.10
N PRO G 182 57.31 21.04 66.52
CA PRO G 182 58.03 21.94 67.43
C PRO G 182 58.25 23.29 66.77
N GLU G 183 58.32 24.32 67.61
CA GLU G 183 58.34 25.69 67.11
C GLU G 183 59.50 25.94 66.14
N GLU G 184 60.67 25.36 66.41
CA GLU G 184 61.86 25.69 65.64
C GLU G 184 62.71 24.45 65.41
N LEU G 185 63.33 24.38 64.24
CA LEU G 185 64.31 23.35 63.90
C LEU G 185 65.70 23.91 64.19
N ARG G 186 66.52 23.11 64.88
CA ARG G 186 67.77 23.61 65.43
C ARG G 186 68.97 22.94 64.77
N PHE G 187 69.91 23.76 64.33
CA PHE G 187 71.21 23.35 63.79
C PHE G 187 72.29 23.76 64.79
N HIS G 188 72.71 22.82 65.61
CA HIS G 188 73.74 23.10 66.62
C HIS G 188 75.12 22.81 66.07
N GLU G 189 76.04 23.75 66.26
CA GLU G 189 77.41 23.64 65.73
C GLU G 189 78.32 22.93 66.74
N TYR G 190 78.15 21.61 66.82
CA TYR G 190 78.93 20.83 67.77
C TYR G 190 80.39 20.72 67.35
N ASN G 191 80.65 20.39 66.09
CA ASN G 191 82.00 20.19 65.57
C ASN G 191 82.81 19.22 66.40
N TRP G 192 83.94 19.69 66.94
CA TRP G 192 84.81 18.82 67.72
C TRP G 192 84.16 18.32 69.00
N MET G 193 83.04 18.93 69.42
CA MET G 193 82.34 18.46 70.60
C MET G 193 81.86 17.03 70.45
N LEU G 194 81.33 16.69 69.27
CA LEU G 194 80.90 15.32 68.98
C LEU G 194 81.95 14.63 68.14
N PRO G 195 82.54 13.53 68.60
CA PRO G 195 83.50 12.80 67.76
C PRO G 195 82.87 12.35 66.46
N LYS G 196 83.66 12.41 65.38
CA LYS G 196 83.15 12.08 64.05
C LYS G 196 82.66 10.65 63.99
N ARG G 197 83.41 9.72 64.56
CA ARG G 197 83.08 8.29 64.50
C ARG G 197 82.16 7.92 65.66
N PHE G 198 80.96 8.50 65.62
CA PHE G 198 79.90 8.18 66.56
C PHE G 198 78.60 7.99 65.81
N ASP G 199 77.77 7.07 66.31
CA ASP G 199 76.52 6.70 65.65
C ASP G 199 75.38 7.55 66.21
N VAL G 200 74.67 8.24 65.31
CA VAL G 200 73.56 9.08 65.73
C VAL G 200 72.31 8.29 66.06
N ARG G 201 72.23 7.03 65.63
CA ARG G 201 71.06 6.22 65.94
C ARG G 201 71.03 5.77 67.40
N GLU G 202 72.17 5.75 68.09
CA GLU G 202 72.20 5.42 69.50
C GLU G 202 71.86 6.60 70.39
N LEU G 203 71.80 7.81 69.83
CA LEU G 203 71.37 8.99 70.58
C LEU G 203 69.92 8.82 71.01
N THR G 204 69.61 9.32 72.21
CA THR G 204 68.29 9.13 72.80
C THR G 204 67.19 9.72 71.92
N PHE G 205 67.19 11.04 71.74
CA PHE G 205 66.24 11.67 70.84
C PHE G 205 66.77 11.67 69.41
N PRO G 206 65.90 11.78 68.42
CA PRO G 206 66.36 11.80 67.02
C PRO G 206 67.28 12.98 66.75
N ALA G 207 68.29 12.74 65.92
CA ALA G 207 69.27 13.75 65.55
C ALA G 207 69.99 13.33 64.27
N VAL G 208 70.21 14.27 63.35
CA VAL G 208 70.83 13.96 62.07
C VAL G 208 72.05 14.85 61.89
N ARG G 209 73.10 14.32 61.28
CA ARG G 209 74.29 15.11 60.99
C ARG G 209 74.18 15.71 59.59
N TYR G 210 74.42 17.01 59.48
CA TYR G 210 74.44 17.70 58.20
C TYR G 210 75.61 18.68 58.21
N LYS G 211 76.55 18.49 57.29
CA LYS G 211 77.83 19.20 57.33
C LYS G 211 78.50 18.93 58.67
N ASN G 212 78.70 19.98 59.48
CA ASN G 212 79.17 19.82 60.85
C ASN G 212 78.16 20.30 61.87
N TYR G 213 76.89 20.42 61.49
CA TYR G 213 75.80 20.81 62.37
C TYR G 213 74.92 19.61 62.67
N LEU G 214 74.56 19.46 63.94
CA LEU G 214 73.51 18.50 64.30
C LEU G 214 72.14 19.15 64.13
N CYS G 215 71.34 18.61 63.24
CA CYS G 215 69.96 19.06 63.04
C CYS G 215 69.06 18.23 63.94
N THR G 216 68.27 18.92 64.76
CA THR G 216 67.45 18.28 65.77
C THR G 216 66.35 19.26 66.19
N PHE G 217 65.22 18.70 66.60
CA PHE G 217 64.11 19.45 67.16
C PHE G 217 64.21 19.58 68.68
N ALA G 218 65.25 19.05 69.29
CA ALA G 218 65.39 19.04 70.73
C ALA G 218 66.26 20.20 71.21
N TRP G 219 66.27 20.41 72.52
CA TRP G 219 67.08 21.45 73.15
C TRP G 219 68.54 21.03 73.19
N ALA G 220 69.42 22.04 73.27
CA ALA G 220 70.84 21.84 72.99
C ALA G 220 71.49 20.85 73.95
N TYR G 221 71.19 20.97 75.24
CA TYR G 221 71.85 20.17 76.27
C TYR G 221 71.07 18.91 76.61
N ASP G 222 70.15 18.48 75.75
CA ASP G 222 69.40 17.26 76.02
C ASP G 222 70.26 16.01 75.86
N PHE G 223 71.43 16.12 75.24
CA PHE G 223 72.25 14.97 74.89
C PHE G 223 73.54 14.92 75.70
N THR G 224 73.50 15.44 76.93
CA THR G 224 74.69 15.49 77.76
C THR G 224 75.17 14.08 78.11
N TYR G 225 74.23 13.17 78.38
CA TYR G 225 74.61 11.81 78.77
C TYR G 225 75.37 11.12 77.65
N HIS G 226 74.84 11.14 76.44
CA HIS G 226 75.48 10.43 75.33
C HIS G 226 76.69 11.20 74.82
N LEU G 227 76.70 12.52 75.00
CA LEU G 227 77.82 13.38 74.62
C LEU G 227 78.27 14.17 75.84
N PRO G 228 79.17 13.62 76.66
CA PRO G 228 79.57 14.33 77.88
C PRO G 228 80.41 15.57 77.64
N LYS G 229 80.55 16.02 76.38
CA LYS G 229 81.33 17.21 76.09
C LYS G 229 80.48 18.46 75.95
N THR G 230 79.16 18.33 76.18
CA THR G 230 78.22 19.39 75.86
C THR G 230 78.09 20.45 76.94
N GLU G 231 78.77 20.31 78.08
CA GLU G 231 78.57 21.26 79.16
C GLU G 231 79.12 22.64 78.84
N THR G 232 79.96 22.77 77.81
CA THR G 232 80.61 24.03 77.47
C THR G 232 80.15 24.53 76.11
N TYR G 233 78.92 24.22 75.73
CA TYR G 233 78.40 24.66 74.45
C TYR G 233 77.71 26.03 74.60
N HIS G 234 77.73 26.79 73.51
CA HIS G 234 77.15 28.13 73.46
C HIS G 234 75.87 28.09 72.64
N LYS G 235 74.75 28.46 73.26
CA LYS G 235 73.45 28.43 72.61
C LYS G 235 73.33 29.42 71.46
N SER G 236 74.23 30.39 71.36
CA SER G 236 74.16 31.40 70.31
C SER G 236 74.70 30.91 68.97
N LYS G 237 75.31 29.73 68.94
CA LYS G 237 75.85 29.16 67.71
C LYS G 237 74.81 28.40 66.90
N THR G 238 73.62 28.21 67.45
CA THR G 238 72.57 27.47 66.74
C THR G 238 71.98 28.33 65.63
N ILE G 239 71.43 27.67 64.61
CA ILE G 239 70.89 28.33 63.43
C ILE G 239 69.39 28.07 63.43
N ARG G 240 68.79 28.09 64.61
CA ARG G 240 67.37 27.79 64.83
C ARG G 240 66.50 28.29 63.68
N ILE G 241 65.67 27.40 63.14
CA ILE G 241 64.84 27.72 61.99
C ILE G 241 63.37 27.62 62.35
N PRO G 242 62.57 28.64 62.05
CA PRO G 242 61.12 28.54 62.24
C PRO G 242 60.45 27.65 61.19
N THR G 243 60.37 26.35 61.49
CA THR G 243 59.97 25.29 60.57
C THR G 243 58.76 25.61 59.68
N GLU G 244 57.87 26.51 60.14
CA GLU G 244 56.69 26.82 59.34
C GLU G 244 57.08 27.35 57.96
N GLU G 245 58.21 28.04 57.86
CA GLU G 245 58.67 28.50 56.54
C GLU G 245 59.23 27.33 55.73
N ILE G 246 59.80 26.32 56.40
CA ILE G 246 60.23 25.12 55.69
C ILE G 246 59.04 24.41 55.07
N LEU G 247 57.97 24.24 55.86
CA LEU G 247 56.77 23.60 55.33
C LEU G 247 56.13 24.44 54.24
N SER G 248 56.06 25.77 54.44
CA SER G 248 55.55 26.65 53.40
C SER G 248 56.45 26.63 52.17
N GLY G 249 57.76 26.66 52.38
CA GLY G 249 58.70 26.65 51.27
C GLY G 249 59.44 27.96 51.10
N SER G 250 59.21 28.89 52.03
CA SER G 250 59.84 30.21 51.93
C SER G 250 61.35 30.12 52.07
N TYR G 251 61.83 29.28 52.99
CA TYR G 251 63.26 29.24 53.29
C TYR G 251 64.03 28.49 52.22
N ASP G 252 65.04 29.14 51.65
CA ASP G 252 65.98 28.51 50.74
C ASP G 252 67.19 29.42 50.60
N SER G 253 68.38 28.88 50.88
CA SER G 253 69.60 29.67 50.82
C SER G 253 70.82 28.77 50.71
N ASN G 254 72.01 29.37 50.86
CA ASN G 254 73.26 28.60 50.74
C ASN G 254 73.37 27.55 51.84
N PHE G 255 72.96 27.88 53.06
CA PHE G 255 73.12 26.95 54.17
C PHE G 255 72.38 25.65 53.92
N ILE G 256 71.13 25.72 53.49
CA ILE G 256 70.32 24.53 53.26
C ILE G 256 69.28 24.87 52.19
N ARG G 257 68.93 23.86 51.40
CA ARG G 257 67.94 24.01 50.33
C ARG G 257 66.58 23.52 50.80
N ASN G 258 65.55 24.03 50.14
CA ASN G 258 64.18 23.67 50.51
C ASN G 258 63.94 22.17 50.36
N ALA G 259 64.41 21.57 49.27
CA ALA G 259 64.18 20.15 49.04
C ALA G 259 64.84 19.31 50.12
N GLU G 260 66.07 19.67 50.51
CA GLU G 260 66.81 18.90 51.50
C GLU G 260 66.43 19.28 52.93
N CYS G 261 65.79 20.43 53.13
CA CYS G 261 65.35 20.84 54.46
C CYS G 261 64.05 20.17 54.86
N LYS G 262 63.33 19.56 53.90
CA LYS G 262 62.16 18.77 54.21
C LYS G 262 62.44 17.27 54.26
N ARG G 263 63.48 16.80 53.58
CA ARG G 263 63.92 15.42 53.76
C ARG G 263 64.68 15.22 55.07
N LEU G 264 65.32 16.27 55.60
CA LEU G 264 66.08 16.18 56.83
C LEU G 264 65.18 16.09 58.05
N ILE G 265 63.98 16.66 58.00
CA ILE G 265 63.02 16.54 59.09
C ILE G 265 62.23 15.25 58.99
N VAL G 266 62.17 14.64 57.81
CA VAL G 266 61.50 13.36 57.63
C VAL G 266 62.28 12.22 58.28
N GLN G 267 63.61 12.22 58.19
CA GLN G 267 64.41 11.26 58.93
C GLN G 267 64.19 11.39 60.43
N LEU G 268 64.06 12.63 60.93
CA LEU G 268 63.81 12.83 62.35
C LEU G 268 62.50 12.18 62.78
N LEU G 269 61.43 12.39 62.01
CA LEU G 269 60.15 11.79 62.36
C LEU G 269 60.18 10.28 62.23
N ASN G 270 60.88 9.74 61.23
CA ASN G 270 61.01 8.30 61.11
C ASN G 270 61.74 7.70 62.29
N LYS G 271 62.85 8.33 62.70
CA LYS G 271 63.60 7.84 63.85
C LYS G 271 62.79 7.97 65.13
N ALA G 272 62.03 9.06 65.27
CA ALA G 272 61.16 9.23 66.43
C ALA G 272 60.06 8.18 66.45
N PHE G 273 59.52 7.85 65.28
CA PHE G 273 58.54 6.76 65.20
C PHE G 273 59.14 5.46 65.65
N GLU G 274 60.37 5.15 65.21
CA GLU G 274 61.05 3.94 65.65
C GLU G 274 61.26 3.94 67.16
N LEU G 275 61.69 5.08 67.71
CA LEU G 275 61.94 5.18 69.14
C LEU G 275 60.65 5.06 69.93
N ARG G 276 59.55 5.60 69.41
CA ARG G 276 58.26 5.46 70.07
C ARG G 276 57.80 4.01 70.05
N MET G 277 58.02 3.32 68.92
CA MET G 277 57.76 1.88 68.86
C MET G 277 58.54 1.14 69.93
N LYS G 278 59.82 1.47 70.09
CA LYS G 278 60.61 0.85 71.15
C LYS G 278 60.05 1.20 72.52
N ASP G 279 59.59 2.43 72.70
CA ASP G 279 59.02 2.84 73.98
C ASP G 279 57.74 2.06 74.29
N LYS G 280 56.91 1.84 73.27
CA LYS G 280 55.70 1.04 73.45
C LYS G 280 55.99 -0.45 73.53
N GLU G 281 57.26 -0.83 73.64
CA GLU G 281 57.70 -2.22 73.84
C GLU G 281 57.01 -3.19 72.87
N VAL G 282 56.82 -2.73 71.64
CA VAL G 282 56.29 -3.56 70.57
C VAL G 282 57.46 -4.15 69.80
N GLN G 283 57.34 -5.43 69.45
CA GLN G 283 58.45 -6.12 68.80
C GLN G 283 58.50 -5.71 67.34
N GLU G 284 59.65 -5.90 66.69
CA GLU G 284 59.82 -5.45 65.32
C GLU G 284 60.24 -6.61 64.42
N TYR G 285 59.77 -6.57 63.18
CA TYR G 285 60.11 -7.52 62.14
C TYR G 285 60.85 -6.75 61.06
N GLU G 286 62.03 -7.23 60.69
CA GLU G 286 62.88 -6.57 59.71
C GLU G 286 62.62 -7.16 58.32
N MET G 287 61.88 -6.41 57.49
CA MET G 287 61.66 -6.83 56.11
C MET G 287 62.80 -6.26 55.27
N SER G 288 62.73 -6.41 53.95
CA SER G 288 63.87 -6.09 53.09
C SER G 288 64.32 -4.65 53.24
N ASN G 289 63.37 -3.71 53.26
CA ASN G 289 63.71 -2.30 53.38
C ASN G 289 63.17 -1.68 54.68
N LYS G 290 61.90 -1.87 55.00
CA LYS G 290 61.37 -1.24 56.20
C LYS G 290 61.24 -2.23 57.35
N THR G 291 60.91 -1.69 58.51
CA THR G 291 60.70 -2.47 59.73
C THR G 291 59.27 -2.26 60.20
N ALA G 292 58.56 -3.35 60.46
CA ALA G 292 57.16 -3.28 60.88
C ALA G 292 56.99 -3.83 62.28
N TYR G 293 56.19 -3.13 63.09
CA TYR G 293 56.11 -3.39 64.52
C TYR G 293 54.82 -4.12 64.86
N TRP G 294 54.96 -5.25 65.55
CA TRP G 294 53.86 -6.13 65.91
C TRP G 294 53.84 -6.35 67.42
N LEU G 295 52.75 -6.98 67.87
CA LEU G 295 52.46 -7.18 69.27
C LEU G 295 52.73 -8.62 69.69
N GLU G 296 53.38 -8.79 70.83
CA GLU G 296 53.64 -10.11 71.39
C GLU G 296 52.34 -10.73 71.89
N LYS G 297 52.37 -12.06 72.02
CA LYS G 297 51.25 -12.80 72.59
C LYS G 297 51.33 -12.75 74.11
N GLY G 298 50.23 -12.36 74.75
CA GLY G 298 50.20 -12.14 76.17
C GLY G 298 50.43 -10.70 76.58
N LYS G 299 51.00 -9.89 75.69
CA LYS G 299 51.15 -8.46 75.97
C LYS G 299 49.79 -7.78 76.05
N LEU G 300 48.85 -8.19 75.22
CA LEU G 300 47.48 -7.68 75.27
C LEU G 300 46.62 -8.56 76.16
N GLU G 301 45.57 -7.97 76.71
CA GLU G 301 44.60 -8.73 77.47
C GLU G 301 43.66 -9.47 76.52
N LYS G 302 43.76 -10.80 76.53
CA LYS G 302 43.01 -11.69 75.64
C LYS G 302 43.30 -11.45 74.17
N ASP G 303 44.38 -10.72 73.85
CA ASP G 303 44.77 -10.42 72.47
C ASP G 303 43.67 -9.70 71.69
N LYS G 304 42.88 -8.88 72.39
CA LYS G 304 41.79 -8.14 71.76
C LYS G 304 41.76 -6.74 72.37
N PHE G 305 42.21 -5.74 71.62
CA PHE G 305 42.11 -4.37 72.09
C PHE G 305 40.94 -3.67 71.42
N GLU G 306 40.15 -2.95 72.22
CA GLU G 306 38.72 -2.69 71.94
C GLU G 306 38.09 -4.06 71.71
N LYS G 307 37.42 -4.28 70.59
CA LYS G 307 36.80 -5.57 70.29
C LYS G 307 37.55 -6.31 69.18
N THR G 308 38.25 -5.60 68.31
CA THR G 308 38.87 -6.17 67.13
C THR G 308 40.17 -6.87 67.51
N MET G 309 40.20 -8.19 67.30
CA MET G 309 41.33 -9.01 67.72
C MET G 309 42.52 -8.83 66.78
N LEU G 310 43.72 -8.81 67.37
CA LEU G 310 44.96 -8.53 66.65
C LEU G 310 45.96 -9.66 66.66
N VAL G 311 45.91 -10.56 67.65
CA VAL G 311 46.83 -11.69 67.73
C VAL G 311 46.00 -12.96 67.72
N GLY G 312 46.20 -13.81 66.72
CA GLY G 312 45.29 -14.90 66.49
C GLY G 312 46.00 -16.19 66.14
N LYS G 313 45.21 -17.23 65.93
CA LYS G 313 45.70 -18.59 65.76
C LYS G 313 45.29 -19.15 64.40
N GLN G 314 46.18 -19.95 63.81
CA GLN G 314 45.77 -20.88 62.76
C GLN G 314 46.69 -22.09 62.85
N LYS G 315 46.13 -23.23 63.25
CA LYS G 315 46.89 -24.47 63.43
C LYS G 315 47.99 -24.18 64.45
N ASP G 316 49.26 -24.35 64.11
CA ASP G 316 50.36 -24.07 65.03
C ASP G 316 50.98 -22.69 64.84
N LYS G 317 50.41 -21.84 64.00
CA LYS G 317 50.99 -20.53 63.68
C LYS G 317 50.24 -19.43 64.41
N ASN G 318 50.98 -18.63 65.18
CA ASN G 318 50.42 -17.43 65.78
C ASN G 318 50.62 -16.26 64.83
N TRP G 319 49.53 -15.63 64.41
CA TRP G 319 49.62 -14.50 63.52
C TRP G 319 49.44 -13.19 64.28
N HIS G 320 50.21 -12.18 63.88
CA HIS G 320 50.29 -10.91 64.57
C HIS G 320 50.01 -9.80 63.58
N PHE G 321 49.08 -8.91 63.92
CA PHE G 321 48.85 -7.71 63.15
C PHE G 321 49.97 -6.70 63.44
N ALA G 322 50.45 -6.02 62.40
CA ALA G 322 51.54 -5.08 62.54
C ALA G 322 51.35 -3.92 61.58
N ILE G 323 52.02 -2.81 61.88
CA ILE G 323 52.02 -1.67 60.96
C ILE G 323 53.45 -1.18 60.77
N SER G 324 53.65 -0.44 59.70
CA SER G 324 54.88 0.29 59.44
C SER G 324 54.51 1.74 59.14
N GLY G 325 55.37 2.67 59.55
CA GLY G 325 55.09 4.07 59.40
C GLY G 325 56.13 4.76 58.54
N ALA G 326 55.69 5.82 57.88
CA ALA G 326 56.60 6.64 57.08
C ALA G 326 56.06 8.06 56.96
N SER G 327 56.86 9.05 57.36
CA SER G 327 56.43 10.43 57.31
C SER G 327 56.65 11.01 55.93
N LYS G 328 55.64 11.72 55.42
CA LYS G 328 55.75 12.38 54.13
C LYS G 328 55.17 13.78 54.23
N LEU G 329 55.72 14.70 53.45
CA LEU G 329 55.32 16.10 53.46
C LEU G 329 54.79 16.57 52.11
N TYR G 330 54.78 15.72 51.09
CA TYR G 330 54.41 16.19 49.77
C TYR G 330 52.94 16.57 49.68
N PRO G 331 51.98 15.64 49.85
CA PRO G 331 50.58 16.08 49.79
C PRO G 331 50.22 16.99 50.96
N PHE G 332 50.43 16.52 52.18
CA PHE G 332 50.23 17.23 53.43
C PHE G 332 51.30 16.74 54.39
N PRO G 333 51.49 17.38 55.55
CA PRO G 333 52.31 16.75 56.58
C PRO G 333 51.57 15.57 57.18
N VAL G 334 51.96 14.36 56.81
CA VAL G 334 51.21 13.16 57.16
C VAL G 334 52.16 12.03 57.52
N LEU G 335 51.62 11.02 58.20
CA LEU G 335 52.32 9.78 58.50
C LEU G 335 51.53 8.66 57.82
N MET G 336 52.11 8.10 56.75
CA MET G 336 51.48 6.99 56.05
C MET G 336 51.73 5.70 56.83
N ILE G 337 50.68 4.90 56.97
CA ILE G 337 50.72 3.67 57.76
C ILE G 337 50.34 2.50 56.85
N SER G 338 51.16 1.46 56.89
CA SER G 338 50.93 0.26 56.09
C SER G 338 50.72 -0.94 57.01
N SER G 339 49.80 -1.82 56.61
CA SER G 339 49.40 -2.96 57.43
C SER G 339 50.15 -4.21 56.99
N HIS G 340 50.36 -5.13 57.94
CA HIS G 340 51.05 -6.38 57.69
C HIS G 340 50.56 -7.45 58.66
N ILE G 341 50.78 -8.70 58.29
CA ILE G 341 50.53 -9.84 59.16
C ILE G 341 51.79 -10.68 59.20
N PHE G 342 52.28 -10.98 60.40
CA PHE G 342 53.49 -11.76 60.61
C PHE G 342 53.15 -13.03 61.37
N PHE G 343 54.06 -14.00 61.32
CA PHE G 343 53.76 -15.32 61.86
C PHE G 343 54.90 -15.82 62.74
N THR G 344 54.51 -16.50 63.83
CA THR G 344 55.43 -17.03 64.81
C THR G 344 55.03 -18.45 65.16
N ALA G 345 56.00 -19.22 65.66
CA ALA G 345 55.74 -20.59 66.06
C ALA G 345 55.24 -20.70 67.50
N ASP G 346 55.74 -19.85 68.39
CA ASP G 346 55.35 -19.89 69.80
C ASP G 346 54.71 -18.59 70.28
N GLY G 347 54.58 -17.59 69.41
CA GLY G 347 54.12 -16.28 69.81
C GLY G 347 55.20 -15.28 70.15
N LYS G 348 56.46 -15.71 70.21
CA LYS G 348 57.55 -14.80 70.53
C LYS G 348 58.67 -14.83 69.49
N LYS G 349 58.99 -15.98 68.92
CA LYS G 349 60.05 -16.08 67.92
C LYS G 349 59.42 -16.17 66.52
N LEU G 350 59.92 -15.34 65.62
CA LEU G 350 59.35 -15.26 64.29
C LEU G 350 59.78 -16.44 63.43
N ILE G 351 59.06 -16.65 62.32
CA ILE G 351 59.43 -17.68 61.36
C ILE G 351 60.54 -17.15 60.47
N ASP G 352 61.64 -17.90 60.39
CA ASP G 352 62.79 -17.47 59.60
C ASP G 352 62.60 -17.70 58.11
N SER G 353 61.66 -18.56 57.72
CA SER G 353 61.44 -18.87 56.30
C SER G 353 60.58 -17.78 55.68
N SER G 354 61.13 -17.07 54.71
CA SER G 354 60.35 -16.03 54.02
C SER G 354 59.19 -16.63 53.25
N SER G 355 59.42 -17.78 52.60
CA SER G 355 58.36 -18.42 51.82
C SER G 355 57.21 -18.88 52.72
N VAL G 356 57.55 -19.44 53.89
CA VAL G 356 56.51 -19.94 54.79
C VAL G 356 55.64 -18.80 55.29
N GLN G 357 56.27 -17.72 55.77
CA GLN G 357 55.51 -16.60 56.28
C GLN G 357 54.72 -15.92 55.17
N HIS G 358 55.28 -15.87 53.95
CA HIS G 358 54.55 -15.30 52.82
C HIS G 358 53.30 -16.10 52.50
N SER G 359 53.44 -17.43 52.45
CA SER G 359 52.28 -18.27 52.19
C SER G 359 51.24 -18.13 53.29
N SER G 360 51.69 -18.07 54.54
CA SER G 360 50.76 -17.90 55.65
C SER G 360 50.02 -16.56 55.56
N ARG G 361 50.74 -15.51 55.17
CA ARG G 361 50.12 -14.21 55.01
C ARG G 361 49.06 -14.23 53.91
N ARG G 362 49.36 -14.92 52.80
CA ARG G 362 48.36 -15.05 51.74
C ARG G 362 47.13 -15.82 52.24
N ARG G 363 47.35 -16.90 52.99
CA ARG G 363 46.23 -17.67 53.52
C ARG G 363 45.37 -16.82 54.44
N GLN G 364 45.99 -16.01 55.29
CA GLN G 364 45.23 -15.17 56.21
C GLN G 364 44.50 -14.05 55.48
N GLY G 365 45.14 -13.45 54.48
CA GLY G 365 44.52 -12.39 53.72
C GLY G 365 43.54 -12.86 52.67
N LYS G 366 43.42 -14.19 52.50
CA LYS G 366 42.45 -14.76 51.59
C LYS G 366 41.04 -14.26 51.84
N ASN G 367 40.69 -14.04 53.11
CA ASN G 367 39.34 -13.64 53.47
C ASN G 367 39.26 -12.32 54.22
N TRP G 368 40.35 -11.56 54.29
CA TRP G 368 40.36 -10.31 55.04
C TRP G 368 39.85 -9.19 54.14
N TRP G 369 38.60 -8.77 54.36
CA TRP G 369 37.99 -7.71 53.58
C TRP G 369 38.15 -6.34 54.24
N ASN G 370 37.40 -5.35 53.75
CA ASN G 370 37.65 -3.96 54.14
C ASN G 370 37.46 -3.75 55.64
N ASN G 371 36.40 -4.31 56.22
CA ASN G 371 36.12 -4.14 57.64
C ASN G 371 36.96 -5.07 58.51
N THR G 372 37.79 -5.90 57.89
CA THR G 372 38.76 -6.70 58.63
C THR G 372 40.14 -6.04 58.66
N TRP G 373 40.43 -5.17 57.70
CA TRP G 373 41.65 -4.37 57.71
C TRP G 373 41.48 -3.07 58.47
N ARG G 374 40.41 -2.32 58.17
CA ARG G 374 40.24 -0.99 58.73
C ARG G 374 40.10 -1.02 60.24
N THR G 375 39.27 -1.94 60.75
CA THR G 375 39.03 -1.98 62.19
C THR G 375 40.29 -2.38 62.95
N LYS G 376 41.03 -3.36 62.44
CA LYS G 376 42.28 -3.75 63.08
C LYS G 376 43.28 -2.60 63.06
N LEU G 377 43.39 -1.90 61.93
CA LEU G 377 44.28 -0.75 61.86
C LEU G 377 43.89 0.32 62.87
N LEU G 378 42.58 0.61 62.96
CA LEU G 378 42.09 1.62 63.89
C LEU G 378 42.34 1.23 65.34
N ALA G 379 42.20 -0.05 65.66
CA ALA G 379 42.50 -0.53 67.00
C ALA G 379 43.98 -0.33 67.31
N PHE G 380 44.84 -0.65 66.34
CA PHE G 380 46.27 -0.55 66.59
C PHE G 380 46.70 0.90 66.80
N ILE G 381 46.23 1.81 65.94
CA ILE G 381 46.63 3.20 66.08
C ILE G 381 46.08 3.78 67.36
N LYS G 382 44.86 3.36 67.75
CA LYS G 382 44.31 3.79 69.03
C LYS G 382 45.14 3.26 70.19
N TYR G 383 45.69 2.05 70.04
CA TYR G 383 46.62 1.56 71.04
C TYR G 383 47.87 2.43 71.11
N LEU G 384 48.29 2.98 69.98
CA LEU G 384 49.41 3.92 69.98
C LEU G 384 49.05 5.28 70.58
N SER G 385 47.78 5.54 70.84
CA SER G 385 47.36 6.84 71.37
C SER G 385 47.74 6.95 72.84
N ASP G 386 48.04 8.19 73.27
CA ASP G 386 48.25 8.47 74.68
C ASP G 386 47.12 9.30 75.27
N ASP G 387 46.33 9.96 74.45
CA ASP G 387 45.12 10.63 74.89
C ASP G 387 43.98 10.14 73.98
N ASP G 388 42.79 10.69 74.17
CA ASP G 388 41.64 10.23 73.41
C ASP G 388 41.68 10.70 71.96
N THR G 389 42.37 11.80 71.67
CA THR G 389 42.27 12.42 70.36
C THR G 389 43.55 12.39 69.53
N SER G 390 44.70 12.01 70.10
CA SER G 390 45.95 12.01 69.35
C SER G 390 47.01 11.29 70.15
N PHE G 391 48.25 11.37 69.65
CA PHE G 391 49.42 10.94 70.39
C PHE G 391 50.58 11.88 70.07
N TYR G 392 51.69 11.69 70.76
CA TYR G 392 52.86 12.52 70.58
C TYR G 392 54.07 11.67 70.19
N LEU G 393 54.80 12.16 69.20
CA LEU G 393 56.09 11.61 68.81
C LEU G 393 57.17 12.45 69.46
N GLU G 394 58.02 11.82 70.26
CA GLU G 394 58.98 12.55 71.08
C GLU G 394 60.04 13.18 70.18
N MET G 395 60.29 14.47 70.41
CA MET G 395 61.34 15.20 69.71
C MET G 395 62.50 15.58 70.63
N GLY G 396 62.27 15.64 71.93
CA GLY G 396 63.30 16.05 72.86
C GLY G 396 62.71 16.16 74.26
N SER G 397 63.42 16.92 75.10
CA SER G 397 62.98 17.07 76.49
C SER G 397 61.63 17.77 76.58
N GLU G 398 61.42 18.82 75.80
CA GLU G 398 60.17 19.57 75.85
C GLU G 398 59.47 19.73 74.52
N GLU G 399 60.05 19.20 73.43
CA GLU G 399 59.47 19.33 72.10
C GLU G 399 58.86 17.99 71.68
N LYS G 400 57.69 18.06 71.05
CA LYS G 400 56.98 16.88 70.56
C LYS G 400 56.26 17.21 69.27
N VAL G 401 55.92 16.17 68.52
CA VAL G 401 55.10 16.28 67.32
C VAL G 401 53.75 15.65 67.61
N PHE G 402 52.69 16.45 67.55
CA PHE G 402 51.34 15.98 67.84
C PHE G 402 50.77 15.36 66.57
N VAL G 403 50.48 14.07 66.62
CA VAL G 403 49.94 13.35 65.47
C VAL G 403 48.55 12.83 65.82
N SER G 404 47.58 13.15 64.97
CA SER G 404 46.21 12.72 65.17
C SER G 404 46.11 11.20 65.15
N ASN G 405 45.36 10.66 66.10
CA ASN G 405 45.12 9.24 66.21
C ASN G 405 43.96 8.75 65.36
N GLU G 406 43.31 9.66 64.62
CA GLU G 406 42.24 9.37 63.69
C GLU G 406 42.72 9.57 62.27
N PRO G 407 42.54 8.60 61.39
CA PRO G 407 43.06 8.72 60.02
C PRO G 407 42.36 9.81 59.23
N VAL G 408 43.09 10.35 58.26
CA VAL G 408 42.55 11.41 57.41
C VAL G 408 41.39 10.88 56.60
N LYS G 409 40.27 11.59 56.65
CA LYS G 409 39.04 11.19 56.00
C LYS G 409 38.91 11.86 54.64
N PHE G 410 38.31 11.15 53.70
CA PHE G 410 38.10 11.63 52.34
C PHE G 410 36.59 11.65 52.06
N LYS G 411 36.10 12.44 51.10
CA LYS G 411 34.67 12.46 50.81
C LYS G 411 34.41 12.29 49.31
N GLY G 412 33.60 11.30 48.96
CA GLY G 412 33.19 11.07 47.59
C GLY G 412 31.71 11.32 47.42
N ASN G 413 31.33 11.77 46.23
CA ASN G 413 29.95 12.10 45.92
C ASN G 413 29.13 10.90 45.48
N VAL G 414 29.76 9.74 45.28
CA VAL G 414 29.08 8.57 44.73
C VAL G 414 29.39 7.36 45.60
N SER G 415 28.48 6.38 45.57
CA SER G 415 28.63 5.17 46.36
C SER G 415 27.81 4.07 45.68
N TYR G 416 27.60 2.97 46.40
CA TYR G 416 26.79 1.86 45.92
C TYR G 416 26.34 1.05 47.12
N ASN G 417 25.66 -0.07 46.83
CA ASN G 417 25.15 -0.96 47.85
C ASN G 417 25.34 -2.40 47.42
N ILE G 418 25.35 -3.32 48.39
CA ILE G 418 25.52 -4.73 48.10
C ILE G 418 24.26 -5.29 47.46
N MET L 1 38.05 16.10 56.22
CA MET L 1 37.53 15.62 54.94
C MET L 1 38.28 16.24 53.77
N LYS L 2 38.38 15.50 52.67
CA LYS L 2 38.98 15.99 51.44
C LYS L 2 38.12 15.59 50.25
N GLU L 3 37.97 16.51 49.31
CA GLU L 3 37.09 16.30 48.16
C GLU L 3 37.83 15.55 47.06
N LEU L 4 37.20 14.48 46.58
CA LEU L 4 37.72 13.66 45.50
C LEU L 4 36.66 13.54 44.43
N ILE L 5 37.07 13.65 43.17
CA ILE L 5 36.15 13.64 42.04
C ILE L 5 36.06 12.23 41.49
N TYR L 6 34.94 11.93 40.83
CA TYR L 6 34.72 10.63 40.19
C TYR L 6 34.82 10.79 38.69
N ILE L 7 35.58 9.92 38.05
CA ILE L 7 35.75 9.93 36.61
C ILE L 7 34.78 8.93 35.99
N GLU L 8 34.06 9.39 34.97
CA GLU L 8 33.08 8.54 34.28
C GLU L 8 33.75 7.31 33.70
N GLU L 9 33.04 6.18 33.76
CA GLU L 9 33.54 4.93 33.22
C GLU L 9 33.62 5.01 31.70
N PRO L 10 34.81 4.88 31.11
CA PRO L 10 34.91 4.94 29.65
C PRO L 10 34.23 3.75 28.98
N LYS L 11 33.67 3.99 27.80
CA LYS L 11 32.97 2.96 27.05
C LYS L 11 33.76 2.60 25.80
N ILE L 12 33.80 1.31 25.49
CA ILE L 12 34.54 0.80 24.35
C ILE L 12 33.55 0.38 23.27
N LEU L 13 33.98 0.50 22.02
CA LEU L 13 33.12 0.33 20.87
C LEU L 13 33.09 -1.13 20.41
N PHE L 14 31.96 -1.54 19.86
CA PHE L 14 31.79 -2.87 19.30
C PHE L 14 31.17 -2.79 17.92
N ALA L 15 30.73 -3.92 17.37
CA ALA L 15 30.11 -3.92 16.06
C ALA L 15 28.82 -3.11 16.07
N HIS L 16 28.36 -2.75 14.88
CA HIS L 16 27.16 -1.95 14.66
C HIS L 16 27.25 -0.55 15.23
N GLY L 17 28.46 -0.04 15.46
CA GLY L 17 28.62 1.27 16.05
C GLY L 17 28.11 1.40 17.45
N GLN L 18 27.97 0.29 18.18
CA GLN L 18 27.43 0.30 19.52
C GLN L 18 28.54 0.47 20.55
N LYS L 19 28.20 1.08 21.66
CA LYS L 19 29.16 1.38 22.73
C LYS L 19 28.73 0.66 24.00
N CYS L 20 29.73 0.17 24.74
CA CYS L 20 29.49 -0.49 26.00
C CYS L 20 30.74 -0.36 26.86
N THR L 21 30.55 -0.12 28.16
CA THR L 21 31.69 0.01 29.05
C THR L 21 32.38 -1.33 29.25
N ASP L 22 31.62 -2.37 29.53
CA ASP L 22 32.20 -3.70 29.70
C ASP L 22 32.64 -4.26 28.36
N ALA L 23 33.69 -5.09 28.41
CA ALA L 23 34.19 -5.76 27.22
C ALA L 23 33.51 -7.09 26.98
N ARG L 24 33.41 -7.94 28.02
CA ARG L 24 32.75 -9.23 27.85
C ARG L 24 31.28 -9.04 27.50
N ASP L 25 30.61 -8.11 28.16
CA ASP L 25 29.18 -7.90 27.92
C ASP L 25 28.92 -7.41 26.50
N GLY L 26 29.66 -6.40 26.06
CA GLY L 26 29.48 -5.90 24.71
C GLY L 26 29.87 -6.91 23.64
N LEU L 27 30.96 -7.64 23.87
CA LEU L 27 31.42 -8.61 22.89
C LEU L 27 30.45 -9.78 22.77
N ALA L 28 29.84 -10.19 23.88
CA ALA L 28 28.95 -11.34 23.85
C ALA L 28 27.68 -11.06 23.07
N LEU L 29 27.22 -9.81 23.08
CA LEU L 29 25.97 -9.43 22.44
C LEU L 29 26.22 -8.80 21.08
N PHE L 30 27.22 -7.92 20.97
CA PHE L 30 27.40 -7.17 19.73
C PHE L 30 28.45 -7.76 18.81
N GLY L 31 29.34 -8.61 19.31
CA GLY L 31 30.33 -9.25 18.48
C GLY L 31 31.55 -8.39 18.22
N PRO L 32 32.45 -8.87 17.38
CA PRO L 32 33.70 -8.15 17.13
C PRO L 32 33.54 -7.07 16.08
N LEU L 33 34.59 -6.25 15.95
CA LEU L 33 34.53 -5.11 15.05
C LEU L 33 34.71 -5.51 13.59
N ASN L 34 35.54 -6.52 13.32
CA ASN L 34 35.86 -6.90 11.95
C ASN L 34 35.59 -8.39 11.74
N ASN L 35 35.45 -8.75 10.47
CA ASN L 35 35.08 -10.10 10.05
C ASN L 35 36.33 -10.86 9.63
N LEU L 36 36.71 -11.84 10.44
CA LEU L 36 37.83 -12.73 10.13
C LEU L 36 37.28 -14.13 9.83
N TYR L 37 36.94 -14.35 8.55
CA TYR L 37 36.15 -15.50 8.12
C TYR L 37 36.49 -16.81 8.82
N GLY L 38 37.78 -17.06 9.04
CA GLY L 38 38.18 -18.27 9.71
C GLY L 38 39.57 -18.21 10.29
N ILE L 39 39.86 -19.08 11.25
CA ILE L 39 41.17 -19.16 11.89
C ILE L 39 41.80 -20.48 11.48
N LYS L 40 42.88 -20.41 10.70
CA LYS L 40 43.67 -21.59 10.36
C LYS L 40 44.71 -21.76 11.45
N SER L 41 44.51 -22.75 12.31
CA SER L 41 45.33 -22.92 13.51
C SER L 41 46.34 -24.03 13.33
N GLY L 42 47.55 -23.77 13.78
CA GLY L 42 48.64 -24.74 13.74
C GLY L 42 49.08 -25.07 15.15
N VAL L 43 49.21 -26.36 15.44
CA VAL L 43 49.60 -26.86 16.75
C VAL L 43 50.93 -27.57 16.60
N ILE L 44 51.91 -27.16 17.40
CA ILE L 44 53.20 -27.82 17.45
C ILE L 44 53.39 -28.40 18.85
N GLY L 45 53.74 -29.67 18.93
CA GLY L 45 53.95 -30.27 20.22
C GLY L 45 53.78 -31.78 20.16
N THR L 46 53.74 -32.38 21.35
CA THR L 46 53.68 -33.82 21.48
C THR L 46 52.34 -34.34 20.99
N LYS L 47 52.34 -35.59 20.52
CA LYS L 47 51.13 -36.27 20.12
C LYS L 47 50.16 -36.46 21.28
N GLN L 48 50.70 -36.77 22.46
CA GLN L 48 49.86 -36.89 23.65
C GLN L 48 49.20 -35.57 24.01
N GLY L 49 49.84 -34.45 23.68
CA GLY L 49 49.33 -33.14 24.02
C GLY L 49 48.33 -32.57 23.04
N LEU L 50 48.31 -33.04 21.80
CA LEU L 50 47.32 -32.61 20.82
C LEU L 50 45.90 -33.03 21.19
N LYS L 51 45.76 -34.17 21.87
CA LYS L 51 44.44 -34.60 22.32
C LYS L 51 43.81 -33.57 23.25
N ILE L 52 44.59 -33.03 24.17
CA ILE L 52 44.06 -32.05 25.10
C ILE L 52 43.62 -30.79 24.36
N PHE L 53 44.42 -30.34 23.39
CA PHE L 53 44.06 -29.16 22.63
C PHE L 53 42.79 -29.37 21.83
N ARG L 54 42.66 -30.53 21.18
CA ARG L 54 41.44 -30.81 20.42
C ARG L 54 40.23 -30.86 21.35
N ASP L 55 40.39 -31.50 22.51
CA ASP L 55 39.31 -31.57 23.47
C ASP L 55 38.91 -30.19 23.94
N TYR L 56 39.88 -29.31 24.17
CA TYR L 56 39.55 -27.97 24.66
C TYR L 56 38.89 -27.14 23.57
N LEU L 57 39.30 -27.32 22.31
CA LEU L 57 38.59 -26.63 21.23
C LEU L 57 37.15 -27.10 21.14
N ASP L 58 36.91 -28.41 21.26
CA ASP L 58 35.54 -28.91 21.29
C ASP L 58 34.79 -28.34 22.48
N HIS L 59 35.48 -28.17 23.61
CA HIS L 59 34.87 -27.59 24.80
C HIS L 59 34.47 -26.14 24.56
N ILE L 60 35.33 -25.38 23.89
CA ILE L 60 35.06 -24.00 23.54
C ILE L 60 33.91 -23.87 22.56
N GLN L 61 33.74 -24.83 21.66
CA GLN L 61 32.68 -24.74 20.67
C GLN L 61 31.31 -24.61 21.32
N LYS L 62 31.05 -25.38 22.36
CA LYS L 62 29.79 -25.34 23.09
C LYS L 62 29.79 -24.21 24.10
N PRO L 63 28.62 -23.68 24.45
CA PRO L 63 28.55 -22.63 25.46
C PRO L 63 29.04 -23.11 26.81
N ILE L 64 29.62 -22.19 27.57
CA ILE L 64 30.24 -22.52 28.85
C ILE L 64 29.58 -21.68 29.95
N TYR L 65 29.23 -22.36 31.03
CA TYR L 65 28.49 -21.75 32.14
C TYR L 65 29.45 -21.53 33.30
N ASN L 66 29.48 -20.29 33.80
CA ASN L 66 30.32 -19.96 34.94
C ASN L 66 29.51 -20.08 36.25
N SER L 67 30.24 -20.16 37.35
CA SER L 67 29.60 -20.37 38.65
C SER L 67 28.65 -19.23 38.98
N ASN L 68 29.09 -17.98 38.80
CA ASN L 68 28.27 -16.82 39.03
C ASN L 68 28.36 -15.91 37.82
N SER L 69 27.25 -15.79 37.08
CA SER L 69 27.25 -15.02 35.84
C SER L 69 27.40 -13.52 36.05
N ILE L 70 26.86 -12.97 37.15
CA ILE L 70 26.97 -11.53 37.36
C ILE L 70 28.41 -11.12 37.62
N THR L 71 29.15 -11.94 38.39
CA THR L 71 30.57 -11.66 38.60
C THR L 71 31.36 -11.92 37.34
N ARG L 72 31.05 -13.02 36.64
CA ARG L 72 31.76 -13.36 35.41
C ARG L 72 30.76 -13.87 34.39
N PRO L 73 30.49 -13.11 33.32
CA PRO L 73 29.50 -13.54 32.33
C PRO L 73 29.85 -14.86 31.68
N MET L 74 28.82 -15.61 31.31
CA MET L 74 29.01 -16.93 30.72
C MET L 74 29.66 -16.82 29.34
N PHE L 75 30.23 -17.93 28.89
CA PHE L 75 30.75 -18.00 27.53
C PHE L 75 29.71 -18.64 26.62
N PRO L 76 29.17 -17.90 25.64
CA PRO L 76 28.12 -18.44 24.77
C PRO L 76 28.63 -19.23 23.58
N GLY L 77 29.94 -19.50 23.49
CA GLY L 77 30.47 -20.24 22.36
C GLY L 77 31.26 -19.34 21.42
N PHE L 78 32.33 -19.88 20.83
CA PHE L 78 33.23 -19.05 20.03
C PHE L 78 32.53 -18.49 18.81
N GLU L 79 31.86 -19.35 18.04
CA GLU L 79 31.17 -18.88 16.84
C GLU L 79 29.98 -18.00 17.17
N ALA L 80 29.46 -18.08 18.40
CA ALA L 80 28.33 -17.25 18.79
C ALA L 80 28.75 -15.81 19.03
N VAL L 81 29.94 -15.60 19.62
CA VAL L 81 30.33 -14.25 20.00
C VAL L 81 31.26 -13.64 18.96
N PHE L 82 32.21 -14.41 18.44
CA PHE L 82 33.19 -13.90 17.49
C PHE L 82 32.77 -14.11 16.05
N ASP L 83 31.59 -14.69 15.82
CA ASP L 83 30.97 -14.98 14.52
C ASP L 83 32.01 -15.37 13.47
N CYS L 84 32.98 -16.18 13.86
CA CYS L 84 34.06 -16.64 13.00
C CYS L 84 34.34 -18.10 13.30
N LYS L 85 34.76 -18.84 12.30
CA LYS L 85 34.89 -20.29 12.42
C LYS L 85 36.25 -20.65 12.97
N TRP L 86 36.27 -21.45 14.04
CA TRP L 86 37.50 -21.97 14.64
C TRP L 86 37.24 -23.43 15.01
N GLU L 87 37.52 -24.33 14.08
CA GLU L 87 37.19 -25.73 14.22
C GLU L 87 38.43 -26.54 14.60
N SER L 88 38.20 -27.65 15.30
CA SER L 88 39.27 -28.60 15.58
C SER L 88 39.71 -29.35 14.33
N THR L 89 38.98 -29.23 13.23
CA THR L 89 39.37 -29.79 11.94
C THR L 89 40.03 -28.70 11.12
N GLY L 90 41.10 -29.05 10.41
CA GLY L 90 41.87 -28.09 9.67
C GLY L 90 43.06 -27.52 10.40
N ILE L 91 43.45 -28.10 11.53
CA ILE L 91 44.62 -27.65 12.26
C ILE L 91 45.85 -28.35 11.70
N THR L 92 46.92 -27.59 11.49
CA THR L 92 48.16 -28.18 10.98
C THR L 92 49.02 -28.62 12.15
N PHE L 93 49.28 -29.91 12.26
CA PHE L 93 49.93 -30.48 13.43
C PHE L 93 51.37 -30.84 13.13
N LYS L 94 52.28 -30.32 13.95
CA LYS L 94 53.69 -30.69 13.94
C LYS L 94 53.96 -31.47 15.21
N GLU L 95 54.57 -32.65 15.08
CA GLU L 95 54.78 -33.54 16.20
C GLU L 95 56.16 -33.32 16.81
N VAL L 96 56.20 -33.34 18.14
CA VAL L 96 57.43 -33.31 18.91
C VAL L 96 57.44 -34.58 19.74
N THR L 97 58.37 -35.49 19.45
CA THR L 97 58.43 -36.74 20.16
C THR L 97 58.89 -36.52 21.61
N ASN L 98 58.37 -37.38 22.50
CA ASN L 98 58.76 -37.29 23.91
C ASN L 98 60.26 -37.54 24.07
N GLU L 99 60.81 -38.44 23.27
CA GLU L 99 62.24 -38.72 23.35
C GLU L 99 63.06 -37.48 23.00
N ASP L 100 62.66 -36.76 21.95
CA ASP L 100 63.40 -35.57 21.54
C ASP L 100 63.33 -34.49 22.61
N ILE L 101 62.13 -34.22 23.14
CA ILE L 101 61.99 -33.18 24.15
C ILE L 101 62.61 -33.58 25.48
N GLY L 102 62.81 -34.87 25.71
CA GLY L 102 63.51 -35.32 26.90
C GLY L 102 65.02 -35.26 26.74
N LYS L 103 65.51 -35.44 25.52
CA LYS L 103 66.96 -35.43 25.29
C LYS L 103 67.57 -34.08 25.66
N PHE L 104 66.95 -32.99 25.20
CA PHE L 104 67.47 -31.66 25.48
C PHE L 104 67.22 -31.25 26.93
N LEU L 105 66.05 -31.60 27.45
CA LEU L 105 65.59 -31.07 28.73
C LEU L 105 66.47 -31.47 29.90
N TYR L 106 66.90 -32.74 29.95
CA TYR L 106 67.74 -33.18 31.06
C TYR L 106 69.17 -32.68 30.87
N ASN L 107 69.36 -31.37 30.81
CA ASN L 107 70.66 -30.75 30.71
C ASN L 107 70.95 -29.92 31.96
N SER L 108 72.19 -30.05 32.47
CA SER L 108 72.55 -29.36 33.70
C SER L 108 72.51 -27.85 33.55
N SER L 109 73.01 -27.32 32.44
CA SER L 109 73.08 -25.88 32.22
C SER L 109 71.71 -25.38 31.79
N THR L 110 71.15 -24.46 32.58
CA THR L 110 69.83 -23.91 32.26
C THR L 110 69.83 -23.18 30.92
N HIS L 111 70.88 -22.39 30.65
CA HIS L 111 70.92 -21.61 29.43
C HIS L 111 70.95 -22.51 28.20
N LYS L 112 71.83 -23.51 28.21
CA LYS L 112 71.93 -24.42 27.07
C LYS L 112 70.63 -25.21 26.90
N ARG L 113 70.05 -25.70 27.99
CA ARG L 113 68.83 -26.49 27.87
C ARG L 113 67.68 -25.65 27.34
N THR L 114 67.54 -24.40 27.81
CA THR L 114 66.44 -23.58 27.33
C THR L 114 66.68 -23.16 25.87
N TYR L 115 67.93 -22.91 25.49
CA TYR L 115 68.20 -22.58 24.11
C TYR L 115 67.87 -23.76 23.20
N ASP L 116 68.21 -24.97 23.62
CA ASP L 116 67.89 -26.15 22.81
C ASP L 116 66.40 -26.39 22.74
N LEU L 117 65.68 -26.22 23.85
CA LEU L 117 64.22 -26.39 23.82
C LEU L 117 63.57 -25.38 22.90
N VAL L 118 64.01 -24.12 22.96
CA VAL L 118 63.45 -23.12 22.05
C VAL L 118 63.81 -23.44 20.60
N SER L 119 65.04 -23.91 20.37
CA SER L 119 65.46 -24.24 19.01
C SER L 119 64.62 -25.37 18.44
N LEU L 120 64.31 -26.37 19.26
CA LEU L 120 63.54 -27.52 18.78
C LEU L 120 62.18 -27.08 18.23
N PHE L 121 61.50 -26.19 18.95
CA PHE L 121 60.20 -25.72 18.49
C PHE L 121 60.33 -24.74 17.33
N ILE L 122 61.29 -23.80 17.41
CA ILE L 122 61.37 -22.75 16.41
C ILE L 122 61.79 -23.31 15.06
N ASP L 123 62.66 -24.33 15.06
CA ASP L 123 63.07 -24.91 13.79
C ASP L 123 61.90 -25.57 13.08
N LYS L 124 61.07 -26.31 13.82
CA LYS L 124 59.91 -26.93 13.21
C LYS L 124 58.91 -25.88 12.73
N ILE L 125 58.70 -24.82 13.52
CA ILE L 125 57.76 -23.78 13.10
C ILE L 125 58.26 -23.08 11.85
N ILE L 126 59.56 -22.77 11.78
CA ILE L 126 60.13 -22.12 10.61
C ILE L 126 60.03 -23.04 9.40
N SER L 127 60.32 -24.33 9.59
CA SER L 127 60.21 -25.27 8.48
C SER L 127 58.79 -25.36 7.96
N ALA L 128 57.81 -25.39 8.87
CA ALA L 128 56.42 -25.43 8.45
C ALA L 128 56.03 -24.15 7.72
N ASN L 129 56.49 -22.99 8.20
CA ASN L 129 56.13 -21.73 7.57
C ASN L 129 56.77 -21.56 6.20
N LYS L 130 58.00 -22.05 6.02
CA LYS L 130 58.75 -21.83 4.78
C LYS L 130 58.58 -22.94 3.77
N ASN L 131 58.27 -24.16 4.20
CA ASN L 131 58.41 -25.34 3.36
C ASN L 131 57.12 -26.14 3.24
N GLU L 132 55.97 -25.52 3.51
CA GLU L 132 54.70 -26.22 3.36
C GLU L 132 53.70 -25.30 2.67
N ASP L 133 52.74 -25.93 1.98
CA ASP L 133 51.75 -25.17 1.23
C ASP L 133 50.59 -24.73 2.11
N GLU L 134 50.49 -25.30 3.31
CA GLU L 134 49.43 -24.89 4.23
C GLU L 134 49.68 -23.48 4.73
N ASN L 135 48.58 -22.76 4.97
CA ASN L 135 48.64 -21.42 5.53
C ASN L 135 48.02 -21.43 6.92
N VAL L 136 48.76 -20.93 7.90
CA VAL L 136 48.37 -21.01 9.32
C VAL L 136 48.33 -19.59 9.86
N ASP L 137 47.18 -19.17 10.37
CA ASP L 137 47.02 -17.83 10.93
C ASP L 137 47.79 -17.66 12.22
N VAL L 138 47.65 -18.60 13.15
CA VAL L 138 48.28 -18.52 14.47
C VAL L 138 48.81 -19.91 14.84
N TRP L 139 50.00 -19.93 15.43
CA TRP L 139 50.71 -21.18 15.74
C TRP L 139 50.63 -21.40 17.24
N PHE L 140 49.88 -22.42 17.66
CA PHE L 140 49.76 -22.72 19.08
C PHE L 140 50.88 -23.65 19.52
N VAL L 141 51.60 -23.25 20.56
CA VAL L 141 52.72 -24.03 21.09
C VAL L 141 52.34 -24.64 22.43
N ILE L 142 52.04 -25.93 22.44
CA ILE L 142 51.67 -26.62 23.68
C ILE L 142 52.96 -27.09 24.35
N VAL L 143 53.11 -26.77 25.64
CA VAL L 143 54.29 -27.18 26.39
C VAL L 143 53.85 -27.98 27.62
N PRO L 144 54.49 -29.10 27.92
CA PRO L 144 54.13 -29.86 29.13
C PRO L 144 54.50 -29.13 30.40
N ASP L 145 54.23 -29.75 31.55
CA ASP L 145 54.50 -29.14 32.84
C ASP L 145 55.95 -29.27 33.31
N GLU L 146 56.60 -30.40 33.03
CA GLU L 146 57.97 -30.58 33.47
C GLU L 146 58.90 -29.57 32.81
N ILE L 147 58.71 -29.33 31.51
CA ILE L 147 59.48 -28.31 30.82
C ILE L 147 59.20 -26.93 31.41
N TYR L 148 57.93 -26.63 31.67
CA TYR L 148 57.59 -25.39 32.37
C TYR L 148 58.30 -25.30 33.71
N LYS L 149 58.41 -26.42 34.42
CA LYS L 149 59.07 -26.40 35.73
C LYS L 149 60.56 -26.15 35.60
N TYR L 150 61.19 -26.68 34.54
CA TYR L 150 62.65 -26.63 34.41
C TYR L 150 63.11 -26.00 33.11
N CYS L 151 62.51 -24.89 32.68
CA CYS L 151 63.04 -24.14 31.54
C CYS L 151 62.93 -22.64 31.77
N ARG L 152 62.85 -22.20 33.02
CA ARG L 152 62.78 -20.79 33.36
C ARG L 152 63.80 -20.51 34.46
N PRO L 153 64.22 -19.24 34.61
CA PRO L 153 65.27 -18.91 35.60
C PRO L 153 65.05 -19.51 36.98
N ASN L 154 66.14 -19.82 37.67
CA ASN L 154 66.14 -20.36 39.03
C ASN L 154 65.46 -21.72 39.12
N SER L 155 65.48 -22.49 38.03
CA SER L 155 64.95 -23.85 38.04
C SER L 155 66.13 -24.81 38.14
N VAL L 156 66.31 -25.44 39.30
CA VAL L 156 67.40 -26.35 39.56
C VAL L 156 66.88 -27.78 39.46
N LEU L 157 67.45 -28.55 38.55
CA LEU L 157 67.04 -29.95 38.38
C LEU L 157 67.44 -30.76 39.61
N PRO L 158 66.57 -31.66 40.08
CA PRO L 158 67.02 -32.63 41.09
C PRO L 158 68.15 -33.49 40.55
N LYS L 159 69.06 -33.89 41.45
CA LYS L 159 70.28 -34.59 41.07
C LYS L 159 69.97 -35.91 40.36
N GLU L 160 68.82 -36.53 40.68
CA GLU L 160 68.49 -37.83 40.13
C GLU L 160 68.07 -37.79 38.67
N MET L 161 67.65 -36.63 38.16
CA MET L 161 67.16 -36.54 36.78
C MET L 161 68.12 -35.82 35.84
N VAL L 162 69.26 -35.34 36.34
CA VAL L 162 70.26 -34.72 35.47
C VAL L 162 70.94 -35.81 34.67
N GLN L 163 70.71 -35.82 33.36
CA GLN L 163 71.24 -36.86 32.49
C GLN L 163 72.42 -36.41 31.64
N THR L 164 72.51 -35.13 31.33
CA THR L 164 73.63 -34.60 30.55
C THR L 164 74.23 -33.38 31.24
N THR L 199 74.43 -19.69 23.52
CA THR L 199 73.53 -20.18 24.56
C THR L 199 73.50 -19.24 25.75
N TYR L 200 74.66 -19.00 26.36
CA TYR L 200 74.76 -18.10 27.50
C TYR L 200 74.52 -16.65 27.13
N ASN L 201 74.54 -16.32 25.84
CA ASN L 201 74.21 -14.99 25.35
C ASN L 201 72.71 -14.80 25.17
N TYR L 202 71.90 -15.62 25.84
CA TYR L 202 70.45 -15.60 25.69
C TYR L 202 69.78 -15.66 27.05
N ASP L 203 68.50 -15.36 27.07
CA ASP L 203 67.71 -15.38 28.30
C ASP L 203 67.35 -16.81 28.67
N ALA L 204 67.14 -17.04 29.96
CA ALA L 204 66.82 -18.36 30.48
C ALA L 204 65.32 -18.63 30.53
N GLN L 205 64.48 -17.71 30.06
CA GLN L 205 63.04 -17.87 30.12
C GLN L 205 62.52 -18.33 28.76
N PHE L 206 61.72 -19.40 28.76
CA PHE L 206 61.29 -20.01 27.51
C PHE L 206 60.40 -19.07 26.70
N HIS L 207 59.47 -18.38 27.36
CA HIS L 207 58.48 -17.60 26.63
C HIS L 207 59.12 -16.42 25.91
N ASP L 208 59.92 -15.63 26.62
CA ASP L 208 60.53 -14.46 26.01
C ASP L 208 61.55 -14.85 24.95
N GLN L 209 62.37 -15.86 25.22
CA GLN L 209 63.32 -16.33 24.23
C GLN L 209 62.60 -16.82 22.97
N PHE L 210 61.53 -17.57 23.15
CA PHE L 210 60.76 -18.09 22.03
C PHE L 210 60.19 -16.96 21.19
N LYS L 211 59.51 -16.00 21.82
CA LYS L 211 58.89 -14.93 21.06
C LYS L 211 59.93 -13.93 20.55
N ALA L 212 61.15 -13.99 21.06
CA ALA L 212 62.21 -13.11 20.56
C ALA L 212 62.87 -13.69 19.32
N ARG L 213 63.25 -14.96 19.35
CA ARG L 213 63.89 -15.59 18.20
C ARG L 213 62.95 -15.77 17.02
N LEU L 214 61.64 -15.68 17.24
CA LEU L 214 60.66 -15.79 16.16
C LEU L 214 60.35 -14.45 15.51
N LEU L 215 60.99 -13.37 15.96
CA LEU L 215 60.64 -12.04 15.47
C LEU L 215 61.02 -11.86 14.01
N LYS L 216 62.12 -12.49 13.58
CA LYS L 216 62.58 -12.31 12.22
C LYS L 216 61.61 -12.86 11.18
N HIS L 217 60.69 -13.73 11.58
CA HIS L 217 59.80 -14.41 10.66
C HIS L 217 58.35 -13.96 10.75
N THR L 218 58.00 -13.17 11.76
CA THR L 218 56.65 -12.62 11.93
C THR L 218 55.60 -13.72 11.95
N ILE L 219 55.69 -14.58 12.95
CA ILE L 219 54.77 -15.70 13.13
C ILE L 219 54.00 -15.49 14.43
N PRO L 220 52.71 -15.17 14.37
CA PRO L 220 51.93 -15.00 15.61
C PRO L 220 51.74 -16.33 16.32
N THR L 221 52.27 -16.42 17.53
CA THR L 221 52.19 -17.65 18.31
C THR L 221 51.63 -17.34 19.69
N GLN L 222 50.94 -18.31 20.26
CA GLN L 222 50.37 -18.20 21.60
C GLN L 222 50.77 -19.45 22.36
N ILE L 223 51.76 -19.31 23.26
CA ILE L 223 52.27 -20.45 24.01
C ILE L 223 51.21 -20.89 25.01
N PHE L 224 50.94 -22.20 25.05
CA PHE L 224 49.98 -22.78 25.97
C PHE L 224 50.71 -23.73 26.93
N ARG L 225 50.28 -23.73 28.18
CA ARG L 225 50.71 -24.76 29.11
C ARG L 225 49.63 -25.84 29.23
N GLU L 226 50.08 -27.08 29.42
CA GLU L 226 49.14 -28.19 29.51
C GLU L 226 48.21 -28.04 30.72
N SER L 227 48.66 -27.35 31.76
CA SER L 227 47.84 -27.09 32.93
C SER L 227 46.70 -26.13 32.60
N THR L 228 46.99 -25.08 31.84
CA THR L 228 45.99 -24.10 31.44
C THR L 228 44.92 -24.76 30.59
N LEU L 229 45.31 -25.79 29.86
CA LEU L 229 44.41 -26.63 29.09
C LEU L 229 43.72 -27.59 30.04
N ALA L 230 43.20 -28.71 29.54
CA ALA L 230 42.26 -29.50 30.32
C ALA L 230 42.97 -30.08 31.55
N TRP L 231 43.01 -29.24 32.60
CA TRP L 231 43.73 -29.54 33.83
C TRP L 231 43.15 -30.74 34.58
N ARG L 232 41.93 -31.16 34.23
CA ARG L 232 41.27 -32.23 34.98
C ARG L 232 42.10 -33.51 34.98
N ASP L 233 42.95 -33.68 33.98
CA ASP L 233 43.86 -34.82 33.97
C ASP L 233 44.94 -34.69 35.04
N PHE L 234 45.33 -33.47 35.36
CA PHE L 234 46.42 -33.22 36.31
C PHE L 234 45.83 -33.08 37.72
N LYS L 235 46.46 -33.75 38.68
CA LYS L 235 45.96 -33.79 40.06
C LYS L 235 47.13 -33.58 41.03
N ASN L 236 46.79 -33.14 42.25
CA ASN L 236 47.78 -33.04 43.31
C ASN L 236 47.77 -34.33 44.14
N ALA L 237 48.45 -34.27 45.29
CA ALA L 237 48.46 -35.41 46.20
C ALA L 237 47.07 -35.65 46.79
N PHE L 238 46.38 -34.57 47.17
CA PHE L 238 45.06 -34.72 47.79
C PHE L 238 44.01 -35.15 46.77
N GLY L 239 44.29 -34.98 45.48
CA GLY L 239 43.39 -35.40 44.44
C GLY L 239 42.59 -34.29 43.80
N LEU L 240 42.50 -33.12 44.42
CA LEU L 240 41.87 -31.99 43.78
C LEU L 240 42.83 -31.39 42.75
N PRO L 241 42.32 -30.93 41.60
CA PRO L 241 43.21 -30.39 40.57
C PRO L 241 44.05 -29.23 41.10
N ILE L 242 45.34 -29.27 40.79
CA ILE L 242 46.24 -28.21 41.26
C ILE L 242 45.86 -26.87 40.66
N ARG L 243 45.60 -26.84 39.35
CA ARG L 243 45.10 -25.65 38.67
C ARG L 243 43.58 -25.72 38.48
N ASP L 244 42.85 -25.84 39.59
CA ASP L 244 41.41 -26.09 39.51
C ASP L 244 40.67 -24.82 39.07
N PHE L 245 40.03 -24.90 37.91
CA PHE L 245 39.22 -23.81 37.35
C PHE L 245 37.78 -24.27 37.17
N SER L 246 37.27 -25.01 38.15
CA SER L 246 35.91 -25.52 38.06
C SER L 246 34.89 -24.39 37.98
N LYS L 247 35.06 -23.36 38.82
CA LYS L 247 34.14 -22.23 38.78
C LYS L 247 34.45 -21.28 37.62
N ILE L 248 35.73 -21.08 37.31
CA ILE L 248 36.14 -19.96 36.47
C ILE L 248 36.48 -20.45 35.07
N GLU L 249 35.88 -21.57 34.65
CA GLU L 249 36.13 -22.10 33.32
C GLU L 249 35.67 -21.12 32.24
N GLY L 250 34.54 -20.45 32.49
CA GLY L 250 34.03 -19.52 31.50
C GLY L 250 34.96 -18.36 31.22
N HIS L 251 35.54 -17.78 32.26
CA HIS L 251 36.44 -16.65 32.05
C HIS L 251 37.77 -17.11 31.45
N LEU L 252 38.19 -18.33 31.76
CA LEU L 252 39.35 -18.89 31.08
C LEU L 252 39.08 -19.00 29.58
N ALA L 253 37.90 -19.48 29.23
CA ALA L 253 37.51 -19.53 27.82
C ALA L 253 37.47 -18.14 27.21
N TRP L 254 36.93 -17.16 27.92
CA TRP L 254 36.90 -15.79 27.41
C TRP L 254 38.29 -15.26 27.13
N THR L 255 39.23 -15.45 28.05
CA THR L 255 40.58 -14.95 27.87
C THR L 255 41.35 -15.70 26.80
N ILE L 256 41.12 -17.00 26.63
CA ILE L 256 41.76 -17.71 25.53
C ILE L 256 41.20 -17.26 24.19
N SER L 257 39.87 -17.15 24.10
CA SER L 257 39.23 -16.84 22.83
C SER L 257 39.60 -15.45 22.34
N THR L 258 39.61 -14.46 23.23
CA THR L 258 39.93 -13.10 22.81
C THR L 258 41.37 -13.00 22.34
N ALA L 259 42.30 -13.64 23.06
CA ALA L 259 43.69 -13.64 22.63
C ALA L 259 43.86 -14.33 21.29
N ALA L 260 43.18 -15.46 21.09
CA ALA L 260 43.27 -16.15 19.81
C ALA L 260 42.69 -15.32 18.69
N PHE L 261 41.56 -14.63 18.94
CA PHE L 261 40.96 -13.79 17.92
C PHE L 261 41.85 -12.63 17.55
N TYR L 262 42.47 -11.98 18.55
CA TYR L 262 43.36 -10.86 18.23
C TYR L 262 44.61 -11.33 17.50
N LYS L 263 45.23 -12.42 17.97
CA LYS L 263 46.43 -12.93 17.32
C LYS L 263 46.18 -13.36 15.89
N ALA L 264 44.95 -13.74 15.55
CA ALA L 264 44.63 -14.18 14.20
C ALA L 264 44.35 -13.02 13.26
N GLY L 265 44.27 -11.79 13.76
CA GLY L 265 44.13 -10.63 12.90
C GLY L 265 42.81 -9.91 13.04
N GLY L 266 42.15 -10.07 14.18
CA GLY L 266 40.85 -9.46 14.41
C GLY L 266 40.94 -8.26 15.32
N LYS L 267 39.86 -7.45 15.33
CA LYS L 267 39.75 -6.31 16.21
C LYS L 267 38.63 -6.57 17.20
N PRO L 268 38.92 -7.01 18.42
CA PRO L 268 37.84 -7.33 19.37
C PRO L 268 37.00 -6.13 19.75
N TRP L 269 37.65 -5.05 20.18
CA TRP L 269 36.96 -3.82 20.57
C TRP L 269 37.86 -2.63 20.28
N LYS L 270 37.30 -1.44 20.46
CA LYS L 270 37.95 -0.20 20.06
C LYS L 270 37.45 0.94 20.93
N LEU L 271 38.30 1.94 21.14
CA LEU L 271 37.93 3.09 21.94
C LEU L 271 37.08 4.06 21.13
N SER L 272 36.25 4.82 21.86
CA SER L 272 35.37 5.80 21.24
C SER L 272 35.60 7.22 21.72
N ASP L 273 36.25 7.42 22.86
CA ASP L 273 36.47 8.74 23.43
C ASP L 273 37.86 9.29 23.15
N VAL L 274 38.63 8.64 22.27
CA VAL L 274 39.95 9.15 21.92
C VAL L 274 39.78 10.45 21.12
N ARG L 275 40.54 11.47 21.50
CA ARG L 275 40.45 12.74 20.81
C ARG L 275 41.37 12.77 19.59
N ASN L 276 40.97 13.56 18.60
CA ASN L 276 41.76 13.68 17.38
C ASN L 276 43.08 14.41 17.66
N GLY L 277 44.11 14.00 16.93
CA GLY L 277 45.41 14.64 17.04
C GLY L 277 46.17 14.36 18.32
N VAL L 278 45.86 13.28 19.01
CA VAL L 278 46.49 12.95 20.29
C VAL L 278 47.25 11.64 20.13
N CYS L 279 48.57 11.72 20.10
CA CYS L 279 49.41 10.55 20.22
C CYS L 279 49.79 10.39 21.69
N TYR L 280 50.01 9.15 22.14
CA TYR L 280 50.23 8.97 23.57
C TYR L 280 51.66 8.55 23.89
N LEU L 281 52.11 7.41 23.35
CA LEU L 281 53.48 6.95 23.49
C LEU L 281 53.81 6.60 24.95
N GLY L 282 54.25 5.38 25.19
CA GLY L 282 54.52 4.96 26.56
C GLY L 282 55.87 4.33 26.77
N LEU L 283 56.71 4.92 27.62
CA LEU L 283 58.09 4.48 27.77
C LEU L 283 58.24 3.57 28.98
N VAL L 284 58.95 2.46 28.80
CA VAL L 284 59.38 1.62 29.91
C VAL L 284 60.84 1.25 29.71
N TYR L 285 61.54 0.98 30.81
CA TYR L 285 62.96 0.65 30.80
C TYR L 285 63.15 -0.73 31.41
N LYS L 286 63.89 -1.60 30.72
CA LYS L 286 64.16 -2.96 31.16
C LYS L 286 65.65 -3.23 31.14
N LYS L 287 66.09 -4.14 32.00
CA LYS L 287 67.51 -4.48 32.09
C LYS L 287 67.88 -5.58 31.11
N VAL L 288 69.11 -5.53 30.62
CA VAL L 288 69.67 -6.54 29.74
C VAL L 288 70.84 -7.18 30.47
N GLU L 289 70.74 -8.48 30.74
CA GLU L 289 71.74 -9.16 31.55
C GLU L 289 72.83 -9.84 30.74
N LYS L 290 72.59 -10.12 29.46
CA LYS L 290 73.60 -10.76 28.64
C LYS L 290 74.81 -9.85 28.43
N SER L 291 74.56 -8.61 28.02
CA SER L 291 75.64 -7.66 27.80
C SER L 291 76.17 -7.15 29.13
N LYS L 292 77.41 -6.66 29.12
CA LYS L 292 78.00 -6.10 30.33
C LYS L 292 77.27 -4.83 30.73
N ASN L 293 76.83 -4.78 31.99
CA ASN L 293 76.00 -3.72 32.57
C ASN L 293 74.58 -3.86 32.04
N PRO L 294 73.56 -3.50 32.82
CA PRO L 294 72.17 -3.76 32.39
C PRO L 294 71.80 -3.10 31.08
N ARG L 295 72.44 -1.96 30.75
CA ARG L 295 72.33 -1.33 29.44
C ARG L 295 70.92 -0.76 29.20
N ASN L 296 70.01 -1.02 30.14
CA ASN L 296 68.74 -0.31 30.28
C ASN L 296 68.02 -0.02 28.97
N ALA L 297 67.64 -1.07 28.24
CA ALA L 297 66.89 -0.90 27.00
C ALA L 297 65.55 -0.25 27.28
N CYS L 298 65.22 0.78 26.50
CA CYS L 298 63.97 1.52 26.65
C CYS L 298 63.09 1.26 25.44
N CYS L 299 61.81 0.94 25.69
CA CYS L 299 60.88 0.63 24.62
C CYS L 299 59.57 1.36 24.83
N ALA L 300 58.82 1.50 23.74
CA ALA L 300 57.64 2.36 23.69
C ALA L 300 56.51 1.71 22.92
N ALA L 301 55.30 2.18 23.19
CA ALA L 301 54.09 1.76 22.48
C ALA L 301 53.24 2.99 22.18
N GLN L 302 52.74 3.08 20.95
CA GLN L 302 51.94 4.22 20.51
C GLN L 302 50.47 3.87 20.56
N MET L 303 49.63 4.87 20.82
CA MET L 303 48.19 4.76 20.67
C MET L 303 47.66 6.10 20.20
N PHE L 304 47.08 6.14 19.01
CA PHE L 304 46.51 7.37 18.48
C PHE L 304 45.39 7.03 17.50
N LEU L 305 44.74 8.07 17.01
CA LEU L 305 43.63 7.93 16.06
C LEU L 305 44.13 8.13 14.64
N ASP L 306 43.36 7.62 13.68
CA ASP L 306 43.70 7.70 12.27
C ASP L 306 42.55 8.33 11.51
N ASN L 307 42.82 8.72 10.27
CA ASN L 307 41.78 9.25 9.41
C ASN L 307 40.60 8.27 9.35
N GLY L 308 39.41 8.78 9.59
CA GLY L 308 38.26 7.94 9.82
C GLY L 308 37.95 7.85 11.30
N ASP L 309 37.88 6.62 11.79
CA ASP L 309 37.67 6.38 13.21
C ASP L 309 38.54 5.25 13.76
N GLY L 310 39.32 4.60 12.89
CA GLY L 310 40.09 3.44 13.33
C GLY L 310 41.17 3.81 14.33
N THR L 311 41.28 2.99 15.38
CA THR L 311 42.30 3.19 16.39
C THR L 311 43.60 2.52 15.98
N VAL L 312 44.69 3.27 16.03
CA VAL L 312 46.02 2.76 15.71
C VAL L 312 46.73 2.55 17.05
N PHE L 313 46.89 1.29 17.44
CA PHE L 313 47.54 0.90 18.69
C PHE L 313 48.63 -0.11 18.35
N LYS L 314 49.82 0.39 18.02
CA LYS L 314 50.95 -0.45 17.68
C LYS L 314 52.09 -0.21 18.65
N GLY L 315 53.14 -1.00 18.50
CA GLY L 315 54.37 -0.77 19.24
C GLY L 315 55.26 0.21 18.52
N GLU L 316 56.10 0.90 19.30
CA GLU L 316 57.07 1.84 18.76
C GLU L 316 58.43 1.50 19.37
N VAL L 317 59.13 0.54 18.76
CA VAL L 317 60.36 -0.01 19.31
C VAL L 317 61.49 0.16 18.32
N GLY L 318 62.50 0.91 18.72
CA GLY L 318 63.75 1.05 18.00
C GLY L 318 64.89 0.87 18.97
N PRO L 319 64.77 -0.14 19.85
CA PRO L 319 65.29 -0.01 21.23
C PRO L 319 66.59 0.75 21.38
N TRP L 320 66.52 1.82 22.18
CA TRP L 320 67.64 2.73 22.40
C TRP L 320 68.32 2.34 23.70
N TYR L 321 69.40 1.58 23.59
CA TYR L 321 70.09 1.06 24.77
C TYR L 321 70.73 2.20 25.54
N ASN L 322 70.42 2.26 26.84
CA ASN L 322 70.87 3.33 27.70
C ASN L 322 71.94 2.82 28.66
N PRO L 323 73.19 3.24 28.52
CA PRO L 323 74.24 2.77 29.43
C PRO L 323 74.01 3.24 30.86
N LYS L 324 74.92 2.83 31.74
CA LYS L 324 74.92 3.12 33.17
C LYS L 324 73.99 2.15 33.89
N ASN L 325 74.38 1.73 35.10
CA ASN L 325 73.68 0.66 35.78
C ASN L 325 72.25 1.05 36.14
N GLY L 326 72.04 2.28 36.61
CA GLY L 326 70.74 2.67 37.09
C GLY L 326 70.27 4.01 36.59
N GLN L 327 70.63 4.36 35.35
CA GLN L 327 70.27 5.66 34.81
C GLN L 327 68.77 5.79 34.61
N TYR L 328 68.19 4.95 33.76
CA TYR L 328 66.78 4.99 33.38
C TYR L 328 66.37 6.32 32.75
N HIS L 329 67.33 7.17 32.41
CA HIS L 329 67.07 8.41 31.70
C HIS L 329 67.77 8.37 30.35
N LEU L 330 67.04 8.66 29.29
CA LEU L 330 67.52 8.48 27.93
C LEU L 330 68.37 9.67 27.50
N GLU L 331 69.50 9.39 26.88
CA GLU L 331 70.41 10.41 26.40
C GLU L 331 69.75 11.22 25.31
N PRO L 332 70.18 12.48 25.11
CA PRO L 332 69.51 13.35 24.13
C PRO L 332 69.44 12.79 22.71
N LYS L 333 70.50 12.12 22.25
CA LYS L 333 70.50 11.58 20.90
C LYS L 333 69.43 10.51 20.74
N GLU L 334 69.37 9.56 21.68
CA GLU L 334 68.37 8.52 21.62
C GLU L 334 66.97 9.07 21.86
N ALA L 335 66.86 10.11 22.67
CA ALA L 335 65.58 10.77 22.89
C ALA L 335 65.07 11.39 21.60
N LYS L 336 65.97 12.07 20.87
CA LYS L 336 65.60 12.64 19.59
C LYS L 336 65.21 11.57 18.59
N ALA L 337 65.94 10.45 18.57
CA ALA L 337 65.57 9.35 17.69
C ALA L 337 64.18 8.82 18.02
N LEU L 338 63.90 8.60 19.31
CA LEU L 338 62.57 8.20 19.76
C LEU L 338 61.50 9.15 19.28
N LEU L 339 61.68 10.44 19.54
CA LEU L 339 60.59 11.36 19.27
C LEU L 339 60.41 11.58 17.77
N SER L 340 61.49 11.57 17.00
CA SER L 340 61.38 11.65 15.55
C SER L 340 60.65 10.44 15.00
N GLN L 341 61.04 9.23 15.45
CA GLN L 341 60.39 8.03 14.96
C GLN L 341 58.91 8.01 15.34
N SER L 342 58.54 8.60 16.47
CA SER L 342 57.15 8.75 16.84
C SER L 342 56.40 9.76 15.99
N LEU L 343 57.00 10.93 15.74
CA LEU L 343 56.31 11.96 14.96
C LEU L 343 56.12 11.56 13.51
N GLN L 344 57.16 11.03 12.85
CA GLN L 344 56.94 10.63 11.46
C GLN L 344 56.07 9.38 11.33
N SER L 345 56.03 8.51 12.34
CA SER L 345 55.12 7.38 12.32
C SER L 345 53.66 7.80 12.35
N TYR L 346 53.36 8.94 12.96
CA TYR L 346 52.03 9.54 12.92
C TYR L 346 51.80 10.32 11.64
N LYS L 347 52.83 11.04 11.17
CA LYS L 347 52.68 11.81 9.94
C LYS L 347 52.41 10.90 8.75
N GLU L 348 53.03 9.72 8.72
CA GLU L 348 52.84 8.81 7.60
C GLU L 348 51.41 8.32 7.50
N GLN L 349 50.70 8.19 8.63
CA GLN L 349 49.33 7.69 8.62
C GLN L 349 48.27 8.77 8.64
N ILE L 350 48.59 9.99 9.07
CA ILE L 350 47.62 11.08 9.08
C ILE L 350 48.00 12.23 8.16
N GLY L 351 49.28 12.48 7.94
CA GLY L 351 49.69 13.55 7.03
C GLY L 351 50.15 14.80 7.74
N GLU L 352 49.67 15.01 8.96
CA GLU L 352 50.02 16.18 9.75
C GLU L 352 50.38 15.73 11.16
N TYR L 353 51.29 16.46 11.79
CA TYR L 353 51.93 16.14 13.06
C TYR L 353 50.93 16.17 14.21
N PRO L 354 51.14 15.33 15.22
CA PRO L 354 50.24 15.33 16.37
C PRO L 354 50.18 16.69 17.05
N LYS L 355 49.02 17.02 17.61
CA LYS L 355 48.81 18.28 18.28
C LYS L 355 49.15 18.22 19.77
N GLU L 356 48.84 17.11 20.43
CA GLU L 356 49.20 16.94 21.83
C GLU L 356 49.69 15.52 22.11
N VAL L 357 50.96 15.37 22.50
CA VAL L 357 51.51 14.08 22.86
C VAL L 357 51.57 13.96 24.38
N PHE L 358 51.04 12.84 24.90
CA PHE L 358 50.96 12.62 26.34
C PHE L 358 51.81 11.41 26.69
N ILE L 359 53.11 11.62 26.88
CA ILE L 359 54.07 10.55 27.08
C ILE L 359 53.92 10.04 28.50
N HIS L 360 53.63 8.74 28.64
CA HIS L 360 53.56 8.12 29.94
C HIS L 360 54.83 7.30 30.22
N ALA L 361 55.14 7.12 31.50
CA ALA L 361 56.32 6.37 31.90
C ALA L 361 56.27 6.04 33.39
N LYS L 362 56.88 4.92 33.78
CA LYS L 362 56.99 4.59 35.20
C LYS L 362 58.00 5.45 35.94
N THR L 363 58.86 6.17 35.23
CA THR L 363 59.94 6.94 35.83
C THR L 363 59.80 8.41 35.47
N ARG L 364 60.23 9.27 36.37
CA ARG L 364 60.13 10.71 36.16
C ARG L 364 61.17 11.17 35.13
N PHE L 365 60.81 12.19 34.36
CA PHE L 365 61.66 12.74 33.32
C PHE L 365 62.52 13.85 33.90
N ASN L 366 63.84 13.73 33.73
CA ASN L 366 64.71 14.85 34.04
C ASN L 366 64.79 15.81 32.85
N HIS L 367 65.32 17.01 33.10
CA HIS L 367 65.31 18.05 32.07
C HIS L 367 66.19 17.69 30.88
N GLN L 368 67.18 16.82 31.09
CA GLN L 368 68.10 16.48 30.00
C GLN L 368 67.36 15.85 28.82
N GLU L 369 66.50 14.87 29.09
CA GLU L 369 65.75 14.23 28.01
C GLU L 369 64.61 15.13 27.52
N TRP L 370 64.01 15.92 28.41
CA TRP L 370 62.90 16.77 28.01
C TRP L 370 63.35 17.86 27.03
N ASP L 371 64.54 18.43 27.25
CA ASP L 371 65.06 19.42 26.31
C ASP L 371 65.28 18.79 24.94
N ALA L 372 65.79 17.56 24.90
CA ALA L 372 65.96 16.85 23.64
C ALA L 372 64.62 16.64 22.96
N PHE L 373 63.61 16.27 23.73
CA PHE L 373 62.27 16.08 23.19
C PHE L 373 61.72 17.37 22.60
N LEU L 374 61.91 18.49 23.32
CA LEU L 374 61.30 19.76 22.92
C LEU L 374 61.82 20.21 21.56
N GLU L 375 63.10 19.98 21.29
CA GLU L 375 63.69 20.35 20.01
C GLU L 375 63.05 19.58 18.87
N VAL L 376 62.78 18.29 19.09
CA VAL L 376 62.17 17.47 18.05
C VAL L 376 60.75 17.93 17.76
N THR L 377 59.99 18.25 18.82
CA THR L 377 58.62 18.70 18.61
C THR L 377 58.60 20.01 17.85
N PRO L 378 57.64 20.21 16.97
CA PRO L 378 57.47 21.50 16.29
C PRO L 378 56.77 22.49 17.22
N LYS L 379 56.59 23.70 16.72
CA LYS L 379 55.93 24.74 17.50
C LYS L 379 54.48 24.36 17.82
N GLU L 380 53.77 23.79 16.84
CA GLU L 380 52.36 23.51 17.02
C GLU L 380 52.11 22.42 18.06
N THR L 381 52.96 21.40 18.08
CA THR L 381 52.74 20.27 18.98
C THR L 381 52.95 20.68 20.43
N ASN L 382 52.03 20.28 21.29
CA ASN L 382 52.13 20.49 22.73
C ASN L 382 52.51 19.16 23.38
N LEU L 383 53.65 19.14 24.06
CA LEU L 383 54.18 17.91 24.62
C LEU L 383 53.95 17.85 26.12
N VAL L 384 53.46 16.71 26.59
CA VAL L 384 53.12 16.51 27.99
C VAL L 384 53.84 15.26 28.49
N GLY L 385 54.46 15.36 29.66
CA GLY L 385 55.15 14.23 30.26
C GLY L 385 54.50 13.84 31.58
N VAL L 386 53.93 12.65 31.62
CA VAL L 386 53.16 12.15 32.75
C VAL L 386 53.91 10.97 33.36
N THR L 387 54.02 10.96 34.69
CA THR L 387 54.66 9.89 35.43
C THR L 387 53.62 9.13 36.24
N ILE L 388 53.61 7.81 36.09
CA ILE L 388 52.65 6.94 36.75
C ILE L 388 53.42 5.94 37.61
N SER L 389 52.96 5.75 38.84
CA SER L 389 53.65 4.86 39.76
C SER L 389 52.66 4.26 40.76
N LYS L 390 52.89 3.01 41.12
CA LYS L 390 52.07 2.30 42.09
C LYS L 390 52.66 2.33 43.49
N THR L 391 53.80 2.99 43.68
CA THR L 391 54.54 2.85 44.93
C THR L 391 53.92 3.66 46.06
N LYS L 392 53.08 4.64 45.73
CA LYS L 392 52.50 5.50 46.76
C LYS L 392 51.53 4.72 47.64
N PRO L 393 51.74 4.67 48.95
CA PRO L 393 50.86 3.92 49.87
C PRO L 393 49.65 4.71 50.35
N LEU L 394 48.65 4.83 49.49
CA LEU L 394 47.36 5.40 49.84
C LEU L 394 46.31 4.29 49.79
N LYS L 395 45.58 4.10 50.87
CA LYS L 395 44.67 2.97 51.00
C LYS L 395 43.39 3.45 51.69
N LEU L 396 42.34 3.66 50.90
CA LEU L 396 41.09 4.22 51.40
C LEU L 396 40.19 3.08 51.87
N TYR L 397 40.03 2.94 53.18
CA TYR L 397 39.10 1.99 53.76
C TYR L 397 37.75 2.65 53.97
N LYS L 398 36.71 2.10 53.36
CA LYS L 398 35.38 2.67 53.53
C LYS L 398 34.84 2.32 54.92
N THR L 399 33.89 3.14 55.39
CA THR L 399 33.47 3.05 56.78
C THR L 399 32.82 1.70 57.10
N GLU L 400 31.82 1.31 56.32
CA GLU L 400 31.08 0.08 56.59
C GLU L 400 30.74 -0.63 55.30
N GLY L 401 30.71 -1.96 55.36
CA GLY L 401 30.50 -2.78 54.19
C GLY L 401 31.76 -3.54 53.82
N ASP L 402 31.66 -4.85 53.69
CA ASP L 402 32.84 -5.67 53.38
C ASP L 402 33.18 -5.56 51.90
N TYR L 403 33.36 -4.34 51.41
CA TYR L 403 33.72 -4.07 50.04
C TYR L 403 34.48 -2.76 49.96
N THR L 404 35.18 -2.56 48.86
CA THR L 404 36.13 -1.47 48.72
C THR L 404 35.48 -0.27 48.02
N ILE L 405 36.31 0.73 47.72
CA ILE L 405 35.86 1.99 47.14
C ILE L 405 35.54 1.78 45.67
N LEU L 406 34.83 2.73 45.06
CA LEU L 406 34.49 2.66 43.65
C LEU L 406 35.75 2.66 42.80
N ARG L 407 35.62 2.15 41.58
CA ARG L 407 36.66 2.34 40.58
C ARG L 407 36.33 3.57 39.75
N GLY L 408 37.21 4.56 39.78
CA GLY L 408 36.98 5.78 39.06
C GLY L 408 37.14 7.02 39.92
N ASN L 409 37.16 6.84 41.24
CA ASN L 409 37.37 7.96 42.15
C ASN L 409 38.76 8.55 41.93
N ALA L 410 38.83 9.86 41.85
CA ALA L 410 40.09 10.56 41.61
C ALA L 410 40.27 11.64 42.66
N TYR L 411 41.30 11.50 43.48
CA TYR L 411 41.63 12.49 44.51
C TYR L 411 42.69 13.42 43.93
N VAL L 412 42.28 14.62 43.55
CA VAL L 412 43.17 15.58 42.91
C VAL L 412 43.97 16.29 43.99
N VAL L 413 45.24 15.92 44.14
CA VAL L 413 46.10 16.58 45.11
C VAL L 413 46.37 18.02 44.68
N ASN L 414 46.68 18.24 43.41
CA ASN L 414 46.92 19.59 42.90
C ASN L 414 46.86 19.57 41.39
N GLU L 415 46.94 20.76 40.80
CA GLU L 415 46.77 20.92 39.36
C GLU L 415 47.76 20.11 38.53
N ARG L 416 48.78 19.52 39.17
CA ARG L 416 49.74 18.69 38.46
C ARG L 416 49.76 17.23 38.90
N SER L 417 49.10 16.88 40.01
CA SER L 417 49.20 15.53 40.54
C SER L 417 47.88 15.09 41.16
N ALA L 418 47.61 13.79 41.06
CA ALA L 418 46.37 13.23 41.55
C ALA L 418 46.54 11.74 41.81
N PHE L 419 45.55 11.16 42.49
CA PHE L 419 45.45 9.73 42.73
C PHE L 419 44.21 9.21 42.02
N LEU L 420 44.38 8.20 41.17
CA LEU L 420 43.27 7.64 40.42
C LEU L 420 43.17 6.14 40.69
N TRP L 421 42.05 5.70 41.23
CA TRP L 421 41.86 4.31 41.63
C TRP L 421 41.34 3.53 40.42
N THR L 422 42.24 3.15 39.52
CA THR L 422 41.84 2.31 38.39
C THR L 422 41.42 0.92 38.83
N VAL L 423 41.86 0.48 40.00
CA VAL L 423 41.45 -0.79 40.57
C VAL L 423 40.53 -0.51 41.75
N GLY L 424 39.32 -1.06 41.71
CA GLY L 424 38.37 -0.83 42.76
C GLY L 424 37.07 -1.53 42.43
N TYR L 425 36.03 -1.20 43.20
CA TYR L 425 34.73 -1.78 42.98
C TYR L 425 34.05 -1.12 41.78
N VAL L 426 33.57 -1.94 40.86
CA VAL L 426 32.69 -1.50 39.79
C VAL L 426 31.42 -2.35 39.87
N PRO L 427 30.23 -1.76 39.91
CA PRO L 427 29.03 -2.54 40.26
C PRO L 427 28.73 -3.69 39.33
N LYS L 428 28.97 -3.54 38.03
CA LYS L 428 28.53 -4.57 37.07
C LYS L 428 29.22 -5.90 37.32
N ILE L 429 30.53 -5.87 37.62
CA ILE L 429 31.23 -7.13 37.87
C ILE L 429 30.94 -7.65 39.28
N GLN L 430 30.16 -6.92 40.07
CA GLN L 430 29.65 -7.27 41.40
C GLN L 430 30.74 -7.29 42.45
N THR L 431 32.00 -7.06 42.10
CA THR L 431 33.08 -7.12 43.07
C THR L 431 34.14 -6.10 42.69
N ALA L 432 35.18 -6.03 43.52
CA ALA L 432 36.33 -5.23 43.17
C ALA L 432 37.34 -6.06 42.39
N LEU L 433 38.03 -5.41 41.46
CA LEU L 433 39.06 -6.08 40.67
C LEU L 433 40.28 -6.44 41.50
N SER L 434 40.41 -5.92 42.72
CA SER L 434 41.51 -6.21 43.61
C SER L 434 41.17 -7.47 44.42
N MET L 435 42.04 -7.94 45.32
CA MET L 435 41.70 -9.07 46.17
C MET L 435 41.55 -8.55 47.59
N GLU L 436 42.59 -7.87 48.08
CA GLU L 436 42.52 -7.07 49.29
C GLU L 436 42.18 -5.64 48.88
N VAL L 437 42.31 -4.70 49.80
CA VAL L 437 42.10 -3.29 49.45
C VAL L 437 43.15 -2.86 48.43
N PRO L 438 42.76 -2.19 47.36
CA PRO L 438 43.70 -1.90 46.26
C PRO L 438 44.58 -0.69 46.57
N ASN L 439 45.47 -0.41 45.62
CA ASN L 439 46.34 0.75 45.63
C ASN L 439 46.10 1.58 44.38
N PRO L 440 45.93 2.88 44.51
CA PRO L 440 45.63 3.73 43.37
C PRO L 440 46.90 4.04 42.57
N LEU L 441 46.70 4.80 41.49
CA LEU L 441 47.78 5.23 40.61
C LEU L 441 48.11 6.67 40.94
N PHE L 442 49.39 6.94 41.20
CA PHE L 442 49.87 8.30 41.41
C PHE L 442 50.19 8.92 40.05
N ILE L 443 49.25 9.69 39.51
CA ILE L 443 49.42 10.32 38.21
C ILE L 443 49.95 11.73 38.42
N GLU L 444 51.18 11.96 37.98
CA GLU L 444 51.82 13.27 38.13
C GLU L 444 52.22 13.78 36.75
N ILE L 445 51.81 15.01 36.46
CA ILE L 445 52.20 15.64 35.22
C ILE L 445 53.58 16.24 35.43
N ASN L 446 54.62 15.44 35.18
CA ASN L 446 55.98 15.88 35.47
C ASN L 446 56.38 17.06 34.59
N LYS L 447 56.03 17.00 33.31
CA LYS L 447 56.45 18.04 32.37
C LYS L 447 55.25 18.46 31.53
N GLY L 448 55.34 19.67 30.96
CA GLY L 448 54.21 20.24 30.26
C GLY L 448 53.22 20.83 31.24
N GLU L 449 52.03 21.22 30.75
CA GLU L 449 51.05 21.81 31.65
C GLU L 449 49.88 20.87 31.87
N ALA L 450 49.17 20.53 30.79
CA ALA L 450 48.08 19.54 30.77
C ALA L 450 46.95 19.81 31.75
N ASP L 451 45.71 19.59 31.31
CA ASP L 451 44.59 19.59 32.24
C ASP L 451 44.55 18.27 32.98
N ILE L 452 44.58 18.35 34.32
CA ILE L 452 44.70 17.14 35.13
C ILE L 452 43.47 16.25 34.95
N LYS L 453 42.30 16.86 34.83
CA LYS L 453 41.08 16.08 34.60
C LYS L 453 41.13 15.34 33.28
N GLN L 454 41.65 15.99 32.23
CA GLN L 454 41.81 15.29 30.96
C GLN L 454 42.81 14.16 31.06
N VAL L 455 43.90 14.36 31.81
CA VAL L 455 44.92 13.33 31.95
C VAL L 455 44.35 12.10 32.65
N LEU L 456 43.62 12.30 33.75
CA LEU L 456 42.99 11.17 34.40
C LEU L 456 41.78 10.64 33.65
N LYS L 457 41.25 11.39 32.69
CA LYS L 457 40.13 10.94 31.87
C LYS L 457 40.56 10.03 30.74
N ASP L 458 41.86 9.98 30.42
CA ASP L 458 42.39 9.15 29.35
C ASP L 458 43.07 7.89 29.83
N ILE L 459 43.74 7.95 30.99
CA ILE L 459 44.37 6.76 31.53
C ILE L 459 43.34 5.70 31.87
N LEU L 460 42.21 6.12 32.44
CA LEU L 460 41.12 5.18 32.69
C LEU L 460 40.61 4.57 31.39
N SER L 461 40.58 5.36 30.32
CA SER L 461 40.25 4.83 29.01
C SER L 461 41.30 3.83 28.53
N LEU L 462 42.58 4.16 28.73
CA LEU L 462 43.65 3.28 28.29
C LEU L 462 43.70 1.98 29.09
N THR L 463 43.08 1.93 30.27
CA THR L 463 43.01 0.70 31.02
C THR L 463 42.07 -0.32 30.40
N LYS L 464 41.46 -0.01 29.26
CA LYS L 464 40.50 -0.91 28.62
C LYS L 464 41.07 -1.67 27.43
N LEU L 465 42.09 -1.13 26.76
CA LEU L 465 42.61 -1.75 25.54
C LEU L 465 43.58 -2.88 25.83
N ASN L 466 43.21 -3.84 26.67
CA ASN L 466 44.06 -4.98 26.98
C ASN L 466 43.53 -6.18 26.20
N TYR L 467 44.18 -6.49 25.08
CA TYR L 467 43.75 -7.60 24.23
C TYR L 467 44.28 -8.94 24.69
N ASN L 468 45.35 -8.95 25.50
CA ASN L 468 45.88 -10.22 25.99
C ASN L 468 45.01 -10.85 27.06
N ALA L 469 44.05 -10.10 27.60
CA ALA L 469 43.16 -10.60 28.63
C ALA L 469 41.77 -10.06 28.40
N CYS L 470 40.75 -10.92 28.57
CA CYS L 470 39.37 -10.52 28.37
C CYS L 470 38.76 -10.22 29.73
N ILE L 471 39.09 -9.03 30.25
CA ILE L 471 38.66 -8.61 31.57
C ILE L 471 37.93 -7.28 31.44
N PHE L 472 37.28 -6.87 32.54
CA PHE L 472 36.54 -5.61 32.53
C PHE L 472 37.48 -4.43 32.30
N ALA L 473 38.59 -4.39 33.02
CA ALA L 473 39.55 -3.29 32.90
C ALA L 473 40.88 -3.74 33.47
N ASP L 474 41.93 -2.97 33.14
CA ASP L 474 43.28 -3.27 33.59
C ASP L 474 43.67 -2.31 34.70
N GLY L 475 44.52 -2.78 35.61
CA GLY L 475 44.94 -1.95 36.72
C GLY L 475 46.00 -0.92 36.37
N GLU L 476 46.60 -1.04 35.19
CA GLU L 476 47.65 -0.14 34.74
C GLU L 476 47.33 0.25 33.31
N PRO L 477 47.62 1.49 32.88
CA PRO L 477 47.36 1.85 31.48
C PRO L 477 48.10 0.92 30.54
N VAL L 478 47.42 0.51 29.46
CA VAL L 478 47.93 -0.58 28.63
C VAL L 478 49.25 -0.25 27.96
N THR L 479 49.56 1.03 27.73
CA THR L 479 50.86 1.37 27.15
C THR L 479 51.99 0.91 28.05
N LEU L 480 51.89 1.18 29.35
CA LEU L 480 52.90 0.77 30.31
C LEU L 480 52.97 -0.73 30.53
N ARG L 481 51.96 -1.48 30.07
CA ARG L 481 51.98 -2.93 30.18
C ARG L 481 52.39 -3.62 28.89
N PHE L 482 51.87 -3.19 27.75
CA PHE L 482 52.32 -3.75 26.49
C PHE L 482 53.77 -3.38 26.20
N ALA L 483 54.16 -2.15 26.54
CA ALA L 483 55.57 -1.79 26.43
C ALA L 483 56.44 -2.65 27.34
N ASP L 484 55.95 -2.97 28.54
CA ASP L 484 56.68 -3.84 29.45
C ASP L 484 56.83 -5.23 28.85
N LYS L 485 55.77 -5.76 28.24
CA LYS L 485 55.86 -7.07 27.60
C LYS L 485 56.86 -7.06 26.45
N ILE L 486 56.83 -5.99 25.63
CA ILE L 486 57.78 -5.89 24.54
C ILE L 486 59.21 -5.84 25.07
N GLY L 487 59.43 -5.07 26.13
CA GLY L 487 60.74 -5.05 26.75
C GLY L 487 61.16 -6.41 27.27
N GLU L 488 60.25 -7.15 27.87
CA GLU L 488 60.52 -8.52 28.28
C GLU L 488 60.88 -9.41 27.11
N ILE L 489 60.39 -9.11 25.91
CA ILE L 489 60.67 -9.93 24.74
C ILE L 489 61.89 -9.45 23.94
N LEU L 490 62.10 -8.14 23.83
CA LEU L 490 63.23 -7.62 23.06
C LEU L 490 64.55 -7.68 23.81
N THR L 491 64.53 -7.90 25.12
CA THR L 491 65.75 -7.99 25.91
C THR L 491 66.17 -9.42 26.18
N ALA L 492 65.55 -10.39 25.51
CA ALA L 492 65.92 -11.79 25.62
C ALA L 492 66.88 -12.25 24.54
N SER L 493 66.83 -11.64 23.36
CA SER L 493 67.72 -11.97 22.25
C SER L 493 68.49 -10.72 21.84
N THR L 494 69.80 -10.87 21.64
CA THR L 494 70.66 -9.77 21.22
C THR L 494 70.66 -9.58 19.71
N ASP L 495 70.43 -10.64 18.94
CA ASP L 495 70.52 -10.60 17.48
C ASP L 495 69.28 -10.01 16.82
N ILE L 496 68.44 -9.32 17.58
CA ILE L 496 67.24 -8.72 17.00
C ILE L 496 67.60 -7.44 16.27
N LYS L 497 67.04 -7.30 15.07
CA LYS L 497 67.24 -6.09 14.27
C LYS L 497 65.92 -5.76 13.57
N THR L 498 65.57 -4.47 13.60
CA THR L 498 64.30 -3.97 13.06
C THR L 498 63.15 -4.81 13.59
N PRO L 499 62.83 -4.71 14.87
CA PRO L 499 61.81 -5.58 15.46
C PRO L 499 60.43 -5.26 14.94
N PRO L 500 59.52 -6.23 14.94
CA PRO L 500 58.14 -5.95 14.53
C PRO L 500 57.47 -4.94 15.45
N LEU L 501 56.61 -4.11 14.86
CA LEU L 501 55.89 -3.08 15.60
C LEU L 501 54.44 -3.47 15.87
N ALA L 502 54.05 -4.70 15.52
CA ALA L 502 52.70 -5.17 15.76
C ALA L 502 52.66 -6.03 17.02
N PHE L 503 51.54 -5.95 17.74
CA PHE L 503 51.48 -6.59 19.05
C PHE L 503 51.21 -8.09 18.94
N LYS L 504 50.77 -8.57 17.78
CA LYS L 504 50.44 -9.99 17.64
C LYS L 504 51.67 -10.86 17.86
N TYR L 505 52.85 -10.31 17.59
CA TYR L 505 54.09 -11.03 17.72
C TYR L 505 54.66 -10.96 19.13
N TYR L 506 54.01 -10.24 20.03
CA TYR L 506 54.51 -10.09 21.39
C TYR L 506 53.56 -10.62 22.44
N ILE L 507 52.29 -10.21 22.41
CA ILE L 507 51.36 -10.60 23.47
C ILE L 507 50.85 -12.01 23.24
N1 AR6 Q . -10.55 2.32 4.27
C2 AR6 Q . -10.99 3.08 5.26
N3 AR6 Q . -12.13 3.77 5.19
C4 AR6 Q . -12.88 3.71 4.08
C5 AR6 Q . -12.46 2.93 3.02
C6 AR6 Q . -11.25 2.22 3.15
N6 AR6 Q . -10.77 1.39 2.05
N7 AR6 Q . -13.38 3.06 2.05
C8 AR6 Q . -14.33 3.88 2.48
N9 AR6 Q . -14.04 4.29 3.72
PA AR6 Q . -11.35 6.10 8.69
PB AR6 Q . -12.56 7.55 10.92
C1' AR6 Q . -14.79 5.12 4.45
O1A AR6 Q . -10.48 7.11 7.96
O1B AR6 Q . -13.43 8.13 9.82
C1D AR6 Q . -10.98 10.85 7.66
O1D AR6 Q . -9.67 10.82 7.07
C2' AR6 Q . -15.34 4.41 5.79
O2' AR6 Q . -16.84 4.52 5.89
O2A AR6 Q . -10.73 4.72 8.56
O2B AR6 Q . -13.43 6.82 11.92
C2D AR6 Q . -11.13 11.92 8.35
O2D AR6 Q . -10.32 12.97 7.78
C3' AR6 Q . -14.80 5.01 6.74
O3' AR6 Q . -15.81 5.20 7.83
O3A AR6 Q . -11.44 6.50 10.29
C3D AR6 Q . -10.58 11.57 9.91
O3D AR6 Q . -9.17 11.90 10.02
C4' AR6 Q . -14.32 6.48 6.16
O4' AR6 Q . -13.97 6.28 4.93
C4D AR6 Q . -10.76 10.35 10.11
O4D AR6 Q . -11.13 9.70 8.69
C5' AR6 Q . -13.14 6.98 6.93
O5' AR6 Q . -12.88 6.08 8.00
C5D AR6 Q . -11.93 10.11 11.11
O5D AR6 Q . -11.76 8.82 11.67
MG MG R . -10.84 8.67 3.05
N1 AR6 S . 8.41 -10.68 -5.14
C2 AR6 S . 8.66 -9.59 -4.43
N3 AR6 S . 9.76 -9.47 -3.68
C4 AR6 S . 10.65 -10.47 -3.63
C5 AR6 S . 10.42 -11.62 -4.36
C6 AR6 S . 9.25 -11.70 -5.14
N6 AR6 S . 8.96 -12.90 -5.92
N7 AR6 S . 11.47 -12.44 -4.13
C8 AR6 S . 12.30 -11.83 -3.30
N9 AR6 S . 11.82 -10.64 -2.99
PA AR6 S . 10.30 -4.20 -1.23
PB AR6 S . 10.06 -2.90 1.37
C1' AR6 S . 12.43 -9.75 -2.16
O1A AR6 S . 8.85 -4.59 -1.02
O1B AR6 S . 10.97 -2.05 2.24
C1D AR6 S . 9.13 -7.74 1.39
O1D AR6 S . 8.55 -8.61 0.41
C2' AR6 S . 13.20 -8.63 -2.98
O2' AR6 S . 14.59 -9.11 -3.36
O2A AR6 S . 10.49 -3.69 -2.64
O2B AR6 S . 8.69 -2.27 1.31
C2D AR6 S . 8.92 -8.21 2.57
O2D AR6 S . 7.64 -8.84 2.61
C3' AR6 S . 13.29 -7.70 -2.17
O3' AR6 S . 14.51 -7.87 -1.34
O3A AR6 S . 10.70 -3.00 -0.16
C3D AR6 S . 8.94 -6.87 3.58
O3D AR6 S . 8.24 -7.17 4.82
C4' AR6 S . 11.94 -7.80 -1.20
O4' AR6 S . 11.43 -8.98 -1.35
C4D AR6 S . 8.34 -5.95 2.96
O4D AR6 S . 8.42 -6.38 1.40
C5' AR6 S . 10.95 -6.74 -1.61
O5' AR6 S . 11.29 -5.54 -0.96
C5D AR6 S . 9.08 -4.60 3.15
O5D AR6 S . 9.93 -4.42 2.02
#